data_6ZOA
#
_entry.id   6ZOA
#
_cell.length_a   145.596
_cell.length_b   162.993
_cell.length_c   246.377
_cell.angle_alpha   90.000
_cell.angle_beta   90.000
_cell.angle_gamma   90.000
#
_symmetry.space_group_name_H-M   'P 21 21 21'
#
loop_
_entity.id
_entity.type
_entity.pdbx_description
1 polymer 'Multidrug efflux pump subunit AcrB'
2 polymer DARPIN
3 non-polymer DODECYL-BETA-D-MALTOSIDE
4 non-polymer TETRADECANE
5 non-polymer DECYLAMINE-N,N-DIMETHYL-N-OXIDE
6 non-polymer HEXANE
7 non-polymer DECANE
8 non-polymer 'CHLORIDE ION'
9 non-polymer PENTANE
10 non-polymer GLYCEROL
11 non-polymer N-OCTANE
12 non-polymer 1,2-ETHANEDIOL
13 non-polymer PHOSPHATIDYLETHANOLAMINE
14 non-polymer DODECANE
15 water water
#
loop_
_entity_poly.entity_id
_entity_poly.type
_entity_poly.pdbx_seq_one_letter_code
_entity_poly.pdbx_strand_id
1 'polypeptide(L)'
;MPNFFIDRPIFAWVIAIIIMLAGGLAILKLPVAQYPTIAPPAVTISASYPGADAKTVQDTVTQVIEQNMNGIDNLMYMSS
NSDSTGTVQITLTFESGTDADIAQVQVQNKLQLAMPLLPQEVQQQGVSVEKSSSSFLMVVGVINTDGTMTQEDISDYVAA
NMKDAISRTSGVGDVQLFGSQYAMRIWMNPNELNKFQLTPVDVITAIKAQNAQVAAGQLGGTPPVKGQQLNASIIAQTRL
TSTEEFGKILLKVNQDGSRVLLRDVAKIELGGENYDIIAEFNGQPASGLGIKLATGANALDTAAAIRAELAKMEPFFPSG
LKIVYPYDTTPFVKISIHEVVKTLVEAIILVFLVMYLFLQNFRATLIPTIAVPVVLLGTFAVLAAFGFSINTLTMFGMVL
AIGLLVDDAIVVVENVERVMAEEGLPPKEATRKSMGQIQGALVGIAMVLSAVFVPMAFFGGSTGAIYRQFSITIVSAMAL
SVLVALILTPALCATMLKPIAKGDHGEGKKGFFGWFNRMFEKSTHHYTDSVGGILRSTGRYLVLYLIIVVGMAYLFVRLP
SSFLPDEDQGVFMTMVQLPAGATQERTQKVLNEVTHYYLTKEKNNVESVFAVNGFGFAGRGQNTGIAFVSLKDWADRPGE
ENKVEAITMRATRAFSQIKDAMVFAFNLPAIVELGTATGFDFELIDQAGLGHEKLTQARNQLLAEAAKHPDMLTSVRPNG
LEDTPQFKIDIDQEKAQALGVSINDINTTLGAAWGGSYVNDFIDRGRVKKVYVMSEAKYRMLPDDIGDWYVRAADGQMVP
FSAFSSSRWEYGSPRLERYNGLPSMEILGQAAPGKSTGEAMELMEQLASKLPTGVGYDWTGMSYQERLSGNQAPSLYAIS
LIVVFLCLAALYESWSIPFSVMLVVPLGVIGALLAATFRGLTNDVYFQVGLLTTIGLSAKNAILIVEFAKDLMDKEGKGL
IEATLDAVRMRLRPILMTSLAFILGVMPLVISTGAGSGAQNAVGTGVMGGMVTATVLAIFFVPVFFVVVRRRFSRKNEDI
EHSHTVDHHLEHHHHHH
;
A,B,C
2 'polypeptide(L)'
;MRGSHHHHHHGSDLGKKLLEAARAGRDDEVRILMANGADVNAADVVGWTPLHLAAYWGHLEIVEVLLKNGADVNAYDTLG
STPLHLAAHFGHLEIVEVLLKNGADVNAKDDNGITPLHLAANRGHLEIVEVLLKYGADVNAQDKFGKTAFDISINNGNED
LAEILQKLN
;
D,E
#
loop_
_chem_comp.id
_chem_comp.type
_chem_comp.name
_chem_comp.formula
C14 non-polymer TETRADECANE 'C14 H30'
CL non-polymer 'CHLORIDE ION' 'Cl -1'
D10 non-polymer DECANE 'C10 H22'
D12 non-polymer DODECANE 'C12 H26'
DDQ non-polymer DECYLAMINE-N,N-DIMETHYL-N-OXIDE 'C12 H27 N O'
EDO non-polymer 1,2-ETHANEDIOL 'C2 H6 O2'
GOL non-polymer GLYCEROL 'C3 H8 O3'
HEX non-polymer HEXANE 'C6 H14'
LMT D-saccharide DODECYL-BETA-D-MALTOSIDE 'C24 H46 O11'
LNK non-polymer PENTANE 'C5 H12'
OCT non-polymer N-OCTANE 'C8 H18'
PTY non-polymer PHOSPHATIDYLETHANOLAMINE 'C40 H80 N O8 P'
#
# COMPACT_ATOMS: atom_id res chain seq x y z
N MET A 1 -20.01 7.01 -43.46
CA MET A 1 -18.95 7.81 -42.77
C MET A 1 -18.00 8.44 -43.80
N PRO A 2 -17.49 7.68 -44.80
CA PRO A 2 -16.65 8.26 -45.85
C PRO A 2 -17.38 9.35 -46.66
N ASN A 3 -18.66 9.12 -46.98
CA ASN A 3 -19.52 10.05 -47.76
C ASN A 3 -19.71 11.35 -46.97
N PHE A 4 -19.73 11.27 -45.63
CA PHE A 4 -19.86 12.44 -44.72
C PHE A 4 -18.60 13.30 -44.79
N PHE A 5 -17.42 12.66 -44.74
CA PHE A 5 -16.10 13.33 -44.53
C PHE A 5 -15.46 13.72 -45.88
N ILE A 6 -15.94 13.18 -47.00
CA ILE A 6 -15.57 13.65 -48.37
C ILE A 6 -16.17 15.04 -48.58
N ASP A 7 -17.41 15.26 -48.10
CA ASP A 7 -18.16 16.54 -48.20
C ASP A 7 -17.67 17.53 -47.12
N ARG A 8 -16.97 17.04 -46.09
CA ARG A 8 -16.40 17.87 -44.98
C ARG A 8 -14.95 17.46 -44.73
N PRO A 9 -14.00 17.88 -45.61
CA PRO A 9 -12.57 17.64 -45.38
C PRO A 9 -12.02 18.22 -44.06
N ILE A 10 -12.48 19.41 -43.66
CA ILE A 10 -11.95 20.18 -42.50
C ILE A 10 -12.33 19.46 -41.20
N PHE A 11 -13.51 18.82 -41.15
CA PHE A 11 -13.95 17.97 -40.00
C PHE A 11 -12.96 16.81 -39.85
N ALA A 12 -12.69 16.10 -40.95
CA ALA A 12 -11.76 14.94 -41.02
C ALA A 12 -10.37 15.36 -40.50
N TRP A 13 -9.89 16.53 -40.93
CA TRP A 13 -8.59 17.13 -40.49
C TRP A 13 -8.61 17.36 -38.98
N VAL A 14 -9.71 17.92 -38.46
CA VAL A 14 -9.88 18.26 -37.01
C VAL A 14 -9.81 16.98 -36.17
N ILE A 15 -10.45 15.89 -36.63
CA ILE A 15 -10.43 14.56 -35.97
C ILE A 15 -8.98 14.06 -35.90
N ALA A 16 -8.23 14.19 -36.99
CA ALA A 16 -6.82 13.76 -37.13
C ALA A 16 -5.93 14.58 -36.17
N ILE A 17 -6.12 15.90 -36.14
CA ILE A 17 -5.29 16.86 -35.34
C ILE A 17 -5.52 16.60 -33.84
N ILE A 18 -6.75 16.28 -33.44
CA ILE A 18 -7.11 15.97 -32.01
C ILE A 18 -6.47 14.63 -31.62
N ILE A 19 -6.51 13.63 -32.52
CA ILE A 19 -5.86 12.30 -32.33
C ILE A 19 -4.36 12.52 -32.10
N MET A 20 -3.71 13.34 -32.93
CA MET A 20 -2.26 13.63 -32.88
C MET A 20 -1.92 14.42 -31.61
N LEU A 21 -2.75 15.40 -31.24
CA LEU A 21 -2.60 16.20 -29.99
C LEU A 21 -2.62 15.26 -28.79
N ALA A 22 -3.65 14.40 -28.70
CA ALA A 22 -3.82 13.36 -27.66
C ALA A 22 -2.58 12.44 -27.64
N GLY A 23 -2.10 12.05 -28.82
CA GLY A 23 -0.90 11.21 -29.00
C GLY A 23 0.36 11.91 -28.50
N GLY A 24 0.56 13.16 -28.93
CA GLY A 24 1.70 14.00 -28.49
C GLY A 24 1.69 14.24 -26.99
N LEU A 25 0.50 14.51 -26.43
CA LEU A 25 0.30 14.76 -24.98
C LEU A 25 0.53 13.48 -24.17
N ALA A 26 0.29 12.31 -24.78
CA ALA A 26 0.57 10.98 -24.19
C ALA A 26 2.09 10.75 -24.11
N ILE A 27 2.81 11.05 -25.19
CA ILE A 27 4.29 10.84 -25.33
C ILE A 27 5.03 11.57 -24.19
N LEU A 28 4.60 12.78 -23.84
CA LEU A 28 5.21 13.61 -22.77
C LEU A 28 5.07 12.88 -21.42
N LYS A 29 3.86 12.43 -21.09
CA LYS A 29 3.49 11.92 -19.73
C LYS A 29 3.84 10.43 -19.59
N LEU A 30 3.77 9.66 -20.68
CA LEU A 30 4.00 8.18 -20.67
C LEU A 30 5.40 7.87 -20.14
N PRO A 31 5.54 6.88 -19.23
CA PRO A 31 6.86 6.47 -18.74
C PRO A 31 7.62 5.65 -19.78
N VAL A 32 8.95 5.65 -19.69
CA VAL A 32 9.87 4.90 -20.61
C VAL A 32 10.64 3.85 -19.80
N ALA A 33 10.92 2.71 -20.41
CA ALA A 33 11.71 1.59 -19.84
C ALA A 33 12.12 0.62 -20.96
N GLN A 34 13.13 -0.22 -20.71
CA GLN A 34 13.65 -1.22 -21.69
C GLN A 34 12.54 -2.22 -22.02
N TYR A 35 12.06 -2.94 -21.00
CA TYR A 35 10.95 -3.93 -21.08
C TYR A 35 9.90 -3.59 -20.02
N PRO A 36 8.70 -4.19 -20.05
CA PRO A 36 7.78 -4.16 -18.91
C PRO A 36 8.39 -4.90 -17.71
N THR A 37 8.19 -4.37 -16.50
CA THR A 37 8.69 -4.96 -15.22
C THR A 37 7.90 -6.25 -14.93
N ILE A 38 8.51 -7.41 -15.15
CA ILE A 38 7.88 -8.76 -14.97
C ILE A 38 8.60 -9.55 -13.86
N ALA A 39 9.56 -8.94 -13.18
CA ALA A 39 10.29 -9.54 -12.03
C ALA A 39 9.34 -9.61 -10.83
N PRO A 40 9.39 -10.71 -10.04
CA PRO A 40 8.55 -10.84 -8.85
C PRO A 40 9.06 -9.96 -7.71
N PRO A 41 8.18 -9.19 -7.02
CA PRO A 41 8.58 -8.41 -5.86
C PRO A 41 9.32 -9.26 -4.80
N ALA A 42 10.42 -8.73 -4.26
CA ALA A 42 11.26 -9.38 -3.23
C ALA A 42 11.55 -8.39 -2.11
N VAL A 43 10.94 -8.60 -0.93
CA VAL A 43 11.22 -7.84 0.33
C VAL A 43 12.42 -8.51 1.02
N THR A 44 13.41 -7.71 1.43
CA THR A 44 14.69 -8.17 2.03
C THR A 44 14.85 -7.57 3.43
N ILE A 45 14.78 -8.42 4.47
CA ILE A 45 15.11 -8.05 5.88
C ILE A 45 16.63 -8.15 6.04
N SER A 46 17.27 -7.11 6.59
CA SER A 46 18.73 -7.04 6.84
C SER A 46 18.98 -6.60 8.28
N ALA A 47 19.95 -7.24 8.95
CA ALA A 47 20.40 -6.93 10.32
C ALA A 47 21.89 -7.27 10.44
N SER A 48 22.57 -6.74 11.45
CA SER A 48 24.03 -6.94 11.71
C SER A 48 24.29 -7.10 13.22
N TYR A 49 24.89 -8.22 13.61
CA TYR A 49 25.41 -8.52 14.97
C TYR A 49 26.93 -8.28 14.96
N PRO A 50 27.44 -7.15 15.48
CA PRO A 50 28.86 -6.81 15.35
C PRO A 50 29.74 -7.72 16.22
N GLY A 51 30.76 -8.34 15.61
CA GLY A 51 31.72 -9.25 16.26
C GLY A 51 31.21 -10.68 16.33
N ALA A 52 30.11 -10.98 15.64
CA ALA A 52 29.42 -12.29 15.68
C ALA A 52 29.90 -13.18 14.53
N ASP A 53 29.91 -14.50 14.75
CA ASP A 53 30.23 -15.53 13.73
C ASP A 53 28.93 -16.01 13.09
N ALA A 54 29.02 -16.69 11.95
CA ALA A 54 27.89 -17.13 11.10
C ALA A 54 26.82 -17.86 11.93
N LYS A 55 27.24 -18.70 12.89
CA LYS A 55 26.32 -19.55 13.69
C LYS A 55 25.59 -18.70 14.73
N THR A 56 26.32 -17.89 15.51
CA THR A 56 25.76 -16.96 16.53
C THR A 56 24.69 -16.08 15.89
N VAL A 57 24.96 -15.59 14.67
CA VAL A 57 24.03 -14.76 13.85
C VAL A 57 22.77 -15.58 13.52
N GLN A 58 22.96 -16.79 12.99
CA GLN A 58 21.85 -17.68 12.52
C GLN A 58 20.91 -18.03 13.68
N ASP A 59 21.47 -18.39 14.84
CA ASP A 59 20.74 -19.04 15.97
C ASP A 59 20.09 -17.99 16.87
N THR A 60 20.59 -16.74 16.90
CA THR A 60 20.08 -15.65 17.77
C THR A 60 19.23 -14.65 16.96
N VAL A 61 19.30 -14.66 15.62
CA VAL A 61 18.59 -13.69 14.74
C VAL A 61 17.79 -14.43 13.66
N THR A 62 18.49 -15.06 12.71
CA THR A 62 17.92 -15.56 11.43
C THR A 62 16.75 -16.53 11.71
N GLN A 63 16.95 -17.51 12.59
CA GLN A 63 15.94 -18.54 12.93
C GLN A 63 14.74 -17.88 13.62
N VAL A 64 14.99 -16.99 14.57
CA VAL A 64 13.94 -16.24 15.35
C VAL A 64 13.03 -15.49 14.38
N ILE A 65 13.60 -14.84 13.36
CA ILE A 65 12.84 -14.06 12.33
C ILE A 65 12.11 -15.03 11.41
N GLU A 66 12.79 -16.08 10.93
CA GLU A 66 12.26 -17.07 9.95
C GLU A 66 11.01 -17.78 10.51
N GLN A 67 10.97 -18.03 11.83
CA GLN A 67 9.86 -18.73 12.52
C GLN A 67 8.61 -17.84 12.55
N ASN A 68 8.78 -16.51 12.52
CA ASN A 68 7.68 -15.52 12.60
C ASN A 68 7.15 -15.22 11.18
N MET A 69 7.96 -15.40 10.14
CA MET A 69 7.56 -15.19 8.72
C MET A 69 6.54 -16.26 8.34
N ASN A 70 5.26 -16.05 8.68
CA ASN A 70 4.14 -16.97 8.39
C ASN A 70 2.85 -16.15 8.18
N GLY A 71 1.89 -16.71 7.44
CA GLY A 71 0.61 -16.07 7.10
C GLY A 71 0.81 -14.79 6.31
N ILE A 72 1.66 -14.83 5.28
CA ILE A 72 2.03 -13.68 4.41
C ILE A 72 1.51 -13.97 3.00
N ASP A 73 0.64 -13.09 2.47
CA ASP A 73 -0.07 -13.26 1.18
C ASP A 73 0.93 -13.36 0.03
N ASN A 74 0.72 -14.30 -0.89
CA ASN A 74 1.38 -14.39 -2.22
C ASN A 74 2.87 -14.71 -2.08
N LEU A 75 3.30 -15.24 -0.94
CA LEU A 75 4.73 -15.60 -0.67
C LEU A 75 5.05 -16.91 -1.40
N MET A 76 6.01 -16.88 -2.33
CA MET A 76 6.40 -18.04 -3.19
C MET A 76 7.47 -18.87 -2.47
N TYR A 77 8.58 -18.24 -2.06
CA TYR A 77 9.67 -18.89 -1.29
C TYR A 77 10.41 -17.84 -0.44
N MET A 78 11.24 -18.34 0.49
CA MET A 78 12.08 -17.54 1.43
C MET A 78 13.49 -18.15 1.46
N SER A 79 14.51 -17.29 1.47
CA SER A 79 15.96 -17.67 1.56
C SER A 79 16.69 -16.66 2.45
N SER A 80 17.72 -17.11 3.17
CA SER A 80 18.52 -16.29 4.11
C SER A 80 19.99 -16.72 4.13
N ASN A 81 20.89 -15.76 4.41
CA ASN A 81 22.37 -15.97 4.44
C ASN A 81 22.94 -15.34 5.71
N SER A 82 23.18 -16.16 6.75
CA SER A 82 23.95 -15.80 7.97
C SER A 82 25.43 -16.03 7.70
N ASP A 83 26.30 -15.05 7.98
CA ASP A 83 27.76 -15.13 7.67
C ASP A 83 28.59 -14.52 8.80
N SER A 84 29.92 -14.70 8.74
CA SER A 84 30.89 -14.49 9.84
C SER A 84 31.29 -13.01 9.97
N THR A 85 30.93 -12.16 9.01
CA THR A 85 31.02 -10.67 9.13
C THR A 85 30.05 -10.20 10.21
N GLY A 86 29.02 -11.01 10.50
CA GLY A 86 28.04 -10.77 11.57
C GLY A 86 26.74 -10.20 11.03
N THR A 87 26.30 -10.70 9.86
CA THR A 87 25.25 -10.07 9.02
C THR A 87 24.21 -11.12 8.59
N VAL A 88 22.92 -10.77 8.67
CA VAL A 88 21.77 -11.56 8.12
C VAL A 88 21.22 -10.83 6.90
N GLN A 89 20.78 -11.59 5.89
CA GLN A 89 19.86 -11.12 4.81
C GLN A 89 18.81 -12.21 4.58
N ILE A 90 17.53 -11.90 4.83
CA ILE A 90 16.36 -12.80 4.57
C ILE A 90 15.54 -12.19 3.43
N THR A 91 15.48 -12.86 2.28
CA THR A 91 14.76 -12.41 1.06
C THR A 91 13.48 -13.23 0.89
N LEU A 92 12.31 -12.60 1.10
CA LEU A 92 10.97 -13.19 0.84
C LEU A 92 10.51 -12.77 -0.56
N THR A 93 10.52 -13.70 -1.52
CA THR A 93 10.13 -13.49 -2.94
C THR A 93 8.63 -13.78 -3.10
N PHE A 94 7.89 -12.85 -3.72
CA PHE A 94 6.41 -12.86 -3.81
C PHE A 94 5.97 -13.18 -5.25
N GLU A 95 4.68 -13.52 -5.40
CA GLU A 95 4.02 -13.84 -6.69
C GLU A 95 4.05 -12.59 -7.59
N SER A 96 4.24 -12.76 -8.90
CA SER A 96 4.14 -11.70 -9.93
C SER A 96 2.72 -11.11 -9.90
N GLY A 97 2.59 -9.81 -9.60
CA GLY A 97 1.31 -9.10 -9.48
C GLY A 97 1.07 -8.58 -8.08
N THR A 98 1.81 -9.10 -7.09
CA THR A 98 1.71 -8.70 -5.66
C THR A 98 2.04 -7.21 -5.51
N ASP A 99 1.21 -6.47 -4.78
CA ASP A 99 1.48 -5.07 -4.37
C ASP A 99 2.63 -5.09 -3.35
N ALA A 100 3.79 -4.55 -3.74
CA ALA A 100 5.06 -4.58 -2.97
C ALA A 100 4.92 -3.76 -1.68
N ASP A 101 4.17 -2.66 -1.72
CA ASP A 101 3.90 -1.78 -0.55
C ASP A 101 3.18 -2.60 0.54
N ILE A 102 2.19 -3.42 0.15
CA ILE A 102 1.41 -4.31 1.05
C ILE A 102 2.32 -5.43 1.57
N ALA A 103 3.10 -6.05 0.68
CA ALA A 103 4.04 -7.16 0.98
C ALA A 103 5.04 -6.73 2.06
N GLN A 104 5.53 -5.49 2.00
CA GLN A 104 6.48 -4.91 2.99
C GLN A 104 5.78 -4.77 4.35
N VAL A 105 4.54 -4.26 4.36
CA VAL A 105 3.74 -3.99 5.60
C VAL A 105 3.48 -5.31 6.33
N GLN A 106 3.13 -6.37 5.59
CA GLN A 106 2.86 -7.73 6.14
C GLN A 106 4.15 -8.33 6.70
N VAL A 107 5.24 -8.27 5.94
CA VAL A 107 6.58 -8.82 6.34
C VAL A 107 7.04 -8.11 7.62
N GLN A 108 6.92 -6.78 7.67
CA GLN A 108 7.39 -5.95 8.82
C GLN A 108 6.48 -6.18 10.04
N ASN A 109 5.18 -6.39 9.82
CA ASN A 109 4.18 -6.69 10.89
C ASN A 109 4.64 -7.94 11.66
N LYS A 110 5.16 -8.94 10.95
CA LYS A 110 5.66 -10.22 11.51
C LYS A 110 7.02 -10.01 12.16
N LEU A 111 7.91 -9.25 11.51
CA LEU A 111 9.26 -8.90 12.03
C LEU A 111 9.13 -8.18 13.37
N GLN A 112 8.14 -7.27 13.49
CA GLN A 112 7.89 -6.43 14.69
C GLN A 112 7.66 -7.32 15.92
N LEU A 113 7.09 -8.52 15.73
CA LEU A 113 6.85 -9.52 16.80
C LEU A 113 8.18 -10.15 17.24
N ALA A 114 9.11 -10.34 16.30
CA ALA A 114 10.42 -11.00 16.51
C ALA A 114 11.47 -10.00 17.03
N MET A 115 11.28 -8.71 16.76
CA MET A 115 12.27 -7.62 17.02
C MET A 115 12.75 -7.66 18.48
N PRO A 116 11.85 -7.73 19.50
CA PRO A 116 12.27 -7.72 20.90
C PRO A 116 13.00 -9.00 21.36
N LEU A 117 12.84 -10.12 20.64
CA LEU A 117 13.53 -11.41 20.92
C LEU A 117 14.99 -11.34 20.46
N LEU A 118 15.30 -10.48 19.48
CA LEU A 118 16.66 -10.32 18.91
C LEU A 118 17.60 -9.76 19.98
N PRO A 119 18.92 -10.10 19.91
CA PRO A 119 19.91 -9.52 20.83
C PRO A 119 19.87 -7.99 20.89
N GLN A 120 20.23 -7.44 22.06
CA GLN A 120 20.22 -5.97 22.35
C GLN A 120 21.11 -5.23 21.34
N GLU A 121 22.24 -5.84 20.95
CA GLU A 121 23.27 -5.23 20.05
C GLU A 121 22.74 -5.12 18.63
N VAL A 122 21.88 -6.07 18.20
CA VAL A 122 21.42 -6.20 16.78
C VAL A 122 20.36 -5.12 16.50
N GLN A 123 19.50 -4.82 17.48
CA GLN A 123 18.42 -3.79 17.37
C GLN A 123 19.05 -2.40 17.20
N GLN A 124 20.13 -2.12 17.94
CA GLN A 124 20.82 -0.80 17.97
C GLN A 124 21.58 -0.54 16.67
N GLN A 125 21.89 -1.59 15.89
CA GLN A 125 22.52 -1.49 14.55
C GLN A 125 21.46 -1.15 13.51
N GLY A 126 20.17 -1.26 13.87
CA GLY A 126 19.02 -0.94 13.01
C GLY A 126 18.73 -2.05 12.03
N VAL A 127 17.67 -2.82 12.27
CA VAL A 127 17.12 -3.83 11.32
C VAL A 127 16.39 -3.06 10.21
N SER A 128 16.72 -3.33 8.94
CA SER A 128 16.13 -2.64 7.77
C SER A 128 15.30 -3.63 6.95
N VAL A 129 14.09 -3.21 6.56
CA VAL A 129 13.17 -3.97 5.65
C VAL A 129 13.03 -3.16 4.36
N GLU A 130 13.55 -3.70 3.24
CA GLU A 130 13.64 -2.99 1.94
C GLU A 130 13.02 -3.84 0.83
N LYS A 131 12.29 -3.19 -0.08
CA LYS A 131 11.80 -3.76 -1.36
C LYS A 131 12.58 -3.10 -2.50
N SER A 132 13.22 -3.89 -3.35
CA SER A 132 14.12 -3.40 -4.44
C SER A 132 14.41 -4.51 -5.44
N SER A 133 15.11 -4.14 -6.53
CA SER A 133 15.75 -5.08 -7.50
C SER A 133 16.98 -5.69 -6.84
N SER A 134 17.41 -6.87 -7.31
CA SER A 134 18.56 -7.64 -6.77
C SER A 134 19.88 -6.97 -7.14
N SER A 135 19.95 -6.34 -8.32
CA SER A 135 21.16 -5.66 -8.87
C SER A 135 21.03 -4.14 -8.79
N PHE A 136 22.04 -3.41 -9.27
CA PHE A 136 22.17 -1.93 -9.17
C PHE A 136 21.54 -1.27 -10.40
N LEU A 137 20.86 -0.14 -10.17
CA LEU A 137 20.40 0.79 -11.23
C LEU A 137 21.63 1.55 -11.76
N MET A 138 22.37 2.21 -10.86
CA MET A 138 23.58 3.00 -11.16
C MET A 138 24.52 3.00 -9.95
N VAL A 139 25.81 3.27 -10.18
CA VAL A 139 26.82 3.61 -9.14
C VAL A 139 27.19 5.09 -9.32
N VAL A 140 27.17 5.86 -8.22
CA VAL A 140 27.60 7.28 -8.18
C VAL A 140 28.97 7.34 -7.52
N GLY A 141 30.04 7.31 -8.32
CA GLY A 141 31.44 7.40 -7.84
C GLY A 141 31.79 8.82 -7.41
N VAL A 142 32.62 8.95 -6.38
CA VAL A 142 33.07 10.25 -5.80
C VAL A 142 34.60 10.19 -5.59
N ILE A 143 35.34 11.01 -6.34
CA ILE A 143 36.83 11.11 -6.28
C ILE A 143 37.22 12.54 -5.87
N ASN A 144 38.45 12.71 -5.35
CA ASN A 144 39.03 14.03 -4.99
C ASN A 144 40.24 14.31 -5.91
N THR A 145 40.10 15.28 -6.82
CA THR A 145 41.10 15.63 -7.87
C THR A 145 42.25 16.46 -7.26
N ASP A 146 42.05 17.04 -6.08
CA ASP A 146 43.09 17.84 -5.35
C ASP A 146 44.10 16.87 -4.69
N GLY A 147 43.60 15.82 -4.04
CA GLY A 147 44.40 14.95 -3.16
C GLY A 147 44.45 15.49 -1.74
N THR A 148 43.57 16.44 -1.42
CA THR A 148 43.43 17.09 -0.09
C THR A 148 42.50 16.27 0.82
N MET A 149 41.93 15.18 0.29
CA MET A 149 41.04 14.25 1.03
C MET A 149 41.50 12.80 0.79
N THR A 150 41.55 12.00 1.86
CA THR A 150 41.88 10.55 1.82
C THR A 150 40.66 9.76 1.35
N GLN A 151 40.82 8.46 1.10
CA GLN A 151 39.73 7.52 0.73
C GLN A 151 38.74 7.42 1.90
N GLU A 152 39.24 7.48 3.13
CA GLU A 152 38.44 7.50 4.39
C GLU A 152 37.57 8.77 4.44
N ASP A 153 38.16 9.93 4.11
CA ASP A 153 37.50 11.26 4.19
C ASP A 153 36.36 11.36 3.18
N ILE A 154 36.57 10.86 1.95
CA ILE A 154 35.58 10.95 0.82
C ILE A 154 34.33 10.14 1.21
N SER A 155 34.52 8.91 1.69
CA SER A 155 33.44 8.00 2.14
C SER A 155 32.62 8.65 3.26
N ASP A 156 33.29 9.30 4.21
CA ASP A 156 32.66 9.99 5.38
C ASP A 156 31.78 11.14 4.88
N TYR A 157 32.28 11.94 3.93
CA TYR A 157 31.54 13.10 3.35
C TYR A 157 30.28 12.61 2.64
N VAL A 158 30.39 11.56 1.82
CA VAL A 158 29.28 10.94 1.05
C VAL A 158 28.17 10.53 2.03
N ALA A 159 28.53 9.87 3.12
CA ALA A 159 27.61 9.34 4.15
C ALA A 159 26.85 10.47 4.84
N ALA A 160 27.54 11.56 5.19
CA ALA A 160 27.07 12.63 6.09
C ALA A 160 26.35 13.75 5.31
N ASN A 161 26.62 13.90 4.01
CA ASN A 161 26.21 15.09 3.23
C ASN A 161 25.50 14.73 1.91
N MET A 162 25.44 13.45 1.53
CA MET A 162 24.87 13.02 0.22
C MET A 162 23.87 11.86 0.41
N LYS A 163 24.32 10.74 0.98
CA LYS A 163 23.59 9.44 1.03
C LYS A 163 22.13 9.65 1.47
N ASP A 164 21.91 10.24 2.65
CA ASP A 164 20.58 10.38 3.30
C ASP A 164 19.55 10.93 2.32
N ALA A 165 19.92 11.96 1.54
CA ALA A 165 19.04 12.65 0.56
C ALA A 165 18.72 11.72 -0.62
N ILE A 166 19.70 10.92 -1.06
CA ILE A 166 19.54 9.94 -2.18
C ILE A 166 18.67 8.78 -1.68
N SER A 167 18.88 8.35 -0.43
CA SER A 167 18.10 7.27 0.25
C SER A 167 16.63 7.68 0.38
N ARG A 168 16.36 8.99 0.54
CA ARG A 168 15.00 9.56 0.71
C ARG A 168 14.29 9.71 -0.64
N THR A 169 15.05 9.85 -1.74
CA THR A 169 14.52 10.04 -3.12
C THR A 169 13.53 8.91 -3.45
N SER A 170 12.36 9.26 -3.98
CA SER A 170 11.28 8.32 -4.39
C SER A 170 11.76 7.50 -5.59
N GLY A 171 11.67 6.17 -5.49
CA GLY A 171 12.10 5.21 -6.52
C GLY A 171 13.38 4.48 -6.12
N VAL A 172 14.11 5.00 -5.12
CA VAL A 172 15.37 4.40 -4.60
C VAL A 172 15.01 3.35 -3.54
N GLY A 173 15.16 2.07 -3.88
CA GLY A 173 14.86 0.93 -3.00
C GLY A 173 15.91 0.77 -1.91
N ASP A 174 17.19 0.75 -2.30
CA ASP A 174 18.35 0.49 -1.40
C ASP A 174 19.55 1.32 -1.88
N VAL A 175 20.28 1.94 -0.95
CA VAL A 175 21.55 2.67 -1.20
C VAL A 175 22.66 1.96 -0.41
N GLN A 176 23.78 1.65 -1.09
CA GLN A 176 24.95 0.93 -0.53
C GLN A 176 26.16 1.85 -0.60
N LEU A 177 26.73 2.22 0.56
CA LEU A 177 27.95 3.07 0.66
C LEU A 177 29.20 2.19 0.45
N PHE A 178 29.90 2.40 -0.66
CA PHE A 178 31.20 1.74 -0.96
C PHE A 178 32.30 2.41 -0.13
N GLY A 179 32.31 2.09 1.16
CA GLY A 179 33.12 2.74 2.20
C GLY A 179 32.43 2.65 3.55
N SER A 180 32.60 3.65 4.41
CA SER A 180 31.95 3.71 5.75
C SER A 180 32.00 5.15 6.30
N GLN A 181 30.89 5.60 6.88
CA GLN A 181 30.81 6.87 7.65
C GLN A 181 31.79 6.77 8.83
N TYR A 182 32.34 7.91 9.25
CA TYR A 182 33.28 7.99 10.40
C TYR A 182 32.54 7.66 11.70
N ALA A 183 33.31 7.18 12.68
CA ALA A 183 32.89 6.94 14.08
C ALA A 183 34.05 7.31 15.01
N MET A 184 33.76 7.68 16.25
CA MET A 184 34.79 7.97 17.28
C MET A 184 35.43 6.64 17.70
N ARG A 185 36.52 6.26 17.03
CA ARG A 185 37.23 4.97 17.26
C ARG A 185 38.15 5.12 18.48
N ILE A 186 37.83 4.41 19.56
CA ILE A 186 38.74 4.19 20.73
C ILE A 186 39.50 2.89 20.48
N TRP A 187 40.80 2.97 20.17
CA TRP A 187 41.70 1.80 19.96
C TRP A 187 42.43 1.49 21.27
N MET A 188 41.93 0.50 22.03
CA MET A 188 42.41 0.16 23.39
C MET A 188 43.79 -0.51 23.31
N ASN A 189 44.64 -0.25 24.31
CA ASN A 189 45.98 -0.85 24.51
C ASN A 189 45.93 -1.69 25.79
N PRO A 190 46.04 -3.04 25.70
CA PRO A 190 45.83 -3.90 26.86
C PRO A 190 46.96 -3.83 27.90
N ASN A 191 48.18 -3.48 27.46
CA ASN A 191 49.36 -3.24 28.34
C ASN A 191 49.03 -2.07 29.28
N GLU A 192 48.60 -0.95 28.71
CA GLU A 192 48.29 0.32 29.44
C GLU A 192 47.06 0.11 30.34
N LEU A 193 46.06 -0.64 29.87
CA LEU A 193 44.83 -0.97 30.63
C LEU A 193 45.20 -1.73 31.91
N ASN A 194 46.03 -2.78 31.78
CA ASN A 194 46.48 -3.65 32.91
C ASN A 194 47.38 -2.84 33.86
N LYS A 195 48.13 -1.87 33.32
CA LYS A 195 49.10 -1.04 34.09
C LYS A 195 48.38 -0.27 35.21
N PHE A 196 47.17 0.25 34.93
CA PHE A 196 46.36 1.07 35.87
C PHE A 196 45.19 0.25 36.43
N GLN A 197 45.22 -1.08 36.25
CA GLN A 197 44.17 -2.04 36.73
C GLN A 197 42.81 -1.62 36.17
N LEU A 198 42.69 -1.54 34.84
CA LEU A 198 41.43 -1.19 34.13
C LEU A 198 41.11 -2.28 33.10
N THR A 199 39.85 -2.33 32.65
CA THR A 199 39.34 -3.29 31.64
C THR A 199 38.59 -2.53 30.55
N PRO A 200 38.28 -3.16 29.40
CA PRO A 200 37.32 -2.61 28.45
C PRO A 200 35.96 -2.23 29.06
N VAL A 201 35.56 -2.88 30.16
CA VAL A 201 34.31 -2.57 30.92
C VAL A 201 34.40 -1.14 31.47
N ASP A 202 35.53 -0.80 32.10
CA ASP A 202 35.78 0.52 32.73
C ASP A 202 35.80 1.62 31.66
N VAL A 203 36.37 1.33 30.49
CA VAL A 203 36.42 2.25 29.31
C VAL A 203 35.00 2.51 28.81
N ILE A 204 34.17 1.46 28.73
CA ILE A 204 32.77 1.51 28.21
C ILE A 204 31.89 2.28 29.21
N THR A 205 32.09 2.09 30.52
CA THR A 205 31.33 2.77 31.61
C THR A 205 31.63 4.28 31.58
N ALA A 206 32.90 4.65 31.45
CA ALA A 206 33.41 6.04 31.47
C ALA A 206 32.85 6.82 30.27
N ILE A 207 32.82 6.21 29.08
CA ILE A 207 32.32 6.83 27.82
C ILE A 207 30.80 7.09 27.96
N LYS A 208 30.04 6.10 28.44
CA LYS A 208 28.58 6.20 28.66
C LYS A 208 28.26 7.32 29.66
N ALA A 209 29.14 7.51 30.66
CA ALA A 209 28.96 8.49 31.76
C ALA A 209 29.26 9.92 31.28
N GLN A 210 30.33 10.09 30.50
CA GLN A 210 30.94 11.43 30.22
C GLN A 210 30.74 11.85 28.76
N ASN A 211 30.15 10.99 27.92
CA ASN A 211 29.63 11.37 26.57
C ASN A 211 28.10 11.30 26.63
N ALA A 212 27.50 12.10 27.53
CA ALA A 212 26.07 12.08 27.88
C ALA A 212 25.38 13.35 27.35
N GLN A 213 24.14 13.22 26.88
CA GLN A 213 23.25 14.35 26.50
C GLN A 213 22.10 14.41 27.50
N VAL A 214 22.30 15.14 28.60
CA VAL A 214 21.41 15.18 29.80
C VAL A 214 20.23 16.12 29.52
N ALA A 215 19.06 15.79 30.09
CA ALA A 215 17.84 16.64 30.14
C ALA A 215 17.69 17.16 31.57
N ALA A 216 18.19 18.37 31.83
CA ALA A 216 18.38 18.94 33.19
C ALA A 216 17.20 19.82 33.60
N GLY A 217 16.26 20.10 32.69
CA GLY A 217 15.02 20.86 32.97
C GLY A 217 15.19 22.35 32.70
N GLN A 218 14.59 23.19 33.55
CA GLN A 218 14.54 24.67 33.38
C GLN A 218 14.56 25.38 34.74
N LEU A 219 15.16 26.57 34.79
CA LEU A 219 14.95 27.58 35.86
C LEU A 219 13.55 28.18 35.68
N GLY A 220 12.83 28.43 36.78
CA GLY A 220 11.48 29.02 36.77
C GLY A 220 10.52 28.25 35.87
N GLY A 221 10.65 26.92 35.83
CA GLY A 221 9.83 26.03 34.98
C GLY A 221 8.40 25.90 35.50
N THR A 222 7.52 25.30 34.71
CA THR A 222 6.08 25.10 35.03
C THR A 222 5.91 23.83 35.86
N PRO A 223 5.02 23.80 36.88
CA PRO A 223 4.34 24.99 37.38
C PRO A 223 5.26 25.86 38.23
N PRO A 224 5.32 27.20 38.02
CA PRO A 224 6.22 28.07 38.77
C PRO A 224 5.62 28.49 40.13
N VAL A 225 6.38 29.27 40.90
CA VAL A 225 5.91 29.91 42.17
C VAL A 225 5.39 31.31 41.83
N LYS A 226 4.86 32.03 42.82
CA LYS A 226 4.26 33.38 42.66
C LYS A 226 5.39 34.41 42.53
N GLY A 227 5.25 35.35 41.59
CA GLY A 227 6.23 36.43 41.35
C GLY A 227 7.57 35.88 40.86
N GLN A 228 7.55 34.86 40.01
CA GLN A 228 8.75 34.23 39.41
C GLN A 228 9.43 35.25 38.49
N GLN A 229 10.76 35.30 38.50
CA GLN A 229 11.58 36.35 37.82
C GLN A 229 11.85 35.94 36.37
N LEU A 230 12.67 34.90 36.15
CA LEU A 230 13.17 34.50 34.81
C LEU A 230 12.77 33.04 34.51
N ASN A 231 12.85 32.68 33.22
CA ASN A 231 12.63 31.31 32.70
C ASN A 231 13.74 30.98 31.70
N ALA A 232 14.60 30.01 32.02
CA ALA A 232 15.80 29.65 31.23
C ALA A 232 16.02 28.13 31.27
N SER A 233 16.39 27.54 30.13
CA SER A 233 16.77 26.11 29.98
C SER A 233 18.06 25.84 30.79
N ILE A 234 18.09 24.73 31.53
CA ILE A 234 19.33 24.23 32.22
C ILE A 234 20.05 23.28 31.25
N ILE A 235 21.30 23.63 30.90
CA ILE A 235 22.17 22.82 29.99
C ILE A 235 23.26 22.15 30.83
N ALA A 236 23.10 20.85 31.10
CA ALA A 236 24.09 20.01 31.81
C ALA A 236 25.13 19.51 30.79
N GLN A 237 25.38 18.20 30.72
CA GLN A 237 26.38 17.58 29.80
C GLN A 237 25.76 17.41 28.40
N THR A 238 26.53 17.75 27.36
CA THR A 238 26.19 17.53 25.93
C THR A 238 27.13 16.45 25.37
N ARG A 239 26.76 15.83 24.25
CA ARG A 239 27.61 14.84 23.52
C ARG A 239 28.96 15.49 23.23
N LEU A 240 30.05 14.70 23.30
CA LEU A 240 31.42 15.16 22.95
C LEU A 240 31.48 15.34 21.43
N THR A 241 32.30 16.28 20.95
CA THR A 241 32.34 16.74 19.53
C THR A 241 33.68 16.40 18.85
N SER A 242 34.78 16.33 19.61
CA SER A 242 36.15 16.17 19.08
C SER A 242 36.85 14.98 19.75
N THR A 243 37.90 14.45 19.09
CA THR A 243 38.77 13.35 19.57
C THR A 243 39.49 13.77 20.85
N GLU A 244 39.80 15.08 20.98
CA GLU A 244 40.52 15.68 22.13
C GLU A 244 39.66 15.58 23.39
N GLU A 245 38.34 15.82 23.26
CA GLU A 245 37.36 15.78 24.39
C GLU A 245 37.21 14.34 24.89
N PHE A 246 37.16 13.37 23.98
CA PHE A 246 37.19 11.91 24.29
C PHE A 246 38.53 11.59 24.95
N GLY A 247 39.61 12.21 24.47
CA GLY A 247 40.97 12.13 25.05
C GLY A 247 40.98 12.34 26.55
N LYS A 248 40.28 13.38 27.03
CA LYS A 248 40.35 13.85 28.45
C LYS A 248 39.20 13.26 29.27
N ILE A 249 38.61 12.13 28.84
CA ILE A 249 37.62 11.35 29.64
C ILE A 249 38.36 10.75 30.84
N LEU A 250 38.02 11.17 32.06
CA LEU A 250 38.67 10.72 33.33
C LEU A 250 38.20 9.29 33.65
N LEU A 251 39.12 8.32 33.56
CA LEU A 251 38.85 6.89 33.84
C LEU A 251 38.94 6.65 35.36
N LYS A 252 40.01 7.12 36.01
CA LYS A 252 40.17 7.03 37.49
C LYS A 252 41.22 8.02 37.98
N VAL A 253 41.23 8.27 39.30
CA VAL A 253 42.21 9.12 40.03
C VAL A 253 42.98 8.22 41.01
N ASN A 254 44.32 8.24 40.95
CA ASN A 254 45.21 7.40 41.78
C ASN A 254 45.29 7.97 43.20
N GLN A 255 45.89 7.21 44.12
CA GLN A 255 46.02 7.57 45.57
C GLN A 255 46.87 8.83 45.73
N ASP A 256 47.97 8.94 44.96
CA ASP A 256 48.94 10.07 45.03
C ASP A 256 48.28 11.35 44.51
N GLY A 257 47.32 11.23 43.59
CA GLY A 257 46.51 12.36 43.07
C GLY A 257 46.64 12.56 41.56
N SER A 258 47.33 11.65 40.86
CA SER A 258 47.43 11.65 39.38
C SER A 258 46.10 11.19 38.77
N ARG A 259 45.87 11.51 37.50
CA ARG A 259 44.61 11.20 36.76
C ARG A 259 44.94 10.32 35.54
N VAL A 260 44.19 9.23 35.37
CA VAL A 260 44.27 8.33 34.18
C VAL A 260 43.18 8.78 33.18
N LEU A 261 43.59 9.33 32.04
CA LEU A 261 42.69 9.77 30.94
C LEU A 261 42.52 8.64 29.94
N LEU A 262 41.53 8.74 29.05
CA LEU A 262 41.23 7.71 28.01
C LEU A 262 42.34 7.72 26.95
N ARG A 263 43.03 8.85 26.76
CA ARG A 263 44.15 8.98 25.78
C ARG A 263 45.39 8.26 26.30
N ASP A 264 45.47 8.00 27.61
CA ASP A 264 46.62 7.32 28.27
C ASP A 264 46.57 5.81 28.03
N VAL A 265 45.37 5.24 27.78
CA VAL A 265 45.16 3.77 27.65
C VAL A 265 44.59 3.41 26.27
N ALA A 266 44.53 4.35 25.32
CA ALA A 266 43.97 4.13 23.97
C ALA A 266 44.38 5.24 23.00
N LYS A 267 44.49 4.90 21.71
CA LYS A 267 44.66 5.87 20.59
C LYS A 267 43.27 6.24 20.06
N ILE A 268 42.95 7.54 20.08
CA ILE A 268 41.58 8.08 19.79
C ILE A 268 41.64 8.85 18.47
N GLU A 269 40.77 8.49 17.52
CA GLU A 269 40.71 9.11 16.16
C GLU A 269 39.33 8.86 15.53
N LEU A 270 38.94 9.71 14.58
CA LEU A 270 37.82 9.43 13.63
C LEU A 270 38.27 8.31 12.70
N GLY A 271 37.32 7.48 12.22
CA GLY A 271 37.60 6.32 11.36
C GLY A 271 36.36 5.49 11.14
N GLY A 272 36.30 4.76 10.02
CA GLY A 272 35.13 4.01 9.55
C GLY A 272 34.47 3.20 10.65
N GLU A 273 33.13 3.20 10.70
CA GLU A 273 32.32 2.30 11.57
C GLU A 273 32.76 0.86 11.34
N ASN A 274 33.01 0.51 10.06
CA ASN A 274 33.72 -0.73 9.64
C ASN A 274 34.79 -0.36 8.62
N TYR A 275 35.81 -1.22 8.45
CA TYR A 275 36.97 -1.01 7.55
C TYR A 275 37.00 -2.09 6.46
N ASP A 276 35.84 -2.67 6.12
CA ASP A 276 35.74 -3.83 5.19
C ASP A 276 35.82 -3.35 3.74
N ILE A 277 35.06 -2.29 3.39
CA ILE A 277 34.88 -1.83 1.98
C ILE A 277 35.87 -0.69 1.67
N ILE A 278 36.68 -0.87 0.61
CA ILE A 278 37.65 0.12 0.06
C ILE A 278 37.41 0.23 -1.45
N ALA A 279 37.00 1.41 -1.95
CA ALA A 279 36.71 1.67 -3.38
C ALA A 279 37.88 2.41 -4.03
N GLU A 280 38.09 2.18 -5.33
CA GLU A 280 39.13 2.85 -6.17
C GLU A 280 38.58 3.00 -7.59
N PHE A 281 38.63 4.22 -8.14
CA PHE A 281 38.17 4.56 -9.52
C PHE A 281 39.40 4.77 -10.43
N ASN A 282 39.67 3.80 -11.31
CA ASN A 282 40.82 3.82 -12.26
C ASN A 282 42.13 4.02 -11.49
N GLY A 283 42.34 3.22 -10.43
CA GLY A 283 43.57 3.22 -9.62
C GLY A 283 43.49 4.21 -8.46
N GLN A 284 43.15 5.47 -8.74
CA GLN A 284 43.04 6.56 -7.72
C GLN A 284 41.88 6.24 -6.77
N PRO A 285 41.97 6.68 -5.49
CA PRO A 285 41.01 6.25 -4.47
C PRO A 285 39.68 6.99 -4.59
N ALA A 286 38.57 6.30 -4.25
CA ALA A 286 37.19 6.82 -4.37
C ALA A 286 36.31 6.23 -3.26
N SER A 287 35.13 6.82 -3.06
CA SER A 287 33.96 6.21 -2.40
C SER A 287 32.86 6.06 -3.45
N GLY A 288 31.60 5.87 -3.04
CA GLY A 288 30.45 5.87 -3.97
C GLY A 288 29.18 5.33 -3.35
N LEU A 289 28.06 5.56 -4.03
CA LEU A 289 26.71 5.04 -3.67
C LEU A 289 26.30 4.00 -4.72
N GLY A 290 26.06 2.76 -4.30
CA GLY A 290 25.43 1.70 -5.11
C GLY A 290 23.92 1.73 -4.95
N ILE A 291 23.21 2.30 -5.94
CA ILE A 291 21.75 2.59 -5.86
C ILE A 291 20.97 1.48 -6.56
N LYS A 292 20.05 0.83 -5.83
CA LYS A 292 19.13 -0.22 -6.34
C LYS A 292 17.73 0.39 -6.54
N LEU A 293 17.09 0.04 -7.66
CA LEU A 293 15.76 0.57 -8.07
C LEU A 293 14.67 -0.09 -7.24
N ALA A 294 13.82 0.71 -6.58
CA ALA A 294 12.68 0.25 -5.75
C ALA A 294 11.69 -0.53 -6.62
N THR A 295 11.07 -1.56 -6.05
CA THR A 295 10.16 -2.52 -6.75
C THR A 295 9.06 -1.75 -7.48
N GLY A 296 9.04 -1.84 -8.82
CA GLY A 296 7.97 -1.30 -9.68
C GLY A 296 8.29 0.09 -10.21
N ALA A 297 9.08 0.89 -9.47
CA ALA A 297 9.44 2.28 -9.81
C ALA A 297 10.20 2.32 -11.14
N ASN A 298 10.10 3.43 -11.86
CA ASN A 298 10.73 3.65 -13.20
C ASN A 298 12.23 3.91 -13.01
N ALA A 299 13.05 3.32 -13.89
CA ALA A 299 14.53 3.44 -13.90
C ALA A 299 14.94 4.87 -14.28
N LEU A 300 14.48 5.34 -15.43
CA LEU A 300 14.88 6.64 -16.05
C LEU A 300 14.41 7.81 -15.17
N ASP A 301 13.17 7.78 -14.69
CA ASP A 301 12.56 8.87 -13.88
C ASP A 301 13.29 8.99 -12.54
N THR A 302 13.69 7.85 -11.95
CA THR A 302 14.42 7.79 -10.66
C THR A 302 15.85 8.31 -10.86
N ALA A 303 16.50 7.90 -11.95
CA ALA A 303 17.87 8.35 -12.33
C ALA A 303 17.92 9.88 -12.41
N ALA A 304 16.94 10.48 -13.07
CA ALA A 304 16.77 11.94 -13.23
C ALA A 304 16.66 12.61 -11.85
N ALA A 305 15.88 12.02 -10.94
CA ALA A 305 15.62 12.53 -9.57
C ALA A 305 16.89 12.45 -8.72
N ILE A 306 17.74 11.44 -8.95
CA ILE A 306 19.04 11.26 -8.24
C ILE A 306 20.01 12.36 -8.72
N ARG A 307 20.09 12.56 -10.04
CA ARG A 307 20.92 13.61 -10.68
C ARG A 307 20.49 14.99 -10.17
N ALA A 308 19.18 15.24 -10.11
CA ALA A 308 18.56 16.49 -9.63
C ALA A 308 19.03 16.79 -8.19
N GLU A 309 19.12 15.76 -7.35
CA GLU A 309 19.46 15.88 -5.91
C GLU A 309 20.98 16.07 -5.75
N LEU A 310 21.78 15.41 -6.60
CA LEU A 310 23.27 15.54 -6.62
C LEU A 310 23.66 16.96 -7.08
N ALA A 311 22.91 17.52 -8.04
CA ALA A 311 23.12 18.87 -8.62
C ALA A 311 22.96 19.94 -7.53
N LYS A 312 22.09 19.71 -6.56
CA LYS A 312 21.79 20.65 -5.43
C LYS A 312 22.94 20.63 -4.41
N MET A 313 23.75 19.56 -4.40
CA MET A 313 24.88 19.36 -3.45
C MET A 313 26.18 19.91 -4.06
N GLU A 314 26.38 19.72 -5.37
CA GLU A 314 27.65 20.01 -6.10
C GLU A 314 28.20 21.38 -5.71
N PRO A 315 27.40 22.48 -5.76
CA PRO A 315 27.87 23.79 -5.34
C PRO A 315 28.54 23.88 -3.96
N PHE A 316 28.16 23.02 -3.01
CA PHE A 316 28.57 23.08 -1.59
C PHE A 316 29.62 22.00 -1.27
N PHE A 317 30.24 21.40 -2.30
CA PHE A 317 31.33 20.40 -2.14
C PHE A 317 32.59 21.08 -1.63
N PRO A 318 33.47 20.38 -0.88
CA PRO A 318 34.83 20.85 -0.61
C PRO A 318 35.68 20.96 -1.89
N SER A 319 36.97 21.27 -1.73
CA SER A 319 37.94 21.52 -2.83
C SER A 319 38.22 20.24 -3.61
N GLY A 320 37.94 20.26 -4.92
CA GLY A 320 38.35 19.21 -5.89
C GLY A 320 37.59 17.91 -5.71
N LEU A 321 36.46 17.91 -5.00
CA LEU A 321 35.56 16.73 -4.88
C LEU A 321 34.68 16.67 -6.14
N LYS A 322 34.88 15.65 -6.97
CA LYS A 322 34.14 15.44 -8.25
C LYS A 322 33.26 14.20 -8.14
N ILE A 323 32.10 14.23 -8.82
CA ILE A 323 31.21 13.05 -9.05
C ILE A 323 31.62 12.42 -10.39
N VAL A 324 31.68 11.08 -10.42
CA VAL A 324 31.93 10.27 -11.65
C VAL A 324 30.88 9.16 -11.72
N TYR A 325 30.55 8.70 -12.94
CA TYR A 325 29.48 7.71 -13.21
C TYR A 325 30.10 6.44 -13.79
N PRO A 326 30.72 5.58 -12.95
CA PRO A 326 31.41 4.39 -13.43
C PRO A 326 30.49 3.24 -13.89
N TYR A 327 29.23 3.23 -13.43
CA TYR A 327 28.21 2.21 -13.80
C TYR A 327 26.83 2.87 -13.84
N ASP A 328 26.18 2.82 -15.01
CA ASP A 328 24.83 3.41 -15.25
C ASP A 328 24.13 2.59 -16.34
N THR A 329 22.97 2.02 -16.01
CA THR A 329 22.15 1.16 -16.92
C THR A 329 21.17 2.02 -17.73
N THR A 330 20.87 3.23 -17.24
CA THR A 330 19.80 4.12 -17.78
C THR A 330 20.17 4.70 -19.15
N PRO A 331 21.45 5.06 -19.43
CA PRO A 331 21.79 5.61 -20.74
C PRO A 331 21.47 4.65 -21.90
N PHE A 332 21.68 3.34 -21.71
CA PHE A 332 21.33 2.27 -22.69
C PHE A 332 19.83 2.33 -23.00
N VAL A 333 19.01 2.39 -21.94
CA VAL A 333 17.51 2.41 -22.04
C VAL A 333 17.10 3.63 -22.87
N LYS A 334 17.68 4.80 -22.57
CA LYS A 334 17.34 6.11 -23.21
C LYS A 334 17.70 6.06 -24.70
N ILE A 335 18.89 5.57 -25.04
CA ILE A 335 19.46 5.61 -26.42
C ILE A 335 18.85 4.49 -27.27
N SER A 336 18.72 3.28 -26.72
CA SER A 336 18.14 2.09 -27.41
C SER A 336 16.71 2.42 -27.88
N ILE A 337 15.93 3.09 -27.02
CA ILE A 337 14.55 3.56 -27.33
C ILE A 337 14.60 4.62 -28.45
N HIS A 338 15.47 5.62 -28.30
CA HIS A 338 15.64 6.75 -29.26
C HIS A 338 16.10 6.24 -30.63
N GLU A 339 16.92 5.18 -30.65
CA GLU A 339 17.46 4.56 -31.90
C GLU A 339 16.33 3.84 -32.65
N VAL A 340 15.28 3.39 -31.95
CA VAL A 340 14.06 2.78 -32.55
C VAL A 340 13.18 3.90 -33.12
N VAL A 341 13.13 5.06 -32.45
CA VAL A 341 12.40 6.28 -32.90
C VAL A 341 13.01 6.77 -34.22
N LYS A 342 14.34 6.73 -34.33
CA LYS A 342 15.09 7.19 -35.53
C LYS A 342 14.75 6.31 -36.73
N THR A 343 14.71 4.99 -36.54
CA THR A 343 14.39 3.98 -37.60
C THR A 343 12.90 4.07 -37.98
N LEU A 344 12.06 4.56 -37.06
CA LEU A 344 10.61 4.80 -37.30
C LEU A 344 10.44 6.02 -38.22
N VAL A 345 11.16 7.11 -37.93
CA VAL A 345 11.17 8.36 -38.75
C VAL A 345 11.73 8.03 -40.15
N GLU A 346 12.83 7.27 -40.19
CA GLU A 346 13.49 6.81 -41.45
C GLU A 346 12.50 6.00 -42.29
N ALA A 347 11.76 5.09 -41.66
CA ALA A 347 10.75 4.21 -42.29
C ALA A 347 9.71 5.06 -43.05
N ILE A 348 9.22 6.13 -42.42
CA ILE A 348 8.19 7.04 -42.99
C ILE A 348 8.79 7.76 -44.22
N ILE A 349 10.04 8.23 -44.11
CA ILE A 349 10.77 8.93 -45.20
C ILE A 349 11.00 7.95 -46.36
N LEU A 350 11.31 6.69 -46.05
CA LEU A 350 11.60 5.62 -47.05
C LEU A 350 10.28 5.11 -47.67
N VAL A 351 9.15 5.29 -46.98
CA VAL A 351 7.80 5.03 -47.55
C VAL A 351 7.48 6.14 -48.56
N PHE A 352 7.68 7.40 -48.18
CA PHE A 352 7.42 8.62 -49.01
C PHE A 352 8.10 8.45 -50.38
N LEU A 353 9.35 7.98 -50.40
CA LEU A 353 10.17 7.81 -51.64
C LEU A 353 9.54 6.75 -52.54
N VAL A 354 9.18 5.59 -51.99
CA VAL A 354 8.57 4.44 -52.74
C VAL A 354 7.18 4.86 -53.23
N MET A 355 6.43 5.61 -52.41
CA MET A 355 5.09 6.15 -52.77
C MET A 355 5.23 7.20 -53.88
N TYR A 356 6.32 7.97 -53.88
CA TYR A 356 6.61 9.03 -54.89
C TYR A 356 6.90 8.37 -56.25
N LEU A 357 7.55 7.21 -56.26
CA LEU A 357 7.92 6.46 -57.49
C LEU A 357 6.65 6.03 -58.25
N PHE A 358 5.59 5.65 -57.51
CA PHE A 358 4.36 5.03 -58.06
C PHE A 358 3.27 6.09 -58.30
N LEU A 359 3.01 6.95 -57.32
CA LEU A 359 1.94 7.99 -57.39
C LEU A 359 2.44 9.22 -58.17
N GLN A 360 3.71 9.59 -58.00
CA GLN A 360 4.46 10.56 -58.86
C GLN A 360 4.05 12.01 -58.55
N ASN A 361 2.82 12.23 -58.07
CA ASN A 361 2.31 13.57 -57.67
C ASN A 361 2.62 13.79 -56.19
N PHE A 362 3.07 15.00 -55.83
CA PHE A 362 3.53 15.37 -54.46
C PHE A 362 2.37 15.25 -53.46
N ARG A 363 1.22 15.83 -53.79
CA ARG A 363 0.00 15.85 -52.93
C ARG A 363 -0.55 14.43 -52.77
N ALA A 364 -0.56 13.64 -53.86
CA ALA A 364 -1.03 12.24 -53.89
C ALA A 364 -0.17 11.37 -52.97
N THR A 365 1.16 11.58 -53.00
CA THR A 365 2.17 10.83 -52.22
C THR A 365 1.98 11.06 -50.72
N LEU A 366 1.50 12.25 -50.32
CA LEU A 366 1.37 12.67 -48.89
C LEU A 366 0.23 11.90 -48.20
N ILE A 367 -0.78 11.44 -48.95
CA ILE A 367 -2.01 10.81 -48.36
C ILE A 367 -1.60 9.61 -47.52
N PRO A 368 -0.87 8.60 -48.07
CA PRO A 368 -0.28 7.55 -47.23
C PRO A 368 0.66 8.07 -46.12
N THR A 369 1.52 9.04 -46.44
CA THR A 369 2.59 9.57 -45.54
C THR A 369 1.96 10.33 -44.35
N ILE A 370 0.76 10.88 -44.53
CA ILE A 370 0.00 11.60 -43.45
C ILE A 370 -0.72 10.58 -42.57
N ALA A 371 -1.22 9.49 -43.17
CA ALA A 371 -2.01 8.43 -42.48
C ALA A 371 -1.16 7.74 -41.41
N VAL A 372 0.12 7.49 -41.69
CA VAL A 372 1.06 6.72 -40.82
C VAL A 372 1.23 7.42 -39.48
N PRO A 373 1.74 8.68 -39.42
CA PRO A 373 1.93 9.37 -38.14
C PRO A 373 0.64 9.69 -37.37
N VAL A 374 -0.51 9.83 -38.05
CA VAL A 374 -1.83 10.11 -37.42
C VAL A 374 -2.26 8.88 -36.61
N VAL A 375 -2.10 7.67 -37.17
CA VAL A 375 -2.51 6.38 -36.54
C VAL A 375 -1.55 6.07 -35.37
N LEU A 376 -0.23 6.18 -35.60
CA LEU A 376 0.82 5.81 -34.62
C LEU A 376 0.70 6.69 -33.37
N LEU A 377 0.64 8.03 -33.53
CA LEU A 377 0.43 8.99 -32.42
C LEU A 377 -0.83 8.61 -31.65
N GLY A 378 -1.92 8.31 -32.37
CA GLY A 378 -3.19 7.82 -31.79
C GLY A 378 -2.99 6.59 -30.93
N THR A 379 -2.16 5.64 -31.40
CA THR A 379 -1.87 4.35 -30.73
C THR A 379 -1.15 4.60 -29.40
N PHE A 380 -0.28 5.62 -29.33
CA PHE A 380 0.43 6.04 -28.10
C PHE A 380 -0.57 6.46 -27.02
N ALA A 381 -1.66 7.12 -27.43
CA ALA A 381 -2.76 7.55 -26.53
C ALA A 381 -3.59 6.33 -26.08
N VAL A 382 -3.68 5.30 -26.93
CA VAL A 382 -4.41 4.03 -26.62
C VAL A 382 -3.59 3.21 -25.62
N LEU A 383 -2.25 3.22 -25.74
CA LEU A 383 -1.32 2.61 -24.75
C LEU A 383 -1.50 3.33 -23.40
N ALA A 384 -1.54 4.67 -23.43
CA ALA A 384 -1.71 5.55 -22.26
C ALA A 384 -3.04 5.26 -21.55
N ALA A 385 -4.08 4.87 -22.32
CA ALA A 385 -5.41 4.49 -21.80
C ALA A 385 -5.33 3.16 -21.06
N PHE A 386 -4.63 2.17 -21.64
CA PHE A 386 -4.50 0.78 -21.09
C PHE A 386 -3.30 0.68 -20.14
N GLY A 387 -2.69 1.81 -19.78
CA GLY A 387 -1.68 1.92 -18.70
C GLY A 387 -0.39 1.19 -19.03
N PHE A 388 -0.02 1.12 -20.32
CA PHE A 388 1.28 0.57 -20.80
C PHE A 388 2.32 1.69 -20.82
N SER A 389 3.58 1.33 -21.11
CA SER A 389 4.75 2.24 -21.17
C SER A 389 5.32 2.27 -22.60
N ILE A 390 6.12 3.30 -22.90
CA ILE A 390 6.96 3.37 -24.14
C ILE A 390 8.19 2.49 -23.88
N ASN A 391 8.22 1.28 -24.45
CA ASN A 391 9.31 0.30 -24.25
C ASN A 391 9.68 -0.36 -25.58
N THR A 392 10.75 -1.15 -25.58
CA THR A 392 11.31 -1.86 -26.76
C THR A 392 10.18 -2.53 -27.56
N LEU A 393 9.35 -3.33 -26.88
CA LEU A 393 8.32 -4.21 -27.50
C LEU A 393 7.18 -3.39 -28.11
N THR A 394 6.68 -2.38 -27.38
CA THR A 394 5.63 -1.44 -27.85
C THR A 394 6.13 -0.69 -29.09
N MET A 395 7.34 -0.13 -29.01
CA MET A 395 7.99 0.67 -30.09
C MET A 395 8.17 -0.19 -31.34
N PHE A 396 8.52 -1.47 -31.20
CA PHE A 396 8.66 -2.43 -32.32
C PHE A 396 7.28 -2.79 -32.88
N GLY A 397 6.26 -2.80 -32.00
CA GLY A 397 4.84 -2.89 -32.39
C GLY A 397 4.45 -1.74 -33.30
N MET A 398 4.95 -0.54 -33.02
CA MET A 398 4.70 0.70 -33.82
C MET A 398 5.33 0.54 -35.21
N VAL A 399 6.54 -0.02 -35.29
CA VAL A 399 7.33 -0.14 -36.55
C VAL A 399 6.69 -1.21 -37.45
N LEU A 400 6.36 -2.38 -36.89
CA LEU A 400 5.74 -3.51 -37.64
C LEU A 400 4.31 -3.15 -38.06
N ALA A 401 3.66 -2.24 -37.32
CA ALA A 401 2.32 -1.71 -37.64
C ALA A 401 2.36 -0.93 -38.97
N ILE A 402 3.42 -0.14 -39.19
CA ILE A 402 3.58 0.74 -40.38
C ILE A 402 3.21 -0.03 -41.65
N GLY A 403 3.67 -1.29 -41.77
CA GLY A 403 3.33 -2.21 -42.87
C GLY A 403 1.82 -2.33 -43.05
N LEU A 404 1.09 -2.51 -41.94
CA LEU A 404 -0.40 -2.63 -41.92
C LEU A 404 -1.02 -1.24 -42.11
N LEU A 405 -0.50 -0.23 -41.40
CA LEU A 405 -1.03 1.17 -41.41
C LEU A 405 -1.00 1.72 -42.84
N VAL A 406 0.11 1.53 -43.55
CA VAL A 406 0.35 2.11 -44.90
C VAL A 406 -0.44 1.32 -45.95
N ASP A 407 -0.64 0.01 -45.76
CA ASP A 407 -1.40 -0.87 -46.68
C ASP A 407 -2.85 -0.40 -46.73
N ASP A 408 -3.45 -0.09 -45.56
CA ASP A 408 -4.82 0.46 -45.44
C ASP A 408 -4.95 1.70 -46.32
N ALA A 409 -3.95 2.59 -46.31
CA ALA A 409 -3.90 3.83 -47.11
C ALA A 409 -3.69 3.50 -48.60
N ILE A 410 -2.73 2.62 -48.91
CA ILE A 410 -2.35 2.23 -50.30
C ILE A 410 -3.55 1.55 -50.99
N VAL A 411 -4.22 0.63 -50.30
CA VAL A 411 -5.43 -0.10 -50.82
C VAL A 411 -6.48 0.93 -51.25
N VAL A 412 -6.71 1.95 -50.40
CA VAL A 412 -7.74 3.03 -50.62
C VAL A 412 -7.30 3.89 -51.82
N VAL A 413 -6.11 4.49 -51.73
CA VAL A 413 -5.60 5.51 -52.70
C VAL A 413 -5.46 4.89 -54.09
N GLU A 414 -4.89 3.67 -54.18
CA GLU A 414 -4.65 2.95 -55.45
C GLU A 414 -5.99 2.72 -56.18
N ASN A 415 -7.02 2.32 -55.44
CA ASN A 415 -8.36 1.96 -55.99
C ASN A 415 -9.03 3.21 -56.57
N VAL A 416 -8.88 4.37 -55.91
CA VAL A 416 -9.41 5.69 -56.36
C VAL A 416 -8.73 6.04 -57.70
N GLU A 417 -7.41 5.88 -57.77
CA GLU A 417 -6.59 6.15 -58.99
C GLU A 417 -7.02 5.20 -60.12
N ARG A 418 -7.35 3.95 -59.78
CA ARG A 418 -7.75 2.89 -60.75
C ARG A 418 -9.14 3.22 -61.32
N VAL A 419 -10.04 3.80 -60.52
CA VAL A 419 -11.40 4.24 -60.94
C VAL A 419 -11.26 5.42 -61.90
N MET A 420 -10.38 6.38 -61.58
CA MET A 420 -10.10 7.57 -62.43
C MET A 420 -9.34 7.16 -63.69
N ALA A 421 -8.58 6.05 -63.64
CA ALA A 421 -7.80 5.50 -64.77
C ALA A 421 -8.73 4.81 -65.77
N GLU A 422 -9.61 3.94 -65.26
CA GLU A 422 -10.46 3.03 -66.08
C GLU A 422 -11.70 3.77 -66.61
N GLU A 423 -12.41 4.50 -65.75
CA GLU A 423 -13.73 5.12 -66.07
C GLU A 423 -13.56 6.62 -66.37
N GLY A 424 -12.56 7.28 -65.78
CA GLY A 424 -12.22 8.68 -66.06
C GLY A 424 -13.13 9.67 -65.35
N LEU A 425 -13.52 9.36 -64.11
CA LEU A 425 -14.36 10.24 -63.25
C LEU A 425 -13.48 11.29 -62.58
N PRO A 426 -14.09 12.40 -62.07
CA PRO A 426 -13.36 13.35 -61.23
C PRO A 426 -12.80 12.72 -59.94
N PRO A 427 -11.94 13.45 -59.19
CA PRO A 427 -11.43 12.95 -57.91
C PRO A 427 -12.52 12.66 -56.87
N LYS A 428 -13.41 13.63 -56.63
CA LYS A 428 -14.49 13.57 -55.60
C LYS A 428 -15.47 12.44 -55.95
N GLU A 429 -15.79 12.27 -57.24
CA GLU A 429 -16.76 11.26 -57.74
C GLU A 429 -16.14 9.86 -57.63
N ALA A 430 -14.82 9.75 -57.86
CA ALA A 430 -14.07 8.47 -57.90
C ALA A 430 -13.97 7.86 -56.50
N THR A 431 -13.75 8.68 -55.47
CA THR A 431 -13.61 8.26 -54.05
C THR A 431 -14.89 7.55 -53.58
N ARG A 432 -16.06 8.04 -54.01
CA ARG A 432 -17.39 7.47 -53.63
C ARG A 432 -17.52 6.05 -54.17
N LYS A 433 -17.16 5.82 -55.44
CA LYS A 433 -17.22 4.49 -56.11
C LYS A 433 -16.15 3.57 -55.52
N SER A 434 -14.99 4.13 -55.17
CA SER A 434 -13.85 3.42 -54.53
C SER A 434 -14.25 3.00 -53.11
N MET A 435 -14.57 3.97 -52.25
CA MET A 435 -15.01 3.73 -50.84
C MET A 435 -16.28 2.88 -50.84
N GLY A 436 -17.13 3.02 -51.87
CA GLY A 436 -18.37 2.22 -52.03
C GLY A 436 -18.09 0.72 -52.03
N GLN A 437 -17.07 0.29 -52.79
CA GLN A 437 -16.83 -1.15 -53.12
C GLN A 437 -15.77 -1.76 -52.19
N ILE A 438 -14.83 -0.97 -51.66
CA ILE A 438 -13.66 -1.47 -50.85
C ILE A 438 -13.94 -1.33 -49.35
N GLN A 439 -14.89 -0.47 -48.94
CA GLN A 439 -15.16 -0.13 -47.51
C GLN A 439 -15.47 -1.40 -46.71
N GLY A 440 -16.33 -2.28 -47.24
CA GLY A 440 -16.78 -3.52 -46.58
C GLY A 440 -15.62 -4.44 -46.26
N ALA A 441 -14.70 -4.63 -47.22
CA ALA A 441 -13.52 -5.53 -47.11
C ALA A 441 -12.57 -5.05 -46.02
N LEU A 442 -12.30 -3.74 -45.94
CA LEU A 442 -11.37 -3.12 -44.97
C LEU A 442 -11.73 -3.54 -43.54
N VAL A 443 -12.95 -3.21 -43.11
CA VAL A 443 -13.48 -3.49 -41.73
C VAL A 443 -13.42 -5.00 -41.47
N GLY A 444 -13.82 -5.81 -42.46
CA GLY A 444 -13.80 -7.29 -42.40
C GLY A 444 -12.39 -7.83 -42.19
N ILE A 445 -11.44 -7.39 -43.03
CA ILE A 445 -10.01 -7.84 -43.02
C ILE A 445 -9.38 -7.53 -41.66
N ALA A 446 -9.67 -6.38 -41.08
CA ALA A 446 -9.14 -5.91 -39.77
C ALA A 446 -9.52 -6.88 -38.66
N MET A 447 -10.76 -7.40 -38.70
CA MET A 447 -11.29 -8.39 -37.73
C MET A 447 -10.67 -9.77 -37.99
N VAL A 448 -10.38 -10.10 -39.26
CA VAL A 448 -9.70 -11.36 -39.67
C VAL A 448 -8.25 -11.31 -39.16
N LEU A 449 -7.56 -10.16 -39.32
CA LEU A 449 -6.17 -9.95 -38.86
C LEU A 449 -6.12 -10.00 -37.33
N SER A 450 -7.12 -9.44 -36.65
CA SER A 450 -7.25 -9.40 -35.17
C SER A 450 -7.10 -10.82 -34.59
N ALA A 451 -7.68 -11.82 -35.28
CA ALA A 451 -7.65 -13.25 -34.90
C ALA A 451 -6.22 -13.80 -34.95
N VAL A 452 -5.32 -13.13 -35.67
CA VAL A 452 -3.88 -13.55 -35.81
C VAL A 452 -3.09 -13.03 -34.60
N PHE A 453 -3.45 -11.85 -34.06
CA PHE A 453 -2.66 -11.11 -33.04
C PHE A 453 -3.28 -11.26 -31.63
N VAL A 454 -4.61 -11.20 -31.52
CA VAL A 454 -5.33 -11.15 -30.21
C VAL A 454 -5.00 -12.38 -29.36
N PRO A 455 -4.97 -13.61 -29.93
CA PRO A 455 -4.65 -14.81 -29.15
C PRO A 455 -3.38 -14.75 -28.29
N MET A 456 -2.32 -14.08 -28.77
CA MET A 456 -1.01 -14.02 -28.06
C MET A 456 -1.02 -12.89 -27.02
N ALA A 457 -2.15 -12.21 -26.83
CA ALA A 457 -2.41 -11.30 -25.68
C ALA A 457 -2.66 -12.13 -24.42
N PHE A 458 -3.16 -13.37 -24.58
CA PHE A 458 -3.48 -14.33 -23.50
C PHE A 458 -2.38 -15.39 -23.40
N PHE A 459 -1.14 -14.96 -23.09
CA PHE A 459 0.00 -15.86 -22.74
C PHE A 459 0.15 -15.89 -21.21
N GLY A 460 0.43 -17.08 -20.66
CA GLY A 460 0.60 -17.30 -19.22
C GLY A 460 2.02 -17.01 -18.75
N GLY A 461 2.29 -17.17 -17.46
CA GLY A 461 3.61 -16.95 -16.84
C GLY A 461 3.99 -15.48 -16.79
N SER A 462 5.21 -15.18 -16.37
CA SER A 462 5.80 -13.82 -16.35
C SER A 462 6.12 -13.38 -17.79
N THR A 463 6.47 -14.33 -18.65
CA THR A 463 6.85 -14.12 -20.08
C THR A 463 5.63 -13.71 -20.91
N GLY A 464 4.41 -13.94 -20.41
CA GLY A 464 3.16 -13.61 -21.10
C GLY A 464 2.94 -12.11 -21.27
N ALA A 465 3.53 -11.31 -20.38
CA ALA A 465 3.42 -9.83 -20.37
C ALA A 465 4.20 -9.24 -21.55
N ILE A 466 5.22 -9.94 -22.05
CA ILE A 466 6.04 -9.51 -23.23
C ILE A 466 5.16 -9.55 -24.48
N TYR A 467 4.49 -10.67 -24.73
CA TYR A 467 3.63 -10.92 -25.93
C TYR A 467 2.37 -10.03 -25.87
N ARG A 468 1.89 -9.73 -24.65
CA ARG A 468 0.68 -8.90 -24.40
C ARG A 468 0.94 -7.46 -24.86
N GLN A 469 2.08 -6.88 -24.43
CA GLN A 469 2.52 -5.50 -24.80
C GLN A 469 2.45 -5.34 -26.33
N PHE A 470 3.03 -6.30 -27.07
CA PHE A 470 3.13 -6.28 -28.55
C PHE A 470 1.75 -6.39 -29.19
N SER A 471 0.95 -7.37 -28.75
CA SER A 471 -0.39 -7.73 -29.31
C SER A 471 -1.32 -6.51 -29.27
N ILE A 472 -1.47 -5.89 -28.10
CA ILE A 472 -2.45 -4.79 -27.84
C ILE A 472 -2.01 -3.52 -28.57
N THR A 473 -0.71 -3.34 -28.82
CA THR A 473 -0.14 -2.18 -29.56
C THR A 473 -0.54 -2.25 -31.03
N ILE A 474 -0.39 -3.42 -31.66
CA ILE A 474 -0.67 -3.65 -33.11
C ILE A 474 -2.18 -3.61 -33.35
N VAL A 475 -2.96 -4.35 -32.55
CA VAL A 475 -4.44 -4.49 -32.71
C VAL A 475 -5.10 -3.11 -32.49
N SER A 476 -4.55 -2.29 -31.58
CA SER A 476 -4.95 -0.88 -31.35
C SER A 476 -4.64 -0.04 -32.60
N ALA A 477 -3.45 -0.23 -33.18
CA ALA A 477 -2.98 0.46 -34.41
C ALA A 477 -3.89 0.08 -35.59
N MET A 478 -4.27 -1.21 -35.69
CA MET A 478 -5.17 -1.74 -36.75
C MET A 478 -6.55 -1.10 -36.63
N ALA A 479 -7.05 -0.92 -35.40
CA ALA A 479 -8.37 -0.32 -35.09
C ALA A 479 -8.41 1.13 -35.58
N LEU A 480 -7.37 1.91 -35.25
CA LEU A 480 -7.24 3.34 -35.64
C LEU A 480 -6.94 3.45 -37.15
N SER A 481 -6.21 2.47 -37.71
CA SER A 481 -5.86 2.39 -39.15
C SER A 481 -7.14 2.39 -40.00
N VAL A 482 -8.10 1.54 -39.62
CA VAL A 482 -9.43 1.39 -40.30
C VAL A 482 -10.23 2.69 -40.11
N LEU A 483 -10.31 3.19 -38.88
CA LEU A 483 -11.08 4.42 -38.50
C LEU A 483 -10.59 5.61 -39.34
N VAL A 484 -9.27 5.75 -39.50
CA VAL A 484 -8.62 6.83 -40.29
C VAL A 484 -8.87 6.58 -41.78
N ALA A 485 -8.89 5.32 -42.21
CA ALA A 485 -9.10 4.90 -43.62
C ALA A 485 -10.56 5.13 -44.05
N LEU A 486 -11.48 5.30 -43.09
CA LEU A 486 -12.92 5.61 -43.34
C LEU A 486 -13.16 7.12 -43.23
N ILE A 487 -12.45 7.81 -42.33
CA ILE A 487 -12.69 9.25 -41.99
C ILE A 487 -11.79 10.15 -42.85
N LEU A 488 -10.47 10.10 -42.63
CA LEU A 488 -9.49 11.09 -43.14
C LEU A 488 -9.08 10.77 -44.58
N THR A 489 -8.61 9.55 -44.84
CA THR A 489 -8.00 9.12 -46.14
C THR A 489 -8.94 9.43 -47.29
N PRO A 490 -10.25 9.10 -47.21
CA PRO A 490 -11.21 9.45 -48.27
C PRO A 490 -11.36 10.96 -48.50
N ALA A 491 -11.27 11.75 -47.42
CA ALA A 491 -11.38 13.23 -47.44
C ALA A 491 -10.19 13.84 -48.21
N LEU A 492 -8.98 13.33 -47.96
CA LEU A 492 -7.73 13.80 -48.60
C LEU A 492 -7.72 13.37 -50.08
N CYS A 493 -8.13 12.13 -50.37
CA CYS A 493 -8.23 11.56 -51.73
C CYS A 493 -9.10 12.45 -52.62
N ALA A 494 -10.27 12.87 -52.12
CA ALA A 494 -11.26 13.70 -52.85
C ALA A 494 -10.67 15.06 -53.20
N THR A 495 -9.87 15.66 -52.31
CA THR A 495 -9.37 17.05 -52.41
C THR A 495 -8.01 17.10 -53.12
N MET A 496 -7.04 16.32 -52.64
CA MET A 496 -5.59 16.49 -52.96
C MET A 496 -5.16 15.68 -54.18
N LEU A 497 -5.93 14.67 -54.62
CA LEU A 497 -5.63 13.89 -55.84
C LEU A 497 -5.96 14.75 -57.08
N LYS A 498 -5.10 14.72 -58.09
CA LYS A 498 -5.32 15.37 -59.41
C LYS A 498 -6.19 14.46 -60.27
N PRO A 499 -6.99 15.00 -61.21
CA PRO A 499 -7.78 14.16 -62.14
C PRO A 499 -6.89 13.37 -63.10
N ILE A 500 -7.45 12.30 -63.69
CA ILE A 500 -6.79 11.43 -64.70
C ILE A 500 -7.76 11.23 -65.88
N ALA A 501 -7.27 11.43 -67.11
CA ALA A 501 -8.01 11.16 -68.37
C ALA A 501 -8.22 9.65 -68.50
N LYS A 502 -9.35 9.23 -69.08
CA LYS A 502 -9.72 7.79 -69.23
C LYS A 502 -8.68 7.10 -70.12
N GLY A 503 -8.09 6.00 -69.62
CA GLY A 503 -7.08 5.19 -70.35
C GLY A 503 -5.65 5.60 -70.03
N ASP A 504 -5.48 6.72 -69.32
CA ASP A 504 -4.14 7.30 -68.98
C ASP A 504 -3.55 6.56 -67.78
N HIS A 505 -2.43 5.86 -67.99
CA HIS A 505 -1.59 5.23 -66.93
C HIS A 505 -0.26 5.98 -66.87
N GLY A 506 -0.30 7.32 -66.92
CA GLY A 506 0.87 8.18 -67.15
C GLY A 506 1.50 7.86 -68.50
N GLU A 507 2.56 7.05 -68.49
CA GLU A 507 3.18 6.40 -69.69
C GLU A 507 3.72 7.47 -70.64
N GLY A 508 2.83 8.27 -71.26
CA GLY A 508 3.18 9.40 -72.13
C GLY A 508 3.65 10.59 -71.31
N LYS A 509 4.82 10.47 -70.68
CA LYS A 509 5.43 11.50 -69.78
C LYS A 509 6.91 11.67 -70.13
N LYS A 510 7.49 12.82 -69.78
CA LYS A 510 8.91 13.18 -70.01
C LYS A 510 9.72 12.90 -68.74
N GLY A 511 10.82 12.14 -68.85
CA GLY A 511 11.76 11.84 -67.75
C GLY A 511 11.72 10.38 -67.34
N PHE A 512 12.12 10.10 -66.10
CA PHE A 512 12.23 8.74 -65.51
C PHE A 512 10.83 8.17 -65.24
N PHE A 513 9.88 9.03 -64.85
CA PHE A 513 8.48 8.65 -64.49
C PHE A 513 7.76 8.10 -65.72
N GLY A 514 8.09 8.61 -66.92
CA GLY A 514 7.61 8.08 -68.20
C GLY A 514 8.16 6.69 -68.48
N TRP A 515 9.45 6.48 -68.20
CA TRP A 515 10.17 5.19 -68.39
C TRP A 515 9.58 4.11 -67.46
N PHE A 516 9.37 4.45 -66.19
CA PHE A 516 8.90 3.52 -65.11
C PHE A 516 7.52 2.96 -65.47
N ASN A 517 6.63 3.81 -66.01
CA ASN A 517 5.21 3.46 -66.28
C ASN A 517 5.13 2.47 -67.45
N ARG A 518 5.93 2.67 -68.51
CA ARG A 518 6.03 1.72 -69.65
C ARG A 518 6.65 0.41 -69.18
N MET A 519 7.70 0.50 -68.35
CA MET A 519 8.42 -0.67 -67.76
C MET A 519 7.45 -1.48 -66.89
N PHE A 520 6.52 -0.81 -66.20
CA PHE A 520 5.56 -1.43 -65.24
C PHE A 520 4.34 -1.99 -65.99
N GLU A 521 3.76 -1.20 -66.90
CA GLU A 521 2.53 -1.55 -67.65
C GLU A 521 2.77 -2.77 -68.54
N LYS A 522 3.98 -2.90 -69.11
CA LYS A 522 4.40 -4.06 -69.94
C LYS A 522 4.68 -5.26 -69.05
N SER A 523 5.24 -5.03 -67.84
CA SER A 523 5.51 -6.07 -66.81
C SER A 523 4.19 -6.70 -66.35
N THR A 524 3.11 -5.91 -66.28
CA THR A 524 1.74 -6.35 -65.92
C THR A 524 1.23 -7.34 -66.97
N HIS A 525 1.49 -7.09 -68.25
CA HIS A 525 1.12 -7.98 -69.39
C HIS A 525 1.93 -9.29 -69.31
N HIS A 526 3.21 -9.20 -68.93
CA HIS A 526 4.10 -10.37 -68.70
C HIS A 526 3.61 -11.17 -67.48
N TYR A 527 3.14 -10.46 -66.44
CA TYR A 527 2.58 -11.05 -65.19
C TYR A 527 1.26 -11.78 -65.49
N THR A 528 0.39 -11.15 -66.28
CA THR A 528 -0.96 -11.67 -66.65
C THR A 528 -0.82 -12.88 -67.58
N ASP A 529 0.10 -12.81 -68.55
CA ASP A 529 0.38 -13.91 -69.53
C ASP A 529 0.95 -15.13 -68.78
N SER A 530 1.82 -14.89 -67.79
CA SER A 530 2.45 -15.94 -66.94
C SER A 530 1.37 -16.70 -66.16
N VAL A 531 0.56 -15.98 -65.38
CA VAL A 531 -0.51 -16.54 -64.49
C VAL A 531 -1.50 -17.34 -65.35
N GLY A 532 -1.91 -16.79 -66.51
CA GLY A 532 -2.79 -17.45 -67.48
C GLY A 532 -2.24 -18.81 -67.90
N GLY A 533 -0.92 -18.89 -68.09
CA GLY A 533 -0.19 -20.14 -68.40
C GLY A 533 -0.05 -21.04 -67.19
N ILE A 534 0.18 -20.45 -66.01
CA ILE A 534 0.33 -21.16 -64.70
C ILE A 534 -0.99 -21.86 -64.35
N LEU A 535 -2.13 -21.22 -64.66
CA LEU A 535 -3.49 -21.75 -64.37
C LEU A 535 -3.79 -22.99 -65.22
N ARG A 536 -3.13 -23.13 -66.38
CA ARG A 536 -3.29 -24.30 -67.30
C ARG A 536 -2.47 -25.49 -66.78
N SER A 537 -1.41 -25.24 -66.01
CA SER A 537 -0.52 -26.28 -65.41
C SER A 537 -1.20 -26.90 -64.18
N THR A 538 -1.45 -26.09 -63.14
CA THR A 538 -2.14 -26.46 -61.88
C THR A 538 -1.31 -27.49 -61.10
N GLY A 539 -1.31 -28.75 -61.53
CA GLY A 539 -0.70 -29.89 -60.83
C GLY A 539 0.79 -29.69 -60.58
N ARG A 540 1.49 -29.01 -61.50
CA ARG A 540 2.95 -28.73 -61.43
C ARG A 540 3.28 -27.97 -60.14
N TYR A 541 2.56 -26.88 -59.88
CA TYR A 541 2.86 -25.89 -58.81
C TYR A 541 2.34 -26.41 -57.46
N LEU A 542 1.33 -27.28 -57.46
CA LEU A 542 0.78 -27.93 -56.23
C LEU A 542 1.84 -28.87 -55.64
N VAL A 543 2.66 -29.51 -56.48
CA VAL A 543 3.82 -30.35 -56.06
C VAL A 543 4.91 -29.43 -55.48
N LEU A 544 5.19 -28.31 -56.15
CA LEU A 544 6.19 -27.30 -55.72
C LEU A 544 5.75 -26.65 -54.40
N TYR A 545 4.44 -26.59 -54.13
CA TYR A 545 3.87 -26.06 -52.87
C TYR A 545 4.21 -26.99 -51.71
N LEU A 546 4.05 -28.31 -51.90
CA LEU A 546 4.38 -29.35 -50.89
C LEU A 546 5.90 -29.35 -50.64
N ILE A 547 6.71 -29.10 -51.68
CA ILE A 547 8.19 -28.97 -51.61
C ILE A 547 8.54 -27.85 -50.61
N ILE A 548 7.84 -26.72 -50.69
CA ILE A 548 8.07 -25.50 -49.84
C ILE A 548 7.69 -25.83 -48.39
N VAL A 549 6.53 -26.45 -48.17
CA VAL A 549 5.98 -26.76 -46.81
C VAL A 549 6.89 -27.76 -46.11
N VAL A 550 7.38 -28.78 -46.83
CA VAL A 550 8.33 -29.81 -46.31
C VAL A 550 9.67 -29.12 -46.00
N GLY A 551 10.12 -28.23 -46.89
CA GLY A 551 11.34 -27.41 -46.72
C GLY A 551 11.21 -26.43 -45.56
N MET A 552 10.00 -25.91 -45.33
CA MET A 552 9.67 -24.99 -44.21
C MET A 552 9.81 -25.74 -42.88
N ALA A 553 9.28 -26.97 -42.81
CA ALA A 553 9.35 -27.86 -41.63
C ALA A 553 10.81 -28.17 -41.29
N TYR A 554 11.62 -28.50 -42.31
CA TYR A 554 13.07 -28.78 -42.20
C TYR A 554 13.76 -27.60 -41.51
N LEU A 555 13.58 -26.38 -42.04
CA LEU A 555 14.23 -25.13 -41.56
C LEU A 555 13.75 -24.79 -40.14
N PHE A 556 12.44 -24.92 -39.87
CA PHE A 556 11.80 -24.55 -38.58
C PHE A 556 12.38 -25.42 -37.44
N VAL A 557 12.50 -26.73 -37.68
CA VAL A 557 12.97 -27.73 -36.68
C VAL A 557 14.46 -27.51 -36.39
N ARG A 558 15.25 -27.21 -37.44
CA ARG A 558 16.73 -27.00 -37.35
C ARG A 558 17.03 -25.74 -36.51
N LEU A 559 16.28 -24.65 -36.73
CA LEU A 559 16.51 -23.32 -36.11
C LEU A 559 16.32 -23.42 -34.59
N PRO A 560 17.38 -23.24 -33.78
CA PRO A 560 17.24 -23.18 -32.31
C PRO A 560 16.46 -21.92 -31.88
N SER A 561 15.71 -22.03 -30.78
CA SER A 561 14.84 -20.96 -30.22
C SER A 561 15.47 -20.37 -28.94
N SER A 562 15.63 -19.05 -28.90
CA SER A 562 15.93 -18.24 -27.70
C SER A 562 14.65 -17.50 -27.27
N PHE A 563 14.74 -16.61 -26.27
CA PHE A 563 13.62 -15.76 -25.82
C PHE A 563 13.86 -14.32 -26.28
N LEU A 564 14.78 -13.59 -25.64
CA LEU A 564 15.18 -12.21 -26.00
C LEU A 564 16.69 -12.14 -26.13
N PRO A 565 17.24 -11.80 -27.32
CA PRO A 565 18.68 -11.62 -27.50
C PRO A 565 19.35 -10.76 -26.41
N ASP A 566 20.53 -11.19 -25.93
CA ASP A 566 21.32 -10.50 -24.88
C ASP A 566 21.98 -9.26 -25.49
N GLU A 567 21.70 -8.08 -24.92
CA GLU A 567 22.07 -6.76 -25.50
C GLU A 567 23.35 -6.24 -24.86
N ASP A 568 24.22 -5.64 -25.67
CA ASP A 568 25.38 -4.80 -25.22
C ASP A 568 24.81 -3.50 -24.65
N GLN A 569 25.07 -3.22 -23.37
CA GLN A 569 24.55 -2.03 -22.63
C GLN A 569 25.68 -1.03 -22.38
N GLY A 570 26.89 -1.30 -22.90
CA GLY A 570 28.09 -0.46 -22.71
C GLY A 570 28.61 -0.54 -21.28
N VAL A 571 28.16 -1.53 -20.50
CA VAL A 571 28.53 -1.73 -19.06
C VAL A 571 28.47 -3.23 -18.76
N PHE A 572 29.26 -3.69 -17.79
CA PHE A 572 29.17 -5.06 -17.20
C PHE A 572 29.92 -5.08 -15.86
N MET A 573 29.70 -6.16 -15.08
CA MET A 573 30.31 -6.37 -13.74
C MET A 573 31.17 -7.64 -13.78
N THR A 574 32.16 -7.71 -12.88
CA THR A 574 33.09 -8.86 -12.72
C THR A 574 33.16 -9.25 -11.24
N MET A 575 32.61 -10.41 -10.88
CA MET A 575 32.61 -10.95 -9.49
C MET A 575 34.01 -11.46 -9.14
N VAL A 576 34.49 -11.15 -7.94
CA VAL A 576 35.78 -11.65 -7.37
C VAL A 576 35.49 -12.28 -6.00
N GLN A 577 35.56 -13.60 -5.90
CA GLN A 577 35.29 -14.37 -4.66
C GLN A 577 36.50 -15.27 -4.37
N LEU A 578 37.28 -14.93 -3.33
CA LEU A 578 38.39 -15.76 -2.79
C LEU A 578 37.81 -16.73 -1.77
N PRO A 579 38.52 -17.85 -1.46
CA PRO A 579 38.11 -18.74 -0.37
C PRO A 579 37.98 -17.99 0.98
N ALA A 580 37.10 -18.47 1.85
CA ALA A 580 36.93 -17.96 3.24
C ALA A 580 38.26 -18.12 3.98
N GLY A 581 38.61 -17.14 4.81
CA GLY A 581 39.90 -17.08 5.54
C GLY A 581 40.91 -16.20 4.83
N ALA A 582 40.73 -15.97 3.52
CA ALA A 582 41.55 -15.05 2.70
C ALA A 582 41.42 -13.63 3.25
N THR A 583 42.49 -12.84 3.16
CA THR A 583 42.64 -11.52 3.83
C THR A 583 42.25 -10.39 2.86
N GLN A 584 42.10 -9.17 3.40
CA GLN A 584 41.79 -7.93 2.65
C GLN A 584 42.90 -7.66 1.63
N GLU A 585 44.15 -7.93 2.01
CA GLU A 585 45.36 -7.70 1.16
C GLU A 585 45.33 -8.66 -0.04
N ARG A 586 44.97 -9.92 0.17
CA ARG A 586 44.89 -10.97 -0.89
C ARG A 586 43.85 -10.56 -1.94
N THR A 587 42.66 -10.15 -1.51
CA THR A 587 41.51 -9.77 -2.38
C THR A 587 41.90 -8.57 -3.24
N GLN A 588 42.62 -7.60 -2.67
CA GLN A 588 43.11 -6.38 -3.37
C GLN A 588 44.09 -6.79 -4.48
N LYS A 589 44.92 -7.80 -4.21
CA LYS A 589 45.92 -8.34 -5.17
C LYS A 589 45.20 -8.88 -6.42
N VAL A 590 44.03 -9.49 -6.25
CA VAL A 590 43.23 -10.12 -7.34
C VAL A 590 42.51 -9.03 -8.12
N LEU A 591 41.85 -8.09 -7.42
CA LEU A 591 41.13 -6.94 -8.02
C LEU A 591 42.10 -6.10 -8.86
N ASN A 592 43.37 -6.00 -8.43
CA ASN A 592 44.47 -5.33 -9.17
C ASN A 592 44.71 -6.07 -10.50
N GLU A 593 44.77 -7.40 -10.47
CA GLU A 593 44.97 -8.26 -11.68
C GLU A 593 43.77 -8.13 -12.62
N VAL A 594 42.56 -7.96 -12.07
CA VAL A 594 41.30 -7.75 -12.85
C VAL A 594 41.34 -6.36 -13.47
N THR A 595 41.58 -5.33 -12.64
CA THR A 595 41.73 -3.91 -13.05
C THR A 595 42.81 -3.81 -14.14
N HIS A 596 43.98 -4.42 -13.89
CA HIS A 596 45.14 -4.44 -14.81
C HIS A 596 44.72 -4.88 -16.21
N TYR A 597 44.00 -6.01 -16.30
CA TYR A 597 43.58 -6.66 -17.59
C TYR A 597 42.80 -5.65 -18.44
N TYR A 598 41.82 -4.96 -17.86
CA TYR A 598 40.88 -4.04 -18.57
C TYR A 598 41.62 -2.78 -19.02
N LEU A 599 42.54 -2.26 -18.20
CA LEU A 599 43.26 -0.97 -18.44
C LEU A 599 44.42 -1.17 -19.44
N THR A 600 44.99 -2.37 -19.52
CA THR A 600 46.15 -2.69 -20.40
C THR A 600 45.69 -3.41 -21.67
N LYS A 601 44.88 -4.46 -21.55
CA LYS A 601 44.54 -5.40 -22.64
C LYS A 601 43.31 -4.90 -23.41
N GLU A 602 42.33 -4.30 -22.71
CA GLU A 602 41.06 -3.81 -23.28
C GLU A 602 41.00 -2.28 -23.24
N LYS A 603 42.06 -1.60 -23.72
CA LYS A 603 42.12 -0.12 -23.83
C LYS A 603 41.09 0.36 -24.86
N ASN A 604 40.96 -0.39 -25.97
CA ASN A 604 40.12 -0.06 -27.14
C ASN A 604 38.64 0.05 -26.73
N ASN A 605 38.20 -0.76 -25.76
CA ASN A 605 36.77 -0.96 -25.41
C ASN A 605 36.43 -0.28 -24.07
N VAL A 606 37.25 -0.49 -23.03
CA VAL A 606 36.95 -0.06 -21.63
C VAL A 606 37.25 1.44 -21.49
N GLU A 607 36.29 2.20 -20.95
CA GLU A 607 36.40 3.66 -20.67
C GLU A 607 36.90 3.87 -19.24
N SER A 608 36.33 3.14 -18.27
CA SER A 608 36.63 3.29 -16.82
C SER A 608 36.38 1.98 -16.07
N VAL A 609 37.14 1.75 -14.99
CA VAL A 609 37.00 0.61 -14.03
C VAL A 609 36.79 1.19 -12.63
N PHE A 610 35.77 0.72 -11.92
CA PHE A 610 35.48 1.05 -10.49
C PHE A 610 35.48 -0.26 -9.68
N ALA A 611 36.58 -0.52 -8.97
CA ALA A 611 36.82 -1.77 -8.20
C ALA A 611 36.48 -1.52 -6.72
N VAL A 612 35.70 -2.42 -6.12
CA VAL A 612 35.26 -2.37 -4.69
C VAL A 612 35.76 -3.63 -3.98
N ASN A 613 36.74 -3.48 -3.08
CA ASN A 613 37.25 -4.56 -2.20
C ASN A 613 36.38 -4.62 -0.95
N GLY A 614 35.79 -5.79 -0.66
CA GLY A 614 35.00 -6.06 0.55
C GLY A 614 33.51 -5.98 0.30
N PHE A 615 33.05 -6.22 -0.93
CA PHE A 615 31.61 -6.24 -1.31
C PHE A 615 31.40 -7.14 -2.54
N GLY A 616 30.69 -8.24 -2.34
CA GLY A 616 30.05 -9.05 -3.39
C GLY A 616 28.54 -9.02 -3.23
N PHE A 617 27.81 -9.68 -4.15
CA PHE A 617 26.33 -9.76 -4.11
C PHE A 617 25.88 -10.79 -3.06
N ALA A 618 26.80 -11.64 -2.62
CA ALA A 618 26.64 -12.51 -1.43
C ALA A 618 26.55 -11.63 -0.17
N GLY A 619 27.50 -10.69 -0.04
CA GLY A 619 27.49 -9.68 1.04
C GLY A 619 28.89 -9.10 1.29
N ARG A 620 29.04 -8.42 2.44
CA ARG A 620 30.31 -7.78 2.90
C ARG A 620 31.29 -8.88 3.34
N GLY A 621 32.59 -8.55 3.41
CA GLY A 621 33.64 -9.44 3.93
C GLY A 621 34.97 -9.28 3.23
N GLN A 622 36.06 -9.65 3.90
CA GLN A 622 37.48 -9.50 3.44
C GLN A 622 37.70 -10.27 2.13
N ASN A 623 37.04 -11.42 1.96
CA ASN A 623 37.40 -12.45 0.94
C ASN A 623 36.63 -12.26 -0.37
N THR A 624 35.90 -11.14 -0.54
CA THR A 624 35.05 -10.87 -1.72
C THR A 624 35.23 -9.44 -2.21
N GLY A 625 35.10 -9.24 -3.53
CA GLY A 625 35.15 -7.92 -4.20
C GLY A 625 34.33 -7.93 -5.48
N ILE A 626 34.30 -6.79 -6.19
CA ILE A 626 33.55 -6.62 -7.47
C ILE A 626 34.15 -5.45 -8.26
N ALA A 627 34.11 -5.53 -9.59
CA ALA A 627 34.68 -4.53 -10.53
C ALA A 627 33.61 -4.08 -11.53
N PHE A 628 33.16 -2.83 -11.40
CA PHE A 628 32.21 -2.16 -12.34
C PHE A 628 32.99 -1.62 -13.54
N VAL A 629 32.84 -2.25 -14.71
CA VAL A 629 33.50 -1.87 -15.98
C VAL A 629 32.50 -1.08 -16.83
N SER A 630 32.89 0.12 -17.28
CA SER A 630 32.13 0.99 -18.21
C SER A 630 32.89 1.07 -19.54
N LEU A 631 32.23 0.75 -20.65
CA LEU A 631 32.83 0.71 -22.01
C LEU A 631 32.70 2.10 -22.67
N LYS A 632 33.34 2.26 -23.84
CA LYS A 632 33.20 3.44 -24.73
C LYS A 632 31.89 3.31 -25.51
N ASP A 633 31.55 4.32 -26.32
CA ASP A 633 30.32 4.33 -27.16
C ASP A 633 30.41 3.20 -28.19
N TRP A 634 29.25 2.69 -28.61
CA TRP A 634 29.09 1.50 -29.51
C TRP A 634 29.80 1.75 -30.84
N ALA A 635 29.78 2.99 -31.34
CA ALA A 635 30.37 3.42 -32.64
C ALA A 635 31.89 3.31 -32.60
N ASP A 636 32.49 3.39 -31.40
CA ASP A 636 33.97 3.29 -31.17
C ASP A 636 34.37 1.82 -30.98
N ARG A 637 33.40 0.89 -31.03
CA ARG A 637 33.61 -0.56 -30.76
C ARG A 637 32.92 -1.38 -31.85
N PRO A 638 33.40 -1.31 -33.12
CA PRO A 638 32.77 -2.03 -34.23
C PRO A 638 33.06 -3.54 -34.22
N GLY A 639 32.18 -4.32 -34.86
CA GLY A 639 32.32 -5.78 -35.01
C GLY A 639 31.79 -6.53 -33.80
N GLU A 640 31.86 -7.87 -33.84
CA GLU A 640 31.36 -8.78 -32.77
C GLU A 640 32.38 -8.86 -31.63
N GLU A 641 33.68 -8.84 -31.96
CA GLU A 641 34.79 -9.12 -31.01
C GLU A 641 34.98 -7.95 -30.03
N ASN A 642 34.39 -6.78 -30.31
CA ASN A 642 34.49 -5.57 -29.45
C ASN A 642 33.18 -5.34 -28.67
N LYS A 643 32.22 -6.28 -28.77
CA LYS A 643 30.93 -6.22 -28.02
C LYS A 643 31.08 -6.99 -26.70
N VAL A 644 30.18 -6.71 -25.75
CA VAL A 644 30.26 -7.15 -24.32
C VAL A 644 30.45 -8.68 -24.23
N GLU A 645 29.77 -9.45 -25.10
CA GLU A 645 29.78 -10.94 -25.07
C GLU A 645 31.22 -11.44 -25.22
N ALA A 646 31.92 -11.00 -26.28
CA ALA A 646 33.29 -11.44 -26.64
C ALA A 646 34.31 -10.94 -25.59
N ILE A 647 34.08 -9.76 -25.01
CA ILE A 647 34.99 -9.14 -24.00
C ILE A 647 34.93 -9.97 -22.71
N THR A 648 33.71 -10.31 -22.25
CA THR A 648 33.46 -11.09 -21.01
C THR A 648 33.94 -12.53 -21.20
N MET A 649 33.81 -13.09 -22.41
CA MET A 649 34.31 -14.43 -22.78
C MET A 649 35.84 -14.44 -22.66
N ARG A 650 36.50 -13.46 -23.27
CA ARG A 650 37.99 -13.26 -23.21
C ARG A 650 38.42 -13.08 -21.76
N ALA A 651 37.86 -12.10 -21.07
CA ALA A 651 38.21 -11.69 -19.68
C ALA A 651 38.11 -12.90 -18.75
N THR A 652 36.99 -13.62 -18.77
CA THR A 652 36.69 -14.79 -17.89
C THR A 652 37.68 -15.92 -18.18
N ARG A 653 38.03 -16.14 -19.45
CA ARG A 653 38.97 -17.21 -19.88
C ARG A 653 40.40 -16.84 -19.46
N ALA A 654 40.72 -15.55 -19.41
CA ALA A 654 42.04 -15.02 -18.98
C ALA A 654 42.18 -15.12 -17.45
N PHE A 655 41.13 -14.74 -16.71
CA PHE A 655 41.11 -14.70 -15.22
C PHE A 655 41.13 -16.12 -14.64
N SER A 656 40.72 -17.13 -15.41
CA SER A 656 40.67 -18.56 -15.01
C SER A 656 42.04 -19.02 -14.48
N GLN A 657 43.12 -18.39 -14.95
CA GLN A 657 44.52 -18.67 -14.53
C GLN A 657 44.88 -17.77 -13.33
N ILE A 658 44.12 -17.85 -12.24
CA ILE A 658 44.39 -17.13 -10.96
C ILE A 658 44.23 -18.14 -9.80
N LYS A 659 45.21 -18.22 -8.91
CA LYS A 659 45.27 -19.19 -7.79
C LYS A 659 44.34 -18.72 -6.66
N ASP A 660 43.50 -19.62 -6.15
CA ASP A 660 42.62 -19.41 -4.96
C ASP A 660 41.78 -18.15 -5.15
N ALA A 661 41.03 -18.07 -6.25
CA ALA A 661 40.10 -16.95 -6.56
C ALA A 661 39.11 -17.38 -7.64
N MET A 662 37.81 -17.35 -7.33
CA MET A 662 36.71 -17.52 -8.31
C MET A 662 36.38 -16.15 -8.91
N VAL A 663 36.78 -15.92 -10.16
CA VAL A 663 36.64 -14.63 -10.89
C VAL A 663 36.05 -14.89 -12.28
N PHE A 664 34.88 -14.30 -12.56
CA PHE A 664 34.19 -14.38 -13.87
C PHE A 664 33.49 -13.06 -14.17
N ALA A 665 33.56 -12.61 -15.43
CA ALA A 665 32.84 -11.44 -15.98
C ALA A 665 31.56 -11.93 -16.67
N PHE A 666 30.47 -11.16 -16.56
CA PHE A 666 29.11 -11.55 -17.04
C PHE A 666 28.31 -10.32 -17.44
N ASN A 667 27.32 -10.52 -18.33
CA ASN A 667 26.37 -9.48 -18.83
C ASN A 667 24.96 -9.85 -18.34
N LEU A 668 24.23 -8.88 -17.76
CA LEU A 668 22.86 -9.07 -17.21
C LEU A 668 21.83 -8.65 -18.26
N PRO A 669 21.08 -9.61 -18.85
CA PRO A 669 20.03 -9.28 -19.83
C PRO A 669 18.78 -8.66 -19.19
N ALA A 670 18.60 -8.86 -17.88
CA ALA A 670 17.50 -8.29 -17.07
C ALA A 670 17.80 -6.83 -16.70
N ILE A 671 19.06 -6.42 -16.83
CA ILE A 671 19.54 -5.01 -16.66
C ILE A 671 19.59 -4.66 -15.16
N VAL A 672 18.44 -4.43 -14.53
CA VAL A 672 18.32 -3.90 -13.14
C VAL A 672 18.29 -5.07 -12.14
N GLU A 673 17.90 -6.27 -12.59
CA GLU A 673 17.90 -7.52 -11.78
C GLU A 673 19.14 -8.35 -12.11
N LEU A 674 19.57 -9.20 -11.18
CA LEU A 674 20.60 -10.25 -11.41
C LEU A 674 19.96 -11.37 -12.25
N GLY A 675 20.79 -12.24 -12.84
CA GLY A 675 20.38 -13.32 -13.74
C GLY A 675 21.19 -13.29 -15.03
N THR A 676 21.84 -14.41 -15.37
CA THR A 676 22.76 -14.56 -16.52
C THR A 676 22.01 -15.27 -17.66
N ALA A 677 22.30 -14.87 -18.91
CA ALA A 677 21.59 -15.29 -20.14
C ALA A 677 21.48 -16.82 -20.22
N THR A 678 22.57 -17.53 -19.89
CA THR A 678 22.68 -19.02 -19.98
C THR A 678 23.20 -19.56 -18.64
N GLY A 679 22.37 -19.54 -17.59
CA GLY A 679 22.71 -20.03 -16.24
C GLY A 679 21.55 -20.78 -15.60
N PHE A 680 21.78 -21.33 -14.40
CA PHE A 680 20.74 -21.95 -13.54
C PHE A 680 21.06 -21.70 -12.06
N ASP A 681 20.07 -21.91 -11.18
CA ASP A 681 20.13 -21.60 -9.73
C ASP A 681 19.41 -22.72 -8.96
N PHE A 682 20.17 -23.66 -8.40
CA PHE A 682 19.69 -24.90 -7.72
C PHE A 682 19.90 -24.79 -6.20
N GLU A 683 18.96 -25.35 -5.42
CA GLU A 683 19.02 -25.41 -3.93
C GLU A 683 19.00 -26.88 -3.49
N LEU A 684 19.62 -27.18 -2.35
CA LEU A 684 19.70 -28.54 -1.74
C LEU A 684 19.39 -28.44 -0.25
N ILE A 685 18.33 -29.12 0.21
CA ILE A 685 17.68 -28.88 1.54
C ILE A 685 18.02 -30.03 2.49
N ASP A 686 18.39 -29.69 3.73
CA ASP A 686 18.49 -30.63 4.89
C ASP A 686 17.11 -30.70 5.57
N GLN A 687 16.33 -31.74 5.27
CA GLN A 687 14.91 -31.87 5.68
C GLN A 687 14.76 -32.86 6.84
N ALA A 688 15.85 -33.42 7.36
CA ALA A 688 15.84 -34.53 8.35
C ALA A 688 16.70 -34.19 9.58
N GLY A 689 17.08 -32.93 9.76
CA GLY A 689 17.97 -32.48 10.86
C GLY A 689 19.29 -33.23 10.87
N LEU A 690 19.87 -33.46 9.68
CA LEU A 690 21.12 -34.23 9.46
C LEU A 690 22.30 -33.51 10.13
N GLY A 691 22.29 -32.18 10.11
CA GLY A 691 23.42 -31.33 10.54
C GLY A 691 24.19 -30.80 9.33
N HIS A 692 25.18 -29.94 9.56
CA HIS A 692 25.92 -29.20 8.51
C HIS A 692 26.84 -30.16 7.72
N GLU A 693 27.73 -30.86 8.42
CA GLU A 693 28.78 -31.74 7.82
C GLU A 693 28.13 -32.76 6.87
N LYS A 694 27.06 -33.43 7.31
CA LYS A 694 26.38 -34.53 6.58
C LYS A 694 25.75 -33.98 5.29
N LEU A 695 25.22 -32.74 5.34
CA LEU A 695 24.65 -32.04 4.15
C LEU A 695 25.77 -31.68 3.17
N THR A 696 26.92 -31.21 3.68
CA THR A 696 28.11 -30.80 2.88
C THR A 696 28.62 -31.99 2.06
N GLN A 697 28.63 -33.19 2.66
CA GLN A 697 29.04 -34.46 2.00
C GLN A 697 28.10 -34.75 0.82
N ALA A 698 26.78 -34.68 1.05
CA ALA A 698 25.72 -34.94 0.06
C ALA A 698 25.84 -33.97 -1.13
N ARG A 699 26.26 -32.73 -0.86
CA ARG A 699 26.47 -31.67 -1.90
C ARG A 699 27.65 -32.08 -2.80
N ASN A 700 28.77 -32.49 -2.19
CA ASN A 700 30.01 -32.92 -2.91
C ASN A 700 29.70 -34.16 -3.76
N GLN A 701 28.92 -35.09 -3.21
CA GLN A 701 28.47 -36.34 -3.90
C GLN A 701 27.77 -35.96 -5.21
N LEU A 702 26.96 -34.89 -5.19
CA LEU A 702 26.25 -34.35 -6.38
C LEU A 702 27.28 -33.71 -7.33
N LEU A 703 28.14 -32.84 -6.79
CA LEU A 703 29.14 -32.02 -7.55
C LEU A 703 30.10 -32.94 -8.34
N ALA A 704 30.27 -34.20 -7.93
CA ALA A 704 31.14 -35.20 -8.58
C ALA A 704 30.71 -35.41 -10.05
N GLU A 705 29.45 -35.77 -10.28
CA GLU A 705 28.92 -36.13 -11.63
C GLU A 705 28.41 -34.89 -12.37
N ALA A 706 28.60 -33.69 -11.81
CA ALA A 706 28.40 -32.40 -12.50
C ALA A 706 29.52 -32.19 -13.53
N ALA A 707 30.74 -32.59 -13.19
CA ALA A 707 31.97 -32.44 -14.01
C ALA A 707 32.08 -33.59 -15.04
N LYS A 708 31.29 -34.65 -14.89
CA LYS A 708 31.34 -35.87 -15.74
C LYS A 708 30.69 -35.60 -17.11
N HIS A 709 29.94 -34.49 -17.24
CA HIS A 709 29.28 -34.06 -18.50
C HIS A 709 29.63 -32.60 -18.80
N PRO A 710 30.87 -32.30 -19.26
CA PRO A 710 31.23 -30.95 -19.69
C PRO A 710 30.46 -30.45 -20.93
N ASP A 711 30.00 -31.39 -21.77
CA ASP A 711 29.27 -31.11 -23.04
C ASP A 711 27.98 -30.33 -22.77
N MET A 712 27.36 -30.54 -21.61
CA MET A 712 26.02 -29.97 -21.24
C MET A 712 26.13 -29.05 -20.02
N LEU A 713 27.02 -29.35 -19.06
CA LEU A 713 27.09 -28.67 -17.74
C LEU A 713 28.52 -28.15 -17.51
N THR A 714 28.73 -26.84 -17.68
CA THR A 714 30.00 -26.13 -17.39
C THR A 714 29.83 -25.23 -16.16
N SER A 715 30.88 -25.09 -15.36
CA SER A 715 31.00 -24.11 -14.23
C SER A 715 29.96 -24.39 -13.15
N VAL A 716 29.61 -25.67 -12.91
CA VAL A 716 28.61 -26.10 -11.89
C VAL A 716 29.29 -26.01 -10.51
N ARG A 717 29.22 -24.82 -9.88
CA ARG A 717 29.92 -24.51 -8.60
C ARG A 717 28.89 -24.26 -7.50
N PRO A 718 29.20 -24.59 -6.22
CA PRO A 718 28.42 -24.10 -5.09
C PRO A 718 28.66 -22.60 -4.86
N ASN A 719 27.62 -21.87 -4.45
CA ASN A 719 27.64 -20.39 -4.28
C ASN A 719 28.17 -20.04 -2.89
N GLY A 720 27.84 -20.84 -1.88
CA GLY A 720 28.31 -20.67 -0.49
C GLY A 720 29.82 -20.88 -0.35
N LEU A 721 30.35 -20.71 0.85
CA LEU A 721 31.80 -20.85 1.16
C LEU A 721 32.06 -22.17 1.89
N GLU A 722 33.32 -22.62 1.89
CA GLU A 722 33.78 -23.87 2.57
C GLU A 722 34.12 -23.53 4.02
N ASP A 723 34.17 -24.55 4.88
CA ASP A 723 34.51 -24.42 6.32
C ASP A 723 35.98 -24.00 6.45
N THR A 724 36.31 -23.25 7.51
CA THR A 724 37.67 -22.69 7.77
C THR A 724 38.04 -22.89 9.24
N PRO A 725 39.34 -22.88 9.59
CA PRO A 725 39.76 -22.93 10.99
C PRO A 725 39.22 -21.74 11.78
N GLN A 726 38.71 -21.99 12.99
CA GLN A 726 38.17 -20.94 13.91
C GLN A 726 38.65 -21.23 15.32
N PHE A 727 39.15 -20.20 16.01
CA PHE A 727 39.79 -20.28 17.35
C PHE A 727 38.72 -20.49 18.42
N LYS A 728 38.45 -21.74 18.78
CA LYS A 728 37.52 -22.13 19.87
C LYS A 728 38.17 -21.78 21.21
N ILE A 729 37.45 -21.08 22.08
CA ILE A 729 37.91 -20.69 23.46
C ILE A 729 36.82 -21.05 24.47
N ASP A 730 37.17 -21.86 25.47
CA ASP A 730 36.27 -22.35 26.53
C ASP A 730 36.56 -21.59 27.83
N ILE A 731 35.51 -21.15 28.53
CA ILE A 731 35.59 -20.43 29.84
C ILE A 731 35.29 -21.44 30.96
N ASP A 732 36.30 -21.78 31.78
CA ASP A 732 36.15 -22.64 32.97
C ASP A 732 35.33 -21.86 34.01
N GLN A 733 34.08 -22.29 34.24
CA GLN A 733 33.11 -21.57 35.12
C GLN A 733 33.54 -21.69 36.59
N GLU A 734 34.06 -22.85 36.99
CA GLU A 734 34.53 -23.11 38.39
C GLU A 734 35.66 -22.13 38.73
N LYS A 735 36.66 -22.01 37.85
CA LYS A 735 37.87 -21.18 38.07
C LYS A 735 37.49 -19.69 38.07
N ALA A 736 36.50 -19.31 37.27
CA ALA A 736 35.92 -17.94 37.21
C ALA A 736 35.26 -17.61 38.56
N GLN A 737 34.37 -18.49 39.02
CA GLN A 737 33.65 -18.37 40.32
C GLN A 737 34.66 -18.38 41.48
N ALA A 738 35.70 -19.21 41.37
CA ALA A 738 36.78 -19.37 42.38
C ALA A 738 37.51 -18.03 42.59
N LEU A 739 37.91 -17.38 41.48
CA LEU A 739 38.70 -16.11 41.49
C LEU A 739 37.78 -14.92 41.79
N GLY A 740 36.49 -15.04 41.48
CA GLY A 740 35.47 -14.01 41.74
C GLY A 740 35.28 -13.07 40.55
N VAL A 741 35.77 -13.45 39.37
CA VAL A 741 35.58 -12.71 38.09
C VAL A 741 34.16 -12.98 37.58
N SER A 742 33.45 -11.93 37.14
CA SER A 742 32.12 -12.01 36.49
C SER A 742 32.25 -12.70 35.14
N ILE A 743 31.15 -13.27 34.62
CA ILE A 743 31.09 -13.94 33.29
C ILE A 743 30.83 -12.86 32.23
N ASN A 744 30.04 -11.84 32.58
CA ASN A 744 29.69 -10.69 31.70
C ASN A 744 30.96 -9.85 31.43
N ASP A 745 31.79 -9.66 32.46
CA ASP A 745 33.09 -8.94 32.36
C ASP A 745 34.01 -9.67 31.37
N ILE A 746 34.06 -11.00 31.44
CA ILE A 746 34.90 -11.88 30.57
C ILE A 746 34.43 -11.76 29.12
N ASN A 747 33.12 -11.81 28.88
CA ASN A 747 32.50 -11.83 27.54
C ASN A 747 32.58 -10.44 26.90
N THR A 748 32.33 -9.38 27.68
CA THR A 748 32.42 -7.96 27.23
C THR A 748 33.87 -7.65 26.82
N THR A 749 34.82 -7.91 27.73
CA THR A 749 36.28 -7.73 27.53
C THR A 749 36.71 -8.41 26.23
N LEU A 750 36.26 -9.66 26.01
CA LEU A 750 36.57 -10.47 24.81
C LEU A 750 35.89 -9.86 23.59
N GLY A 751 34.57 -9.65 23.67
CA GLY A 751 33.72 -9.16 22.57
C GLY A 751 34.12 -7.75 22.12
N ALA A 752 34.34 -6.84 23.08
CA ALA A 752 34.71 -5.44 22.84
C ALA A 752 36.08 -5.36 22.14
N ALA A 753 37.10 -5.99 22.71
CA ALA A 753 38.51 -5.94 22.26
C ALA A 753 38.65 -6.50 20.84
N TRP A 754 38.15 -7.72 20.61
CA TRP A 754 38.41 -8.53 19.38
C TRP A 754 37.32 -8.28 18.32
N GLY A 755 36.10 -7.94 18.74
CA GLY A 755 34.94 -7.77 17.85
C GLY A 755 34.57 -6.30 17.64
N GLY A 756 34.56 -5.52 18.73
CA GLY A 756 34.17 -4.09 18.72
C GLY A 756 32.83 -3.88 19.41
N SER A 757 32.72 -2.85 20.23
CA SER A 757 31.51 -2.50 21.04
C SER A 757 31.00 -1.10 20.64
N TYR A 758 29.79 -1.03 20.08
CA TYR A 758 29.04 0.22 19.81
C TYR A 758 28.49 0.76 21.13
N VAL A 759 29.21 1.69 21.76
CA VAL A 759 28.92 2.20 23.13
C VAL A 759 27.71 3.14 23.09
N ASN A 760 27.84 4.28 22.41
CA ASN A 760 26.76 5.29 22.26
C ASN A 760 27.07 6.21 21.09
N ASP A 761 26.29 7.27 20.89
CA ASP A 761 26.44 8.26 19.79
C ASP A 761 27.19 9.49 20.30
N PHE A 762 27.83 10.22 19.37
CA PHE A 762 28.45 11.55 19.58
C PHE A 762 28.11 12.44 18.38
N ILE A 763 28.49 13.72 18.43
CA ILE A 763 28.15 14.75 17.39
C ILE A 763 29.42 15.17 16.65
N ASP A 764 29.56 14.72 15.39
CA ASP A 764 30.71 15.06 14.51
C ASP A 764 30.30 16.19 13.55
N ARG A 765 30.65 17.43 13.89
CA ARG A 765 30.35 18.66 13.12
C ARG A 765 28.84 18.71 12.79
N GLY A 766 28.00 18.55 13.81
CA GLY A 766 26.54 18.78 13.72
C GLY A 766 25.74 17.52 13.46
N ARG A 767 26.37 16.45 12.95
CA ARG A 767 25.69 15.18 12.57
C ARG A 767 25.92 14.13 13.67
N VAL A 768 24.91 13.30 13.93
CA VAL A 768 24.97 12.15 14.88
C VAL A 768 25.78 11.03 14.22
N LYS A 769 26.80 10.53 14.92
CA LYS A 769 27.65 9.38 14.50
C LYS A 769 27.96 8.51 15.72
N LYS A 770 28.55 7.33 15.49
CA LYS A 770 28.70 6.26 16.51
C LYS A 770 30.04 6.39 17.24
N VAL A 771 30.15 5.74 18.40
CA VAL A 771 31.39 5.59 19.22
C VAL A 771 31.69 4.10 19.35
N TYR A 772 32.78 3.63 18.75
CA TYR A 772 33.21 2.20 18.77
C TYR A 772 34.45 2.05 19.65
N VAL A 773 34.34 1.25 20.71
CA VAL A 773 35.47 0.79 21.58
C VAL A 773 35.94 -0.57 21.06
N MET A 774 37.23 -0.69 20.77
CA MET A 774 37.87 -1.89 20.17
C MET A 774 39.37 -1.87 20.49
N SER A 775 40.05 -3.01 20.36
CA SER A 775 41.52 -3.14 20.53
C SER A 775 42.23 -2.55 19.30
N GLU A 776 43.39 -1.92 19.51
CA GLU A 776 44.33 -1.55 18.42
C GLU A 776 44.76 -2.83 17.71
N ALA A 777 44.89 -2.78 16.38
CA ALA A 777 45.07 -3.94 15.49
C ALA A 777 46.08 -4.95 16.07
N LYS A 778 47.25 -4.47 16.49
CA LYS A 778 48.44 -5.32 16.81
C LYS A 778 48.19 -6.25 18.01
N TYR A 779 47.19 -5.96 18.85
CA TYR A 779 46.87 -6.76 20.08
C TYR A 779 45.68 -7.70 19.83
N ARG A 780 45.29 -7.92 18.56
CA ARG A 780 44.19 -8.86 18.20
C ARG A 780 44.45 -9.46 16.81
N MET A 781 45.70 -9.79 16.51
CA MET A 781 46.14 -10.42 15.23
C MET A 781 46.58 -11.87 15.48
N LEU A 782 47.22 -12.14 16.62
CA LEU A 782 47.80 -13.47 16.98
C LEU A 782 46.95 -14.16 18.04
N PRO A 783 46.77 -15.50 17.98
CA PRO A 783 46.19 -16.27 19.07
C PRO A 783 46.84 -16.05 20.45
N ASP A 784 48.15 -15.78 20.48
CA ASP A 784 48.94 -15.55 21.73
C ASP A 784 48.49 -14.26 22.43
N ASP A 785 47.87 -13.32 21.70
CA ASP A 785 47.44 -12.00 22.22
C ASP A 785 46.21 -12.15 23.14
N ILE A 786 45.57 -13.32 23.15
CA ILE A 786 44.41 -13.63 24.05
C ILE A 786 44.84 -13.44 25.51
N GLY A 787 46.04 -13.92 25.85
CA GLY A 787 46.61 -13.89 27.21
C GLY A 787 47.04 -12.51 27.66
N ASP A 788 47.21 -11.57 26.72
CA ASP A 788 47.60 -10.15 27.00
C ASP A 788 46.48 -9.43 27.76
N TRP A 789 45.22 -9.88 27.62
CA TRP A 789 44.02 -9.20 28.15
C TRP A 789 43.75 -9.63 29.59
N TYR A 790 43.47 -8.67 30.48
CA TYR A 790 43.25 -8.85 31.92
C TYR A 790 41.82 -8.42 32.29
N VAL A 791 41.24 -9.10 33.27
CA VAL A 791 39.84 -8.89 33.78
C VAL A 791 39.92 -8.80 35.31
N ARG A 792 39.42 -7.70 35.90
CA ARG A 792 39.46 -7.45 37.36
C ARG A 792 38.38 -8.27 38.05
N ALA A 793 38.75 -9.04 39.08
CA ALA A 793 37.85 -9.87 39.91
C ALA A 793 37.24 -9.01 41.01
N ALA A 794 36.34 -9.60 41.82
CA ALA A 794 35.62 -8.95 42.94
C ALA A 794 36.61 -8.42 43.99
N ASP A 795 37.67 -9.19 44.26
CA ASP A 795 38.71 -8.86 45.28
C ASP A 795 39.58 -7.69 44.79
N GLY A 796 39.67 -7.50 43.46
CA GLY A 796 40.34 -6.34 42.83
C GLY A 796 41.60 -6.73 42.08
N GLN A 797 42.04 -8.00 42.17
CA GLN A 797 43.25 -8.52 41.49
C GLN A 797 42.98 -8.65 39.99
N MET A 798 43.94 -8.22 39.15
CA MET A 798 43.88 -8.32 37.67
C MET A 798 44.23 -9.75 37.26
N VAL A 799 43.23 -10.52 36.81
CA VAL A 799 43.37 -11.94 36.38
C VAL A 799 43.61 -11.96 34.87
N PRO A 800 44.69 -12.63 34.38
CA PRO A 800 44.90 -12.79 32.95
C PRO A 800 43.88 -13.78 32.35
N PHE A 801 43.60 -13.67 31.06
CA PHE A 801 42.58 -14.49 30.35
C PHE A 801 42.98 -15.97 30.42
N SER A 802 44.28 -16.25 30.39
CA SER A 802 44.88 -17.61 30.41
C SER A 802 44.52 -18.36 31.70
N ALA A 803 44.29 -17.63 32.81
CA ALA A 803 44.10 -18.19 34.17
C ALA A 803 42.77 -18.95 34.29
N PHE A 804 41.77 -18.62 33.45
CA PHE A 804 40.41 -19.23 33.49
C PHE A 804 39.95 -19.68 32.09
N SER A 805 40.84 -19.72 31.10
CA SER A 805 40.49 -20.03 29.68
C SER A 805 41.36 -21.17 29.14
N SER A 806 40.84 -21.89 28.14
CA SER A 806 41.53 -22.91 27.32
C SER A 806 41.06 -22.76 25.87
N SER A 807 41.89 -23.13 24.89
CA SER A 807 41.62 -22.92 23.45
C SER A 807 42.13 -24.09 22.60
N ARG A 808 41.58 -24.21 21.39
CA ARG A 808 41.95 -25.25 20.39
CA ARG A 808 41.89 -25.28 20.40
C ARG A 808 41.36 -24.86 19.03
N TRP A 809 42.01 -25.30 17.95
CA TRP A 809 41.57 -25.04 16.55
C TRP A 809 40.48 -26.06 16.18
N GLU A 810 39.32 -25.57 15.72
CA GLU A 810 38.23 -26.40 15.14
C GLU A 810 37.81 -25.77 13.81
N TYR A 811 36.93 -26.45 13.07
CA TYR A 811 36.39 -26.00 11.76
C TYR A 811 34.90 -25.67 11.92
N GLY A 812 34.39 -24.75 11.09
CA GLY A 812 33.00 -24.28 11.09
C GLY A 812 32.72 -23.37 9.90
N SER A 813 31.45 -23.24 9.51
CA SER A 813 30.99 -22.50 8.31
C SER A 813 31.04 -20.99 8.55
N PRO A 814 31.57 -20.20 7.60
CA PRO A 814 31.45 -18.74 7.63
C PRO A 814 30.25 -18.19 6.83
N ARG A 815 29.43 -19.08 6.27
CA ARG A 815 28.26 -18.76 5.42
C ARG A 815 27.23 -19.89 5.54
N LEU A 816 26.21 -19.71 6.39
CA LEU A 816 25.11 -20.69 6.63
C LEU A 816 23.86 -20.26 5.85
N GLU A 817 23.63 -20.88 4.70
CA GLU A 817 22.47 -20.61 3.80
C GLU A 817 21.27 -21.44 4.27
N ARG A 818 20.07 -20.86 4.23
CA ARG A 818 18.78 -21.54 4.56
C ARG A 818 17.76 -21.24 3.47
N TYR A 819 16.83 -22.16 3.22
CA TYR A 819 15.75 -22.07 2.20
C TYR A 819 14.44 -22.56 2.80
N ASN A 820 13.49 -21.64 3.02
CA ASN A 820 12.16 -21.89 3.65
C ASN A 820 12.36 -22.43 5.06
N GLY A 821 13.21 -21.77 5.86
CA GLY A 821 13.45 -22.08 7.27
C GLY A 821 14.19 -23.39 7.49
N LEU A 822 14.84 -23.92 6.45
CA LEU A 822 15.62 -25.20 6.50
C LEU A 822 17.04 -24.95 6.02
N PRO A 823 18.07 -25.54 6.66
CA PRO A 823 19.44 -25.44 6.17
C PRO A 823 19.55 -25.92 4.71
N SER A 824 20.17 -25.10 3.85
CA SER A 824 20.28 -25.35 2.39
C SER A 824 21.71 -25.02 1.90
N MET A 825 22.00 -25.37 0.64
CA MET A 825 23.27 -25.04 -0.06
C MET A 825 22.98 -24.78 -1.54
N GLU A 826 23.33 -23.59 -2.01
CA GLU A 826 23.01 -23.08 -3.38
C GLU A 826 24.10 -23.54 -4.36
N ILE A 827 23.68 -24.02 -5.54
CA ILE A 827 24.58 -24.55 -6.62
C ILE A 827 24.28 -23.82 -7.93
N LEU A 828 25.09 -22.80 -8.25
CA LEU A 828 25.04 -22.05 -9.54
C LEU A 828 25.65 -22.91 -10.65
N GLY A 829 25.71 -22.38 -11.87
CA GLY A 829 26.27 -23.07 -13.05
C GLY A 829 25.68 -22.54 -14.33
N GLN A 830 25.86 -23.26 -15.45
CA GLN A 830 25.43 -22.82 -16.80
C GLN A 830 25.48 -23.98 -17.79
N ALA A 831 24.75 -23.85 -18.90
CA ALA A 831 24.73 -24.79 -20.04
C ALA A 831 25.84 -24.41 -21.04
N ALA A 832 26.62 -25.38 -21.48
CA ALA A 832 27.72 -25.19 -22.47
C ALA A 832 27.13 -24.79 -23.81
N PRO A 833 27.89 -24.07 -24.69
CA PRO A 833 27.36 -23.57 -25.95
C PRO A 833 26.78 -24.69 -26.84
N GLY A 834 25.59 -24.47 -27.40
CA GLY A 834 24.84 -25.43 -28.22
C GLY A 834 23.65 -26.01 -27.49
N LYS A 835 23.79 -26.25 -26.18
CA LYS A 835 22.75 -26.87 -25.31
C LYS A 835 21.98 -25.74 -24.60
N SER A 836 20.64 -25.79 -24.67
CA SER A 836 19.71 -24.87 -23.95
C SER A 836 19.58 -25.33 -22.49
N THR A 837 19.31 -24.38 -21.58
CA THR A 837 19.19 -24.63 -20.11
C THR A 837 17.91 -25.43 -19.81
N GLY A 838 17.02 -25.58 -20.80
CA GLY A 838 15.88 -26.53 -20.75
C GLY A 838 16.35 -27.96 -20.56
N GLU A 839 17.43 -28.34 -21.24
CA GLU A 839 18.09 -29.67 -21.14
C GLU A 839 18.84 -29.78 -19.80
N ALA A 840 19.57 -28.73 -19.42
CA ALA A 840 20.49 -28.69 -18.26
C ALA A 840 19.72 -28.84 -16.94
N MET A 841 18.53 -28.23 -16.84
CA MET A 841 17.68 -28.27 -15.63
C MET A 841 17.07 -29.67 -15.48
N GLU A 842 16.85 -30.37 -16.59
CA GLU A 842 16.34 -31.77 -16.62
C GLU A 842 17.42 -32.72 -16.08
N LEU A 843 18.69 -32.44 -16.39
CA LEU A 843 19.87 -33.25 -15.99
C LEU A 843 20.13 -33.11 -14.49
N MET A 844 20.41 -31.88 -14.03
CA MET A 844 20.73 -31.55 -12.61
C MET A 844 19.75 -32.23 -11.66
N GLU A 845 18.45 -32.21 -12.00
CA GLU A 845 17.34 -32.77 -11.20
C GLU A 845 17.45 -34.31 -11.15
N GLN A 846 17.81 -34.94 -12.28
CA GLN A 846 17.89 -36.42 -12.41
C GLN A 846 19.15 -36.94 -11.68
N LEU A 847 20.21 -36.13 -11.61
CA LEU A 847 21.45 -36.45 -10.85
C LEU A 847 21.20 -36.24 -9.35
N ALA A 848 20.31 -35.30 -8.99
CA ALA A 848 19.92 -34.99 -7.59
C ALA A 848 19.13 -36.16 -6.99
N SER A 849 18.53 -37.00 -7.83
CA SER A 849 17.81 -38.24 -7.45
C SER A 849 18.75 -39.21 -6.71
N LYS A 850 20.06 -39.14 -7.00
CA LYS A 850 21.08 -40.12 -6.56
C LYS A 850 21.40 -39.96 -5.06
N LEU A 851 21.18 -38.76 -4.50
CA LEU A 851 21.65 -38.38 -3.13
C LEU A 851 20.97 -39.22 -2.06
N PRO A 852 21.51 -39.26 -0.82
CA PRO A 852 20.91 -40.02 0.27
C PRO A 852 19.59 -39.42 0.76
N THR A 853 18.79 -40.23 1.47
CA THR A 853 17.53 -39.80 2.13
C THR A 853 17.87 -38.95 3.35
N GLY A 854 17.02 -37.97 3.68
CA GLY A 854 17.30 -36.90 4.65
C GLY A 854 17.53 -35.58 3.94
N VAL A 855 18.16 -35.65 2.77
CA VAL A 855 18.33 -34.51 1.81
C VAL A 855 17.09 -34.43 0.92
N GLY A 856 16.66 -33.21 0.59
CA GLY A 856 15.69 -32.90 -0.47
C GLY A 856 16.26 -31.87 -1.42
N TYR A 857 15.44 -31.28 -2.29
CA TYR A 857 15.88 -30.24 -3.26
C TYR A 857 14.68 -29.41 -3.75
N ASP A 858 14.98 -28.32 -4.45
CA ASP A 858 14.01 -27.31 -4.95
C ASP A 858 14.72 -26.39 -5.95
N TRP A 859 13.97 -25.54 -6.65
CA TRP A 859 14.49 -24.51 -7.60
C TRP A 859 14.18 -23.10 -7.06
N THR A 860 14.94 -22.09 -7.51
CA THR A 860 14.85 -20.69 -7.02
C THR A 860 15.41 -19.73 -8.07
N GLY A 861 15.37 -18.42 -7.78
CA GLY A 861 15.98 -17.35 -8.58
C GLY A 861 15.31 -17.17 -9.93
N MET A 862 16.07 -16.76 -10.95
CA MET A 862 15.60 -16.58 -12.35
C MET A 862 15.25 -17.94 -12.95
N SER A 863 15.89 -19.01 -12.48
CA SER A 863 15.62 -20.42 -12.90
C SER A 863 14.17 -20.78 -12.57
N TYR A 864 13.66 -20.35 -11.41
CA TYR A 864 12.27 -20.60 -10.95
C TYR A 864 11.30 -19.79 -11.81
N GLN A 865 11.66 -18.54 -12.14
CA GLN A 865 10.89 -17.67 -13.07
C GLN A 865 10.86 -18.31 -14.46
N GLU A 866 11.96 -18.93 -14.88
CA GLU A 866 12.11 -19.62 -16.18
C GLU A 866 11.36 -20.96 -16.16
N ARG A 867 11.43 -21.68 -15.04
CA ARG A 867 10.84 -23.04 -14.85
C ARG A 867 9.31 -22.95 -14.96
N LEU A 868 8.68 -22.17 -14.06
CA LEU A 868 7.21 -21.96 -14.03
C LEU A 868 6.86 -20.64 -14.72
N SER A 869 7.27 -20.49 -15.99
CA SER A 869 6.81 -19.46 -16.94
C SER A 869 5.96 -20.12 -18.02
N GLY A 870 6.59 -20.93 -18.89
CA GLY A 870 5.94 -21.75 -19.92
C GLY A 870 5.34 -20.92 -21.04
N ASN A 871 4.87 -21.57 -22.09
CA ASN A 871 4.14 -20.96 -23.24
C ASN A 871 3.10 -21.94 -23.77
N GLN A 872 2.17 -21.46 -24.59
CA GLN A 872 1.06 -22.25 -25.18
C GLN A 872 1.00 -21.98 -26.69
N ALA A 873 2.14 -22.11 -27.38
CA ALA A 873 2.31 -21.83 -28.83
C ALA A 873 1.50 -22.83 -29.66
N PRO A 874 1.54 -24.15 -29.37
CA PRO A 874 0.68 -25.12 -30.07
C PRO A 874 -0.81 -24.81 -29.89
N SER A 875 -1.22 -24.39 -28.69
CA SER A 875 -2.64 -24.17 -28.29
C SER A 875 -3.21 -22.90 -28.93
N LEU A 876 -2.54 -21.75 -28.71
CA LEU A 876 -3.10 -20.40 -29.00
C LEU A 876 -2.99 -20.07 -30.49
N TYR A 877 -2.00 -20.60 -31.21
CA TYR A 877 -1.83 -20.40 -32.67
C TYR A 877 -2.72 -21.40 -33.44
N ALA A 878 -3.15 -22.48 -32.79
CA ALA A 878 -4.10 -23.48 -33.35
C ALA A 878 -5.50 -22.86 -33.42
N ILE A 879 -5.95 -22.24 -32.32
CA ILE A 879 -7.26 -21.52 -32.25
C ILE A 879 -7.18 -20.26 -33.13
N SER A 880 -6.02 -19.60 -33.17
CA SER A 880 -5.74 -18.43 -34.04
C SER A 880 -6.02 -18.80 -35.51
N LEU A 881 -5.48 -19.93 -35.96
CA LEU A 881 -5.70 -20.49 -37.32
C LEU A 881 -7.19 -20.79 -37.54
N ILE A 882 -7.85 -21.35 -36.53
CA ILE A 882 -9.28 -21.78 -36.57
C ILE A 882 -10.18 -20.55 -36.66
N VAL A 883 -9.93 -19.51 -35.85
CA VAL A 883 -10.77 -18.28 -35.77
C VAL A 883 -10.63 -17.48 -37.08
N VAL A 884 -9.44 -17.50 -37.70
CA VAL A 884 -9.18 -16.88 -39.03
C VAL A 884 -10.06 -17.55 -40.09
N PHE A 885 -10.12 -18.90 -40.09
CA PHE A 885 -10.93 -19.71 -41.03
C PHE A 885 -12.41 -19.32 -40.92
N LEU A 886 -12.91 -19.15 -39.70
CA LEU A 886 -14.33 -18.80 -39.40
C LEU A 886 -14.62 -17.40 -39.95
N CYS A 887 -13.77 -16.42 -39.65
CA CYS A 887 -13.92 -14.99 -40.05
C CYS A 887 -13.85 -14.87 -41.59
N LEU A 888 -13.00 -15.66 -42.24
CA LEU A 888 -12.88 -15.72 -43.73
C LEU A 888 -14.14 -16.36 -44.31
N ALA A 889 -14.69 -17.38 -43.66
CA ALA A 889 -15.91 -18.12 -44.08
C ALA A 889 -17.11 -17.16 -44.03
N ALA A 890 -17.16 -16.28 -43.03
CA ALA A 890 -18.20 -15.24 -42.85
C ALA A 890 -18.04 -14.16 -43.95
N LEU A 891 -16.80 -13.78 -44.26
CA LEU A 891 -16.45 -12.73 -45.26
C LEU A 891 -16.99 -13.11 -46.64
N TYR A 892 -16.72 -14.34 -47.09
CA TYR A 892 -17.06 -14.84 -48.44
C TYR A 892 -18.40 -15.58 -48.44
N GLU A 893 -18.94 -15.90 -47.25
CA GLU A 893 -20.14 -16.77 -47.08
C GLU A 893 -19.85 -18.10 -47.79
N SER A 894 -18.84 -18.83 -47.31
CA SER A 894 -18.33 -20.08 -47.93
C SER A 894 -17.34 -20.78 -46.97
N TRP A 895 -17.53 -22.08 -46.73
CA TRP A 895 -16.62 -22.93 -45.92
C TRP A 895 -15.35 -23.27 -46.71
N SER A 896 -15.45 -23.28 -48.05
CA SER A 896 -14.42 -23.82 -48.98
C SER A 896 -13.40 -22.73 -49.38
N ILE A 897 -13.87 -21.51 -49.68
CA ILE A 897 -13.05 -20.41 -50.28
C ILE A 897 -11.91 -20.02 -49.34
N PRO A 898 -12.14 -19.88 -48.00
CA PRO A 898 -11.07 -19.48 -47.09
C PRO A 898 -9.72 -20.21 -47.23
N PHE A 899 -9.75 -21.48 -47.66
CA PHE A 899 -8.53 -22.31 -47.92
C PHE A 899 -7.62 -21.61 -48.92
N SER A 900 -8.19 -20.94 -49.93
CA SER A 900 -7.45 -20.21 -51.00
C SER A 900 -6.61 -19.08 -50.40
N VAL A 901 -7.05 -18.51 -49.28
CA VAL A 901 -6.34 -17.42 -48.54
C VAL A 901 -5.30 -18.05 -47.59
N MET A 902 -5.69 -19.08 -46.83
CA MET A 902 -4.92 -19.62 -45.68
C MET A 902 -3.70 -20.44 -46.15
N LEU A 903 -3.61 -20.77 -47.44
CA LEU A 903 -2.48 -21.56 -48.01
C LEU A 903 -1.30 -20.64 -48.36
N VAL A 904 -1.39 -19.34 -48.10
CA VAL A 904 -0.28 -18.35 -48.34
C VAL A 904 0.59 -18.22 -47.09
N VAL A 905 0.18 -18.80 -45.96
CA VAL A 905 0.88 -18.67 -44.64
C VAL A 905 2.30 -19.26 -44.79
N PRO A 906 2.48 -20.47 -45.35
CA PRO A 906 3.82 -21.01 -45.59
C PRO A 906 4.73 -20.17 -46.52
N LEU A 907 4.17 -19.43 -47.47
CA LEU A 907 4.95 -18.62 -48.46
C LEU A 907 5.78 -17.56 -47.73
N GLY A 908 5.22 -16.95 -46.68
CA GLY A 908 5.86 -15.90 -45.87
C GLY A 908 6.86 -16.47 -44.86
N VAL A 909 6.67 -17.71 -44.43
CA VAL A 909 7.46 -18.36 -43.35
C VAL A 909 8.79 -18.88 -43.93
N ILE A 910 8.78 -19.39 -45.17
CA ILE A 910 9.98 -20.03 -45.82
C ILE A 910 11.08 -18.97 -45.97
N GLY A 911 10.73 -17.75 -46.39
CA GLY A 911 11.69 -16.63 -46.58
C GLY A 911 12.25 -16.15 -45.25
N ALA A 912 11.39 -16.01 -44.24
CA ALA A 912 11.72 -15.55 -42.87
C ALA A 912 12.71 -16.53 -42.23
N LEU A 913 12.42 -17.83 -42.29
CA LEU A 913 13.27 -18.93 -41.74
C LEU A 913 14.64 -18.89 -42.44
N LEU A 914 14.66 -18.75 -43.76
CA LEU A 914 15.90 -18.72 -44.60
C LEU A 914 16.77 -17.52 -44.19
N ALA A 915 16.15 -16.36 -43.95
CA ALA A 915 16.84 -15.10 -43.54
C ALA A 915 17.43 -15.24 -42.13
N ALA A 916 16.78 -16.02 -41.26
CA ALA A 916 17.24 -16.32 -39.88
C ALA A 916 18.37 -17.36 -39.91
N THR A 917 18.22 -18.39 -40.76
CA THR A 917 19.23 -19.45 -41.01
C THR A 917 20.48 -18.84 -41.63
N PHE A 918 20.30 -18.04 -42.69
CA PHE A 918 21.37 -17.40 -43.49
C PHE A 918 22.23 -16.50 -42.58
N ARG A 919 21.60 -15.63 -41.80
CA ARG A 919 22.28 -14.65 -40.90
C ARG A 919 22.64 -15.34 -39.58
N GLY A 920 22.03 -16.48 -39.27
CA GLY A 920 22.32 -17.28 -38.07
C GLY A 920 21.71 -16.67 -36.82
N LEU A 921 20.49 -16.15 -36.93
CA LEU A 921 19.66 -15.67 -35.78
C LEU A 921 18.85 -16.86 -35.22
N THR A 922 18.13 -16.65 -34.12
CA THR A 922 17.36 -17.69 -33.39
C THR A 922 15.86 -17.39 -33.49
N ASN A 923 15.03 -18.41 -33.18
CA ASN A 923 13.55 -18.30 -33.09
C ASN A 923 13.20 -17.60 -31.77
N ASP A 924 13.41 -16.28 -31.72
CA ASP A 924 13.20 -15.42 -30.52
C ASP A 924 11.81 -14.78 -30.59
N VAL A 925 11.45 -13.97 -29.59
CA VAL A 925 10.17 -13.20 -29.54
C VAL A 925 10.08 -12.32 -30.80
N TYR A 926 11.18 -11.65 -31.15
CA TYR A 926 11.27 -10.66 -32.26
C TYR A 926 11.05 -11.36 -33.62
N PHE A 927 11.48 -12.61 -33.76
CA PHE A 927 11.29 -13.43 -34.99
C PHE A 927 9.81 -13.79 -35.14
N GLN A 928 9.18 -14.26 -34.05
CA GLN A 928 7.76 -14.72 -34.02
C GLN A 928 6.82 -13.55 -34.34
N VAL A 929 6.96 -12.44 -33.62
CA VAL A 929 6.07 -11.24 -33.73
C VAL A 929 6.19 -10.65 -35.14
N GLY A 930 7.41 -10.62 -35.70
CA GLY A 930 7.69 -10.15 -37.08
C GLY A 930 7.11 -11.11 -38.12
N LEU A 931 7.09 -12.41 -37.81
CA LEU A 931 6.57 -13.48 -38.69
C LEU A 931 5.04 -13.39 -38.79
N LEU A 932 4.37 -12.95 -37.72
CA LEU A 932 2.90 -12.72 -37.69
C LEU A 932 2.53 -11.55 -38.60
N THR A 933 3.31 -10.45 -38.54
CA THR A 933 3.15 -9.23 -39.37
C THR A 933 3.26 -9.60 -40.86
N THR A 934 4.20 -10.49 -41.20
CA THR A 934 4.45 -11.01 -42.57
C THR A 934 3.23 -11.81 -43.04
N ILE A 935 2.68 -12.67 -42.18
CA ILE A 935 1.49 -13.52 -42.47
C ILE A 935 0.27 -12.61 -42.69
N GLY A 936 0.10 -11.60 -41.84
CA GLY A 936 -1.02 -10.64 -41.89
C GLY A 936 -1.13 -9.95 -43.24
N LEU A 937 -0.03 -9.34 -43.71
CA LEU A 937 0.04 -8.58 -44.98
C LEU A 937 -0.11 -9.53 -46.17
N SER A 938 0.53 -10.70 -46.11
CA SER A 938 0.44 -11.77 -47.14
C SER A 938 -0.99 -12.31 -47.21
N ALA A 939 -1.66 -12.44 -46.06
CA ALA A 939 -3.08 -12.85 -45.94
C ALA A 939 -3.99 -11.73 -46.47
N LYS A 940 -3.76 -10.49 -46.04
CA LYS A 940 -4.57 -9.30 -46.42
C LYS A 940 -4.57 -9.12 -47.94
N ASN A 941 -3.42 -9.29 -48.59
CA ASN A 941 -3.26 -9.15 -50.06
C ASN A 941 -3.93 -10.34 -50.77
N ALA A 942 -3.87 -11.52 -50.16
CA ALA A 942 -4.51 -12.77 -50.67
C ALA A 942 -6.04 -12.64 -50.60
N ILE A 943 -6.55 -12.03 -49.53
CA ILE A 943 -8.01 -11.78 -49.30
C ILE A 943 -8.55 -10.90 -50.44
N LEU A 944 -7.90 -9.76 -50.69
CA LEU A 944 -8.38 -8.72 -51.64
C LEU A 944 -8.29 -9.22 -53.09
N ILE A 945 -7.44 -10.22 -53.38
CA ILE A 945 -7.34 -10.85 -54.73
C ILE A 945 -8.60 -11.70 -54.95
N VAL A 946 -8.88 -12.64 -54.05
CA VAL A 946 -10.02 -13.61 -54.17
C VAL A 946 -11.34 -12.90 -53.86
N GLU A 947 -11.30 -11.74 -53.18
CA GLU A 947 -12.49 -10.87 -52.96
C GLU A 947 -12.87 -10.21 -54.30
N PHE A 948 -11.86 -9.72 -55.04
CA PHE A 948 -12.00 -9.09 -56.38
C PHE A 948 -12.42 -10.14 -57.41
N ALA A 949 -11.76 -11.30 -57.39
CA ALA A 949 -12.03 -12.45 -58.29
C ALA A 949 -13.48 -12.92 -58.13
N LYS A 950 -13.95 -13.02 -56.88
CA LYS A 950 -15.34 -13.43 -56.53
C LYS A 950 -16.32 -12.32 -56.96
N ASP A 951 -15.94 -11.05 -56.76
CA ASP A 951 -16.77 -9.86 -57.09
C ASP A 951 -17.06 -9.84 -58.61
N LEU A 952 -16.04 -10.10 -59.43
CA LEU A 952 -16.17 -10.16 -60.92
C LEU A 952 -17.05 -11.34 -61.33
N MET A 953 -16.93 -12.48 -60.63
CA MET A 953 -17.69 -13.73 -60.91
C MET A 953 -19.17 -13.55 -60.52
N ASP A 954 -19.44 -12.84 -59.42
CA ASP A 954 -20.81 -12.67 -58.85
C ASP A 954 -21.52 -11.50 -59.53
N LYS A 955 -21.01 -10.27 -59.33
CA LYS A 955 -21.69 -9.00 -59.73
C LYS A 955 -21.64 -8.84 -61.26
N GLU A 956 -20.48 -9.05 -61.88
CA GLU A 956 -20.25 -8.79 -63.33
C GLU A 956 -20.39 -10.09 -64.14
N GLY A 957 -20.54 -11.24 -63.46
CA GLY A 957 -20.90 -12.54 -64.08
C GLY A 957 -19.89 -13.00 -65.11
N LYS A 958 -18.62 -13.18 -64.71
CA LYS A 958 -17.52 -13.66 -65.58
C LYS A 958 -17.12 -15.07 -65.16
N GLY A 959 -16.32 -15.76 -66.00
CA GLY A 959 -15.79 -17.11 -65.74
C GLY A 959 -14.73 -17.11 -64.67
N LEU A 960 -14.21 -18.29 -64.30
CA LEU A 960 -13.24 -18.48 -63.19
C LEU A 960 -11.87 -17.91 -63.59
N ILE A 961 -11.30 -18.39 -64.70
CA ILE A 961 -9.93 -18.04 -65.16
C ILE A 961 -9.91 -16.56 -65.59
N GLU A 962 -10.93 -16.10 -66.32
CA GLU A 962 -11.02 -14.71 -66.85
C GLU A 962 -11.06 -13.72 -65.67
N ALA A 963 -11.82 -14.03 -64.62
CA ALA A 963 -12.00 -13.18 -63.41
C ALA A 963 -10.71 -13.20 -62.58
N THR A 964 -10.08 -14.37 -62.43
CA THR A 964 -8.82 -14.59 -61.67
C THR A 964 -7.72 -13.68 -62.23
N LEU A 965 -7.60 -13.60 -63.56
CA LEU A 965 -6.57 -12.78 -64.27
C LEU A 965 -6.87 -11.29 -64.10
N ASP A 966 -8.15 -10.90 -64.22
CA ASP A 966 -8.62 -9.50 -64.04
C ASP A 966 -8.41 -9.08 -62.59
N ALA A 967 -8.56 -10.01 -61.63
CA ALA A 967 -8.39 -9.77 -60.18
C ALA A 967 -6.92 -9.47 -59.87
N VAL A 968 -6.01 -10.39 -60.21
CA VAL A 968 -4.55 -10.31 -59.89
C VAL A 968 -3.94 -9.08 -60.59
N ARG A 969 -4.37 -8.79 -61.82
CA ARG A 969 -3.90 -7.63 -62.64
C ARG A 969 -4.16 -6.33 -61.86
N MET A 970 -5.38 -6.15 -61.35
CA MET A 970 -5.84 -4.94 -60.62
C MET A 970 -5.09 -4.82 -59.29
N ARG A 971 -4.75 -5.95 -58.67
CA ARG A 971 -4.13 -6.00 -57.30
C ARG A 971 -2.60 -6.04 -57.39
N LEU A 972 -2.02 -6.31 -58.56
CA LEU A 972 -0.55 -6.41 -58.77
C LEU A 972 0.14 -5.14 -58.24
N ARG A 973 -0.35 -3.97 -58.65
CA ARG A 973 0.27 -2.64 -58.37
C ARG A 973 0.27 -2.36 -56.87
N PRO A 974 -0.90 -2.33 -56.17
CA PRO A 974 -0.92 -1.98 -54.75
C PRO A 974 -0.16 -2.94 -53.83
N ILE A 975 0.01 -4.21 -54.23
CA ILE A 975 0.78 -5.24 -53.48
C ILE A 975 2.27 -4.83 -53.47
N LEU A 976 2.84 -4.58 -54.65
CA LEU A 976 4.27 -4.25 -54.85
C LEU A 976 4.58 -2.87 -54.23
N MET A 977 3.60 -1.96 -54.20
CA MET A 977 3.69 -0.63 -53.54
C MET A 977 3.88 -0.83 -52.03
N THR A 978 3.10 -1.74 -51.43
CA THR A 978 3.15 -2.08 -49.98
C THR A 978 4.43 -2.86 -49.67
N SER A 979 4.79 -3.81 -50.54
CA SER A 979 5.94 -4.75 -50.35
C SER A 979 7.27 -4.01 -50.41
N LEU A 980 7.48 -3.18 -51.45
CA LEU A 980 8.72 -2.38 -51.62
C LEU A 980 8.85 -1.36 -50.49
N ALA A 981 7.73 -0.71 -50.11
CA ALA A 981 7.66 0.33 -49.06
C ALA A 981 8.08 -0.26 -47.70
N PHE A 982 7.60 -1.47 -47.38
CA PHE A 982 7.80 -2.12 -46.05
C PHE A 982 9.19 -2.75 -45.97
N ILE A 983 9.70 -3.29 -47.08
CA ILE A 983 11.04 -3.95 -47.15
C ILE A 983 12.15 -2.89 -47.03
N LEU A 984 11.96 -1.72 -47.64
CA LEU A 984 12.90 -0.56 -47.51
C LEU A 984 12.73 0.10 -46.14
N GLY A 985 11.51 0.06 -45.58
CA GLY A 985 11.19 0.62 -44.25
C GLY A 985 11.92 -0.09 -43.13
N VAL A 986 12.16 -1.40 -43.28
CA VAL A 986 12.85 -2.27 -42.27
C VAL A 986 14.34 -2.40 -42.61
N MET A 987 14.80 -1.75 -43.70
CA MET A 987 16.22 -1.76 -44.12
C MET A 987 17.09 -1.09 -43.04
N PRO A 988 16.69 0.08 -42.48
CA PRO A 988 17.33 0.61 -41.28
C PRO A 988 17.62 -0.40 -40.16
N LEU A 989 16.66 -1.29 -39.86
CA LEU A 989 16.73 -2.26 -38.74
C LEU A 989 17.76 -3.36 -39.05
N VAL A 990 17.84 -3.80 -40.31
CA VAL A 990 18.76 -4.89 -40.77
C VAL A 990 20.20 -4.39 -40.65
N ILE A 991 20.49 -3.21 -41.19
CA ILE A 991 21.84 -2.55 -41.19
C ILE A 991 22.19 -2.12 -39.77
N SER A 992 21.18 -1.77 -38.95
CA SER A 992 21.30 -1.20 -37.58
C SER A 992 22.50 -1.80 -36.85
N THR A 993 23.40 -0.93 -36.37
CA THR A 993 24.49 -1.24 -35.39
C THR A 993 24.59 -0.09 -34.38
N GLY A 994 24.66 -0.43 -33.09
CA GLY A 994 24.65 0.55 -31.98
C GLY A 994 23.79 0.07 -30.83
N ALA A 995 23.22 1.00 -30.06
CA ALA A 995 22.43 0.74 -28.83
C ALA A 995 21.14 -0.02 -29.19
N GLY A 996 21.00 -1.25 -28.70
CA GLY A 996 19.81 -2.10 -28.87
C GLY A 996 19.61 -2.51 -30.32
N SER A 997 20.71 -2.84 -31.01
CA SER A 997 20.73 -3.26 -32.44
C SER A 997 20.60 -4.78 -32.55
N GLY A 998 20.78 -5.51 -31.44
CA GLY A 998 20.57 -6.97 -31.37
C GLY A 998 19.12 -7.34 -31.62
N ALA A 999 18.20 -6.57 -31.04
CA ALA A 999 16.73 -6.70 -31.24
C ALA A 999 16.36 -6.27 -32.66
N GLN A 1000 16.82 -5.08 -33.09
CA GLN A 1000 16.51 -4.46 -34.40
C GLN A 1000 16.90 -5.43 -35.54
N ASN A 1001 18.05 -6.10 -35.41
CA ASN A 1001 18.55 -7.10 -36.40
C ASN A 1001 17.58 -8.29 -36.46
N ALA A 1002 17.12 -8.78 -35.31
CA ALA A 1002 16.21 -9.94 -35.18
C ALA A 1002 14.85 -9.62 -35.82
N VAL A 1003 14.32 -8.41 -35.59
CA VAL A 1003 13.01 -7.94 -36.11
C VAL A 1003 13.11 -7.80 -37.64
N GLY A 1004 14.02 -6.94 -38.12
CA GLY A 1004 14.17 -6.55 -39.54
C GLY A 1004 14.43 -7.73 -40.45
N THR A 1005 15.33 -8.64 -40.05
CA THR A 1005 15.79 -9.80 -40.87
C THR A 1005 14.62 -10.78 -41.09
N GLY A 1006 13.89 -11.11 -40.02
CA GLY A 1006 12.71 -12.01 -40.05
C GLY A 1006 11.61 -11.48 -40.97
N VAL A 1007 11.40 -10.16 -40.98
CA VAL A 1007 10.39 -9.46 -41.82
C VAL A 1007 10.88 -9.45 -43.27
N MET A 1008 12.06 -8.87 -43.51
CA MET A 1008 12.64 -8.64 -44.86
C MET A 1008 12.72 -9.96 -45.63
N GLY A 1009 13.19 -11.03 -44.97
CA GLY A 1009 13.25 -12.39 -45.53
C GLY A 1009 11.88 -12.88 -45.95
N GLY A 1010 10.89 -12.77 -45.06
CA GLY A 1010 9.52 -13.27 -45.24
C GLY A 1010 8.77 -12.50 -46.32
N MET A 1011 8.85 -11.16 -46.29
CA MET A 1011 8.13 -10.25 -47.22
C MET A 1011 8.58 -10.51 -48.67
N VAL A 1012 9.88 -10.71 -48.88
CA VAL A 1012 10.49 -10.94 -50.23
C VAL A 1012 9.82 -12.16 -50.87
N THR A 1013 9.79 -13.30 -50.16
CA THR A 1013 9.13 -14.55 -50.61
C THR A 1013 7.62 -14.32 -50.71
N ALA A 1014 7.00 -13.89 -49.60
CA ALA A 1014 5.54 -13.65 -49.47
C ALA A 1014 5.01 -12.87 -50.68
N THR A 1015 5.72 -11.82 -51.11
CA THR A 1015 5.33 -10.94 -52.24
C THR A 1015 5.47 -11.71 -53.56
N VAL A 1016 6.68 -12.18 -53.89
CA VAL A 1016 7.04 -12.71 -55.24
C VAL A 1016 6.44 -14.10 -55.45
N LEU A 1017 6.07 -14.83 -54.38
CA LEU A 1017 5.47 -16.19 -54.47
C LEU A 1017 3.94 -16.06 -54.58
N ALA A 1018 3.31 -15.30 -53.67
CA ALA A 1018 1.84 -15.20 -53.51
C ALA A 1018 1.18 -14.71 -54.81
N ILE A 1019 1.80 -13.74 -55.51
CA ILE A 1019 1.23 -13.13 -56.75
C ILE A 1019 1.05 -14.21 -57.83
N PHE A 1020 1.76 -15.34 -57.74
CA PHE A 1020 1.65 -16.50 -58.66
C PHE A 1020 0.84 -17.64 -58.02
N PHE A 1021 0.93 -17.80 -56.69
CA PHE A 1021 0.38 -18.97 -55.95
C PHE A 1021 -1.08 -18.73 -55.53
N VAL A 1022 -1.47 -17.50 -55.22
CA VAL A 1022 -2.86 -17.14 -54.82
C VAL A 1022 -3.83 -17.50 -55.94
N PRO A 1023 -3.62 -17.05 -57.20
CA PRO A 1023 -4.49 -17.47 -58.31
C PRO A 1023 -4.54 -18.99 -58.52
N VAL A 1024 -3.47 -19.72 -58.19
CA VAL A 1024 -3.42 -21.21 -58.24
C VAL A 1024 -4.35 -21.77 -57.16
N PHE A 1025 -4.26 -21.26 -55.93
CA PHE A 1025 -5.05 -21.71 -54.76
C PHE A 1025 -6.55 -21.50 -55.03
N PHE A 1026 -6.92 -20.30 -55.50
CA PHE A 1026 -8.33 -19.90 -55.73
C PHE A 1026 -8.97 -20.79 -56.79
N VAL A 1027 -8.35 -20.91 -57.97
CA VAL A 1027 -8.89 -21.64 -59.15
C VAL A 1027 -9.01 -23.13 -58.82
N VAL A 1028 -8.07 -23.69 -58.07
CA VAL A 1028 -8.06 -25.14 -57.65
C VAL A 1028 -9.18 -25.36 -56.61
N VAL A 1029 -9.26 -24.51 -55.60
CA VAL A 1029 -10.21 -24.64 -54.44
C VAL A 1029 -11.64 -24.43 -54.94
N ARG A 1030 -11.87 -23.53 -55.90
CA ARG A 1030 -13.21 -23.25 -56.48
C ARG A 1030 -13.67 -24.42 -57.36
N ARG A 1031 -12.75 -24.97 -58.18
CA ARG A 1031 -13.03 -26.12 -59.09
C ARG A 1031 -13.32 -27.38 -58.26
N ARG A 1032 -12.62 -27.55 -57.13
CA ARG A 1032 -12.72 -28.76 -56.26
C ARG A 1032 -14.01 -28.73 -55.45
N PHE A 1033 -14.49 -27.53 -55.08
CA PHE A 1033 -15.70 -27.31 -54.22
C PHE A 1033 -16.71 -26.42 -54.95
N SER A 1034 -17.52 -27.02 -55.83
CA SER A 1034 -18.63 -26.36 -56.57
C SER A 1034 -19.38 -27.40 -57.43
N ARG A 1035 -20.38 -26.95 -58.20
CA ARG A 1035 -21.12 -27.78 -59.19
C ARG A 1035 -21.27 -27.06 -60.54
N LYS A 1036 -21.43 -25.72 -60.53
CA LYS A 1036 -22.03 -24.95 -61.67
C LYS A 1036 -21.05 -23.92 -62.25
N ASN A 1037 -20.61 -24.17 -63.49
CA ASN A 1037 -20.16 -23.18 -64.50
C ASN A 1037 -18.76 -22.65 -64.23
N GLU A 1038 -17.94 -22.59 -65.28
CA GLU A 1038 -16.66 -21.85 -65.38
C GLU A 1038 -16.79 -20.77 -66.46
N ASP A 1039 -18.02 -20.56 -66.96
CA ASP A 1039 -18.33 -19.78 -68.19
C ASP A 1039 -18.97 -18.44 -67.83
N ILE A 1040 -19.31 -17.63 -68.84
CA ILE A 1040 -19.91 -16.27 -68.70
C ILE A 1040 -21.40 -16.42 -68.37
N GLU A 1041 -21.94 -15.47 -67.59
CA GLU A 1041 -23.37 -15.37 -67.19
C GLU A 1041 -23.89 -13.97 -67.54
N HIS A 1042 -25.21 -13.78 -67.54
CA HIS A 1042 -25.90 -12.50 -67.88
C HIS A 1042 -25.63 -12.14 -69.35
N MET B 1 -31.48 12.34 -33.85
CA MET B 1 -31.68 11.94 -32.43
C MET B 1 -32.82 12.75 -31.80
N PRO B 2 -32.87 14.09 -31.96
CA PRO B 2 -34.08 14.85 -31.62
C PRO B 2 -35.34 14.30 -32.31
N ASN B 3 -35.23 13.91 -33.59
CA ASN B 3 -36.31 13.29 -34.38
C ASN B 3 -36.77 11.98 -33.71
N PHE B 4 -35.83 11.18 -33.21
CA PHE B 4 -36.07 9.88 -32.53
C PHE B 4 -37.02 10.09 -31.34
N PHE B 5 -36.75 11.10 -30.51
CA PHE B 5 -37.46 11.34 -29.22
C PHE B 5 -38.67 12.26 -29.43
N ILE B 6 -38.74 12.97 -30.56
CA ILE B 6 -39.96 13.74 -30.99
C ILE B 6 -41.09 12.74 -31.24
N ASP B 7 -40.79 11.62 -31.92
CA ASP B 7 -41.76 10.56 -32.29
C ASP B 7 -41.94 9.59 -31.12
N ARG B 8 -41.00 9.56 -30.17
CA ARG B 8 -41.02 8.66 -28.99
C ARG B 8 -40.92 9.49 -27.71
N PRO B 9 -41.98 10.26 -27.35
CA PRO B 9 -41.95 11.12 -26.16
C PRO B 9 -41.92 10.39 -24.80
N ILE B 10 -42.30 9.11 -24.75
CA ILE B 10 -42.32 8.29 -23.50
C ILE B 10 -40.88 7.91 -23.13
N PHE B 11 -40.10 7.43 -24.11
CA PHE B 11 -38.65 7.13 -23.98
C PHE B 11 -37.96 8.33 -23.31
N ALA B 12 -38.21 9.53 -23.85
CA ALA B 12 -37.67 10.82 -23.37
C ALA B 12 -38.03 11.01 -21.89
N TRP B 13 -39.28 10.70 -21.51
CA TRP B 13 -39.79 10.77 -20.12
C TRP B 13 -39.13 9.69 -19.26
N VAL B 14 -38.92 8.48 -19.80
CA VAL B 14 -38.24 7.34 -19.11
C VAL B 14 -36.82 7.78 -18.72
N ILE B 15 -36.08 8.37 -19.66
CA ILE B 15 -34.69 8.86 -19.45
C ILE B 15 -34.72 9.99 -18.40
N ALA B 16 -35.71 10.88 -18.48
CA ALA B 16 -35.91 12.01 -17.54
C ALA B 16 -36.14 11.47 -16.11
N ILE B 17 -36.87 10.36 -15.98
CA ILE B 17 -37.19 9.71 -14.68
C ILE B 17 -35.93 9.05 -14.12
N ILE B 18 -35.20 8.30 -14.95
CA ILE B 18 -33.94 7.58 -14.55
C ILE B 18 -32.93 8.60 -14.02
N ILE B 19 -32.75 9.71 -14.74
CA ILE B 19 -31.79 10.81 -14.40
C ILE B 19 -32.17 11.39 -13.02
N MET B 20 -33.48 11.61 -12.78
CA MET B 20 -34.00 12.22 -11.52
C MET B 20 -33.81 11.24 -10.35
N LEU B 21 -34.13 9.96 -10.55
CA LEU B 21 -33.99 8.89 -9.51
C LEU B 21 -32.51 8.76 -9.11
N ALA B 22 -31.60 8.78 -10.08
CA ALA B 22 -30.12 8.77 -9.86
C ALA B 22 -29.72 9.97 -9.01
N GLY B 23 -30.30 11.15 -9.30
CA GLY B 23 -30.05 12.40 -8.56
C GLY B 23 -30.57 12.33 -7.14
N GLY B 24 -31.84 11.94 -6.97
CA GLY B 24 -32.48 11.73 -5.66
C GLY B 24 -31.68 10.77 -4.80
N LEU B 25 -31.21 9.67 -5.39
CA LEU B 25 -30.33 8.66 -4.74
C LEU B 25 -29.01 9.33 -4.32
N ALA B 26 -28.40 10.11 -5.22
CA ALA B 26 -27.10 10.78 -5.03
C ALA B 26 -27.16 11.76 -3.85
N ILE B 27 -28.22 12.56 -3.78
CA ILE B 27 -28.40 13.63 -2.74
C ILE B 27 -28.43 13.00 -1.35
N LEU B 28 -28.99 11.79 -1.20
CA LEU B 28 -29.04 11.03 0.08
C LEU B 28 -27.63 10.52 0.43
N LYS B 29 -26.89 10.00 -0.57
CA LYS B 29 -25.65 9.20 -0.37
C LYS B 29 -24.39 10.05 -0.53
N LEU B 30 -24.50 11.28 -1.05
CA LEU B 30 -23.33 12.18 -1.29
C LEU B 30 -22.78 12.68 0.05
N PRO B 31 -21.43 12.72 0.23
CA PRO B 31 -20.84 13.33 1.41
C PRO B 31 -21.04 14.85 1.42
N VAL B 32 -20.94 15.47 2.60
CA VAL B 32 -21.17 16.93 2.80
C VAL B 32 -20.03 17.47 3.69
N ALA B 33 -19.34 18.51 3.21
CA ALA B 33 -18.21 19.19 3.89
C ALA B 33 -18.22 20.68 3.53
N GLN B 34 -17.28 21.46 4.09
CA GLN B 34 -17.07 22.89 3.75
C GLN B 34 -16.25 22.96 2.45
N TYR B 35 -15.08 22.32 2.44
CA TYR B 35 -14.18 22.17 1.27
C TYR B 35 -13.81 20.69 1.12
N PRO B 36 -13.34 20.24 -0.06
CA PRO B 36 -12.83 18.88 -0.23
C PRO B 36 -11.39 18.77 0.31
N THR B 37 -10.73 17.64 0.05
CA THR B 37 -9.28 17.43 0.33
C THR B 37 -8.47 18.18 -0.73
N ILE B 38 -7.82 19.28 -0.36
CA ILE B 38 -7.10 20.22 -1.26
C ILE B 38 -5.59 20.10 -1.00
N ALA B 39 -5.16 20.34 0.24
CA ALA B 39 -3.75 20.31 0.68
C ALA B 39 -3.14 18.94 0.38
N PRO B 40 -1.82 18.85 0.12
CA PRO B 40 -1.18 17.58 -0.21
C PRO B 40 -1.07 16.68 1.01
N PRO B 41 -1.04 15.33 0.86
CA PRO B 41 -0.95 14.44 2.01
C PRO B 41 0.34 14.69 2.79
N ALA B 42 0.23 14.87 4.12
CA ALA B 42 1.36 15.13 5.04
C ALA B 42 1.17 14.33 6.33
N VAL B 43 2.26 13.77 6.86
CA VAL B 43 2.28 12.90 8.07
C VAL B 43 3.26 13.49 9.08
N THR B 44 2.80 13.74 10.31
CA THR B 44 3.58 14.41 11.39
C THR B 44 3.94 13.40 12.49
N ILE B 45 5.22 13.05 12.59
CA ILE B 45 5.80 12.26 13.72
C ILE B 45 5.99 13.22 14.90
N SER B 46 5.47 12.87 16.08
CA SER B 46 5.49 13.71 17.31
C SER B 46 6.03 12.90 18.49
N ALA B 47 7.03 13.43 19.20
CA ALA B 47 7.67 12.82 20.39
C ALA B 47 7.84 13.87 21.50
N SER B 48 8.09 13.41 22.73
CA SER B 48 8.35 14.24 23.93
C SER B 48 9.57 13.72 24.67
N TYR B 49 10.20 14.57 25.49
CA TYR B 49 11.37 14.26 26.34
C TYR B 49 11.33 15.13 27.59
N PRO B 50 10.67 14.67 28.67
CA PRO B 50 10.53 15.46 29.91
C PRO B 50 11.82 16.17 30.35
N GLY B 51 11.79 17.51 30.38
CA GLY B 51 12.85 18.38 30.93
C GLY B 51 14.06 18.47 30.02
N ALA B 52 13.90 18.19 28.73
CA ALA B 52 14.98 18.23 27.71
C ALA B 52 15.00 19.59 27.01
N ASP B 53 16.19 20.10 26.72
CA ASP B 53 16.43 21.35 25.94
C ASP B 53 16.32 21.03 24.45
N ALA B 54 16.20 22.07 23.61
CA ALA B 54 16.02 21.99 22.14
C ALA B 54 17.14 21.14 21.50
N LYS B 55 18.38 21.34 21.95
CA LYS B 55 19.60 20.70 21.38
C LYS B 55 19.61 19.21 21.74
N THR B 56 19.37 18.88 23.01
CA THR B 56 19.27 17.49 23.54
C THR B 56 18.27 16.70 22.69
N VAL B 57 17.09 17.28 22.45
CA VAL B 57 15.97 16.67 21.66
C VAL B 57 16.46 16.42 20.23
N GLN B 58 17.09 17.41 19.60
CA GLN B 58 17.56 17.34 18.19
C GLN B 58 18.65 16.27 18.06
N ASP B 59 19.64 16.30 18.96
CA ASP B 59 20.87 15.46 18.90
C ASP B 59 20.53 13.99 19.16
N THR B 60 19.54 13.70 20.03
CA THR B 60 19.21 12.32 20.49
C THR B 60 17.99 11.77 19.77
N VAL B 61 16.99 12.60 19.43
CA VAL B 61 15.69 12.15 18.85
C VAL B 61 15.59 12.57 17.38
N THR B 62 15.55 13.88 17.10
CA THR B 62 15.18 14.46 15.78
C THR B 62 16.10 13.91 14.68
N GLN B 63 17.42 14.01 14.88
CA GLN B 63 18.45 13.60 13.87
C GLN B 63 18.38 12.09 13.63
N VAL B 64 18.07 11.30 14.67
CA VAL B 64 18.02 9.81 14.62
C VAL B 64 16.84 9.36 13.76
N ILE B 65 15.64 9.90 14.02
CA ILE B 65 14.39 9.57 13.26
C ILE B 65 14.58 10.03 11.81
N GLU B 66 15.01 11.28 11.61
CA GLU B 66 15.29 11.90 10.29
C GLU B 66 16.19 10.99 9.44
N GLN B 67 17.26 10.46 10.05
CA GLN B 67 18.29 9.62 9.37
C GLN B 67 17.68 8.29 8.89
N ASN B 68 16.61 7.82 9.54
CA ASN B 68 15.97 6.49 9.27
C ASN B 68 14.76 6.62 8.33
N MET B 69 14.33 7.84 8.00
CA MET B 69 13.18 8.09 7.08
C MET B 69 13.63 7.84 5.63
N ASN B 70 13.85 6.57 5.27
CA ASN B 70 14.41 6.16 3.95
C ASN B 70 13.50 5.11 3.29
N GLY B 71 13.52 5.04 1.96
CA GLY B 71 12.76 4.08 1.14
C GLY B 71 11.26 4.30 1.23
N ILE B 72 10.84 5.52 1.60
CA ILE B 72 9.41 5.94 1.70
C ILE B 72 9.01 6.59 0.37
N ASP B 73 7.89 6.14 -0.22
CA ASP B 73 7.48 6.48 -1.61
C ASP B 73 6.85 7.88 -1.66
N ASN B 74 7.13 8.61 -2.74
CA ASN B 74 6.44 9.86 -3.15
C ASN B 74 6.60 10.94 -2.07
N LEU B 75 7.81 11.12 -1.54
CA LEU B 75 8.15 12.20 -0.57
C LEU B 75 8.60 13.45 -1.36
N MET B 76 8.14 14.63 -0.96
CA MET B 76 8.49 15.94 -1.57
C MET B 76 9.56 16.63 -0.71
N TYR B 77 9.28 16.80 0.58
CA TYR B 77 10.20 17.42 1.58
C TYR B 77 9.83 16.96 3.00
N MET B 78 10.73 17.24 3.95
CA MET B 78 10.66 16.80 5.36
C MET B 78 11.22 17.91 6.26
N SER B 79 10.34 18.77 6.78
CA SER B 79 10.66 19.82 7.77
C SER B 79 10.48 19.26 9.18
N SER B 80 11.24 19.77 10.17
CA SER B 80 11.18 19.35 11.59
C SER B 80 11.59 20.49 12.52
N ASN B 81 10.96 20.55 13.70
CA ASN B 81 11.23 21.53 14.78
C ASN B 81 11.67 20.77 16.03
N SER B 82 12.63 21.33 16.79
CA SER B 82 13.13 20.80 18.09
C SER B 82 13.27 21.97 19.07
N ASP B 83 12.34 22.10 20.02
CA ASP B 83 12.19 23.29 20.90
C ASP B 83 12.44 22.91 22.36
N SER B 84 12.49 23.92 23.25
CA SER B 84 12.97 23.83 24.66
C SER B 84 11.85 23.37 25.60
N THR B 85 10.67 23.05 25.07
CA THR B 85 9.56 22.40 25.82
C THR B 85 9.81 20.89 25.90
N GLY B 86 10.91 20.41 25.30
CA GLY B 86 11.28 18.98 25.26
C GLY B 86 10.45 18.22 24.25
N THR B 87 10.18 18.85 23.10
CA THR B 87 9.24 18.35 22.05
C THR B 87 9.94 18.37 20.68
N VAL B 88 9.62 17.40 19.83
CA VAL B 88 10.03 17.35 18.39
C VAL B 88 8.79 17.08 17.54
N GLN B 89 8.72 17.71 16.36
CA GLN B 89 7.70 17.45 15.31
C GLN B 89 8.41 17.32 13.97
N ILE B 90 8.22 16.21 13.27
CA ILE B 90 8.83 15.91 11.93
C ILE B 90 7.68 15.70 10.94
N THR B 91 7.37 16.71 10.12
CA THR B 91 6.30 16.68 9.10
C THR B 91 6.88 16.24 7.76
N LEU B 92 6.49 15.05 7.29
CA LEU B 92 6.79 14.54 5.93
C LEU B 92 5.60 14.85 5.01
N THR B 93 5.78 15.80 4.09
CA THR B 93 4.76 16.21 3.08
C THR B 93 5.01 15.40 1.80
N PHE B 94 3.93 14.86 1.21
CA PHE B 94 3.98 13.88 0.08
C PHE B 94 3.39 14.50 -1.19
N GLU B 95 3.67 13.89 -2.33
CA GLU B 95 3.12 14.25 -3.67
C GLU B 95 1.59 14.18 -3.62
N SER B 96 0.92 15.06 -4.36
CA SER B 96 -0.56 15.11 -4.49
C SER B 96 -1.05 13.87 -5.24
N GLY B 97 -2.08 13.20 -4.71
CA GLY B 97 -2.65 11.95 -5.27
C GLY B 97 -2.01 10.72 -4.66
N THR B 98 -1.07 10.89 -3.72
CA THR B 98 -0.43 9.79 -2.94
C THR B 98 -1.45 9.26 -1.94
N ASP B 99 -1.58 7.93 -1.85
CA ASP B 99 -2.44 7.24 -0.86
C ASP B 99 -1.90 7.57 0.55
N ALA B 100 -2.61 8.45 1.27
CA ALA B 100 -2.22 8.99 2.59
C ALA B 100 -2.14 7.86 3.64
N ASP B 101 -2.89 6.77 3.42
CA ASP B 101 -2.88 5.55 4.30
C ASP B 101 -1.54 4.83 4.13
N ILE B 102 -1.12 4.61 2.88
CA ILE B 102 0.18 3.94 2.53
C ILE B 102 1.33 4.84 2.96
N ALA B 103 1.22 6.15 2.72
CA ALA B 103 2.25 7.17 3.07
C ALA B 103 2.50 7.17 4.58
N GLN B 104 1.44 6.99 5.38
CA GLN B 104 1.51 7.03 6.86
C GLN B 104 2.15 5.74 7.40
N VAL B 105 1.72 4.57 6.91
CA VAL B 105 2.18 3.24 7.40
C VAL B 105 3.67 3.07 7.06
N GLN B 106 4.11 3.58 5.91
CA GLN B 106 5.53 3.55 5.46
C GLN B 106 6.38 4.40 6.42
N VAL B 107 5.87 5.57 6.82
CA VAL B 107 6.52 6.49 7.81
C VAL B 107 6.48 5.84 9.20
N GLN B 108 5.33 5.26 9.56
CA GLN B 108 5.10 4.55 10.86
C GLN B 108 6.10 3.40 11.01
N ASN B 109 6.32 2.64 9.93
CA ASN B 109 7.13 1.39 9.91
C ASN B 109 8.62 1.73 10.12
N LYS B 110 9.15 2.74 9.42
CA LYS B 110 10.58 3.13 9.46
C LYS B 110 10.93 3.75 10.81
N LEU B 111 9.95 4.35 11.50
CA LEU B 111 10.10 4.89 12.89
C LEU B 111 10.29 3.71 13.86
N GLN B 112 9.45 2.68 13.74
CA GLN B 112 9.42 1.50 14.66
C GLN B 112 10.78 0.80 14.70
N LEU B 113 11.46 0.67 13.55
CA LEU B 113 12.80 0.03 13.44
C LEU B 113 13.88 0.99 13.97
N ALA B 114 13.57 2.28 14.06
CA ALA B 114 14.46 3.35 14.57
C ALA B 114 14.17 3.66 16.04
N MET B 115 13.16 3.01 16.63
CA MET B 115 12.72 3.25 18.04
C MET B 115 13.78 2.76 19.02
N PRO B 116 14.46 1.61 18.78
CA PRO B 116 15.56 1.17 19.64
C PRO B 116 16.77 2.11 19.73
N LEU B 117 16.87 3.08 18.81
CA LEU B 117 18.02 4.04 18.69
C LEU B 117 17.78 5.28 19.55
N LEU B 118 16.52 5.54 19.95
CA LEU B 118 16.13 6.75 20.73
C LEU B 118 16.49 6.53 22.21
N PRO B 119 16.53 7.60 23.04
CA PRO B 119 16.79 7.45 24.47
C PRO B 119 15.72 6.64 25.22
N GLN B 120 16.07 6.17 26.42
CA GLN B 120 15.18 5.39 27.33
C GLN B 120 13.89 6.17 27.61
N GLU B 121 14.02 7.46 27.92
CA GLU B 121 12.92 8.35 28.39
C GLU B 121 11.93 8.60 27.25
N VAL B 122 12.42 8.69 26.01
CA VAL B 122 11.61 8.96 24.78
C VAL B 122 10.85 7.68 24.39
N GLN B 123 11.54 6.53 24.40
CA GLN B 123 10.95 5.19 24.15
C GLN B 123 9.82 4.94 25.15
N GLN B 124 10.03 5.32 26.42
CA GLN B 124 9.05 5.16 27.53
C GLN B 124 7.82 6.03 27.24
N GLN B 125 8.04 7.32 26.97
CA GLN B 125 6.98 8.29 26.57
C GLN B 125 6.27 7.78 25.32
N GLY B 126 7.02 7.25 24.35
CA GLY B 126 6.52 6.76 23.06
C GLY B 126 6.35 7.89 22.06
N VAL B 127 6.22 7.55 20.77
CA VAL B 127 6.16 8.51 19.63
C VAL B 127 4.90 8.21 18.82
N SER B 128 4.15 9.25 18.45
CA SER B 128 2.86 9.16 17.71
C SER B 128 3.05 9.63 16.25
N VAL B 129 2.39 8.94 15.31
CA VAL B 129 2.36 9.29 13.86
C VAL B 129 0.89 9.52 13.46
N GLU B 130 0.59 10.71 12.92
CA GLU B 130 -0.78 11.17 12.59
C GLU B 130 -0.77 11.84 11.21
N LYS B 131 -1.88 11.76 10.47
CA LYS B 131 -2.09 12.52 9.20
C LYS B 131 -2.29 13.99 9.56
N SER B 132 -1.65 14.90 8.81
CA SER B 132 -1.61 16.37 9.07
C SER B 132 -2.63 17.09 8.20
N SER B 133 -3.85 17.24 8.71
CA SER B 133 -4.94 18.09 8.16
C SER B 133 -5.77 18.65 9.32
N SER B 134 -5.32 19.76 9.90
CA SER B 134 -5.96 20.44 11.06
C SER B 134 -7.25 21.16 10.61
N SER B 135 -7.86 20.71 9.51
CA SER B 135 -9.23 21.09 9.08
C SER B 135 -10.25 20.41 9.99
N PHE B 136 -10.56 21.04 11.13
CA PHE B 136 -11.57 20.59 12.12
C PHE B 136 -12.98 20.89 11.60
N LEU B 137 -13.92 19.98 11.84
CA LEU B 137 -15.38 20.21 11.61
C LEU B 137 -15.85 21.29 12.58
N MET B 138 -15.43 21.20 13.84
CA MET B 138 -15.78 22.16 14.93
C MET B 138 -14.85 21.94 16.13
N VAL B 139 -14.84 22.89 17.07
CA VAL B 139 -14.09 22.80 18.36
C VAL B 139 -15.09 23.04 19.49
N VAL B 140 -15.33 22.03 20.33
CA VAL B 140 -16.23 22.09 21.52
C VAL B 140 -15.40 22.53 22.72
N GLY B 141 -15.68 23.72 23.27
CA GLY B 141 -15.07 24.23 24.51
C GLY B 141 -15.84 23.75 25.73
N VAL B 142 -15.12 23.37 26.79
CA VAL B 142 -15.70 22.92 28.09
C VAL B 142 -15.12 23.82 29.19
N ILE B 143 -15.98 24.57 29.89
CA ILE B 143 -15.60 25.64 30.86
C ILE B 143 -16.21 25.31 32.24
N ASN B 144 -15.71 25.97 33.29
CA ASN B 144 -16.25 25.90 34.67
C ASN B 144 -16.52 27.32 35.16
N THR B 145 -17.80 27.65 35.41
CA THR B 145 -18.29 29.02 35.70
C THR B 145 -18.19 29.32 37.21
N ASP B 146 -18.52 28.33 38.06
CA ASP B 146 -18.63 28.51 39.54
C ASP B 146 -17.25 28.48 40.19
N GLY B 147 -16.19 28.12 39.45
CA GLY B 147 -14.79 28.14 39.90
C GLY B 147 -14.49 27.07 40.93
N THR B 148 -15.11 25.89 40.77
CA THR B 148 -14.92 24.69 41.64
C THR B 148 -13.90 23.74 41.01
N MET B 149 -13.53 23.96 39.74
CA MET B 149 -12.66 23.07 38.92
C MET B 149 -11.53 23.88 38.29
N THR B 150 -10.30 23.36 38.34
CA THR B 150 -9.13 23.81 37.54
C THR B 150 -9.26 23.24 36.13
N GLN B 151 -8.41 23.68 35.19
CA GLN B 151 -8.39 23.17 33.80
C GLN B 151 -7.98 21.69 33.81
N GLU B 152 -7.16 21.29 34.80
CA GLU B 152 -6.73 19.89 35.04
C GLU B 152 -7.96 19.01 35.32
N ASP B 153 -8.85 19.48 36.20
CA ASP B 153 -10.08 18.77 36.64
C ASP B 153 -11.05 18.66 35.46
N ILE B 154 -11.16 19.72 34.65
CA ILE B 154 -12.08 19.78 33.47
C ILE B 154 -11.60 18.78 32.41
N SER B 155 -10.32 18.87 32.02
CA SER B 155 -9.67 18.00 31.00
C SER B 155 -9.86 16.52 31.36
N ASP B 156 -9.67 16.18 32.63
CA ASP B 156 -9.76 14.78 33.15
C ASP B 156 -11.19 14.26 32.99
N TYR B 157 -12.20 15.07 33.34
CA TYR B 157 -13.64 14.72 33.21
C TYR B 157 -13.96 14.47 31.73
N VAL B 158 -13.54 15.40 30.86
CA VAL B 158 -13.76 15.34 29.38
C VAL B 158 -13.14 14.04 28.85
N ALA B 159 -11.92 13.72 29.30
CA ALA B 159 -11.15 12.53 28.88
C ALA B 159 -11.87 11.24 29.31
N ALA B 160 -12.29 11.18 30.57
CA ALA B 160 -12.91 9.99 31.21
C ALA B 160 -14.29 9.71 30.60
N ASN B 161 -15.14 10.73 30.51
CA ASN B 161 -16.60 10.60 30.26
C ASN B 161 -16.96 11.01 28.83
N MET B 162 -16.56 12.22 28.40
CA MET B 162 -17.06 12.88 27.16
C MET B 162 -16.34 12.34 25.91
N LYS B 163 -15.00 12.30 25.93
CA LYS B 163 -14.15 12.09 24.72
C LYS B 163 -14.58 10.81 23.97
N ASP B 164 -14.57 9.66 24.66
CA ASP B 164 -14.80 8.31 24.06
C ASP B 164 -16.16 8.27 23.38
N ALA B 165 -17.17 8.96 23.93
CA ALA B 165 -18.55 9.01 23.42
C ALA B 165 -18.61 9.84 22.13
N ILE B 166 -17.90 10.96 22.07
CA ILE B 166 -17.81 11.86 20.87
C ILE B 166 -17.12 11.08 19.75
N SER B 167 -16.10 10.27 20.09
CA SER B 167 -15.30 9.45 19.15
C SER B 167 -16.20 8.42 18.45
N ARG B 168 -17.10 7.79 19.20
CA ARG B 168 -18.00 6.70 18.70
C ARG B 168 -19.21 7.30 17.96
N THR B 169 -19.45 8.61 18.11
CA THR B 169 -20.58 9.35 17.45
C THR B 169 -20.47 9.18 15.93
N SER B 170 -21.62 9.11 15.24
CA SER B 170 -21.75 8.80 13.80
C SER B 170 -21.10 9.89 12.94
N GLY B 171 -20.13 9.50 12.10
CA GLY B 171 -19.49 10.37 11.10
C GLY B 171 -18.33 11.19 11.66
N VAL B 172 -17.87 10.86 12.87
CA VAL B 172 -16.72 11.54 13.55
C VAL B 172 -15.44 10.77 13.21
N GLY B 173 -14.54 11.40 12.45
CA GLY B 173 -13.30 10.77 11.95
C GLY B 173 -12.20 10.72 13.00
N ASP B 174 -12.04 11.80 13.78
CA ASP B 174 -10.94 11.97 14.76
C ASP B 174 -11.38 12.95 15.86
N VAL B 175 -10.94 12.71 17.09
CA VAL B 175 -11.20 13.58 18.28
C VAL B 175 -9.87 13.84 19.00
N GLN B 176 -9.64 15.08 19.44
CA GLN B 176 -8.36 15.55 20.01
C GLN B 176 -8.65 16.39 21.27
N LEU B 177 -8.23 15.89 22.44
CA LEU B 177 -8.40 16.56 23.76
C LEU B 177 -7.39 17.71 23.86
N PHE B 178 -7.87 18.93 24.13
CA PHE B 178 -7.04 20.14 24.35
C PHE B 178 -6.71 20.23 25.85
N GLY B 179 -5.54 19.72 26.23
CA GLY B 179 -5.15 19.43 27.63
C GLY B 179 -5.02 17.93 27.84
N SER B 180 -4.42 17.51 28.95
CA SER B 180 -4.21 16.08 29.32
C SER B 180 -5.10 15.70 30.49
N GLN B 181 -5.39 14.40 30.63
CA GLN B 181 -6.09 13.82 31.81
C GLN B 181 -5.13 13.83 33.01
N TYR B 182 -5.60 13.39 34.19
CA TYR B 182 -4.82 13.44 35.46
C TYR B 182 -3.52 12.65 35.33
N ALA B 183 -2.56 12.96 36.21
CA ALA B 183 -1.29 12.23 36.43
C ALA B 183 -0.95 12.31 37.93
N MET B 184 -0.41 11.22 38.49
CA MET B 184 0.00 11.16 39.92
C MET B 184 1.28 11.96 40.10
N ARG B 185 1.17 13.18 40.65
CA ARG B 185 2.31 14.12 40.85
C ARG B 185 2.91 13.91 42.24
N ILE B 186 4.18 13.51 42.29
CA ILE B 186 5.01 13.44 43.54
C ILE B 186 5.90 14.68 43.56
N TRP B 187 5.58 15.66 44.41
CA TRP B 187 6.33 16.94 44.56
C TRP B 187 7.39 16.80 45.66
N MET B 188 8.63 16.47 45.28
CA MET B 188 9.74 16.11 46.21
C MET B 188 10.21 17.36 46.97
N ASN B 189 10.64 17.15 48.23
CA ASN B 189 11.16 18.20 49.15
C ASN B 189 12.63 17.90 49.44
N PRO B 190 13.59 18.70 48.93
CA PRO B 190 15.01 18.39 49.06
C PRO B 190 15.55 18.46 50.50
N ASN B 191 14.98 19.31 51.34
CA ASN B 191 15.37 19.46 52.77
C ASN B 191 15.00 18.19 53.53
N GLU B 192 13.82 17.61 53.24
CA GLU B 192 13.32 16.36 53.84
C GLU B 192 14.11 15.17 53.30
N LEU B 193 14.38 15.13 51.99
CA LEU B 193 15.18 14.06 51.32
C LEU B 193 16.57 13.96 51.96
N ASN B 194 17.21 15.12 52.22
CA ASN B 194 18.57 15.21 52.83
C ASN B 194 18.51 14.77 54.30
N LYS B 195 17.40 15.06 54.99
CA LYS B 195 17.20 14.77 56.44
C LYS B 195 17.23 13.26 56.70
N PHE B 196 16.77 12.44 55.73
CA PHE B 196 16.67 10.96 55.85
C PHE B 196 17.73 10.27 54.97
N GLN B 197 18.67 11.03 54.41
CA GLN B 197 19.75 10.55 53.48
C GLN B 197 19.12 9.80 52.30
N LEU B 198 18.28 10.49 51.52
CA LEU B 198 17.60 9.93 50.32
C LEU B 198 17.77 10.89 49.13
N THR B 199 17.72 10.35 47.91
CA THR B 199 17.78 11.09 46.61
C THR B 199 16.48 10.85 45.85
N PRO B 200 16.22 11.60 44.76
CA PRO B 200 15.15 11.24 43.82
C PRO B 200 15.27 9.83 43.24
N VAL B 201 16.50 9.28 43.16
CA VAL B 201 16.78 7.90 42.67
C VAL B 201 16.07 6.90 43.59
N ASP B 202 16.18 7.09 44.90
CA ASP B 202 15.58 6.22 45.95
C ASP B 202 14.04 6.28 45.85
N VAL B 203 13.49 7.46 45.56
CA VAL B 203 12.02 7.69 45.37
C VAL B 203 11.56 6.91 44.13
N ILE B 204 12.28 7.04 43.01
CA ILE B 204 11.96 6.38 41.71
C ILE B 204 12.08 4.85 41.89
N THR B 205 13.11 4.38 42.57
CA THR B 205 13.36 2.94 42.86
C THR B 205 12.19 2.38 43.69
N ALA B 206 11.71 3.14 44.68
CA ALA B 206 10.62 2.76 45.61
C ALA B 206 9.29 2.67 44.85
N ILE B 207 8.99 3.66 44.00
CA ILE B 207 7.72 3.73 43.21
C ILE B 207 7.70 2.59 42.20
N LYS B 208 8.78 2.38 41.45
CA LYS B 208 8.91 1.32 40.41
C LYS B 208 8.78 -0.07 41.07
N ALA B 209 9.22 -0.21 42.32
CA ALA B 209 9.16 -1.45 43.11
C ALA B 209 7.74 -1.68 43.64
N GLN B 210 7.10 -0.63 44.17
CA GLN B 210 5.84 -0.71 44.97
C GLN B 210 4.63 -0.21 44.16
N ASN B 211 4.81 0.13 42.87
CA ASN B 211 3.71 0.45 41.92
C ASN B 211 3.95 -0.35 40.63
N ALA B 212 3.83 -1.68 40.72
CA ALA B 212 4.15 -2.63 39.62
C ALA B 212 3.06 -3.71 39.53
N GLN B 213 2.94 -4.31 38.34
CA GLN B 213 2.03 -5.44 38.03
C GLN B 213 2.87 -6.73 38.03
N VAL B 214 2.94 -7.41 39.18
CA VAL B 214 3.75 -8.64 39.38
C VAL B 214 3.01 -9.83 38.75
N ALA B 215 3.70 -10.60 37.91
CA ALA B 215 3.22 -11.87 37.31
C ALA B 215 3.52 -13.01 38.27
N ALA B 216 2.49 -13.55 38.94
CA ALA B 216 2.57 -14.73 39.84
C ALA B 216 2.40 -16.00 38.99
N GLY B 217 1.37 -16.81 39.26
CA GLY B 217 1.11 -18.07 38.54
C GLY B 217 -0.30 -18.59 38.78
N GLN B 218 -0.42 -19.90 39.05
CA GLN B 218 -1.72 -20.61 39.27
C GLN B 218 -1.56 -21.69 40.35
N LEU B 219 -2.53 -21.79 41.26
CA LEU B 219 -2.81 -23.01 42.05
C LEU B 219 -3.29 -24.10 41.09
N GLY B 220 -2.64 -25.27 41.11
CA GLY B 220 -3.01 -26.43 40.27
C GLY B 220 -2.89 -26.14 38.79
N GLY B 221 -1.83 -25.42 38.39
CA GLY B 221 -1.49 -25.14 36.98
C GLY B 221 -0.90 -26.36 36.29
N THR B 222 -1.10 -26.50 34.98
CA THR B 222 -0.58 -27.63 34.17
C THR B 222 0.93 -27.46 33.98
N PRO B 223 1.75 -28.53 34.11
CA PRO B 223 1.27 -29.88 34.41
C PRO B 223 1.00 -30.07 35.89
N PRO B 224 -0.16 -30.63 36.30
CA PRO B 224 -0.52 -30.75 37.71
C PRO B 224 -0.12 -32.09 38.33
N VAL B 225 -0.34 -32.24 39.64
CA VAL B 225 -0.36 -33.56 40.34
C VAL B 225 -1.75 -34.17 40.10
N LYS B 226 -1.81 -35.37 39.53
CA LYS B 226 -3.09 -36.09 39.23
C LYS B 226 -3.90 -36.20 40.52
N GLY B 227 -5.19 -35.85 40.46
CA GLY B 227 -6.12 -35.81 41.61
C GLY B 227 -6.26 -34.41 42.18
N GLN B 228 -5.86 -33.38 41.43
CA GLN B 228 -6.01 -31.95 41.81
C GLN B 228 -7.49 -31.57 41.73
N GLN B 229 -8.00 -30.85 42.74
CA GLN B 229 -9.43 -30.48 42.88
C GLN B 229 -9.67 -29.09 42.26
N LEU B 230 -8.86 -28.10 42.67
CA LEU B 230 -9.05 -26.67 42.33
C LEU B 230 -7.96 -26.20 41.37
N ASN B 231 -8.32 -25.31 40.44
CA ASN B 231 -7.40 -24.58 39.53
C ASN B 231 -7.79 -23.10 39.52
N ALA B 232 -7.01 -22.25 40.21
CA ALA B 232 -7.31 -20.82 40.42
C ALA B 232 -6.07 -19.97 40.09
N SER B 233 -6.28 -18.83 39.41
CA SER B 233 -5.25 -17.82 39.08
C SER B 233 -4.77 -17.14 40.36
N ILE B 234 -3.47 -16.91 40.50
CA ILE B 234 -2.84 -16.24 41.68
C ILE B 234 -2.63 -14.75 41.34
N ILE B 235 -3.15 -13.86 42.19
CA ILE B 235 -2.99 -12.38 42.09
C ILE B 235 -2.01 -11.95 43.18
N ALA B 236 -0.81 -11.50 42.79
CA ALA B 236 0.21 -10.91 43.69
C ALA B 236 -0.01 -9.39 43.74
N GLN B 237 1.06 -8.59 43.67
CA GLN B 237 1.01 -7.12 43.64
C GLN B 237 0.45 -6.65 42.29
N THR B 238 -0.48 -5.70 42.32
CA THR B 238 -1.01 -4.97 41.13
C THR B 238 -0.75 -3.47 41.31
N ARG B 239 -1.05 -2.67 40.29
CA ARG B 239 -0.83 -1.18 40.29
C ARG B 239 -1.61 -0.53 41.43
N LEU B 240 -1.09 0.57 41.99
CA LEU B 240 -1.75 1.40 43.02
C LEU B 240 -2.84 2.24 42.34
N THR B 241 -3.80 2.76 43.11
CA THR B 241 -5.06 3.37 42.58
C THR B 241 -5.36 4.74 43.18
N SER B 242 -4.63 5.20 44.19
CA SER B 242 -4.97 6.44 44.95
C SER B 242 -3.72 7.14 45.50
N THR B 243 -3.89 8.39 45.94
CA THR B 243 -2.84 9.26 46.54
C THR B 243 -2.40 8.69 47.90
N GLU B 244 -3.35 8.14 48.67
CA GLU B 244 -3.10 7.49 49.99
C GLU B 244 -2.10 6.34 49.81
N GLU B 245 -2.35 5.48 48.80
CA GLU B 245 -1.52 4.28 48.48
C GLU B 245 -0.11 4.71 48.11
N PHE B 246 0.03 5.79 47.32
CA PHE B 246 1.34 6.36 46.90
C PHE B 246 2.01 7.01 48.11
N GLY B 247 1.23 7.63 49.01
CA GLY B 247 1.70 8.24 50.26
C GLY B 247 2.34 7.23 51.21
N LYS B 248 1.81 5.99 51.24
CA LYS B 248 2.21 4.93 52.19
C LYS B 248 3.30 4.04 51.58
N ILE B 249 3.88 4.44 50.43
CA ILE B 249 5.08 3.77 49.83
C ILE B 249 6.25 3.92 50.80
N LEU B 250 6.85 2.80 51.22
CA LEU B 250 7.95 2.76 52.21
C LEU B 250 9.28 3.01 51.51
N LEU B 251 9.95 4.13 51.84
CA LEU B 251 11.29 4.50 51.30
C LEU B 251 12.38 3.85 52.15
N LYS B 252 12.23 3.89 53.48
CA LYS B 252 13.30 3.49 54.45
C LYS B 252 12.69 2.95 55.74
N VAL B 253 13.45 2.09 56.44
CA VAL B 253 13.21 1.65 57.85
C VAL B 253 14.47 1.99 58.65
N ASN B 254 14.37 2.92 59.61
CA ASN B 254 15.51 3.43 60.42
C ASN B 254 15.96 2.36 61.41
N GLN B 255 17.08 2.59 62.09
CA GLN B 255 17.74 1.64 63.04
C GLN B 255 16.75 1.21 64.13
N ASP B 256 15.98 2.16 64.68
CA ASP B 256 15.10 1.95 65.87
C ASP B 256 13.82 1.20 65.48
N GLY B 257 13.46 1.20 64.18
CA GLY B 257 12.27 0.49 63.66
C GLY B 257 11.24 1.44 63.06
N SER B 258 11.33 2.74 63.39
CA SER B 258 10.46 3.81 62.85
C SER B 258 10.67 3.94 61.34
N ARG B 259 9.66 4.46 60.63
CA ARG B 259 9.51 4.36 59.15
C ARG B 259 9.71 5.72 58.49
N VAL B 260 10.12 5.72 57.21
CA VAL B 260 10.14 6.91 56.30
C VAL B 260 9.33 6.56 55.05
N LEU B 261 8.22 7.27 54.83
CA LEU B 261 7.30 7.06 53.68
C LEU B 261 7.51 8.17 52.63
N LEU B 262 6.92 8.00 51.45
CA LEU B 262 7.03 8.97 50.31
C LEU B 262 6.32 10.28 50.68
N ARG B 263 5.25 10.20 51.48
CA ARG B 263 4.44 11.37 51.93
C ARG B 263 5.27 12.24 52.89
N ASP B 264 6.25 11.65 53.58
CA ASP B 264 7.09 12.34 54.60
C ASP B 264 8.13 13.23 53.92
N VAL B 265 8.42 13.01 52.63
CA VAL B 265 9.48 13.75 51.87
C VAL B 265 8.90 14.39 50.60
N ALA B 266 7.58 14.36 50.39
CA ALA B 266 6.93 14.88 49.16
C ALA B 266 5.43 15.11 49.37
N LYS B 267 4.90 16.20 48.80
CA LYS B 267 3.44 16.45 48.62
C LYS B 267 2.95 15.56 47.47
N ILE B 268 1.76 14.95 47.63
CA ILE B 268 1.17 13.99 46.66
C ILE B 268 -0.26 14.43 46.34
N GLU B 269 -0.58 14.56 45.04
CA GLU B 269 -1.93 14.96 44.54
C GLU B 269 -2.09 14.51 43.08
N LEU B 270 -3.34 14.40 42.63
CA LEU B 270 -3.69 14.27 41.19
C LEU B 270 -3.54 15.66 40.53
N GLY B 271 -2.84 15.73 39.39
CA GLY B 271 -2.62 16.97 38.63
C GLY B 271 -2.46 16.67 37.14
N GLY B 272 -2.14 17.70 36.35
CA GLY B 272 -1.93 17.58 34.89
C GLY B 272 -0.61 16.89 34.59
N GLU B 273 -0.49 16.31 33.39
CA GLU B 273 0.77 15.69 32.88
C GLU B 273 1.84 16.78 32.72
N ASN B 274 1.43 17.98 32.27
CA ASN B 274 2.29 19.18 32.16
C ASN B 274 1.48 20.43 32.48
N TYR B 275 2.16 21.54 32.77
CA TYR B 275 1.56 22.85 33.17
C TYR B 275 2.09 23.95 32.25
N ASP B 276 2.45 23.61 31.01
CA ASP B 276 2.98 24.55 29.98
C ASP B 276 1.86 25.46 29.49
N ILE B 277 0.67 24.89 29.25
CA ILE B 277 -0.53 25.60 28.70
C ILE B 277 -1.43 26.02 29.85
N ILE B 278 -1.96 27.25 29.79
CA ILE B 278 -3.06 27.77 30.65
C ILE B 278 -4.20 28.23 29.73
N ALA B 279 -5.22 27.39 29.55
CA ALA B 279 -6.40 27.64 28.70
C ALA B 279 -7.47 28.38 29.51
N GLU B 280 -8.02 29.46 28.93
CA GLU B 280 -9.12 30.27 29.53
C GLU B 280 -10.11 30.67 28.43
N PHE B 281 -11.41 30.66 28.76
CA PHE B 281 -12.53 31.08 27.88
C PHE B 281 -13.31 32.19 28.58
N ASN B 282 -13.01 33.44 28.23
CA ASN B 282 -13.55 34.67 28.88
C ASN B 282 -13.12 34.69 30.35
N GLY B 283 -11.83 34.50 30.61
CA GLY B 283 -11.21 34.55 31.95
C GLY B 283 -11.79 33.50 32.89
N GLN B 284 -12.05 32.29 32.37
CA GLN B 284 -12.59 31.13 33.15
C GLN B 284 -11.86 29.86 32.74
N PRO B 285 -11.41 29.01 33.69
CA PRO B 285 -10.74 27.75 33.35
C PRO B 285 -11.49 26.94 32.30
N ALA B 286 -10.78 26.41 31.30
CA ALA B 286 -11.38 25.76 30.11
C ALA B 286 -10.49 24.63 29.58
N SER B 287 -11.13 23.67 28.89
CA SER B 287 -10.51 22.62 28.02
C SER B 287 -11.32 22.57 26.72
N GLY B 288 -11.21 21.50 25.94
CA GLY B 288 -12.02 21.33 24.71
C GLY B 288 -11.73 20.07 23.94
N LEU B 289 -12.49 19.85 22.86
CA LEU B 289 -12.36 18.70 21.91
C LEU B 289 -12.35 19.23 20.48
N GLY B 290 -11.20 19.12 19.79
CA GLY B 290 -11.07 19.36 18.35
C GLY B 290 -11.55 18.16 17.56
N ILE B 291 -12.70 18.27 16.89
CA ILE B 291 -13.38 17.16 16.17
C ILE B 291 -13.14 17.32 14.67
N LYS B 292 -12.80 16.21 13.99
CA LYS B 292 -12.57 16.13 12.52
C LYS B 292 -13.61 15.20 11.91
N LEU B 293 -14.06 15.50 10.68
CA LEU B 293 -15.11 14.75 9.95
C LEU B 293 -14.48 13.49 9.33
N ALA B 294 -15.15 12.35 9.48
CA ALA B 294 -14.75 11.04 8.89
C ALA B 294 -14.84 11.12 7.36
N THR B 295 -14.05 10.31 6.66
CA THR B 295 -14.01 10.24 5.17
C THR B 295 -15.38 9.79 4.64
N GLY B 296 -15.95 10.54 3.71
CA GLY B 296 -17.24 10.25 3.07
C GLY B 296 -18.42 10.42 4.02
N ALA B 297 -18.26 11.25 5.06
CA ALA B 297 -19.28 11.52 6.09
C ALA B 297 -20.04 12.81 5.74
N ASN B 298 -21.10 13.12 6.50
CA ASN B 298 -21.97 14.30 6.33
C ASN B 298 -21.70 15.30 7.47
N ALA B 299 -21.25 16.51 7.13
CA ALA B 299 -20.84 17.58 8.07
C ALA B 299 -22.03 18.05 8.90
N LEU B 300 -23.23 18.05 8.30
CA LEU B 300 -24.49 18.54 8.95
C LEU B 300 -24.98 17.49 9.97
N ASP B 301 -25.04 16.22 9.56
CA ASP B 301 -25.52 15.08 10.39
C ASP B 301 -24.59 14.89 11.59
N THR B 302 -23.28 14.81 11.33
CA THR B 302 -22.22 14.62 12.36
C THR B 302 -22.31 15.74 13.40
N ALA B 303 -22.43 17.00 12.94
CA ALA B 303 -22.54 18.21 13.79
C ALA B 303 -23.75 18.08 14.72
N ALA B 304 -24.93 17.79 14.16
CA ALA B 304 -26.21 17.62 14.88
C ALA B 304 -26.09 16.46 15.88
N ALA B 305 -25.44 15.36 15.46
CA ALA B 305 -25.25 14.13 16.27
C ALA B 305 -24.33 14.42 17.47
N ILE B 306 -23.28 15.21 17.26
CA ILE B 306 -22.31 15.63 18.33
C ILE B 306 -23.08 16.44 19.39
N ARG B 307 -23.94 17.36 18.95
CA ARG B 307 -24.76 18.24 19.82
C ARG B 307 -25.77 17.39 20.61
N ALA B 308 -26.29 16.33 19.99
CA ALA B 308 -27.25 15.36 20.60
C ALA B 308 -26.58 14.58 21.73
N GLU B 309 -25.34 14.12 21.51
CA GLU B 309 -24.55 13.32 22.49
C GLU B 309 -24.17 14.19 23.69
N LEU B 310 -23.74 15.43 23.45
CA LEU B 310 -23.37 16.42 24.50
C LEU B 310 -24.61 16.77 25.34
N ALA B 311 -25.79 16.81 24.72
CA ALA B 311 -27.08 17.15 25.37
C ALA B 311 -27.51 16.04 26.32
N LYS B 312 -27.10 14.79 26.07
CA LYS B 312 -27.46 13.60 26.88
C LYS B 312 -26.39 13.35 27.96
N MET B 313 -25.27 14.09 27.92
CA MET B 313 -24.23 14.11 28.98
C MET B 313 -24.55 15.22 29.99
N GLU B 314 -25.47 16.13 29.64
CA GLU B 314 -25.90 17.29 30.47
C GLU B 314 -26.20 16.85 31.91
N PRO B 315 -27.11 15.87 32.13
CA PRO B 315 -27.52 15.51 33.49
C PRO B 315 -26.44 14.83 34.37
N PHE B 316 -25.28 14.49 33.80
CA PHE B 316 -24.16 13.78 34.50
C PHE B 316 -22.99 14.73 34.78
N PHE B 317 -23.02 15.96 34.26
CA PHE B 317 -21.95 16.98 34.45
C PHE B 317 -21.87 17.40 35.92
N PRO B 318 -20.66 17.66 36.46
CA PRO B 318 -20.52 18.37 37.73
C PRO B 318 -21.08 19.80 37.65
N SER B 319 -21.23 20.45 38.81
CA SER B 319 -21.77 21.84 38.95
C SER B 319 -20.77 22.85 38.37
N GLY B 320 -21.26 23.75 37.50
CA GLY B 320 -20.46 24.83 36.90
C GLY B 320 -20.05 24.54 35.46
N LEU B 321 -20.06 23.27 35.06
CA LEU B 321 -19.60 22.82 33.71
C LEU B 321 -20.63 23.25 32.66
N LYS B 322 -20.17 23.86 31.55
CA LYS B 322 -21.01 24.29 30.42
C LYS B 322 -20.25 24.04 29.10
N ILE B 323 -20.98 23.65 28.05
CA ILE B 323 -20.45 23.47 26.67
C ILE B 323 -20.52 24.82 25.94
N VAL B 324 -19.47 25.15 25.18
CA VAL B 324 -19.41 26.34 24.28
C VAL B 324 -18.82 25.88 22.94
N TYR B 325 -19.10 26.64 21.86
CA TYR B 325 -18.76 26.29 20.46
C TYR B 325 -17.97 27.43 19.82
N PRO B 326 -16.72 27.68 20.27
CA PRO B 326 -15.90 28.78 19.75
C PRO B 326 -15.59 28.73 18.24
N TYR B 327 -15.59 27.54 17.64
CA TYR B 327 -15.33 27.30 16.20
C TYR B 327 -16.32 26.28 15.66
N ASP B 328 -16.89 26.53 14.47
CA ASP B 328 -17.86 25.64 13.79
C ASP B 328 -17.94 25.99 12.30
N THR B 329 -17.73 25.00 11.42
CA THR B 329 -17.74 25.14 9.94
C THR B 329 -19.13 24.80 9.37
N THR B 330 -20.04 24.28 10.20
CA THR B 330 -21.41 23.84 9.82
C THR B 330 -22.18 25.02 9.22
N PRO B 331 -22.24 26.20 9.88
CA PRO B 331 -22.92 27.38 9.33
C PRO B 331 -22.70 27.63 7.84
N PHE B 332 -21.46 27.50 7.36
CA PHE B 332 -21.02 27.85 5.99
C PHE B 332 -21.50 26.79 4.99
N VAL B 333 -21.56 25.52 5.42
CA VAL B 333 -22.01 24.37 4.59
C VAL B 333 -23.51 24.54 4.30
N LYS B 334 -24.29 24.90 5.32
CA LYS B 334 -25.76 25.15 5.22
C LYS B 334 -26.03 26.21 4.15
N ILE B 335 -25.29 27.33 4.18
CA ILE B 335 -25.50 28.52 3.32
C ILE B 335 -25.18 28.15 1.86
N SER B 336 -24.08 27.43 1.62
CA SER B 336 -23.64 26.95 0.29
C SER B 336 -24.75 26.12 -0.36
N ILE B 337 -25.45 25.29 0.43
CA ILE B 337 -26.62 24.47 -0.02
C ILE B 337 -27.83 25.39 -0.17
N HIS B 338 -28.02 26.32 0.78
CA HIS B 338 -29.18 27.25 0.86
C HIS B 338 -29.28 28.11 -0.41
N GLU B 339 -28.14 28.61 -0.91
CA GLU B 339 -28.05 29.51 -2.09
C GLU B 339 -28.41 28.73 -3.36
N VAL B 340 -27.98 27.47 -3.47
CA VAL B 340 -28.25 26.59 -4.64
C VAL B 340 -29.76 26.34 -4.74
N VAL B 341 -30.40 26.04 -3.60
CA VAL B 341 -31.86 25.79 -3.49
C VAL B 341 -32.61 27.09 -3.80
N LYS B 342 -32.11 28.23 -3.29
CA LYS B 342 -32.66 29.59 -3.58
C LYS B 342 -32.56 29.86 -5.09
N THR B 343 -31.35 29.81 -5.64
CA THR B 343 -31.04 30.11 -7.07
C THR B 343 -31.90 29.25 -7.99
N LEU B 344 -32.11 27.97 -7.66
CA LEU B 344 -32.95 27.03 -8.44
C LEU B 344 -34.41 27.52 -8.42
N VAL B 345 -35.00 27.63 -7.22
CA VAL B 345 -36.38 28.12 -6.99
C VAL B 345 -36.54 29.49 -7.67
N GLU B 346 -35.63 30.41 -7.36
CA GLU B 346 -35.59 31.81 -7.87
C GLU B 346 -35.54 31.81 -9.40
N ALA B 347 -34.70 30.97 -10.00
CA ALA B 347 -34.50 30.84 -11.47
C ALA B 347 -35.79 30.36 -12.14
N ILE B 348 -36.37 29.26 -11.65
CA ILE B 348 -37.59 28.61 -12.20
C ILE B 348 -38.74 29.62 -12.22
N ILE B 349 -38.85 30.47 -11.19
CA ILE B 349 -39.89 31.53 -11.06
C ILE B 349 -39.70 32.57 -12.15
N LEU B 350 -38.49 33.14 -12.26
CA LEU B 350 -38.17 34.28 -13.17
C LEU B 350 -38.26 33.82 -14.64
N VAL B 351 -37.77 32.63 -14.95
CA VAL B 351 -37.85 32.04 -16.32
C VAL B 351 -39.33 31.92 -16.70
N PHE B 352 -40.17 31.44 -15.78
CA PHE B 352 -41.65 31.32 -15.94
C PHE B 352 -42.24 32.69 -16.30
N LEU B 353 -41.81 33.75 -15.60
CA LEU B 353 -42.30 35.15 -15.82
C LEU B 353 -41.82 35.66 -17.18
N VAL B 354 -40.53 35.56 -17.47
CA VAL B 354 -39.88 36.11 -18.70
C VAL B 354 -40.36 35.30 -19.91
N MET B 355 -40.58 33.98 -19.75
CA MET B 355 -41.14 33.10 -20.82
C MET B 355 -42.55 33.57 -21.16
N TYR B 356 -43.36 33.94 -20.16
CA TYR B 356 -44.77 34.38 -20.32
C TYR B 356 -44.83 35.81 -20.85
N LEU B 357 -43.90 36.68 -20.43
CA LEU B 357 -43.83 38.10 -20.84
C LEU B 357 -43.64 38.20 -22.37
N PHE B 358 -42.93 37.23 -22.97
CA PHE B 358 -42.55 37.24 -24.41
C PHE B 358 -43.44 36.26 -25.21
N LEU B 359 -43.53 34.99 -24.79
CA LEU B 359 -44.23 33.91 -25.54
C LEU B 359 -45.73 33.93 -25.23
N GLN B 360 -46.11 34.28 -23.99
CA GLN B 360 -47.50 34.61 -23.58
C GLN B 360 -48.40 33.36 -23.70
N ASN B 361 -48.02 32.27 -23.04
CA ASN B 361 -48.81 31.03 -22.89
C ASN B 361 -48.17 30.13 -21.84
N PHE B 362 -48.95 29.62 -20.89
CA PHE B 362 -48.49 28.84 -19.72
C PHE B 362 -47.93 27.47 -20.14
N ARG B 363 -48.29 26.99 -21.35
CA ARG B 363 -47.88 25.66 -21.88
C ARG B 363 -46.35 25.63 -22.06
N ALA B 364 -45.80 26.70 -22.64
CA ALA B 364 -44.36 26.85 -22.96
C ALA B 364 -43.54 27.10 -21.69
N THR B 365 -44.13 27.72 -20.66
CA THR B 365 -43.44 28.16 -19.42
C THR B 365 -43.06 26.94 -18.55
N LEU B 366 -43.74 25.79 -18.73
CA LEU B 366 -43.51 24.57 -17.92
C LEU B 366 -42.28 23.80 -18.43
N ILE B 367 -41.91 23.96 -19.70
CA ILE B 367 -40.84 23.15 -20.37
C ILE B 367 -39.49 23.49 -19.75
N PRO B 368 -39.14 24.78 -19.53
CA PRO B 368 -38.00 25.13 -18.68
C PRO B 368 -38.09 24.60 -17.24
N THR B 369 -39.28 24.67 -16.64
CA THR B 369 -39.54 24.27 -15.23
C THR B 369 -39.31 22.77 -15.05
N ILE B 370 -39.45 21.97 -16.12
CA ILE B 370 -39.20 20.49 -16.12
C ILE B 370 -37.70 20.24 -16.31
N ALA B 371 -37.10 20.85 -17.35
CA ALA B 371 -35.75 20.54 -17.86
C ALA B 371 -34.66 20.90 -16.83
N VAL B 372 -34.80 22.04 -16.14
CA VAL B 372 -33.74 22.60 -15.24
C VAL B 372 -33.56 21.68 -14.03
N PRO B 373 -34.63 21.34 -13.27
CA PRO B 373 -34.52 20.32 -12.22
C PRO B 373 -33.94 18.97 -12.67
N VAL B 374 -34.32 18.48 -13.85
CA VAL B 374 -33.87 17.17 -14.41
C VAL B 374 -32.34 17.17 -14.53
N VAL B 375 -31.75 18.28 -15.02
CA VAL B 375 -30.29 18.39 -15.30
C VAL B 375 -29.52 18.49 -13.98
N LEU B 376 -30.01 19.31 -13.03
CA LEU B 376 -29.36 19.52 -11.70
C LEU B 376 -29.29 18.19 -10.94
N LEU B 377 -30.42 17.49 -10.81
CA LEU B 377 -30.49 16.13 -10.21
C LEU B 377 -29.50 15.22 -10.95
N GLY B 378 -29.49 15.28 -12.29
CA GLY B 378 -28.53 14.57 -13.15
C GLY B 378 -27.08 14.89 -12.77
N THR B 379 -26.78 16.16 -12.49
CA THR B 379 -25.42 16.65 -12.13
C THR B 379 -24.96 15.99 -10.82
N PHE B 380 -25.84 15.92 -9.82
CA PHE B 380 -25.56 15.30 -8.49
C PHE B 380 -25.17 13.83 -8.66
N ALA B 381 -25.77 13.13 -9.63
CA ALA B 381 -25.49 11.71 -9.97
C ALA B 381 -24.08 11.58 -10.55
N VAL B 382 -23.67 12.51 -11.41
CA VAL B 382 -22.34 12.50 -12.10
C VAL B 382 -21.26 12.89 -11.10
N LEU B 383 -21.54 13.82 -10.18
CA LEU B 383 -20.63 14.20 -9.06
C LEU B 383 -20.37 12.97 -8.18
N ALA B 384 -21.43 12.23 -7.85
CA ALA B 384 -21.40 11.01 -7.00
C ALA B 384 -20.59 9.92 -7.70
N ALA B 385 -20.82 9.71 -9.00
CA ALA B 385 -20.14 8.69 -9.84
C ALA B 385 -18.64 8.96 -9.88
N PHE B 386 -18.25 10.20 -10.16
CA PHE B 386 -16.83 10.67 -10.23
C PHE B 386 -16.22 10.68 -8.82
N GLY B 387 -17.06 10.75 -7.78
CA GLY B 387 -16.66 10.60 -6.37
C GLY B 387 -16.32 11.93 -5.73
N PHE B 388 -17.13 12.96 -5.98
CA PHE B 388 -17.02 14.31 -5.37
C PHE B 388 -18.02 14.41 -4.20
N SER B 389 -17.84 15.43 -3.35
CA SER B 389 -18.71 15.73 -2.18
C SER B 389 -19.51 17.01 -2.45
N ILE B 390 -20.52 17.29 -1.60
CA ILE B 390 -21.28 18.57 -1.59
C ILE B 390 -20.53 19.54 -0.67
N ASN B 391 -19.80 20.49 -1.27
CA ASN B 391 -18.95 21.49 -0.55
C ASN B 391 -19.16 22.87 -1.19
N THR B 392 -18.59 23.91 -0.59
CA THR B 392 -18.69 25.33 -1.03
C THR B 392 -18.34 25.44 -2.52
N LEU B 393 -17.26 24.79 -2.95
CA LEU B 393 -16.66 24.96 -4.29
C LEU B 393 -17.52 24.30 -5.37
N THR B 394 -18.08 23.12 -5.09
CA THR B 394 -18.97 22.36 -6.02
C THR B 394 -20.34 23.06 -6.09
N MET B 395 -20.79 23.70 -5.00
CA MET B 395 -22.14 24.30 -4.89
C MET B 395 -22.17 25.71 -5.50
N PHE B 396 -21.12 26.52 -5.28
CA PHE B 396 -20.99 27.88 -5.88
C PHE B 396 -20.53 27.75 -7.34
N GLY B 397 -20.05 26.56 -7.73
CA GLY B 397 -19.84 26.19 -9.15
C GLY B 397 -21.15 25.77 -9.80
N MET B 398 -22.02 25.09 -9.04
CA MET B 398 -23.37 24.64 -9.48
C MET B 398 -24.31 25.84 -9.62
N VAL B 399 -24.12 26.89 -8.81
CA VAL B 399 -24.90 28.16 -8.89
C VAL B 399 -24.67 28.79 -10.26
N LEU B 400 -23.40 28.85 -10.71
CA LEU B 400 -22.99 29.42 -12.02
C LEU B 400 -23.54 28.54 -13.16
N ALA B 401 -23.68 27.23 -12.93
CA ALA B 401 -24.14 26.23 -13.92
C ALA B 401 -25.62 26.48 -14.27
N ILE B 402 -26.45 26.82 -13.28
CA ILE B 402 -27.92 27.07 -13.44
C ILE B 402 -28.14 28.12 -14.53
N GLY B 403 -27.25 29.12 -14.62
CA GLY B 403 -27.25 30.17 -15.66
C GLY B 403 -27.19 29.58 -17.06
N LEU B 404 -26.32 28.59 -17.28
CA LEU B 404 -26.11 27.91 -18.59
C LEU B 404 -27.33 27.05 -18.93
N LEU B 405 -27.92 26.39 -17.92
CA LEU B 405 -29.07 25.45 -18.07
C LEU B 405 -30.29 26.21 -18.59
N VAL B 406 -30.53 27.43 -18.09
CA VAL B 406 -31.69 28.30 -18.45
C VAL B 406 -31.62 28.62 -19.95
N ASP B 407 -30.42 28.87 -20.48
CA ASP B 407 -30.19 29.26 -21.90
C ASP B 407 -30.64 28.11 -22.82
N ASP B 408 -30.13 26.89 -22.59
CA ASP B 408 -30.43 25.68 -23.39
C ASP B 408 -31.95 25.44 -23.44
N ALA B 409 -32.66 25.71 -22.34
CA ALA B 409 -34.13 25.59 -22.24
C ALA B 409 -34.82 26.61 -23.15
N ILE B 410 -34.40 27.87 -23.07
CA ILE B 410 -34.99 29.02 -23.82
C ILE B 410 -34.65 28.89 -25.31
N VAL B 411 -33.38 28.62 -25.63
CA VAL B 411 -32.85 28.54 -27.03
C VAL B 411 -33.70 27.59 -27.86
N VAL B 412 -34.07 26.43 -27.31
CA VAL B 412 -34.84 25.36 -28.02
C VAL B 412 -36.30 25.82 -28.21
N VAL B 413 -36.96 26.22 -27.12
CA VAL B 413 -38.42 26.54 -27.09
C VAL B 413 -38.70 27.78 -27.94
N GLU B 414 -37.93 28.85 -27.75
CA GLU B 414 -38.07 30.14 -28.49
C GLU B 414 -38.03 29.87 -30.00
N ASN B 415 -37.08 29.04 -30.45
CA ASN B 415 -36.81 28.78 -31.89
C ASN B 415 -37.98 28.00 -32.50
N VAL B 416 -38.63 27.11 -31.73
CA VAL B 416 -39.85 26.36 -32.17
C VAL B 416 -41.00 27.36 -32.31
N GLU B 417 -41.21 28.20 -31.29
CA GLU B 417 -42.27 29.24 -31.22
C GLU B 417 -42.10 30.23 -32.38
N ARG B 418 -40.85 30.53 -32.75
CA ARG B 418 -40.50 31.48 -33.85
C ARG B 418 -40.81 30.84 -35.21
N VAL B 419 -40.36 29.60 -35.43
CA VAL B 419 -40.58 28.84 -36.69
C VAL B 419 -42.09 28.67 -36.92
N MET B 420 -42.85 28.41 -35.85
CA MET B 420 -44.33 28.28 -35.89
C MET B 420 -44.96 29.61 -36.30
N ALA B 421 -44.43 30.73 -35.81
CA ALA B 421 -44.96 32.09 -36.04
C ALA B 421 -44.70 32.54 -37.49
N GLU B 422 -43.51 32.23 -38.03
CA GLU B 422 -43.01 32.77 -39.31
C GLU B 422 -43.34 31.83 -40.49
N GLU B 423 -43.73 30.58 -40.21
CA GLU B 423 -44.06 29.56 -41.26
C GLU B 423 -45.45 28.95 -41.03
N GLY B 424 -46.00 29.04 -39.82
CA GLY B 424 -47.36 28.53 -39.48
C GLY B 424 -47.42 27.02 -39.45
N LEU B 425 -46.30 26.36 -39.13
CA LEU B 425 -46.19 24.87 -39.10
C LEU B 425 -46.84 24.33 -37.83
N PRO B 426 -47.27 23.05 -37.80
CA PRO B 426 -47.77 22.41 -36.59
C PRO B 426 -46.65 22.21 -35.56
N PRO B 427 -46.98 22.13 -34.25
CA PRO B 427 -45.97 21.95 -33.20
C PRO B 427 -44.90 20.87 -33.48
N LYS B 428 -45.29 19.74 -34.09
CA LYS B 428 -44.39 18.57 -34.29
C LYS B 428 -43.36 18.87 -35.40
N GLU B 429 -43.81 19.26 -36.59
CA GLU B 429 -42.95 19.58 -37.77
C GLU B 429 -42.12 20.83 -37.47
N ALA B 430 -42.68 21.79 -36.71
CA ALA B 430 -42.02 23.03 -36.28
C ALA B 430 -40.81 22.70 -35.39
N THR B 431 -40.94 21.69 -34.53
CA THR B 431 -39.85 21.19 -33.64
C THR B 431 -38.77 20.53 -34.49
N ARG B 432 -39.15 19.63 -35.42
CA ARG B 432 -38.23 18.90 -36.32
C ARG B 432 -37.37 19.91 -37.09
N LYS B 433 -37.96 20.98 -37.62
CA LYS B 433 -37.26 22.05 -38.37
C LYS B 433 -36.40 22.87 -37.39
N SER B 434 -36.98 23.25 -36.24
CA SER B 434 -36.33 24.05 -35.17
C SER B 434 -35.06 23.33 -34.68
N MET B 435 -35.15 22.04 -34.37
CA MET B 435 -34.00 21.21 -33.90
C MET B 435 -33.00 21.03 -35.04
N GLY B 436 -33.50 20.84 -36.27
CA GLY B 436 -32.67 20.72 -37.49
C GLY B 436 -31.77 21.93 -37.70
N GLN B 437 -32.16 23.10 -37.15
CA GLN B 437 -31.42 24.38 -37.29
C GLN B 437 -30.32 24.50 -36.22
N ILE B 438 -30.51 23.93 -35.03
CA ILE B 438 -29.66 24.22 -33.83
C ILE B 438 -28.93 22.98 -33.29
N GLN B 439 -29.29 21.76 -33.72
CA GLN B 439 -28.78 20.50 -33.10
C GLN B 439 -27.26 20.39 -33.28
N GLY B 440 -26.75 20.72 -34.48
CA GLY B 440 -25.31 20.72 -34.80
C GLY B 440 -24.53 21.72 -33.96
N ALA B 441 -25.14 22.88 -33.69
CA ALA B 441 -24.55 24.00 -32.91
C ALA B 441 -24.44 23.60 -31.43
N LEU B 442 -25.52 23.07 -30.85
CA LEU B 442 -25.60 22.66 -29.41
C LEU B 442 -24.51 21.63 -29.10
N VAL B 443 -24.30 20.65 -29.99
CA VAL B 443 -23.21 19.65 -29.91
C VAL B 443 -21.86 20.39 -29.98
N GLY B 444 -21.74 21.34 -30.90
CA GLY B 444 -20.56 22.22 -31.05
C GLY B 444 -20.25 22.96 -29.75
N ILE B 445 -21.28 23.52 -29.09
CA ILE B 445 -21.16 24.33 -27.84
C ILE B 445 -20.64 23.42 -26.71
N ALA B 446 -21.14 22.17 -26.62
CA ALA B 446 -20.72 21.17 -25.62
C ALA B 446 -19.21 20.96 -25.68
N MET B 447 -18.65 20.86 -26.89
CA MET B 447 -17.20 20.66 -27.13
C MET B 447 -16.43 21.93 -26.76
N VAL B 448 -16.91 23.09 -27.23
CA VAL B 448 -16.26 24.42 -27.04
C VAL B 448 -16.17 24.74 -25.53
N LEU B 449 -17.24 24.50 -24.78
CA LEU B 449 -17.30 24.80 -23.32
C LEU B 449 -16.47 23.77 -22.54
N SER B 450 -16.39 22.52 -23.04
CA SER B 450 -15.48 21.47 -22.51
C SER B 450 -14.03 21.95 -22.66
N ALA B 451 -13.68 22.48 -23.83
CA ALA B 451 -12.34 23.03 -24.16
C ALA B 451 -12.00 24.18 -23.20
N VAL B 452 -12.99 24.97 -22.78
CA VAL B 452 -12.82 26.12 -21.85
C VAL B 452 -12.58 25.61 -20.42
N PHE B 453 -13.37 24.63 -19.97
CA PHE B 453 -13.54 24.28 -18.53
C PHE B 453 -12.74 23.03 -18.12
N VAL B 454 -12.51 22.07 -19.03
CA VAL B 454 -11.83 20.78 -18.70
C VAL B 454 -10.36 21.03 -18.38
N PRO B 455 -9.59 21.76 -19.23
CA PRO B 455 -8.15 21.95 -18.99
C PRO B 455 -7.83 22.62 -17.63
N MET B 456 -8.78 23.39 -17.10
CA MET B 456 -8.73 24.04 -15.75
C MET B 456 -8.46 22.98 -14.67
N ALA B 457 -8.99 21.76 -14.84
CA ALA B 457 -8.93 20.66 -13.85
C ALA B 457 -7.59 19.91 -13.91
N PHE B 458 -6.74 20.20 -14.91
CA PHE B 458 -5.47 19.48 -15.17
C PHE B 458 -4.28 20.27 -14.58
N PHE B 459 -4.56 21.25 -13.71
CA PHE B 459 -3.54 21.93 -12.86
C PHE B 459 -3.07 20.94 -11.78
N GLY B 460 -1.86 21.15 -11.25
CA GLY B 460 -1.23 20.28 -10.24
C GLY B 460 -1.34 20.84 -8.83
N GLY B 461 -1.44 19.96 -7.84
CA GLY B 461 -1.38 20.30 -6.41
C GLY B 461 -2.64 20.98 -5.91
N SER B 462 -2.49 21.91 -4.95
CA SER B 462 -3.58 22.60 -4.22
C SER B 462 -4.52 23.33 -5.19
N THR B 463 -3.95 24.09 -6.13
CA THR B 463 -4.72 24.91 -7.12
C THR B 463 -5.58 23.98 -7.98
N GLY B 464 -4.97 22.91 -8.51
CA GLY B 464 -5.63 21.90 -9.35
C GLY B 464 -6.84 21.27 -8.64
N ALA B 465 -6.70 20.99 -7.34
CA ALA B 465 -7.74 20.37 -6.48
C ALA B 465 -8.96 21.29 -6.42
N ILE B 466 -8.74 22.60 -6.18
CA ILE B 466 -9.81 23.64 -6.11
C ILE B 466 -10.47 23.76 -7.49
N TYR B 467 -9.67 23.82 -8.56
CA TYR B 467 -10.13 24.01 -9.96
C TYR B 467 -10.95 22.80 -10.43
N ARG B 468 -10.64 21.59 -9.93
CA ARG B 468 -11.36 20.33 -10.26
C ARG B 468 -12.82 20.41 -9.80
N GLN B 469 -13.07 21.08 -8.66
CA GLN B 469 -14.41 21.18 -8.02
C GLN B 469 -15.36 21.93 -8.96
N PHE B 470 -14.94 23.10 -9.44
CA PHE B 470 -15.72 23.98 -10.37
C PHE B 470 -15.85 23.29 -11.73
N SER B 471 -14.73 22.74 -12.23
CA SER B 471 -14.59 22.16 -13.60
C SER B 471 -15.60 21.02 -13.80
N ILE B 472 -15.58 19.99 -12.95
CA ILE B 472 -16.38 18.74 -13.11
C ILE B 472 -17.86 19.05 -12.90
N THR B 473 -18.20 19.93 -11.95
CA THR B 473 -19.59 20.39 -11.68
C THR B 473 -20.18 21.03 -12.94
N ILE B 474 -19.48 22.02 -13.50
CA ILE B 474 -19.96 22.89 -14.62
C ILE B 474 -20.04 22.07 -15.91
N VAL B 475 -18.99 21.32 -16.25
CA VAL B 475 -18.89 20.51 -17.51
C VAL B 475 -19.99 19.43 -17.49
N SER B 476 -20.19 18.78 -16.33
CA SER B 476 -21.25 17.74 -16.12
C SER B 476 -22.63 18.35 -16.34
N ALA B 477 -22.95 19.40 -15.58
CA ALA B 477 -24.23 20.15 -15.63
C ALA B 477 -24.52 20.58 -17.07
N MET B 478 -23.53 21.20 -17.72
CA MET B 478 -23.63 21.78 -19.09
C MET B 478 -23.84 20.65 -20.11
N ALA B 479 -23.11 19.54 -19.98
CA ALA B 479 -23.12 18.39 -20.92
C ALA B 479 -24.48 17.65 -20.85
N LEU B 480 -25.06 17.54 -19.64
CA LEU B 480 -26.39 16.92 -19.42
C LEU B 480 -27.49 17.78 -20.06
N SER B 481 -27.36 19.11 -19.94
CA SER B 481 -28.31 20.11 -20.52
C SER B 481 -28.43 19.89 -22.04
N VAL B 482 -27.32 19.57 -22.70
CA VAL B 482 -27.25 19.33 -24.17
C VAL B 482 -27.93 18.00 -24.50
N LEU B 483 -27.67 16.95 -23.71
CA LEU B 483 -28.36 15.63 -23.81
C LEU B 483 -29.87 15.82 -23.59
N VAL B 484 -30.24 16.62 -22.58
CA VAL B 484 -31.65 16.95 -22.23
C VAL B 484 -32.27 17.77 -23.38
N ALA B 485 -31.49 18.68 -23.99
CA ALA B 485 -31.94 19.57 -25.08
C ALA B 485 -32.11 18.79 -26.39
N LEU B 486 -31.50 17.61 -26.51
CA LEU B 486 -31.56 16.75 -27.72
C LEU B 486 -32.54 15.57 -27.52
N ILE B 487 -32.92 15.27 -26.27
CA ILE B 487 -33.79 14.10 -25.92
C ILE B 487 -35.15 14.61 -25.42
N LEU B 488 -35.18 15.33 -24.30
CA LEU B 488 -36.41 15.64 -23.53
C LEU B 488 -37.20 16.78 -24.20
N THR B 489 -36.59 17.97 -24.34
CA THR B 489 -37.30 19.24 -24.69
C THR B 489 -37.89 19.19 -26.10
N PRO B 490 -37.25 18.51 -27.09
CA PRO B 490 -37.91 18.28 -28.39
C PRO B 490 -39.22 17.49 -28.26
N ALA B 491 -39.24 16.46 -27.40
CA ALA B 491 -40.42 15.62 -27.11
C ALA B 491 -41.51 16.47 -26.44
N LEU B 492 -41.13 17.29 -25.45
CA LEU B 492 -42.04 18.19 -24.70
C LEU B 492 -42.64 19.23 -25.67
N CYS B 493 -41.78 19.88 -26.46
CA CYS B 493 -42.16 20.93 -27.45
C CYS B 493 -43.17 20.38 -28.47
N ALA B 494 -42.95 19.16 -28.96
CA ALA B 494 -43.78 18.49 -29.98
C ALA B 494 -45.19 18.21 -29.43
N THR B 495 -45.31 17.96 -28.12
CA THR B 495 -46.53 17.39 -27.47
C THR B 495 -47.27 18.44 -26.61
N MET B 496 -46.58 19.47 -26.11
CA MET B 496 -47.15 20.44 -25.12
C MET B 496 -47.51 21.78 -25.79
N LEU B 497 -46.71 22.26 -26.74
CA LEU B 497 -46.83 23.63 -27.30
C LEU B 497 -48.10 23.75 -28.16
N LYS B 498 -48.79 24.89 -28.02
CA LYS B 498 -50.00 25.28 -28.80
C LYS B 498 -49.56 25.72 -30.20
N PRO B 499 -50.30 25.35 -31.27
CA PRO B 499 -50.01 25.87 -32.62
C PRO B 499 -50.16 27.40 -32.73
N ILE B 500 -49.47 28.00 -33.70
CA ILE B 500 -49.52 29.46 -34.01
C ILE B 500 -49.70 29.63 -35.54
N ALA B 501 -50.62 30.51 -35.94
CA ALA B 501 -50.91 30.84 -37.36
C ALA B 501 -49.75 31.63 -37.95
N LYS B 502 -49.51 31.50 -39.26
CA LYS B 502 -48.39 32.17 -39.98
C LYS B 502 -48.58 33.69 -39.92
N GLY B 503 -47.52 34.41 -39.56
CA GLY B 503 -47.51 35.89 -39.48
C GLY B 503 -48.23 36.43 -38.25
N ASP B 504 -48.47 35.56 -37.24
CA ASP B 504 -49.11 35.93 -35.95
C ASP B 504 -48.01 36.20 -34.93
N HIS B 505 -47.58 37.45 -34.82
CA HIS B 505 -46.50 37.92 -33.89
C HIS B 505 -47.12 38.62 -32.68
N GLY B 506 -48.42 38.40 -32.42
CA GLY B 506 -49.15 38.94 -31.26
C GLY B 506 -49.42 40.42 -31.36
N GLU B 507 -49.28 41.01 -32.55
CA GLU B 507 -49.51 42.46 -32.82
C GLU B 507 -51.01 42.74 -32.90
N GLY B 508 -51.83 41.71 -33.16
CA GLY B 508 -53.29 41.81 -33.33
C GLY B 508 -54.05 41.53 -32.04
N LYS B 509 -53.74 42.29 -30.98
CA LYS B 509 -54.51 42.32 -29.69
C LYS B 509 -54.06 43.54 -28.88
N LYS B 510 -54.75 43.84 -27.78
CA LYS B 510 -54.48 45.03 -26.93
C LYS B 510 -54.45 44.63 -25.45
N GLY B 511 -54.03 45.57 -24.59
CA GLY B 511 -53.84 45.37 -23.14
C GLY B 511 -52.41 45.73 -22.74
N PHE B 512 -51.74 44.84 -21.99
CA PHE B 512 -50.30 44.92 -21.65
C PHE B 512 -49.49 44.12 -22.68
N PHE B 513 -49.94 42.90 -22.99
CA PHE B 513 -49.28 41.94 -23.91
C PHE B 513 -49.42 42.42 -25.35
N GLY B 514 -50.58 43.00 -25.70
CA GLY B 514 -50.85 43.59 -27.03
C GLY B 514 -49.92 44.75 -27.33
N TRP B 515 -49.72 45.64 -26.34
CA TRP B 515 -48.80 46.81 -26.41
C TRP B 515 -47.35 46.33 -26.58
N PHE B 516 -46.94 45.36 -25.76
CA PHE B 516 -45.54 44.86 -25.65
C PHE B 516 -45.10 44.22 -26.98
N ASN B 517 -45.99 43.46 -27.63
CA ASN B 517 -45.71 42.74 -28.90
C ASN B 517 -45.39 43.76 -30.00
N ARG B 518 -46.21 44.82 -30.13
CA ARG B 518 -46.02 45.92 -31.11
C ARG B 518 -44.77 46.72 -30.75
N MET B 519 -44.56 46.97 -29.45
CA MET B 519 -43.38 47.71 -28.90
C MET B 519 -42.09 46.97 -29.29
N PHE B 520 -42.02 45.67 -28.99
CA PHE B 520 -40.81 44.83 -29.18
C PHE B 520 -40.56 44.60 -30.68
N GLU B 521 -41.62 44.43 -31.47
CA GLU B 521 -41.55 44.25 -32.95
C GLU B 521 -40.89 45.48 -33.59
N LYS B 522 -41.18 46.68 -33.07
CA LYS B 522 -40.58 47.96 -33.54
C LYS B 522 -39.15 48.08 -33.02
N SER B 523 -38.93 47.73 -31.74
CA SER B 523 -37.60 47.72 -31.08
C SER B 523 -36.63 46.78 -31.80
N THR B 524 -37.15 45.70 -32.40
CA THR B 524 -36.40 44.70 -33.20
C THR B 524 -35.93 45.35 -34.51
N HIS B 525 -36.81 46.10 -35.17
CA HIS B 525 -36.52 46.80 -36.45
C HIS B 525 -35.62 48.01 -36.21
N HIS B 526 -35.72 48.64 -35.03
CA HIS B 526 -34.79 49.69 -34.54
C HIS B 526 -33.37 49.12 -34.46
N TYR B 527 -33.25 47.87 -33.99
CA TYR B 527 -31.97 47.16 -33.75
C TYR B 527 -31.31 46.77 -35.08
N THR B 528 -32.07 46.19 -36.02
CA THR B 528 -31.58 45.73 -37.34
C THR B 528 -31.10 46.92 -38.17
N ASP B 529 -31.73 48.09 -38.00
CA ASP B 529 -31.32 49.37 -38.63
C ASP B 529 -29.97 49.82 -38.04
N SER B 530 -29.83 49.75 -36.71
CA SER B 530 -28.58 50.07 -35.97
C SER B 530 -27.44 49.18 -36.47
N VAL B 531 -27.69 47.87 -36.57
CA VAL B 531 -26.70 46.86 -37.07
C VAL B 531 -26.38 47.16 -38.54
N GLY B 532 -27.40 47.48 -39.33
CA GLY B 532 -27.27 47.86 -40.76
C GLY B 532 -26.31 49.03 -40.94
N GLY B 533 -26.43 50.05 -40.08
CA GLY B 533 -25.57 51.24 -40.08
C GLY B 533 -24.17 50.94 -39.57
N ILE B 534 -24.06 50.08 -38.54
CA ILE B 534 -22.77 49.60 -37.96
C ILE B 534 -21.97 48.89 -39.06
N LEU B 535 -22.64 48.10 -39.92
CA LEU B 535 -22.01 47.24 -40.96
C LEU B 535 -21.57 48.07 -42.17
N ARG B 536 -21.99 49.34 -42.26
CA ARG B 536 -21.56 50.29 -43.32
C ARG B 536 -20.34 51.10 -42.85
N SER B 537 -20.04 51.08 -41.55
CA SER B 537 -18.85 51.72 -40.93
C SER B 537 -18.20 50.74 -39.94
N THR B 538 -17.70 49.61 -40.44
CA THR B 538 -17.05 48.54 -39.63
C THR B 538 -15.69 49.01 -39.11
N GLY B 539 -14.99 49.84 -39.87
CA GLY B 539 -13.64 50.35 -39.57
C GLY B 539 -13.55 50.96 -38.19
N ARG B 540 -14.46 51.88 -37.85
CA ARG B 540 -14.47 52.65 -36.57
C ARG B 540 -14.72 51.71 -35.39
N TYR B 541 -15.44 50.61 -35.60
CA TYR B 541 -15.81 49.62 -34.54
C TYR B 541 -14.66 48.62 -34.33
N LEU B 542 -13.89 48.31 -35.39
CA LEU B 542 -12.65 47.50 -35.29
C LEU B 542 -11.61 48.26 -34.46
N VAL B 543 -11.58 49.59 -34.60
CA VAL B 543 -10.74 50.51 -33.77
C VAL B 543 -11.27 50.48 -32.33
N LEU B 544 -12.59 50.57 -32.16
CA LEU B 544 -13.27 50.58 -30.83
C LEU B 544 -13.08 49.23 -30.14
N TYR B 545 -12.93 48.14 -30.90
CA TYR B 545 -12.62 46.79 -30.39
C TYR B 545 -11.19 46.76 -29.81
N LEU B 546 -10.24 47.40 -30.50
CA LEU B 546 -8.82 47.51 -30.06
C LEU B 546 -8.76 48.32 -28.75
N ILE B 547 -9.65 49.32 -28.58
CA ILE B 547 -9.75 50.14 -27.34
C ILE B 547 -10.25 49.26 -26.20
N ILE B 548 -11.19 48.34 -26.48
CA ILE B 548 -11.75 47.36 -25.49
C ILE B 548 -10.63 46.40 -25.07
N VAL B 549 -9.92 45.81 -26.04
CA VAL B 549 -8.86 44.78 -25.82
C VAL B 549 -7.73 45.40 -24.97
N VAL B 550 -7.37 46.66 -25.25
CA VAL B 550 -6.36 47.43 -24.46
C VAL B 550 -6.94 47.74 -23.08
N GLY B 551 -8.18 48.24 -23.03
CA GLY B 551 -8.92 48.55 -21.78
C GLY B 551 -8.96 47.36 -20.84
N MET B 552 -9.22 46.17 -21.39
CA MET B 552 -9.22 44.87 -20.66
C MET B 552 -7.82 44.63 -20.08
N ALA B 553 -6.79 44.63 -20.93
CA ALA B 553 -5.38 44.32 -20.60
C ALA B 553 -4.87 45.26 -19.50
N TYR B 554 -5.24 46.55 -19.55
CA TYR B 554 -4.90 47.58 -18.53
C TYR B 554 -5.49 47.16 -17.18
N LEU B 555 -6.80 46.93 -17.14
CA LEU B 555 -7.57 46.57 -15.91
C LEU B 555 -7.10 45.21 -15.37
N PHE B 556 -6.68 44.29 -16.25
CA PHE B 556 -6.28 42.90 -15.90
C PHE B 556 -5.00 42.93 -15.04
N VAL B 557 -4.02 43.76 -15.45
CA VAL B 557 -2.69 43.91 -14.76
C VAL B 557 -2.88 44.82 -13.54
N ARG B 558 -3.76 45.83 -13.64
CA ARG B 558 -3.98 46.85 -12.57
C ARG B 558 -4.72 46.24 -11.38
N LEU B 559 -5.82 45.52 -11.62
CA LEU B 559 -6.73 44.99 -10.57
C LEU B 559 -5.95 44.04 -9.65
N PRO B 560 -6.02 44.22 -8.30
CA PRO B 560 -5.27 43.38 -7.38
C PRO B 560 -5.87 41.97 -7.25
N SER B 561 -5.11 40.96 -7.66
CA SER B 561 -5.52 39.53 -7.67
C SER B 561 -5.00 38.81 -6.42
N SER B 562 -5.84 37.96 -5.82
CA SER B 562 -5.49 37.05 -4.70
C SER B 562 -6.31 35.76 -4.84
N PHE B 563 -5.64 34.61 -4.91
CA PHE B 563 -6.20 33.28 -5.28
C PHE B 563 -7.43 32.96 -4.40
N LEU B 564 -7.34 33.21 -3.10
CA LEU B 564 -8.46 33.03 -2.13
C LEU B 564 -8.61 34.29 -1.28
N PRO B 565 -9.84 34.83 -1.15
CA PRO B 565 -10.08 36.07 -0.42
C PRO B 565 -10.07 35.87 1.11
N ASP B 566 -9.56 36.87 1.85
CA ASP B 566 -9.60 36.91 3.34
C ASP B 566 -11.06 37.17 3.77
N GLU B 567 -11.77 36.11 4.15
CA GLU B 567 -13.23 36.14 4.47
C GLU B 567 -13.45 36.60 5.91
N ASP B 568 -14.68 37.00 6.22
CA ASP B 568 -15.21 37.16 7.61
C ASP B 568 -15.87 35.84 8.00
N GLN B 569 -15.13 34.95 8.68
CA GLN B 569 -15.59 33.61 9.12
C GLN B 569 -16.06 33.67 10.58
N GLY B 570 -16.23 34.89 11.13
CA GLY B 570 -16.66 35.12 12.52
C GLY B 570 -15.59 34.73 13.53
N VAL B 571 -14.33 34.62 13.08
CA VAL B 571 -13.16 34.26 13.94
C VAL B 571 -11.89 34.93 13.39
N PHE B 572 -10.99 35.28 14.29
CA PHE B 572 -9.62 35.81 14.02
C PHE B 572 -8.78 35.63 15.28
N MET B 573 -7.46 35.55 15.12
CA MET B 573 -6.49 35.26 16.22
C MET B 573 -5.72 36.52 16.59
N THR B 574 -5.05 36.50 17.75
CA THR B 574 -4.19 37.59 18.28
C THR B 574 -2.89 36.97 18.81
N MET B 575 -1.82 37.01 18.01
CA MET B 575 -0.47 36.49 18.39
C MET B 575 0.09 37.36 19.53
N VAL B 576 0.73 36.74 20.52
CA VAL B 576 1.38 37.42 21.67
C VAL B 576 2.79 36.85 21.85
N GLN B 577 3.80 37.72 21.91
CA GLN B 577 5.25 37.37 22.08
C GLN B 577 5.90 38.31 23.09
N LEU B 578 6.29 37.79 24.25
CA LEU B 578 7.11 38.49 25.27
C LEU B 578 8.58 38.20 24.99
N PRO B 579 9.54 38.97 25.55
CA PRO B 579 10.96 38.78 25.27
C PRO B 579 11.54 37.48 25.87
N ALA B 580 12.84 37.27 25.69
CA ALA B 580 13.61 36.13 26.24
C ALA B 580 13.65 36.22 27.76
N GLY B 581 13.44 35.09 28.45
CA GLY B 581 13.45 35.00 29.92
C GLY B 581 12.18 35.59 30.53
N ALA B 582 11.09 35.63 29.76
CA ALA B 582 9.75 36.12 30.20
C ALA B 582 8.95 34.92 30.74
N THR B 583 8.35 35.08 31.92
CA THR B 583 7.67 33.99 32.69
C THR B 583 6.22 33.84 32.23
N GLN B 584 5.56 32.78 32.69
CA GLN B 584 4.18 32.39 32.34
C GLN B 584 3.18 33.39 32.95
N GLU B 585 3.43 33.82 34.19
CA GLU B 585 2.60 34.77 34.95
C GLU B 585 2.49 36.11 34.20
N ARG B 586 3.57 36.53 33.55
CA ARG B 586 3.65 37.80 32.77
C ARG B 586 2.82 37.67 31.49
N THR B 587 2.96 36.54 30.77
CA THR B 587 2.27 36.26 29.48
C THR B 587 0.75 36.25 29.69
N GLN B 588 0.28 35.81 30.86
CA GLN B 588 -1.16 35.74 31.22
C GLN B 588 -1.69 37.17 31.41
N LYS B 589 -0.92 38.05 32.05
CA LYS B 589 -1.29 39.46 32.33
C LYS B 589 -1.56 40.21 31.01
N VAL B 590 -0.78 39.91 29.96
CA VAL B 590 -0.99 40.46 28.58
C VAL B 590 -2.30 39.89 28.04
N LEU B 591 -2.46 38.56 28.07
CA LEU B 591 -3.67 37.83 27.60
C LEU B 591 -4.91 38.31 28.37
N ASN B 592 -4.76 38.65 29.65
CA ASN B 592 -5.84 39.22 30.50
C ASN B 592 -6.26 40.58 29.95
N GLU B 593 -5.29 41.45 29.64
CA GLU B 593 -5.52 42.82 29.09
C GLU B 593 -6.11 42.71 27.68
N VAL B 594 -5.65 41.73 26.89
CA VAL B 594 -6.15 41.45 25.50
C VAL B 594 -7.63 41.04 25.60
N THR B 595 -7.96 40.11 26.50
CA THR B 595 -9.34 39.61 26.74
C THR B 595 -10.21 40.73 27.33
N HIS B 596 -9.63 41.56 28.21
CA HIS B 596 -10.31 42.73 28.85
C HIS B 596 -10.73 43.74 27.77
N TYR B 597 -9.86 43.97 26.78
CA TYR B 597 -10.10 44.89 25.63
C TYR B 597 -11.29 44.37 24.80
N TYR B 598 -11.23 43.11 24.36
CA TYR B 598 -12.18 42.49 23.40
C TYR B 598 -13.59 42.43 23.99
N LEU B 599 -13.73 42.09 25.27
CA LEU B 599 -15.04 41.95 25.96
C LEU B 599 -15.58 43.31 26.42
N THR B 600 -14.73 44.35 26.40
CA THR B 600 -15.09 45.76 26.74
C THR B 600 -15.38 46.54 25.45
N LYS B 601 -14.35 46.81 24.65
CA LYS B 601 -14.39 47.78 23.52
C LYS B 601 -15.00 47.13 22.27
N GLU B 602 -15.21 45.80 22.28
CA GLU B 602 -15.85 45.05 21.16
C GLU B 602 -16.95 44.14 21.73
N LYS B 603 -17.68 44.60 22.74
CA LYS B 603 -18.80 43.86 23.40
C LYS B 603 -19.93 43.64 22.38
N ASN B 604 -20.09 44.56 21.42
CA ASN B 604 -21.13 44.52 20.37
C ASN B 604 -20.81 43.41 19.35
N ASN B 605 -19.52 43.13 19.13
CA ASN B 605 -19.03 42.26 18.03
C ASN B 605 -18.56 40.90 18.58
N VAL B 606 -17.79 40.89 19.67
CA VAL B 606 -17.10 39.68 20.22
C VAL B 606 -18.11 38.83 21.00
N GLU B 607 -18.08 37.51 20.79
CA GLU B 607 -18.88 36.50 21.53
C GLU B 607 -18.05 35.94 22.69
N SER B 608 -16.81 35.52 22.41
CA SER B 608 -15.88 34.92 23.41
C SER B 608 -14.42 35.08 22.97
N VAL B 609 -13.49 34.96 23.94
CA VAL B 609 -12.02 34.98 23.74
C VAL B 609 -11.43 33.72 24.39
N PHE B 610 -10.89 32.80 23.58
CA PHE B 610 -10.19 31.57 24.05
C PHE B 610 -8.70 31.89 24.20
N ALA B 611 -8.30 32.29 25.41
CA ALA B 611 -6.93 32.71 25.77
C ALA B 611 -6.07 31.48 26.06
N VAL B 612 -5.02 31.25 25.25
CA VAL B 612 -4.11 30.08 25.36
C VAL B 612 -2.67 30.59 25.62
N ASN B 613 -2.29 30.70 26.90
CA ASN B 613 -0.89 30.94 27.33
C ASN B 613 -0.11 29.63 27.17
N GLY B 614 1.06 29.67 26.51
CA GLY B 614 1.96 28.53 26.36
C GLY B 614 2.25 28.17 24.91
N PHE B 615 1.28 28.37 24.02
CA PHE B 615 1.35 27.99 22.58
C PHE B 615 1.48 29.24 21.71
N GLY B 616 2.23 29.12 20.62
CA GLY B 616 2.38 30.14 19.56
C GLY B 616 2.61 29.48 18.21
N PHE B 617 2.40 30.21 17.11
CA PHE B 617 2.50 29.68 15.72
C PHE B 617 3.87 29.99 15.12
N ALA B 618 4.75 30.65 15.87
CA ALA B 618 6.20 30.79 15.57
C ALA B 618 7.00 29.84 16.46
N GLY B 619 6.52 29.56 17.68
CA GLY B 619 7.16 28.66 18.66
C GLY B 619 6.36 28.55 19.94
N ARG B 620 6.79 27.66 20.85
CA ARG B 620 6.13 27.37 22.15
C ARG B 620 6.98 27.96 23.30
N GLY B 621 6.47 27.89 24.53
CA GLY B 621 7.19 28.29 25.76
C GLY B 621 6.34 29.14 26.67
N GLN B 622 6.89 29.54 27.82
CA GLN B 622 6.22 30.38 28.85
C GLN B 622 5.95 31.79 28.31
N ASN B 623 6.74 32.24 27.34
CA ASN B 623 6.79 33.66 26.88
C ASN B 623 5.93 33.88 25.63
N THR B 624 5.04 32.93 25.29
CA THR B 624 4.17 32.99 24.07
C THR B 624 2.72 32.68 24.43
N GLY B 625 1.78 33.20 23.64
CA GLY B 625 0.33 32.98 23.79
C GLY B 625 -0.44 33.33 22.53
N ILE B 626 -1.61 32.71 22.34
CA ILE B 626 -2.59 33.05 21.27
C ILE B 626 -3.96 33.28 21.94
N ALA B 627 -4.73 34.24 21.41
CA ALA B 627 -6.14 34.50 21.81
C ALA B 627 -7.05 34.29 20.60
N PHE B 628 -7.80 33.17 20.58
CA PHE B 628 -8.81 32.84 19.55
C PHE B 628 -10.11 33.59 19.88
N VAL B 629 -10.44 34.61 19.09
CA VAL B 629 -11.64 35.48 19.29
C VAL B 629 -12.79 34.92 18.45
N SER B 630 -13.88 34.52 19.11
CA SER B 630 -15.17 34.11 18.48
C SER B 630 -16.09 35.33 18.43
N LEU B 631 -16.58 35.69 17.23
CA LEU B 631 -17.49 36.84 17.00
C LEU B 631 -18.95 36.36 17.02
N LYS B 632 -19.89 37.31 17.01
CA LYS B 632 -21.36 37.05 16.95
C LYS B 632 -21.75 36.82 15.48
N ASP B 633 -23.06 36.61 15.24
CA ASP B 633 -23.65 36.41 13.88
C ASP B 633 -23.28 37.59 12.96
N TRP B 634 -23.32 37.36 11.64
CA TRP B 634 -23.16 38.39 10.59
C TRP B 634 -24.17 39.52 10.81
N ALA B 635 -25.39 39.19 11.23
CA ALA B 635 -26.52 40.12 11.43
C ALA B 635 -26.23 41.11 12.56
N ASP B 636 -25.66 40.63 13.68
CA ASP B 636 -25.40 41.44 14.90
C ASP B 636 -24.20 42.38 14.68
N ARG B 637 -23.46 42.21 13.58
CA ARG B 637 -22.31 43.07 13.19
C ARG B 637 -22.59 43.73 11.84
N PRO B 638 -23.45 44.77 11.78
CA PRO B 638 -23.78 45.44 10.53
C PRO B 638 -22.70 46.46 10.09
N GLY B 639 -22.47 46.56 8.77
CA GLY B 639 -21.52 47.50 8.17
C GLY B 639 -20.12 46.92 8.11
N GLU B 640 -19.20 47.64 7.44
CA GLU B 640 -17.79 47.20 7.20
C GLU B 640 -16.92 47.54 8.42
N GLU B 641 -17.38 48.46 9.28
CA GLU B 641 -16.67 48.91 10.50
C GLU B 641 -16.65 47.78 11.55
N ASN B 642 -17.62 46.87 11.52
CA ASN B 642 -17.79 45.77 12.51
C ASN B 642 -17.31 44.43 11.94
N LYS B 643 -16.65 44.44 10.78
CA LYS B 643 -16.06 43.22 10.13
C LYS B 643 -14.68 42.96 10.75
N VAL B 644 -14.14 41.75 10.51
CA VAL B 644 -12.84 41.28 11.09
C VAL B 644 -11.73 42.26 10.71
N GLU B 645 -11.60 42.55 9.40
CA GLU B 645 -10.53 43.43 8.84
C GLU B 645 -10.48 44.75 9.63
N ALA B 646 -11.64 45.34 9.93
CA ALA B 646 -11.78 46.61 10.67
C ALA B 646 -11.37 46.42 12.14
N ILE B 647 -11.93 45.40 12.80
CA ILE B 647 -11.67 45.09 14.25
C ILE B 647 -10.19 44.77 14.44
N THR B 648 -9.59 44.06 13.47
CA THR B 648 -8.16 43.66 13.45
C THR B 648 -7.27 44.89 13.53
N MET B 649 -7.51 45.89 12.68
CA MET B 649 -6.70 47.14 12.57
C MET B 649 -6.85 47.96 13.86
N ARG B 650 -8.08 48.04 14.41
CA ARG B 650 -8.38 48.75 15.68
C ARG B 650 -7.67 48.04 16.85
N ALA B 651 -7.70 46.70 16.86
CA ALA B 651 -7.12 45.85 17.92
C ALA B 651 -5.60 46.07 18.01
N THR B 652 -4.91 46.01 16.86
CA THR B 652 -3.43 46.13 16.75
C THR B 652 -2.98 47.51 17.29
N ARG B 653 -3.74 48.57 17.01
CA ARG B 653 -3.44 49.96 17.47
C ARG B 653 -3.43 50.00 19.01
N ALA B 654 -4.48 49.46 19.65
CA ALA B 654 -4.69 49.47 21.11
C ALA B 654 -3.63 48.61 21.82
N PHE B 655 -3.12 47.58 21.15
CA PHE B 655 -2.12 46.61 21.69
C PHE B 655 -0.69 47.10 21.44
N SER B 656 -0.51 48.10 20.57
CA SER B 656 0.79 48.80 20.36
C SER B 656 1.19 49.55 21.64
N GLN B 657 0.20 49.91 22.46
CA GLN B 657 0.37 50.60 23.78
C GLN B 657 1.13 49.68 24.74
N ILE B 658 0.91 48.36 24.67
CA ILE B 658 1.42 47.35 25.64
C ILE B 658 2.95 47.42 25.67
N LYS B 659 3.54 47.26 26.86
CA LYS B 659 4.93 47.65 27.18
C LYS B 659 5.92 46.58 26.67
N ASP B 660 5.93 45.41 27.31
CA ASP B 660 6.94 44.33 27.08
C ASP B 660 6.32 43.20 26.26
N ALA B 661 5.71 43.53 25.11
CA ALA B 661 5.01 42.55 24.24
C ALA B 661 4.98 43.04 22.78
N MET B 662 4.83 42.09 21.85
CA MET B 662 4.67 42.32 20.39
C MET B 662 3.34 41.67 19.95
N VAL B 663 2.21 42.30 20.33
CA VAL B 663 0.83 41.77 20.13
C VAL B 663 0.25 42.38 18.85
N PHE B 664 -0.46 41.57 18.06
CA PHE B 664 -1.17 42.01 16.83
C PHE B 664 -2.19 40.93 16.39
N ALA B 665 -3.37 41.38 15.98
CA ALA B 665 -4.48 40.53 15.48
C ALA B 665 -4.33 40.29 13.98
N PHE B 666 -4.93 39.22 13.46
CA PHE B 666 -4.97 38.87 12.01
C PHE B 666 -6.09 37.87 11.74
N ASN B 667 -6.77 38.04 10.60
CA ASN B 667 -7.89 37.18 10.13
C ASN B 667 -7.36 35.77 9.82
N LEU B 668 -8.20 34.74 9.98
CA LEU B 668 -7.90 33.35 9.57
C LEU B 668 -7.96 33.26 8.04
N PRO B 669 -7.13 32.43 7.39
CA PRO B 669 -7.20 32.23 5.95
C PRO B 669 -8.48 31.49 5.54
N ALA B 670 -9.02 31.80 4.36
CA ALA B 670 -10.28 31.24 3.81
C ALA B 670 -10.31 29.72 3.99
N ILE B 671 -9.21 29.05 3.63
CA ILE B 671 -9.01 27.57 3.81
C ILE B 671 -7.94 27.36 4.88
N VAL B 672 -8.36 26.94 6.07
CA VAL B 672 -7.49 26.65 7.27
C VAL B 672 -6.49 25.55 6.90
N GLU B 673 -6.88 24.63 6.01
CA GLU B 673 -6.11 23.41 5.62
C GLU B 673 -4.77 23.81 4.97
N LEU B 674 -4.77 24.87 4.15
CA LEU B 674 -3.57 25.32 3.36
C LEU B 674 -2.58 26.06 4.27
N GLY B 675 -3.08 27.07 5.02
CA GLY B 675 -2.25 28.02 5.78
C GLY B 675 -2.47 29.43 5.28
N THR B 676 -1.47 30.31 5.46
CA THR B 676 -1.52 31.77 5.16
C THR B 676 -1.96 32.01 3.71
N ALA B 677 -1.30 31.34 2.76
CA ALA B 677 -1.69 31.25 1.32
C ALA B 677 -1.62 32.61 0.63
N THR B 678 -0.72 33.51 1.07
CA THR B 678 -0.34 34.77 0.37
C THR B 678 1.12 35.09 0.71
N GLY B 679 1.89 35.52 -0.29
CA GLY B 679 3.34 35.79 -0.18
C GLY B 679 4.16 34.55 -0.52
N PHE B 680 5.28 34.33 0.19
CA PHE B 680 6.24 33.23 -0.08
C PHE B 680 6.69 32.59 1.24
N ASP B 681 7.32 31.41 1.13
CA ASP B 681 7.83 30.59 2.27
C ASP B 681 9.25 30.12 1.93
N PHE B 682 10.26 30.76 2.53
CA PHE B 682 11.70 30.60 2.19
C PHE B 682 12.41 29.81 3.29
N GLU B 683 13.12 28.74 2.91
CA GLU B 683 13.95 27.91 3.83
C GLU B 683 15.43 28.19 3.53
N LEU B 684 16.14 28.78 4.50
CA LEU B 684 17.62 29.03 4.45
C LEU B 684 18.32 27.84 5.11
N ILE B 685 19.23 27.17 4.38
CA ILE B 685 19.77 25.83 4.73
C ILE B 685 21.28 25.92 4.97
N ASP B 686 21.76 25.36 6.09
CA ASP B 686 23.20 25.10 6.39
C ASP B 686 23.62 23.84 5.63
N GLN B 687 24.37 24.02 4.54
CA GLN B 687 24.67 22.96 3.53
C GLN B 687 26.01 22.27 3.80
N ALA B 688 26.80 22.77 4.76
CA ALA B 688 28.19 22.30 4.99
C ALA B 688 28.61 22.51 6.46
N GLY B 689 27.76 22.10 7.40
CA GLY B 689 28.06 22.02 8.85
C GLY B 689 28.69 23.29 9.39
N LEU B 690 28.16 24.46 9.00
CA LEU B 690 28.60 25.79 9.51
C LEU B 690 28.32 25.91 11.02
N GLY B 691 27.18 25.35 11.46
CA GLY B 691 26.72 25.41 12.86
C GLY B 691 25.56 26.38 13.01
N HIS B 692 24.98 26.47 14.22
CA HIS B 692 23.79 27.30 14.55
C HIS B 692 24.14 28.79 14.44
N GLU B 693 25.25 29.19 15.07
CA GLU B 693 25.65 30.61 15.28
C GLU B 693 25.99 31.28 13.94
N LYS B 694 26.45 30.50 12.95
CA LYS B 694 26.88 31.00 11.61
C LYS B 694 25.68 31.14 10.68
N LEU B 695 24.69 30.23 10.77
CA LEU B 695 23.44 30.28 9.98
C LEU B 695 22.56 31.44 10.46
N THR B 696 22.61 31.74 11.77
CA THR B 696 21.97 32.91 12.42
C THR B 696 22.39 34.20 11.71
N GLN B 697 23.69 34.33 11.43
CA GLN B 697 24.31 35.55 10.82
C GLN B 697 23.97 35.62 9.32
N ALA B 698 24.05 34.49 8.62
CA ALA B 698 23.72 34.37 7.17
C ALA B 698 22.25 34.76 6.95
N ARG B 699 21.38 34.42 7.90
CA ARG B 699 19.94 34.81 7.92
C ARG B 699 19.84 36.33 8.10
N ASN B 700 20.56 36.88 9.08
CA ASN B 700 20.57 38.33 9.42
C ASN B 700 21.11 39.16 8.24
N GLN B 701 22.01 38.57 7.44
CA GLN B 701 22.60 39.20 6.23
C GLN B 701 21.55 39.27 5.12
N LEU B 702 20.69 38.26 5.00
CA LEU B 702 19.57 38.20 4.02
C LEU B 702 18.44 39.14 4.46
N LEU B 703 18.15 39.19 5.77
CA LEU B 703 17.08 40.03 6.36
C LEU B 703 17.43 41.52 6.16
N ALA B 704 18.68 41.89 6.37
CA ALA B 704 19.21 43.27 6.22
C ALA B 704 19.11 43.72 4.76
N GLU B 705 19.41 42.82 3.82
CA GLU B 705 19.38 43.09 2.35
C GLU B 705 17.92 43.25 1.88
N ALA B 706 17.01 42.42 2.38
CA ALA B 706 15.57 42.42 2.06
C ALA B 706 14.94 43.75 2.50
N ALA B 707 15.47 44.36 3.57
CA ALA B 707 15.00 45.64 4.15
C ALA B 707 15.32 46.81 3.21
N LYS B 708 16.31 46.66 2.33
CA LYS B 708 16.81 47.72 1.41
C LYS B 708 16.08 47.66 0.05
N HIS B 709 14.98 46.90 -0.04
CA HIS B 709 14.07 46.84 -1.21
C HIS B 709 12.62 46.87 -0.75
N PRO B 710 12.14 48.00 -0.17
CA PRO B 710 10.73 48.11 0.24
C PRO B 710 9.79 48.09 -0.97
N ASP B 711 10.29 48.52 -2.13
CA ASP B 711 9.54 48.60 -3.42
C ASP B 711 9.16 47.19 -3.90
N MET B 712 9.96 46.17 -3.55
CA MET B 712 9.76 44.76 -4.03
C MET B 712 9.30 43.86 -2.88
N LEU B 713 10.05 43.84 -1.77
CA LEU B 713 9.79 42.94 -0.60
C LEU B 713 9.23 43.75 0.57
N THR B 714 8.31 43.14 1.33
CA THR B 714 7.73 43.70 2.59
C THR B 714 7.40 42.54 3.54
N SER B 715 7.54 42.77 4.85
CA SER B 715 7.22 41.83 5.95
C SER B 715 8.13 40.59 5.89
N VAL B 716 9.37 40.76 5.43
CA VAL B 716 10.41 39.69 5.39
C VAL B 716 10.93 39.49 6.82
N ARG B 717 10.49 38.41 7.49
CA ARG B 717 10.77 38.14 8.93
C ARG B 717 11.09 36.67 9.12
N PRO B 718 11.75 36.29 10.24
CA PRO B 718 11.99 34.89 10.57
C PRO B 718 10.79 34.25 11.30
N ASN B 719 10.35 33.08 10.85
CA ASN B 719 9.22 32.30 11.44
C ASN B 719 9.81 31.31 12.46
N GLY B 720 10.32 31.83 13.58
CA GLY B 720 10.94 31.05 14.66
C GLY B 720 11.42 31.92 15.80
N LEU B 721 11.80 31.30 16.92
CA LEU B 721 12.26 32.00 18.15
C LEU B 721 13.74 32.38 18.02
N GLU B 722 14.12 33.52 18.60
CA GLU B 722 15.53 33.98 18.69
C GLU B 722 16.22 33.25 19.85
N ASP B 723 17.56 33.30 19.89
CA ASP B 723 18.38 32.68 20.97
C ASP B 723 18.09 33.41 22.29
N THR B 724 18.12 32.66 23.40
CA THR B 724 17.77 33.13 24.77
C THR B 724 18.89 32.77 25.73
N PRO B 725 18.97 33.40 26.92
CA PRO B 725 19.92 32.99 27.95
C PRO B 725 19.55 31.61 28.53
N GLN B 726 20.55 30.76 28.79
CA GLN B 726 20.37 29.44 29.43
C GLN B 726 21.51 29.19 30.43
N PHE B 727 21.26 28.31 31.40
CA PHE B 727 22.07 28.10 32.63
C PHE B 727 22.98 26.88 32.44
N LYS B 728 24.15 27.07 31.84
CA LYS B 728 25.18 26.01 31.63
C LYS B 728 25.72 25.60 33.00
N ILE B 729 25.75 24.29 33.28
CA ILE B 729 26.21 23.71 34.58
C ILE B 729 27.12 22.50 34.28
N ASP B 730 28.40 22.61 34.64
CA ASP B 730 29.45 21.59 34.38
C ASP B 730 29.69 20.78 35.67
N ILE B 731 29.67 19.44 35.54
CA ILE B 731 29.97 18.48 36.65
C ILE B 731 31.47 18.18 36.62
N ASP B 732 32.20 18.58 37.67
CA ASP B 732 33.65 18.28 37.83
C ASP B 732 33.79 16.77 38.07
N GLN B 733 34.21 16.03 37.04
CA GLN B 733 34.30 14.54 37.03
C GLN B 733 35.27 14.08 38.12
N GLU B 734 36.36 14.83 38.32
CA GLU B 734 37.42 14.53 39.33
C GLU B 734 36.84 14.63 40.74
N LYS B 735 36.13 15.73 41.03
CA LYS B 735 35.56 16.03 42.38
C LYS B 735 34.50 14.98 42.73
N ALA B 736 33.68 14.58 41.76
CA ALA B 736 32.58 13.59 41.91
C ALA B 736 33.16 12.21 42.25
N GLN B 737 34.27 11.84 41.58
CA GLN B 737 34.96 10.53 41.77
C GLN B 737 35.70 10.52 43.12
N ALA B 738 36.23 11.68 43.54
CA ALA B 738 36.98 11.86 44.81
C ALA B 738 36.04 11.67 46.00
N LEU B 739 34.86 12.30 45.97
CA LEU B 739 33.84 12.25 47.05
C LEU B 739 33.06 10.93 46.98
N GLY B 740 33.23 10.16 45.89
CA GLY B 740 32.60 8.84 45.70
C GLY B 740 31.14 8.97 45.30
N VAL B 741 30.85 9.81 44.31
CA VAL B 741 29.48 10.11 43.79
C VAL B 741 29.43 9.74 42.32
N SER B 742 28.59 8.75 41.96
CA SER B 742 28.35 8.31 40.56
C SER B 742 27.65 9.43 39.79
N ILE B 743 27.94 9.54 38.48
CA ILE B 743 27.36 10.58 37.58
C ILE B 743 25.87 10.27 37.36
N ASN B 744 25.52 8.98 37.29
CA ASN B 744 24.12 8.49 37.16
C ASN B 744 23.24 9.16 38.22
N ASP B 745 23.67 9.10 39.49
CA ASP B 745 22.93 9.66 40.66
C ASP B 745 22.80 11.18 40.53
N ILE B 746 23.88 11.86 40.10
CA ILE B 746 23.92 13.35 39.95
C ILE B 746 22.91 13.78 38.89
N ASN B 747 23.08 13.29 37.64
CA ASN B 747 22.27 13.69 36.46
C ASN B 747 20.80 13.34 36.68
N THR B 748 20.51 12.21 37.34
CA THR B 748 19.13 11.75 37.66
C THR B 748 18.51 12.71 38.69
N THR B 749 19.22 12.97 39.80
CA THR B 749 18.79 13.91 40.87
C THR B 749 18.42 15.26 40.24
N LEU B 750 19.27 15.77 39.34
CA LEU B 750 19.09 17.08 38.64
C LEU B 750 17.90 16.97 37.67
N GLY B 751 17.97 16.04 36.71
CA GLY B 751 16.97 15.86 35.64
C GLY B 751 15.59 15.56 36.17
N ALA B 752 15.49 14.77 37.26
CA ALA B 752 14.22 14.33 37.87
C ALA B 752 13.60 15.48 38.66
N ALA B 753 14.39 16.17 39.50
CA ALA B 753 13.95 17.29 40.36
C ALA B 753 13.52 18.47 39.48
N TRP B 754 14.44 18.99 38.67
CA TRP B 754 14.27 20.25 37.89
C TRP B 754 13.42 20.01 36.64
N GLY B 755 13.70 18.93 35.90
CA GLY B 755 13.03 18.61 34.63
C GLY B 755 11.70 17.89 34.84
N GLY B 756 11.61 17.05 35.88
CA GLY B 756 10.50 16.11 36.08
C GLY B 756 10.77 14.81 35.36
N SER B 757 10.41 13.67 35.98
CA SER B 757 10.73 12.31 35.51
C SER B 757 9.48 11.42 35.51
N TYR B 758 9.10 10.90 34.34
CA TYR B 758 7.99 9.93 34.14
C TYR B 758 8.46 8.55 34.61
N VAL B 759 7.91 8.06 35.72
CA VAL B 759 8.36 6.82 36.43
C VAL B 759 7.65 5.60 35.83
N ASN B 760 6.33 5.50 36.02
CA ASN B 760 5.49 4.36 35.54
C ASN B 760 4.02 4.79 35.55
N ASP B 761 3.11 3.87 35.22
CA ASP B 761 1.65 4.11 35.15
C ASP B 761 0.97 3.57 36.41
N PHE B 762 -0.19 4.14 36.75
CA PHE B 762 -1.12 3.68 37.82
C PHE B 762 -2.54 3.71 37.25
N ILE B 763 -3.55 3.30 38.03
CA ILE B 763 -4.97 3.20 37.59
C ILE B 763 -5.84 4.05 38.52
N ASP B 764 -6.21 5.25 38.07
CA ASP B 764 -7.16 6.16 38.77
C ASP B 764 -8.57 5.91 38.25
N ARG B 765 -9.39 5.20 39.04
CA ARG B 765 -10.82 4.92 38.77
C ARG B 765 -10.98 4.21 37.41
N GLY B 766 -10.28 3.08 37.25
CA GLY B 766 -10.41 2.16 36.11
C GLY B 766 -9.91 2.73 34.79
N ARG B 767 -8.96 3.69 34.85
CA ARG B 767 -8.33 4.31 33.67
C ARG B 767 -6.82 4.46 33.91
N VAL B 768 -6.00 4.03 32.94
CA VAL B 768 -4.51 4.10 33.01
C VAL B 768 -4.08 5.57 32.92
N LYS B 769 -3.17 5.98 33.81
CA LYS B 769 -2.64 7.37 33.92
C LYS B 769 -1.20 7.33 34.42
N LYS B 770 -0.42 8.38 34.15
CA LYS B 770 1.05 8.42 34.37
C LYS B 770 1.37 8.89 35.79
N VAL B 771 2.59 8.57 36.26
CA VAL B 771 3.16 9.02 37.56
C VAL B 771 4.46 9.79 37.28
N TYR B 772 4.47 11.10 37.56
CA TYR B 772 5.64 12.01 37.41
C TYR B 772 6.17 12.39 38.80
N VAL B 773 7.45 12.11 39.06
CA VAL B 773 8.20 12.71 40.21
C VAL B 773 8.86 13.99 39.71
N MET B 774 8.82 15.05 40.53
CA MET B 774 9.38 16.39 40.21
C MET B 774 9.55 17.17 41.51
N SER B 775 10.47 18.13 41.54
CA SER B 775 10.70 19.05 42.68
C SER B 775 9.44 19.89 42.92
N GLU B 776 9.07 20.10 44.18
CA GLU B 776 8.04 21.12 44.57
C GLU B 776 8.54 22.48 44.09
N ALA B 777 7.65 23.26 43.46
CA ALA B 777 7.98 24.46 42.64
C ALA B 777 9.06 25.33 43.29
N LYS B 778 9.00 25.52 44.62
CA LYS B 778 9.78 26.56 45.34
C LYS B 778 11.24 26.11 45.59
N TYR B 779 11.65 24.93 45.13
CA TYR B 779 13.04 24.41 45.27
C TYR B 779 13.69 24.20 43.90
N ARG B 780 13.13 24.77 42.82
CA ARG B 780 13.64 24.58 41.44
C ARG B 780 13.36 25.84 40.59
N MET B 781 13.61 27.02 41.15
CA MET B 781 13.27 28.33 40.50
C MET B 781 14.55 29.05 40.07
N LEU B 782 15.44 29.40 41.02
CA LEU B 782 16.64 30.24 40.77
C LEU B 782 17.91 29.41 41.01
N PRO B 783 19.08 29.84 40.47
CA PRO B 783 20.35 29.13 40.67
C PRO B 783 20.74 28.89 42.13
N ASP B 784 20.22 29.71 43.06
CA ASP B 784 20.44 29.57 44.53
C ASP B 784 19.90 28.22 45.01
N ASP B 785 18.87 27.68 44.34
CA ASP B 785 18.15 26.44 44.73
C ASP B 785 18.98 25.20 44.36
N ILE B 786 19.91 25.32 43.40
CA ILE B 786 20.82 24.20 42.96
C ILE B 786 21.59 23.70 44.18
N GLY B 787 22.04 24.61 45.06
CA GLY B 787 22.85 24.31 46.25
C GLY B 787 22.09 23.51 47.31
N ASP B 788 20.76 23.48 47.24
CA ASP B 788 19.87 22.84 48.25
C ASP B 788 19.66 21.35 47.95
N TRP B 789 20.15 20.85 46.80
CA TRP B 789 19.99 19.43 46.37
C TRP B 789 21.22 18.61 46.78
N TYR B 790 20.98 17.44 47.37
CA TYR B 790 22.02 16.54 47.94
C TYR B 790 21.94 15.16 47.29
N VAL B 791 23.10 14.66 46.82
CA VAL B 791 23.28 13.29 46.27
C VAL B 791 24.10 12.47 47.28
N ARG B 792 23.65 11.26 47.59
CA ARG B 792 24.34 10.34 48.54
C ARG B 792 25.57 9.74 47.84
N ALA B 793 26.72 9.75 48.52
CA ALA B 793 28.00 9.18 48.05
C ALA B 793 28.03 7.68 48.36
N ALA B 794 29.04 6.98 47.83
CA ALA B 794 29.26 5.52 48.02
C ALA B 794 29.63 5.23 49.48
N ASP B 795 30.36 6.16 50.13
CA ASP B 795 30.84 6.01 51.53
C ASP B 795 29.66 6.22 52.50
N GLY B 796 28.61 6.94 52.08
CA GLY B 796 27.38 7.17 52.85
C GLY B 796 27.09 8.65 53.04
N GLN B 797 28.12 9.50 53.01
CA GLN B 797 28.03 10.98 53.16
C GLN B 797 27.00 11.54 52.17
N MET B 798 26.25 12.57 52.59
CA MET B 798 25.33 13.35 51.71
C MET B 798 26.08 14.58 51.18
N VAL B 799 26.47 14.54 49.90
CA VAL B 799 27.26 15.61 49.22
C VAL B 799 26.28 16.63 48.64
N PRO B 800 26.45 17.95 48.93
CA PRO B 800 25.63 18.99 48.30
C PRO B 800 26.05 19.21 46.83
N PHE B 801 25.13 19.72 46.01
CA PHE B 801 25.29 19.86 44.53
C PHE B 801 26.36 20.92 44.22
N SER B 802 26.53 21.91 45.11
CA SER B 802 27.46 23.06 44.95
C SER B 802 28.93 22.60 45.03
N ALA B 803 29.19 21.47 45.68
CA ALA B 803 30.56 20.94 45.94
C ALA B 803 31.22 20.45 44.65
N PHE B 804 30.44 19.92 43.70
CA PHE B 804 30.95 19.26 42.46
C PHE B 804 30.39 19.93 41.19
N SER B 805 29.73 21.10 41.31
CA SER B 805 29.12 21.83 40.19
C SER B 805 29.73 23.24 40.06
N SER B 806 29.65 23.82 38.86
CA SER B 806 30.08 25.20 38.52
C SER B 806 29.29 25.69 37.32
N SER B 807 28.59 26.83 37.46
CA SER B 807 27.55 27.31 36.50
C SER B 807 27.91 28.70 35.95
N ARG B 808 27.46 28.98 34.71
CA ARG B 808 27.62 30.28 34.02
C ARG B 808 26.45 30.46 33.03
N TRP B 809 26.31 31.67 32.47
CA TRP B 809 25.28 32.01 31.44
C TRP B 809 25.89 31.88 30.03
N GLU B 810 25.09 31.43 29.07
CA GLU B 810 25.42 31.40 27.62
C GLU B 810 24.13 31.46 26.82
N TYR B 811 24.20 31.75 25.52
CA TYR B 811 23.05 31.91 24.60
C TYR B 811 22.93 30.68 23.70
N GLY B 812 21.77 30.00 23.77
CA GLY B 812 21.40 28.87 22.89
C GLY B 812 19.96 29.01 22.41
N SER B 813 19.62 28.34 21.31
CA SER B 813 18.30 28.44 20.62
C SER B 813 17.25 27.59 21.33
N PRO B 814 16.08 28.16 21.69
CA PRO B 814 14.98 27.39 22.26
C PRO B 814 14.06 26.74 21.23
N ARG B 815 14.41 26.82 19.93
CA ARG B 815 13.69 26.16 18.81
C ARG B 815 14.61 26.06 17.59
N LEU B 816 15.21 24.90 17.37
CA LEU B 816 16.08 24.58 16.20
C LEU B 816 15.21 23.98 15.08
N GLU B 817 15.40 24.45 13.84
CA GLU B 817 14.63 23.99 12.65
C GLU B 817 15.57 23.19 11.73
N ARG B 818 15.01 22.21 11.01
CA ARG B 818 15.72 21.41 9.97
C ARG B 818 14.80 21.27 8.74
N TYR B 819 15.38 21.14 7.56
CA TYR B 819 14.68 20.94 6.26
C TYR B 819 15.45 19.94 5.41
N ASN B 820 14.82 18.78 5.15
CA ASN B 820 15.39 17.65 4.36
C ASN B 820 16.71 17.20 4.99
N GLY B 821 16.74 17.07 6.32
CA GLY B 821 17.85 16.46 7.08
C GLY B 821 18.83 17.48 7.64
N LEU B 822 19.01 18.61 6.95
CA LEU B 822 20.06 19.63 7.25
C LEU B 822 19.46 20.75 8.09
N PRO B 823 20.28 21.46 8.92
CA PRO B 823 19.78 22.59 9.70
C PRO B 823 19.28 23.71 8.79
N SER B 824 18.18 24.37 9.17
CA SER B 824 17.51 25.42 8.34
C SER B 824 16.91 26.51 9.24
N MET B 825 16.45 27.60 8.61
CA MET B 825 15.70 28.72 9.23
C MET B 825 14.64 29.21 8.25
N GLU B 826 13.36 29.06 8.62
CA GLU B 826 12.19 29.42 7.77
C GLU B 826 12.01 30.94 7.79
N ILE B 827 12.01 31.58 6.62
CA ILE B 827 11.77 33.03 6.43
C ILE B 827 10.46 33.22 5.66
N LEU B 828 9.51 33.96 6.24
CA LEU B 828 8.21 34.32 5.61
C LEU B 828 8.29 35.76 5.10
N GLY B 829 7.51 36.07 4.06
CA GLY B 829 7.38 37.41 3.48
C GLY B 829 6.33 37.44 2.38
N GLN B 830 6.20 38.58 1.69
CA GLN B 830 5.22 38.80 0.59
C GLN B 830 5.74 39.89 -0.35
N ALA B 831 5.26 39.89 -1.60
CA ALA B 831 5.56 40.94 -2.60
C ALA B 831 4.96 42.26 -2.14
N ALA B 832 5.68 43.36 -2.35
CA ALA B 832 5.26 44.74 -1.98
C ALA B 832 4.07 45.14 -2.85
N PRO B 833 3.20 46.06 -2.38
CA PRO B 833 1.99 46.45 -3.13
C PRO B 833 2.29 46.82 -4.58
N GLY B 834 1.55 46.22 -5.52
CA GLY B 834 1.71 46.43 -6.98
C GLY B 834 2.50 45.32 -7.64
N LYS B 835 3.56 44.84 -6.97
CA LYS B 835 4.47 43.78 -7.48
C LYS B 835 3.80 42.40 -7.30
N SER B 836 4.06 41.47 -8.23
CA SER B 836 3.63 40.06 -8.16
C SER B 836 4.54 39.30 -7.18
N THR B 837 4.03 38.21 -6.59
CA THR B 837 4.76 37.34 -5.64
C THR B 837 5.89 36.61 -6.38
N GLY B 838 5.75 36.42 -7.70
CA GLY B 838 6.78 35.80 -8.56
C GLY B 838 8.06 36.62 -8.62
N GLU B 839 7.94 37.96 -8.71
CA GLU B 839 9.08 38.91 -8.75
C GLU B 839 9.83 38.86 -7.41
N ALA B 840 9.10 38.92 -6.30
CA ALA B 840 9.62 38.92 -4.91
C ALA B 840 10.55 37.71 -4.70
N MET B 841 10.14 36.54 -5.21
CA MET B 841 10.90 35.25 -5.09
C MET B 841 12.20 35.35 -5.90
N GLU B 842 12.15 35.95 -7.10
CA GLU B 842 13.31 36.08 -8.02
C GLU B 842 14.40 36.96 -7.37
N LEU B 843 14.00 38.01 -6.63
CA LEU B 843 14.92 38.90 -5.88
C LEU B 843 15.53 38.12 -4.71
N MET B 844 14.69 37.41 -3.94
CA MET B 844 15.10 36.59 -2.78
C MET B 844 16.15 35.56 -3.21
N GLU B 845 16.02 35.01 -4.43
CA GLU B 845 16.98 34.05 -5.04
C GLU B 845 18.31 34.77 -5.31
N GLN B 846 18.27 36.00 -5.82
CA GLN B 846 19.46 36.85 -6.12
C GLN B 846 20.18 37.21 -4.82
N LEU B 847 19.44 37.68 -3.82
CA LEU B 847 19.97 38.07 -2.49
C LEU B 847 20.65 36.86 -1.82
N ALA B 848 20.05 35.67 -1.95
CA ALA B 848 20.50 34.41 -1.33
C ALA B 848 21.84 33.94 -1.92
N SER B 849 22.10 34.25 -3.19
CA SER B 849 23.32 33.83 -3.94
C SER B 849 24.54 34.65 -3.49
N LYS B 850 24.35 35.71 -2.70
CA LYS B 850 25.42 36.61 -2.20
C LYS B 850 25.77 36.29 -0.74
N LEU B 851 25.15 35.25 -0.16
CA LEU B 851 25.36 34.85 1.27
C LEU B 851 26.68 34.09 1.38
N PRO B 852 27.22 33.90 2.61
CA PRO B 852 28.45 33.11 2.81
C PRO B 852 28.37 31.71 2.20
N THR B 853 29.54 31.12 1.88
CA THR B 853 29.67 29.76 1.29
C THR B 853 29.16 28.72 2.30
N GLY B 854 28.55 27.64 1.81
CA GLY B 854 27.94 26.59 2.65
C GLY B 854 26.60 27.02 3.22
N VAL B 855 25.92 27.97 2.54
CA VAL B 855 24.55 28.44 2.89
C VAL B 855 23.69 28.38 1.62
N GLY B 856 22.84 27.36 1.51
CA GLY B 856 21.89 27.16 0.41
C GLY B 856 20.51 27.68 0.78
N TYR B 857 19.50 27.36 -0.05
CA TYR B 857 18.08 27.77 0.15
C TYR B 857 17.17 26.87 -0.68
N ASP B 858 15.90 26.76 -0.29
CA ASP B 858 14.85 26.02 -1.04
C ASP B 858 13.49 26.68 -0.77
N TRP B 859 12.52 26.46 -1.67
CA TRP B 859 11.14 26.99 -1.59
C TRP B 859 10.20 25.88 -1.11
N THR B 860 9.54 26.09 0.04
CA THR B 860 8.62 25.12 0.69
C THR B 860 7.18 25.67 0.67
N GLY B 861 6.24 24.86 1.13
CA GLY B 861 4.82 25.24 1.33
C GLY B 861 4.17 25.74 0.05
N MET B 862 3.53 26.92 0.12
CA MET B 862 2.77 27.55 -1.00
C MET B 862 3.71 27.91 -2.16
N SER B 863 4.95 28.32 -1.85
CA SER B 863 5.99 28.70 -2.86
C SER B 863 6.32 27.50 -3.75
N TYR B 864 6.36 26.29 -3.16
CA TYR B 864 6.57 25.00 -3.87
C TYR B 864 5.35 24.72 -4.76
N GLN B 865 4.15 24.94 -4.23
CA GLN B 865 2.85 24.71 -4.93
C GLN B 865 2.71 25.68 -6.12
N GLU B 866 2.85 26.98 -5.86
CA GLU B 866 2.55 28.07 -6.84
C GLU B 866 3.63 28.15 -7.92
N ARG B 867 4.81 27.52 -7.71
CA ARG B 867 5.87 27.40 -8.74
C ARG B 867 5.52 26.25 -9.69
N LEU B 868 4.79 25.24 -9.20
CA LEU B 868 4.31 24.09 -10.01
C LEU B 868 3.16 24.56 -10.91
N SER B 869 2.31 25.46 -10.41
CA SER B 869 1.15 26.06 -11.12
C SER B 869 1.65 26.87 -12.34
N GLY B 870 2.62 27.76 -12.12
CA GLY B 870 3.13 28.73 -13.11
C GLY B 870 3.56 28.06 -14.41
N ASN B 871 4.32 26.95 -14.32
CA ASN B 871 4.89 26.21 -15.48
C ASN B 871 3.76 25.65 -16.35
N GLN B 872 2.66 25.20 -15.74
CA GLN B 872 1.52 24.53 -16.43
C GLN B 872 0.66 25.56 -17.18
N ALA B 873 0.47 26.75 -16.59
CA ALA B 873 -0.53 27.76 -17.02
C ALA B 873 -0.52 27.93 -18.54
N PRO B 874 0.62 28.33 -19.18
CA PRO B 874 0.61 28.65 -20.61
C PRO B 874 0.22 27.45 -21.48
N SER B 875 0.63 26.24 -21.08
CA SER B 875 0.35 24.95 -21.78
C SER B 875 -1.17 24.70 -21.82
N LEU B 876 -1.87 24.98 -20.73
CA LEU B 876 -3.33 24.72 -20.57
C LEU B 876 -4.14 25.79 -21.29
N TYR B 877 -3.72 27.06 -21.22
CA TYR B 877 -4.27 28.18 -22.01
C TYR B 877 -4.17 27.83 -23.50
N ALA B 878 -3.00 27.34 -23.91
CA ALA B 878 -2.67 26.96 -25.32
C ALA B 878 -3.63 25.87 -25.79
N ILE B 879 -3.81 24.80 -25.00
CA ILE B 879 -4.69 23.64 -25.34
C ILE B 879 -6.13 24.13 -25.48
N SER B 880 -6.61 24.93 -24.52
CA SER B 880 -7.99 25.51 -24.50
C SER B 880 -8.31 26.12 -25.87
N LEU B 881 -7.50 27.08 -26.32
CA LEU B 881 -7.71 27.86 -27.57
C LEU B 881 -7.64 26.92 -28.79
N ILE B 882 -6.63 26.04 -28.84
CA ILE B 882 -6.38 25.11 -29.99
C ILE B 882 -7.61 24.21 -30.15
N VAL B 883 -8.18 23.69 -29.05
CA VAL B 883 -9.36 22.77 -29.07
C VAL B 883 -10.62 23.56 -29.44
N VAL B 884 -10.81 24.76 -28.85
CA VAL B 884 -11.94 25.69 -29.18
C VAL B 884 -11.94 25.92 -30.69
N PHE B 885 -10.82 26.41 -31.23
CA PHE B 885 -10.62 26.71 -32.68
C PHE B 885 -11.00 25.48 -33.52
N LEU B 886 -10.45 24.31 -33.17
CA LEU B 886 -10.62 23.04 -33.93
C LEU B 886 -12.09 22.60 -33.90
N CYS B 887 -12.77 22.74 -32.76
CA CYS B 887 -14.19 22.33 -32.55
C CYS B 887 -15.12 23.24 -33.39
N LEU B 888 -14.85 24.55 -33.42
CA LEU B 888 -15.61 25.55 -34.23
C LEU B 888 -15.34 25.29 -35.73
N ALA B 889 -14.13 24.86 -36.08
CA ALA B 889 -13.69 24.61 -37.48
C ALA B 889 -14.48 23.45 -38.09
N ALA B 890 -14.70 22.38 -37.32
CA ALA B 890 -15.49 21.19 -37.73
C ALA B 890 -16.97 21.57 -37.85
N LEU B 891 -17.47 22.39 -36.91
CA LEU B 891 -18.87 22.87 -36.84
C LEU B 891 -19.22 23.66 -38.11
N TYR B 892 -18.39 24.63 -38.48
CA TYR B 892 -18.65 25.62 -39.56
C TYR B 892 -18.04 25.17 -40.90
N GLU B 893 -17.12 24.19 -40.88
CA GLU B 893 -16.38 23.70 -42.08
C GLU B 893 -15.61 24.89 -42.68
N SER B 894 -14.76 25.53 -41.87
CA SER B 894 -13.99 26.74 -42.23
C SER B 894 -12.88 26.98 -41.18
N TRP B 895 -11.70 27.39 -41.63
CA TRP B 895 -10.51 27.70 -40.79
C TRP B 895 -10.59 29.15 -40.27
N SER B 896 -11.28 30.03 -41.01
CA SER B 896 -11.33 31.49 -40.77
C SER B 896 -12.54 31.86 -39.89
N ILE B 897 -13.72 31.31 -40.21
CA ILE B 897 -15.02 31.68 -39.58
C ILE B 897 -14.96 31.52 -38.06
N PRO B 898 -14.36 30.42 -37.52
CA PRO B 898 -14.09 30.32 -36.09
C PRO B 898 -13.71 31.63 -35.37
N PHE B 899 -12.81 32.43 -35.98
CA PHE B 899 -12.27 33.70 -35.41
C PHE B 899 -13.41 34.68 -35.10
N SER B 900 -14.47 34.68 -35.91
CA SER B 900 -15.67 35.55 -35.74
C SER B 900 -16.31 35.32 -34.37
N VAL B 901 -16.36 34.06 -33.92
CA VAL B 901 -16.88 33.66 -32.58
C VAL B 901 -15.83 34.04 -31.51
N MET B 902 -14.59 33.61 -31.70
CA MET B 902 -13.51 33.62 -30.67
C MET B 902 -13.12 35.08 -30.29
N LEU B 903 -13.45 36.06 -31.14
CA LEU B 903 -13.15 37.50 -30.88
C LEU B 903 -14.09 38.09 -29.83
N VAL B 904 -15.11 37.33 -29.38
CA VAL B 904 -16.16 37.80 -28.43
C VAL B 904 -15.63 37.76 -26.99
N VAL B 905 -14.49 37.12 -26.75
CA VAL B 905 -13.94 36.83 -25.38
C VAL B 905 -13.82 38.12 -24.57
N PRO B 906 -13.17 39.19 -25.08
CA PRO B 906 -12.96 40.42 -24.30
C PRO B 906 -14.26 41.14 -23.91
N LEU B 907 -15.31 41.00 -24.72
CA LEU B 907 -16.62 41.70 -24.55
C LEU B 907 -17.30 41.20 -23.27
N GLY B 908 -17.26 39.89 -23.03
CA GLY B 908 -17.75 39.26 -21.78
C GLY B 908 -16.90 39.62 -20.59
N VAL B 909 -15.58 39.74 -20.79
CA VAL B 909 -14.56 39.94 -19.72
C VAL B 909 -14.64 41.38 -19.18
N ILE B 910 -14.67 42.38 -20.06
CA ILE B 910 -14.44 43.82 -19.72
C ILE B 910 -15.51 44.31 -18.74
N GLY B 911 -16.76 43.86 -18.90
CA GLY B 911 -17.89 44.21 -18.02
C GLY B 911 -17.60 43.85 -16.57
N ALA B 912 -17.11 42.64 -16.33
CA ALA B 912 -16.74 42.09 -15.01
C ALA B 912 -15.58 42.89 -14.40
N LEU B 913 -14.60 43.27 -15.23
CA LEU B 913 -13.38 44.01 -14.80
C LEU B 913 -13.76 45.42 -14.32
N LEU B 914 -14.63 46.12 -15.05
CA LEU B 914 -15.15 47.46 -14.67
C LEU B 914 -15.93 47.34 -13.35
N ALA B 915 -16.86 46.40 -13.28
CA ALA B 915 -17.70 46.09 -12.10
C ALA B 915 -16.81 45.82 -10.88
N ALA B 916 -15.69 45.13 -11.08
CA ALA B 916 -14.71 44.76 -10.02
C ALA B 916 -13.95 46.01 -9.57
N THR B 917 -13.34 46.74 -10.51
CA THR B 917 -12.46 47.91 -10.24
C THR B 917 -13.28 49.05 -9.60
N PHE B 918 -14.50 49.29 -10.09
CA PHE B 918 -15.36 50.41 -9.65
C PHE B 918 -15.83 50.18 -8.21
N ARG B 919 -16.46 49.03 -7.94
CA ARG B 919 -17.03 48.68 -6.61
C ARG B 919 -15.89 48.27 -5.66
N GLY B 920 -14.80 47.72 -6.19
CA GLY B 920 -13.59 47.38 -5.42
C GLY B 920 -13.58 45.93 -4.97
N LEU B 921 -13.84 45.00 -5.90
CA LEU B 921 -13.69 43.53 -5.69
C LEU B 921 -12.24 43.15 -6.02
N THR B 922 -11.89 41.87 -5.82
CA THR B 922 -10.55 41.30 -6.09
C THR B 922 -10.68 40.12 -7.07
N ASN B 923 -9.69 39.95 -7.96
CA ASN B 923 -9.59 38.82 -8.91
C ASN B 923 -9.25 37.55 -8.12
N ASP B 924 -10.26 36.84 -7.64
CA ASP B 924 -10.12 35.55 -6.89
C ASP B 924 -10.66 34.41 -7.76
N VAL B 925 -10.59 33.17 -7.25
CA VAL B 925 -10.88 31.92 -8.03
C VAL B 925 -12.37 31.86 -8.38
N TYR B 926 -13.25 32.41 -7.55
CA TYR B 926 -14.72 32.52 -7.80
C TYR B 926 -14.95 33.43 -9.00
N PHE B 927 -14.32 34.62 -8.99
CA PHE B 927 -14.42 35.67 -10.04
C PHE B 927 -13.91 35.13 -11.38
N GLN B 928 -12.85 34.31 -11.34
CA GLN B 928 -12.19 33.73 -12.56
C GLN B 928 -13.13 32.74 -13.25
N VAL B 929 -13.73 31.82 -12.48
CA VAL B 929 -14.73 30.84 -13.01
C VAL B 929 -15.98 31.62 -13.43
N GLY B 930 -16.26 32.74 -12.77
CA GLY B 930 -17.32 33.70 -13.13
C GLY B 930 -17.10 34.29 -14.52
N LEU B 931 -15.86 34.64 -14.86
CA LEU B 931 -15.47 35.17 -16.19
C LEU B 931 -15.65 34.07 -17.25
N LEU B 932 -15.17 32.86 -16.96
CA LEU B 932 -15.19 31.69 -17.89
C LEU B 932 -16.63 31.37 -18.31
N THR B 933 -17.60 31.50 -17.39
CA THR B 933 -19.04 31.26 -17.64
C THR B 933 -19.61 32.37 -18.54
N THR B 934 -19.26 33.62 -18.25
CA THR B 934 -19.65 34.83 -19.05
C THR B 934 -19.11 34.70 -20.46
N ILE B 935 -17.84 34.34 -20.61
CA ILE B 935 -17.16 34.09 -21.91
C ILE B 935 -17.89 32.92 -22.60
N GLY B 936 -18.17 31.85 -21.86
CA GLY B 936 -18.86 30.65 -22.33
C GLY B 936 -20.24 30.95 -22.89
N LEU B 937 -21.01 31.81 -22.19
CA LEU B 937 -22.43 32.15 -22.54
C LEU B 937 -22.46 33.18 -23.68
N SER B 938 -21.51 34.12 -23.71
CA SER B 938 -21.36 35.13 -24.79
C SER B 938 -20.88 34.44 -26.07
N ALA B 939 -20.02 33.43 -25.96
CA ALA B 939 -19.58 32.55 -27.06
C ALA B 939 -20.77 31.74 -27.57
N LYS B 940 -21.59 31.21 -26.66
CA LYS B 940 -22.82 30.42 -26.95
C LYS B 940 -23.77 31.25 -27.83
N ASN B 941 -24.01 32.50 -27.44
CA ASN B 941 -24.88 33.47 -28.17
C ASN B 941 -24.31 33.72 -29.57
N ALA B 942 -22.99 33.93 -29.66
CA ALA B 942 -22.26 34.26 -30.92
C ALA B 942 -22.26 33.05 -31.86
N ILE B 943 -22.10 31.84 -31.33
CA ILE B 943 -22.01 30.58 -32.12
C ILE B 943 -23.31 30.39 -32.94
N LEU B 944 -24.46 30.69 -32.34
CA LEU B 944 -25.80 30.57 -32.98
C LEU B 944 -25.98 31.68 -34.03
N ILE B 945 -25.67 32.93 -33.67
CA ILE B 945 -25.71 34.11 -34.59
C ILE B 945 -24.93 33.77 -35.87
N VAL B 946 -23.71 33.25 -35.71
CA VAL B 946 -22.80 32.87 -36.85
C VAL B 946 -23.38 31.67 -37.59
N GLU B 947 -23.92 30.68 -36.86
CA GLU B 947 -24.48 29.43 -37.43
C GLU B 947 -25.69 29.75 -38.30
N PHE B 948 -26.64 30.54 -37.77
CA PHE B 948 -27.86 31.00 -38.50
C PHE B 948 -27.44 31.80 -39.74
N ALA B 949 -26.55 32.78 -39.55
CA ALA B 949 -26.01 33.67 -40.62
C ALA B 949 -25.39 32.82 -41.74
N LYS B 950 -24.50 31.88 -41.38
CA LYS B 950 -23.76 31.03 -42.36
C LYS B 950 -24.74 30.11 -43.10
N ASP B 951 -25.71 29.53 -42.39
CA ASP B 951 -26.69 28.56 -42.95
C ASP B 951 -27.56 29.27 -44.00
N LEU B 952 -28.03 30.50 -43.70
CA LEU B 952 -28.85 31.33 -44.64
C LEU B 952 -28.09 31.50 -45.96
N MET B 953 -26.78 31.72 -45.90
CA MET B 953 -25.90 31.92 -47.09
C MET B 953 -25.73 30.59 -47.84
N ASP B 954 -25.60 29.48 -47.11
CA ASP B 954 -25.35 28.13 -47.69
C ASP B 954 -26.64 27.57 -48.32
N LYS B 955 -27.72 27.47 -47.54
CA LYS B 955 -28.99 26.82 -47.95
C LYS B 955 -29.73 27.70 -48.97
N GLU B 956 -30.08 28.92 -48.58
CA GLU B 956 -31.05 29.80 -49.30
C GLU B 956 -30.30 30.78 -50.23
N GLY B 957 -28.96 30.75 -50.23
CA GLY B 957 -28.11 31.52 -51.16
C GLY B 957 -28.25 33.03 -50.97
N LYS B 958 -28.36 33.49 -49.73
CA LYS B 958 -28.52 34.92 -49.37
C LYS B 958 -27.16 35.60 -49.31
N GLY B 959 -27.13 36.93 -49.43
CA GLY B 959 -25.92 37.76 -49.33
C GLY B 959 -25.37 37.80 -47.91
N LEU B 960 -24.16 38.33 -47.74
CA LEU B 960 -23.43 38.37 -46.44
C LEU B 960 -24.18 39.27 -45.44
N ILE B 961 -24.49 40.51 -45.84
CA ILE B 961 -25.11 41.55 -44.96
C ILE B 961 -26.57 41.16 -44.68
N GLU B 962 -27.28 40.65 -45.69
CA GLU B 962 -28.69 40.18 -45.58
C GLU B 962 -28.77 39.07 -44.52
N ALA B 963 -27.92 38.05 -44.65
CA ALA B 963 -27.89 36.85 -43.78
C ALA B 963 -27.54 37.24 -42.34
N THR B 964 -26.58 38.14 -42.16
CA THR B 964 -26.15 38.67 -40.84
C THR B 964 -27.32 39.38 -40.16
N LEU B 965 -28.05 40.21 -40.91
CA LEU B 965 -29.18 41.04 -40.40
C LEU B 965 -30.36 40.14 -40.02
N ASP B 966 -30.65 39.11 -40.82
CA ASP B 966 -31.71 38.10 -40.55
C ASP B 966 -31.35 37.30 -39.30
N ALA B 967 -30.08 36.89 -39.18
CA ALA B 967 -29.54 36.07 -38.06
C ALA B 967 -29.72 36.82 -36.73
N VAL B 968 -29.20 38.04 -36.63
CA VAL B 968 -29.16 38.86 -35.38
C VAL B 968 -30.59 39.21 -34.95
N ARG B 969 -31.52 39.34 -35.90
CA ARG B 969 -32.96 39.60 -35.64
C ARG B 969 -33.58 38.37 -34.97
N MET B 970 -33.42 37.20 -35.59
CA MET B 970 -33.99 35.90 -35.13
C MET B 970 -33.48 35.56 -33.72
N ARG B 971 -32.22 35.95 -33.41
CA ARG B 971 -31.52 35.59 -32.15
C ARG B 971 -31.64 36.71 -31.10
N LEU B 972 -32.26 37.86 -31.43
CA LEU B 972 -32.35 39.01 -30.50
C LEU B 972 -33.19 38.63 -29.28
N ARG B 973 -34.41 38.12 -29.51
CA ARG B 973 -35.39 37.79 -28.44
C ARG B 973 -34.75 36.84 -27.42
N PRO B 974 -34.32 35.61 -27.82
CA PRO B 974 -33.84 34.63 -26.85
C PRO B 974 -32.63 35.08 -26.03
N ILE B 975 -31.75 35.89 -26.61
CA ILE B 975 -30.57 36.50 -25.92
C ILE B 975 -31.08 37.48 -24.84
N LEU B 976 -32.03 38.34 -25.19
CA LEU B 976 -32.65 39.34 -24.26
C LEU B 976 -33.47 38.62 -23.19
N MET B 977 -34.13 37.50 -23.54
CA MET B 977 -34.93 36.67 -22.61
C MET B 977 -34.02 36.12 -21.49
N THR B 978 -32.90 35.50 -21.87
CA THR B 978 -31.89 34.92 -20.95
C THR B 978 -31.24 36.04 -20.13
N SER B 979 -30.87 37.15 -20.78
CA SER B 979 -30.20 38.33 -20.17
C SER B 979 -31.14 39.00 -19.16
N LEU B 980 -32.43 39.12 -19.49
CA LEU B 980 -33.47 39.67 -18.58
C LEU B 980 -33.63 38.75 -17.37
N ALA B 981 -33.69 37.43 -17.60
CA ALA B 981 -33.79 36.38 -16.57
C ALA B 981 -32.60 36.47 -15.61
N PHE B 982 -31.41 36.76 -16.15
CA PHE B 982 -30.14 36.90 -15.38
C PHE B 982 -30.20 38.14 -14.47
N ILE B 983 -30.41 39.33 -15.05
CA ILE B 983 -30.37 40.64 -14.32
C ILE B 983 -31.53 40.70 -13.32
N LEU B 984 -32.67 40.06 -13.62
CA LEU B 984 -33.79 39.87 -12.66
C LEU B 984 -33.36 38.87 -11.57
N GLY B 985 -32.55 37.88 -11.95
CA GLY B 985 -32.03 36.83 -11.05
C GLY B 985 -30.93 37.33 -10.12
N VAL B 986 -30.21 38.38 -10.52
CA VAL B 986 -29.01 38.90 -9.79
C VAL B 986 -29.41 40.10 -8.91
N MET B 987 -30.43 40.87 -9.30
CA MET B 987 -30.72 42.21 -8.69
C MET B 987 -31.38 42.11 -7.32
N PRO B 988 -31.95 40.96 -6.88
CA PRO B 988 -32.24 40.76 -5.46
C PRO B 988 -31.07 41.06 -4.50
N LEU B 989 -29.82 40.93 -4.97
CA LEU B 989 -28.59 41.27 -4.20
C LEU B 989 -28.44 42.79 -4.04
N VAL B 990 -29.13 43.57 -4.90
CA VAL B 990 -29.09 45.06 -4.91
C VAL B 990 -30.37 45.58 -4.23
N GLN B 1000 -23.34 42.52 0.95
CA GLN B 1000 -24.11 41.74 -0.06
C GLN B 1000 -24.34 42.58 -1.32
N ASN B 1001 -24.45 43.91 -1.17
CA ASN B 1001 -24.67 44.87 -2.28
C ASN B 1001 -23.43 44.93 -3.17
N ALA B 1002 -22.23 44.79 -2.59
CA ALA B 1002 -20.91 44.89 -3.26
C ALA B 1002 -20.80 43.81 -4.35
N VAL B 1003 -21.08 42.55 -3.99
CA VAL B 1003 -20.96 41.35 -4.88
C VAL B 1003 -22.10 41.39 -5.92
N GLY B 1004 -23.21 42.06 -5.59
CA GLY B 1004 -24.45 42.10 -6.39
C GLY B 1004 -24.28 42.75 -7.76
N THR B 1005 -23.25 43.57 -7.95
CA THR B 1005 -22.97 44.31 -9.22
C THR B 1005 -21.89 43.59 -10.05
N GLY B 1006 -21.20 42.61 -9.47
CA GLY B 1006 -20.06 41.89 -10.09
C GLY B 1006 -20.45 41.21 -11.40
N VAL B 1007 -21.30 40.19 -11.34
CA VAL B 1007 -21.76 39.37 -12.51
C VAL B 1007 -22.93 40.11 -13.20
N MET B 1008 -23.63 40.99 -12.47
CA MET B 1008 -24.67 41.91 -13.01
C MET B 1008 -24.06 42.73 -14.15
N GLY B 1009 -23.02 43.52 -13.84
CA GLY B 1009 -22.31 44.40 -14.79
C GLY B 1009 -21.60 43.61 -15.87
N GLY B 1010 -21.10 42.41 -15.54
CA GLY B 1010 -20.38 41.50 -16.45
C GLY B 1010 -21.26 41.02 -17.60
N MET B 1011 -22.56 40.78 -17.34
CA MET B 1011 -23.53 40.25 -18.32
C MET B 1011 -24.21 41.40 -19.08
N VAL B 1012 -24.37 42.56 -18.45
CA VAL B 1012 -25.02 43.77 -19.04
C VAL B 1012 -24.25 44.18 -20.30
N THR B 1013 -22.92 44.35 -20.19
CA THR B 1013 -22.02 44.76 -21.30
C THR B 1013 -21.89 43.60 -22.29
N ALA B 1014 -21.73 42.38 -21.79
CA ALA B 1014 -21.58 41.13 -22.59
C ALA B 1014 -22.72 41.01 -23.61
N THR B 1015 -23.96 41.26 -23.17
CA THR B 1015 -25.19 41.22 -24.00
C THR B 1015 -25.19 42.43 -24.96
N VAL B 1016 -25.09 43.64 -24.40
CA VAL B 1016 -25.19 44.93 -25.14
C VAL B 1016 -24.16 44.96 -26.28
N LEU B 1017 -22.91 44.57 -26.01
CA LEU B 1017 -21.79 44.63 -27.00
C LEU B 1017 -21.96 43.53 -28.06
N ALA B 1018 -22.20 42.29 -27.63
CA ALA B 1018 -22.19 41.07 -28.49
C ALA B 1018 -23.26 41.16 -29.59
N ILE B 1019 -24.42 41.79 -29.30
CA ILE B 1019 -25.53 41.91 -30.29
C ILE B 1019 -25.13 42.88 -31.42
N PHE B 1020 -24.17 43.78 -31.17
CA PHE B 1020 -23.68 44.79 -32.15
C PHE B 1020 -22.35 44.35 -32.77
N PHE B 1021 -21.47 43.70 -32.00
CA PHE B 1021 -20.05 43.42 -32.39
C PHE B 1021 -19.93 42.09 -33.14
N VAL B 1022 -20.75 41.08 -32.80
CA VAL B 1022 -20.71 39.74 -33.46
C VAL B 1022 -21.09 39.88 -34.93
N PRO B 1023 -22.21 40.57 -35.29
CA PRO B 1023 -22.47 40.93 -36.68
C PRO B 1023 -21.25 41.49 -37.42
N VAL B 1024 -20.49 42.38 -36.77
CA VAL B 1024 -19.26 43.02 -37.34
C VAL B 1024 -18.22 41.93 -37.60
N PHE B 1025 -17.92 41.12 -36.58
CA PHE B 1025 -16.86 40.07 -36.61
C PHE B 1025 -17.08 39.12 -37.78
N PHE B 1026 -18.34 38.70 -38.02
CA PHE B 1026 -18.71 37.73 -39.08
C PHE B 1026 -18.42 38.32 -40.47
N VAL B 1027 -18.83 39.58 -40.70
CA VAL B 1027 -18.71 40.27 -42.02
C VAL B 1027 -17.23 40.57 -42.30
N VAL B 1028 -16.50 41.06 -41.30
CA VAL B 1028 -15.06 41.44 -41.40
C VAL B 1028 -14.24 40.20 -41.78
N VAL B 1029 -14.53 39.06 -41.14
CA VAL B 1029 -13.79 37.76 -41.31
C VAL B 1029 -14.11 37.18 -42.69
N ARG B 1030 -15.39 37.13 -43.07
CA ARG B 1030 -15.86 36.50 -44.34
C ARG B 1030 -15.46 37.38 -45.55
N ARG B 1031 -15.27 38.68 -45.34
CA ARG B 1031 -14.74 39.62 -46.38
C ARG B 1031 -13.26 39.31 -46.63
N ARG B 1032 -12.46 39.26 -45.56
CA ARG B 1032 -11.00 39.00 -45.59
C ARG B 1032 -10.74 37.58 -46.13
N PHE B 1033 -11.30 36.58 -45.45
CA PHE B 1033 -11.11 35.13 -45.76
C PHE B 1033 -12.40 34.56 -46.36
N MET C 1 -31.75 -7.13 -39.21
CA MET C 1 -30.66 -8.08 -38.79
C MET C 1 -31.07 -9.53 -39.04
N PRO C 2 -32.31 -9.97 -38.71
CA PRO C 2 -32.72 -11.35 -38.99
C PRO C 2 -32.65 -11.71 -40.48
N ASN C 3 -33.09 -10.80 -41.36
CA ASN C 3 -33.08 -10.98 -42.84
C ASN C 3 -31.64 -11.11 -43.35
N PHE C 4 -30.68 -10.45 -42.69
CA PHE C 4 -29.23 -10.48 -43.03
C PHE C 4 -28.69 -11.91 -42.89
N PHE C 5 -29.05 -12.60 -41.81
CA PHE C 5 -28.51 -13.94 -41.43
C PHE C 5 -29.37 -15.07 -42.01
N ILE C 6 -30.57 -14.78 -42.50
CA ILE C 6 -31.42 -15.74 -43.27
C ILE C 6 -30.73 -16.01 -44.61
N ASP C 7 -30.15 -14.97 -45.23
CA ASP C 7 -29.43 -15.06 -46.53
C ASP C 7 -27.98 -15.52 -46.30
N ARG C 8 -27.44 -15.27 -45.10
CA ARG C 8 -26.04 -15.62 -44.71
C ARG C 8 -26.07 -16.60 -43.54
N PRO C 9 -26.39 -17.89 -43.77
CA PRO C 9 -26.42 -18.90 -42.70
C PRO C 9 -25.02 -19.25 -42.14
N ILE C 10 -23.97 -19.13 -42.96
CA ILE C 10 -22.58 -19.48 -42.58
C ILE C 10 -22.06 -18.41 -41.60
N PHE C 11 -22.30 -17.13 -41.89
CA PHE C 11 -21.99 -15.97 -41.00
C PHE C 11 -22.63 -16.23 -39.63
N ALA C 12 -23.91 -16.60 -39.61
CA ALA C 12 -24.71 -16.90 -38.40
C ALA C 12 -24.05 -18.02 -37.59
N TRP C 13 -23.67 -19.12 -38.27
CA TRP C 13 -23.00 -20.30 -37.66
C TRP C 13 -21.63 -19.88 -37.10
N VAL C 14 -20.90 -19.02 -37.81
CA VAL C 14 -19.53 -18.55 -37.44
C VAL C 14 -19.61 -17.84 -36.07
N ILE C 15 -20.57 -16.92 -35.88
CA ILE C 15 -20.73 -16.12 -34.64
C ILE C 15 -20.99 -17.08 -33.47
N ALA C 16 -21.81 -18.11 -33.68
CA ALA C 16 -22.16 -19.14 -32.67
C ALA C 16 -20.90 -19.94 -32.27
N ILE C 17 -20.12 -20.40 -33.26
CA ILE C 17 -18.91 -21.24 -33.06
C ILE C 17 -17.85 -20.44 -32.28
N ILE C 18 -17.67 -19.16 -32.62
CA ILE C 18 -16.68 -18.24 -31.95
C ILE C 18 -17.08 -18.07 -30.48
N ILE C 19 -18.37 -17.83 -30.20
CA ILE C 19 -18.92 -17.68 -28.81
C ILE C 19 -18.66 -18.97 -28.03
N MET C 20 -18.82 -20.13 -28.68
CA MET C 20 -18.70 -21.47 -28.04
C MET C 20 -17.23 -21.78 -27.71
N LEU C 21 -16.30 -21.41 -28.58
CA LEU C 21 -14.83 -21.56 -28.35
C LEU C 21 -14.45 -20.75 -27.10
N ALA C 22 -14.75 -19.45 -27.10
CA ALA C 22 -14.50 -18.51 -26.00
C ALA C 22 -14.92 -19.14 -24.67
N GLY C 23 -16.12 -19.74 -24.63
CA GLY C 23 -16.68 -20.43 -23.45
C GLY C 23 -15.91 -21.68 -23.08
N GLY C 24 -15.62 -22.52 -24.07
CA GLY C 24 -14.80 -23.75 -23.91
C GLY C 24 -13.43 -23.42 -23.33
N LEU C 25 -12.76 -22.40 -23.88
CA LEU C 25 -11.42 -21.92 -23.43
C LEU C 25 -11.54 -21.33 -22.02
N ALA C 26 -12.63 -20.61 -21.74
CA ALA C 26 -12.91 -19.97 -20.43
C ALA C 26 -13.06 -21.03 -19.33
N ILE C 27 -13.79 -22.12 -19.63
CA ILE C 27 -14.07 -23.24 -18.67
C ILE C 27 -12.76 -23.80 -18.12
N LEU C 28 -11.73 -23.93 -18.97
CA LEU C 28 -10.42 -24.53 -18.61
C LEU C 28 -9.67 -23.60 -17.65
N LYS C 29 -9.75 -22.28 -17.86
CA LYS C 29 -9.02 -21.26 -17.06
C LYS C 29 -9.85 -20.83 -15.84
N LEU C 30 -11.17 -21.06 -15.86
CA LEU C 30 -12.12 -20.61 -14.81
C LEU C 30 -11.82 -21.33 -13.49
N PRO C 31 -11.84 -20.62 -12.33
CA PRO C 31 -11.72 -21.27 -11.02
C PRO C 31 -13.00 -22.05 -10.65
N VAL C 32 -12.94 -22.79 -9.55
CA VAL C 32 -14.11 -23.53 -8.98
C VAL C 32 -14.08 -23.37 -7.45
N ALA C 33 -15.25 -23.07 -6.86
CA ALA C 33 -15.48 -22.98 -5.41
C ALA C 33 -16.94 -23.35 -5.11
N GLN C 34 -17.33 -23.40 -3.83
CA GLN C 34 -18.74 -23.57 -3.41
C GLN C 34 -19.45 -22.22 -3.55
N TYR C 35 -18.87 -21.17 -2.95
CA TYR C 35 -19.39 -19.78 -2.94
C TYR C 35 -18.27 -18.83 -3.37
N PRO C 36 -18.61 -17.55 -3.69
CA PRO C 36 -17.62 -16.48 -3.71
C PRO C 36 -17.33 -16.01 -2.28
N THR C 37 -16.49 -14.98 -2.13
CA THR C 37 -16.21 -14.32 -0.82
C THR C 37 -17.42 -13.47 -0.43
N ILE C 38 -18.33 -14.02 0.38
CA ILE C 38 -19.60 -13.35 0.81
C ILE C 38 -19.44 -12.82 2.24
N ALA C 39 -18.73 -13.54 3.12
CA ALA C 39 -18.45 -13.12 4.51
C ALA C 39 -17.68 -11.80 4.48
N PRO C 40 -18.00 -10.83 5.38
CA PRO C 40 -17.33 -9.53 5.38
C PRO C 40 -15.89 -9.65 5.89
N PRO C 41 -14.93 -8.89 5.32
CA PRO C 41 -13.52 -9.01 5.72
C PRO C 41 -13.30 -8.40 7.11
N ALA C 42 -12.44 -9.02 7.92
CA ALA C 42 -12.20 -8.65 9.34
C ALA C 42 -10.68 -8.58 9.61
N VAL C 43 -10.31 -7.75 10.60
CA VAL C 43 -8.90 -7.49 11.03
C VAL C 43 -8.84 -7.65 12.55
N THR C 44 -7.96 -8.54 13.04
CA THR C 44 -7.80 -8.86 14.48
C THR C 44 -6.48 -8.27 15.00
N ILE C 45 -6.55 -7.50 16.08
CA ILE C 45 -5.38 -7.01 16.89
C ILE C 45 -5.19 -7.97 18.06
N SER C 46 -4.06 -8.69 18.12
CA SER C 46 -3.70 -9.65 19.20
C SER C 46 -2.51 -9.09 20.00
N ALA C 47 -2.75 -8.70 21.25
CA ALA C 47 -1.73 -8.24 22.22
C ALA C 47 -1.68 -9.22 23.39
N SER C 48 -0.72 -9.03 24.31
CA SER C 48 -0.47 -9.93 25.47
C SER C 48 0.22 -9.18 26.61
N TYR C 49 -0.42 -9.13 27.78
CA TYR C 49 0.16 -8.72 29.08
C TYR C 49 0.33 -9.97 29.94
N PRO C 50 1.51 -10.65 29.91
CA PRO C 50 1.66 -11.96 30.53
C PRO C 50 1.50 -11.91 32.06
N GLY C 51 0.74 -12.86 32.61
CA GLY C 51 0.49 -13.01 34.06
C GLY C 51 -0.33 -11.85 34.63
N ALA C 52 -1.35 -11.40 33.88
CA ALA C 52 -2.26 -10.29 34.26
C ALA C 52 -3.72 -10.74 34.08
N ASP C 53 -4.57 -10.43 35.05
CA ASP C 53 -6.01 -10.78 35.08
C ASP C 53 -6.76 -10.00 33.99
N ALA C 54 -7.92 -10.51 33.57
CA ALA C 54 -8.80 -9.94 32.52
C ALA C 54 -8.96 -8.43 32.72
N LYS C 55 -9.24 -8.00 33.96
CA LYS C 55 -9.57 -6.60 34.32
C LYS C 55 -8.38 -5.68 34.02
N THR C 56 -7.20 -6.01 34.57
CA THR C 56 -5.95 -5.22 34.43
C THR C 56 -5.54 -5.16 32.94
N VAL C 57 -5.70 -6.27 32.21
CA VAL C 57 -5.40 -6.38 30.76
C VAL C 57 -6.33 -5.44 29.99
N GLN C 58 -7.62 -5.41 30.34
CA GLN C 58 -8.67 -4.60 29.67
C GLN C 58 -8.41 -3.11 29.92
N ASP C 59 -8.14 -2.71 31.16
CA ASP C 59 -7.98 -1.30 31.59
C ASP C 59 -6.73 -0.69 30.97
N THR C 60 -5.66 -1.47 30.81
CA THR C 60 -4.31 -0.98 30.41
C THR C 60 -4.08 -1.16 28.90
N VAL C 61 -4.75 -2.10 28.24
CA VAL C 61 -4.50 -2.47 26.81
C VAL C 61 -5.77 -2.26 25.98
N THR C 62 -6.82 -3.04 26.25
CA THR C 62 -8.02 -3.19 25.38
C THR C 62 -8.72 -1.84 25.18
N GLN C 63 -9.06 -1.14 26.27
CA GLN C 63 -9.71 0.20 26.25
C GLN C 63 -8.81 1.20 25.52
N VAL C 64 -7.51 1.19 25.83
CA VAL C 64 -6.49 2.12 25.26
C VAL C 64 -6.46 1.95 23.74
N ILE C 65 -6.49 0.71 23.25
CA ILE C 65 -6.51 0.40 21.78
C ILE C 65 -7.89 0.76 21.21
N GLU C 66 -8.97 0.33 21.87
CA GLU C 66 -10.38 0.46 21.39
C GLU C 66 -10.75 1.94 21.20
N GLN C 67 -10.31 2.82 22.10
CA GLN C 67 -10.73 4.24 22.14
C GLN C 67 -10.03 5.06 21.04
N ASN C 68 -9.08 4.47 20.31
CA ASN C 68 -8.38 5.10 19.16
C ASN C 68 -8.81 4.44 17.84
N MET C 69 -9.70 3.43 17.88
CA MET C 69 -10.24 2.74 16.67
C MET C 69 -11.47 3.50 16.15
N ASN C 70 -11.64 4.75 16.56
CA ASN C 70 -12.71 5.67 16.07
C ASN C 70 -12.44 6.01 14.60
N GLY C 71 -13.51 6.15 13.81
CA GLY C 71 -13.48 6.65 12.42
C GLY C 71 -12.45 5.94 11.55
N ILE C 72 -12.70 4.66 11.26
CA ILE C 72 -11.97 3.88 10.21
C ILE C 72 -12.98 3.58 9.09
N ASP C 73 -12.55 3.65 7.83
CA ASP C 73 -13.42 3.53 6.63
C ASP C 73 -14.11 2.16 6.63
N ASN C 74 -15.44 2.15 6.59
CA ASN C 74 -16.30 0.96 6.31
C ASN C 74 -16.27 -0.02 7.49
N LEU C 75 -16.07 0.47 8.73
CA LEU C 75 -16.10 -0.36 9.97
C LEU C 75 -17.56 -0.57 10.38
N MET C 76 -18.02 -1.83 10.40
CA MET C 76 -19.41 -2.21 10.78
C MET C 76 -19.51 -2.30 12.31
N TYR C 77 -18.76 -3.22 12.94
CA TYR C 77 -18.73 -3.42 14.41
C TYR C 77 -17.32 -3.84 14.85
N MET C 78 -17.10 -3.88 16.17
CA MET C 78 -15.78 -4.15 16.81
C MET C 78 -16.02 -4.95 18.12
N SER C 79 -15.92 -6.28 18.04
CA SER C 79 -15.95 -7.21 19.19
C SER C 79 -14.53 -7.40 19.73
N SER C 80 -14.35 -7.39 21.06
CA SER C 80 -13.05 -7.60 21.73
C SER C 80 -13.26 -8.34 23.06
N ASN C 81 -12.17 -8.93 23.59
CA ASN C 81 -12.18 -9.69 24.87
C ASN C 81 -10.78 -9.67 25.48
N SER C 82 -10.71 -9.55 26.82
CA SER C 82 -9.48 -9.64 27.65
C SER C 82 -9.67 -10.77 28.68
N ASP C 83 -8.75 -11.73 28.71
CA ASP C 83 -8.86 -12.95 29.57
C ASP C 83 -7.75 -12.95 30.63
N SER C 84 -7.81 -13.91 31.57
CA SER C 84 -6.95 -14.00 32.78
C SER C 84 -5.53 -14.45 32.41
N THR C 85 -5.34 -15.06 31.23
CA THR C 85 -4.02 -15.53 30.72
C THR C 85 -3.16 -14.32 30.34
N GLY C 86 -3.78 -13.20 29.95
CA GLY C 86 -3.10 -11.96 29.58
C GLY C 86 -3.47 -11.48 28.18
N THR C 87 -4.08 -12.35 27.36
CA THR C 87 -4.37 -12.12 25.93
C THR C 87 -5.41 -11.00 25.75
N VAL C 88 -5.23 -10.18 24.72
CA VAL C 88 -6.27 -9.28 24.13
C VAL C 88 -6.48 -9.71 22.69
N GLN C 89 -7.74 -9.70 22.22
CA GLN C 89 -8.12 -10.01 20.81
C GLN C 89 -9.26 -9.08 20.39
N ILE C 90 -8.91 -7.90 19.86
CA ILE C 90 -9.86 -6.90 19.29
C ILE C 90 -10.03 -7.22 17.79
N THR C 91 -11.25 -7.58 17.38
CA THR C 91 -11.59 -7.94 15.96
C THR C 91 -12.51 -6.86 15.38
N LEU C 92 -12.02 -6.15 14.35
CA LEU C 92 -12.78 -5.10 13.60
C LEU C 92 -13.28 -5.72 12.28
N THR C 93 -14.60 -5.93 12.16
CA THR C 93 -15.27 -6.49 10.96
C THR C 93 -15.72 -5.33 10.06
N PHE C 94 -15.37 -5.37 8.78
CA PHE C 94 -15.56 -4.27 7.80
C PHE C 94 -16.69 -4.59 6.83
N GLU C 95 -17.28 -3.54 6.24
CA GLU C 95 -18.42 -3.61 5.28
C GLU C 95 -18.02 -4.50 4.10
N SER C 96 -18.93 -5.39 3.66
CA SER C 96 -18.71 -6.34 2.54
C SER C 96 -18.30 -5.58 1.28
N GLY C 97 -17.17 -5.98 0.66
CA GLY C 97 -16.61 -5.36 -0.55
C GLY C 97 -15.41 -4.47 -0.25
N THR C 98 -15.16 -4.17 1.04
CA THR C 98 -14.01 -3.37 1.52
C THR C 98 -12.70 -4.06 1.14
N ASP C 99 -11.72 -3.30 0.65
CA ASP C 99 -10.33 -3.77 0.42
C ASP C 99 -9.71 -4.12 1.77
N ALA C 100 -9.48 -5.41 2.03
CA ALA C 100 -9.02 -5.96 3.32
C ALA C 100 -7.59 -5.50 3.62
N ASP C 101 -6.79 -5.25 2.58
CA ASP C 101 -5.37 -4.80 2.71
C ASP C 101 -5.33 -3.35 3.20
N ILE C 102 -6.19 -2.49 2.65
CA ILE C 102 -6.33 -1.06 3.07
C ILE C 102 -6.94 -1.02 4.48
N ALA C 103 -7.91 -1.90 4.74
CA ALA C 103 -8.58 -2.06 6.06
C ALA C 103 -7.53 -2.36 7.14
N GLN C 104 -6.61 -3.28 6.84
CA GLN C 104 -5.48 -3.67 7.73
C GLN C 104 -4.59 -2.45 7.99
N VAL C 105 -4.20 -1.74 6.92
CA VAL C 105 -3.29 -0.56 6.97
C VAL C 105 -3.88 0.53 7.87
N GLN C 106 -5.17 0.84 7.69
CA GLN C 106 -5.87 1.93 8.43
C GLN C 106 -5.98 1.59 9.92
N VAL C 107 -6.10 0.31 10.25
CA VAL C 107 -6.14 -0.18 11.67
C VAL C 107 -4.74 -0.04 12.28
N GLN C 108 -3.70 -0.41 11.53
CA GLN C 108 -2.27 -0.38 11.98
C GLN C 108 -1.87 1.08 12.27
N ASN C 109 -2.33 2.03 11.45
CA ASN C 109 -2.07 3.49 11.59
C ASN C 109 -2.69 3.98 12.90
N LYS C 110 -3.96 3.67 13.15
CA LYS C 110 -4.72 4.12 14.34
C LYS C 110 -4.21 3.41 15.60
N LEU C 111 -3.71 2.17 15.46
CA LEU C 111 -3.16 1.37 16.59
C LEU C 111 -1.91 2.05 17.16
N GLN C 112 -1.14 2.74 16.31
CA GLN C 112 0.17 3.34 16.68
C GLN C 112 -0.07 4.60 17.52
N LEU C 113 -1.31 5.08 17.62
CA LEU C 113 -1.73 6.14 18.58
C LEU C 113 -1.74 5.56 20.00
N ALA C 114 -2.19 4.31 20.14
CA ALA C 114 -2.33 3.59 21.44
C ALA C 114 -0.98 3.02 21.89
N MET C 115 -0.15 2.57 20.94
CA MET C 115 1.14 1.86 21.18
C MET C 115 1.97 2.56 22.25
N PRO C 116 2.20 3.89 22.17
CA PRO C 116 2.95 4.61 23.21
C PRO C 116 2.34 4.50 24.62
N LEU C 117 1.01 4.45 24.72
CA LEU C 117 0.26 4.48 26.01
C LEU C 117 0.23 3.10 26.67
N LEU C 118 0.45 2.02 25.90
CA LEU C 118 0.39 0.61 26.41
C LEU C 118 1.47 0.40 27.46
N PRO C 119 1.34 -0.65 28.32
CA PRO C 119 2.42 -1.04 29.23
C PRO C 119 3.69 -1.47 28.49
N GLN C 120 4.84 -1.39 29.16
CA GLN C 120 6.17 -1.71 28.59
C GLN C 120 6.23 -3.20 28.21
N GLU C 121 5.75 -4.08 29.08
CA GLU C 121 5.81 -5.56 28.90
C GLU C 121 4.93 -5.98 27.71
N VAL C 122 3.82 -5.28 27.48
CA VAL C 122 2.86 -5.58 26.37
C VAL C 122 3.55 -5.28 25.03
N GLN C 123 4.35 -4.21 24.97
CA GLN C 123 5.15 -3.82 23.78
C GLN C 123 6.26 -4.83 23.54
N GLN C 124 6.88 -5.34 24.61
CA GLN C 124 7.99 -6.33 24.56
C GLN C 124 7.52 -7.62 23.90
N GLN C 125 6.27 -8.04 24.16
CA GLN C 125 5.67 -9.27 23.58
C GLN C 125 5.29 -9.03 22.11
N GLY C 126 5.07 -7.76 21.73
CA GLY C 126 4.73 -7.36 20.35
C GLY C 126 3.24 -7.52 20.08
N VAL C 127 2.68 -6.59 19.30
CA VAL C 127 1.22 -6.54 18.95
C VAL C 127 1.07 -6.79 17.45
N SER C 128 0.22 -7.75 17.07
CA SER C 128 -0.04 -8.16 15.66
C SER C 128 -1.29 -7.46 15.12
N VAL C 129 -1.28 -7.15 13.81
CA VAL C 129 -2.44 -6.58 13.05
C VAL C 129 -2.50 -7.28 11.70
N GLU C 130 -3.43 -8.22 11.52
CA GLU C 130 -3.53 -9.06 10.30
C GLU C 130 -4.99 -9.47 10.07
N LYS C 131 -5.33 -9.77 8.81
CA LYS C 131 -6.68 -10.21 8.36
C LYS C 131 -6.95 -11.60 8.94
N SER C 132 -8.16 -11.82 9.48
CA SER C 132 -8.53 -13.02 10.27
C SER C 132 -9.70 -13.78 9.62
N SER C 133 -9.91 -15.03 10.05
CA SER C 133 -11.04 -15.91 9.69
C SER C 133 -11.46 -16.72 10.93
N SER C 134 -12.77 -16.86 11.16
CA SER C 134 -13.37 -17.36 12.42
C SER C 134 -13.32 -18.88 12.50
N SER C 135 -13.49 -19.58 11.36
CA SER C 135 -13.65 -21.06 11.28
C SER C 135 -12.37 -21.72 10.76
N PHE C 136 -12.11 -22.95 11.19
CA PHE C 136 -11.04 -23.84 10.67
C PHE C 136 -11.51 -24.47 9.36
N LEU C 137 -10.73 -24.34 8.28
CA LEU C 137 -10.95 -25.03 6.99
C LEU C 137 -10.96 -26.54 7.23
N MET C 138 -9.94 -27.04 7.93
CA MET C 138 -9.80 -28.46 8.33
C MET C 138 -9.00 -28.55 9.63
N VAL C 139 -9.01 -29.71 10.28
CA VAL C 139 -8.05 -30.13 11.34
C VAL C 139 -7.26 -31.32 10.80
N VAL C 140 -5.93 -31.28 10.93
CA VAL C 140 -5.01 -32.38 10.50
C VAL C 140 -4.41 -33.03 11.77
N GLY C 141 -4.93 -34.20 12.15
CA GLY C 141 -4.48 -34.96 13.32
C GLY C 141 -3.22 -35.74 13.02
N VAL C 142 -2.40 -35.99 14.04
CA VAL C 142 -1.16 -36.83 13.97
C VAL C 142 -1.14 -37.77 15.19
N ILE C 143 -0.90 -39.06 14.95
CA ILE C 143 -0.87 -40.15 15.96
C ILE C 143 0.44 -40.94 15.81
N ASN C 144 0.65 -41.93 16.67
CA ASN C 144 1.83 -42.85 16.63
C ASN C 144 1.34 -44.29 16.86
N THR C 145 1.60 -45.18 15.90
CA THR C 145 0.99 -46.53 15.79
C THR C 145 1.92 -47.61 16.39
N ASP C 146 3.20 -47.29 16.66
CA ASP C 146 4.19 -48.26 17.20
C ASP C 146 4.57 -47.89 18.64
N GLY C 147 3.89 -46.91 19.24
CA GLY C 147 4.03 -46.52 20.66
C GLY C 147 5.47 -46.22 21.05
N THR C 148 6.25 -45.64 20.13
CA THR C 148 7.64 -45.18 20.36
C THR C 148 7.62 -43.70 20.76
N MET C 149 6.84 -42.88 20.04
CA MET C 149 6.65 -41.44 20.31
C MET C 149 5.44 -41.27 21.24
N THR C 150 5.61 -40.50 22.32
CA THR C 150 4.54 -40.16 23.31
C THR C 150 3.66 -39.06 22.73
N GLN C 151 2.68 -38.59 23.50
CA GLN C 151 1.74 -37.50 23.10
C GLN C 151 2.52 -36.20 22.90
N GLU C 152 3.52 -35.94 23.75
CA GLU C 152 4.37 -34.71 23.71
C GLU C 152 5.30 -34.76 22.48
N ASP C 153 5.88 -35.93 22.19
CA ASP C 153 6.84 -36.13 21.07
C ASP C 153 6.16 -35.83 19.73
N ILE C 154 4.87 -36.19 19.59
CA ILE C 154 4.06 -35.92 18.36
C ILE C 154 3.86 -34.40 18.27
N SER C 155 3.35 -33.78 19.33
CA SER C 155 3.11 -32.31 19.44
C SER C 155 4.39 -31.55 19.04
N ASP C 156 5.54 -31.94 19.60
CA ASP C 156 6.85 -31.30 19.35
C ASP C 156 7.25 -31.49 17.89
N TYR C 157 7.09 -32.70 17.34
CA TYR C 157 7.46 -33.02 15.94
C TYR C 157 6.62 -32.19 14.97
N VAL C 158 5.31 -32.09 15.22
CA VAL C 158 4.35 -31.30 14.39
C VAL C 158 4.72 -29.83 14.50
N ALA C 159 5.07 -29.35 15.71
CA ALA C 159 5.42 -27.95 16.00
C ALA C 159 6.74 -27.57 15.31
N ALA C 160 7.77 -28.41 15.46
CA ALA C 160 9.17 -28.11 15.07
C ALA C 160 9.37 -28.32 13.56
N ASN C 161 8.73 -29.34 12.97
CA ASN C 161 9.09 -29.87 11.63
C ASN C 161 7.94 -29.80 10.63
N MET C 162 6.71 -29.46 11.06
CA MET C 162 5.50 -29.49 10.17
C MET C 162 4.80 -28.14 10.13
N LYS C 163 4.63 -27.45 11.28
CA LYS C 163 3.74 -26.26 11.41
C LYS C 163 4.26 -25.11 10.56
N ASP C 164 5.54 -24.75 10.71
CA ASP C 164 6.20 -23.63 9.98
C ASP C 164 5.92 -23.77 8.47
N ALA C 165 6.15 -24.96 7.91
CA ALA C 165 6.00 -25.26 6.47
C ALA C 165 4.52 -25.14 6.05
N ILE C 166 3.60 -25.58 6.91
CA ILE C 166 2.12 -25.56 6.64
C ILE C 166 1.61 -24.12 6.68
N SER C 167 2.10 -23.30 7.63
CA SER C 167 1.65 -21.90 7.85
C SER C 167 2.05 -21.00 6.67
N ARG C 168 3.12 -21.36 5.96
CA ARG C 168 3.65 -20.61 4.78
C ARG C 168 3.10 -21.18 3.47
N THR C 169 2.22 -22.20 3.55
CA THR C 169 1.63 -22.90 2.37
C THR C 169 0.62 -21.97 1.68
N SER C 170 0.42 -22.16 0.37
CA SER C 170 -0.46 -21.34 -0.51
C SER C 170 -1.90 -21.36 0.01
N GLY C 171 -2.39 -20.22 0.50
CA GLY C 171 -3.80 -20.01 0.87
C GLY C 171 -4.09 -20.24 2.34
N VAL C 172 -3.08 -20.66 3.12
CA VAL C 172 -3.21 -20.95 4.58
C VAL C 172 -3.06 -19.63 5.35
N GLY C 173 -4.14 -19.16 5.98
CA GLY C 173 -4.19 -17.86 6.69
C GLY C 173 -3.57 -17.93 8.07
N ASP C 174 -3.97 -18.92 8.89
CA ASP C 174 -3.55 -19.08 10.30
C ASP C 174 -3.53 -20.57 10.66
N VAL C 175 -2.64 -20.96 11.58
CA VAL C 175 -2.41 -22.38 11.99
C VAL C 175 -2.42 -22.45 13.53
N GLN C 176 -3.37 -23.23 14.08
CA GLN C 176 -3.51 -23.52 15.53
C GLN C 176 -2.88 -24.90 15.81
N LEU C 177 -2.07 -25.01 16.86
CA LEU C 177 -1.41 -26.27 17.29
C LEU C 177 -2.16 -26.85 18.49
N PHE C 178 -2.62 -28.11 18.38
CA PHE C 178 -3.33 -28.86 19.44
C PHE C 178 -2.30 -29.63 20.28
N GLY C 179 -1.66 -28.91 21.21
CA GLY C 179 -0.43 -29.31 21.93
C GLY C 179 0.55 -28.14 21.96
N SER C 180 1.81 -28.39 22.30
CA SER C 180 2.89 -27.37 22.33
C SER C 180 4.23 -27.98 21.89
N GLN C 181 5.15 -27.12 21.46
CA GLN C 181 6.55 -27.47 21.09
C GLN C 181 7.36 -27.70 22.37
N TYR C 182 8.39 -28.54 22.31
CA TYR C 182 9.29 -28.84 23.46
C TYR C 182 10.03 -27.57 23.89
N ALA C 183 10.43 -27.54 25.15
CA ALA C 183 11.28 -26.51 25.79
C ALA C 183 12.17 -27.20 26.83
N MET C 184 13.29 -26.60 27.20
CA MET C 184 14.16 -27.11 28.28
C MET C 184 13.49 -26.80 29.61
N ARG C 185 12.77 -27.78 30.17
CA ARG C 185 12.01 -27.65 31.45
C ARG C 185 12.96 -27.87 32.63
N ILE C 186 13.30 -26.81 33.36
CA ILE C 186 14.02 -26.86 34.65
C ILE C 186 12.98 -26.87 35.78
N TRP C 187 12.63 -28.05 36.28
CA TRP C 187 11.62 -28.26 37.35
C TRP C 187 12.29 -28.12 38.73
N MET C 188 12.13 -26.97 39.37
CA MET C 188 12.87 -26.58 40.61
C MET C 188 12.29 -27.31 41.84
N ASN C 189 13.13 -27.47 42.86
CA ASN C 189 12.79 -28.08 44.18
C ASN C 189 13.09 -27.04 45.27
N PRO C 190 12.07 -26.58 46.04
CA PRO C 190 12.27 -25.50 47.01
C PRO C 190 13.08 -25.92 48.25
N ASN C 191 13.04 -27.22 48.60
CA ASN C 191 13.78 -27.81 49.74
C ASN C 191 15.28 -27.82 49.42
N GLU C 192 15.63 -28.31 48.23
CA GLU C 192 17.04 -28.43 47.74
C GLU C 192 17.63 -27.02 47.54
N LEU C 193 16.83 -26.08 47.05
CA LEU C 193 17.23 -24.64 46.90
C LEU C 193 17.47 -24.04 48.28
N ASN C 194 16.60 -24.33 49.25
CA ASN C 194 16.72 -23.86 50.67
C ASN C 194 17.96 -24.49 51.32
N LYS C 195 18.25 -25.75 50.99
CA LYS C 195 19.36 -26.55 51.60
C LYS C 195 20.71 -25.91 51.24
N PHE C 196 20.91 -25.54 49.96
CA PHE C 196 22.16 -24.93 49.44
C PHE C 196 22.05 -23.40 49.48
N GLN C 197 21.00 -22.86 50.10
CA GLN C 197 20.74 -21.40 50.24
C GLN C 197 20.77 -20.75 48.86
N LEU C 198 19.75 -21.02 48.04
CA LEU C 198 19.58 -20.47 46.66
C LEU C 198 18.13 -20.03 46.47
N THR C 199 17.86 -19.33 45.36
CA THR C 199 16.52 -18.90 44.90
C THR C 199 16.36 -19.21 43.42
N PRO C 200 15.13 -19.16 42.86
CA PRO C 200 14.95 -19.16 41.41
C PRO C 200 15.72 -18.04 40.69
N VAL C 201 16.04 -16.94 41.38
CA VAL C 201 16.83 -15.80 40.84
C VAL C 201 18.21 -16.32 40.44
N ASP C 202 18.87 -17.06 41.34
CA ASP C 202 20.22 -17.66 41.14
C ASP C 202 20.19 -18.64 39.97
N VAL C 203 19.17 -19.49 39.91
CA VAL C 203 18.97 -20.53 38.85
C VAL C 203 18.89 -19.84 37.48
N ILE C 204 18.18 -18.71 37.40
CA ILE C 204 17.97 -17.93 36.15
C ILE C 204 19.30 -17.29 35.74
N THR C 205 19.93 -16.52 36.64
CA THR C 205 21.20 -15.80 36.42
C THR C 205 22.27 -16.78 35.90
N ALA C 206 22.30 -18.00 36.45
CA ALA C 206 23.25 -19.08 36.08
C ALA C 206 22.96 -19.58 34.66
N ILE C 207 21.69 -19.79 34.32
CA ILE C 207 21.24 -20.26 32.98
C ILE C 207 21.60 -19.20 31.93
N LYS C 208 21.40 -17.92 32.25
CA LYS C 208 21.73 -16.77 31.35
C LYS C 208 23.25 -16.70 31.14
N ALA C 209 24.04 -17.07 32.16
CA ALA C 209 25.52 -17.03 32.14
C ALA C 209 26.07 -18.18 31.27
N GLN C 210 25.53 -19.39 31.45
CA GLN C 210 26.13 -20.67 30.96
C GLN C 210 25.34 -21.24 29.75
N ASN C 211 24.18 -20.69 29.43
CA ASN C 211 23.44 -20.95 28.16
C ASN C 211 23.44 -19.66 27.34
N ALA C 212 24.62 -19.23 26.89
CA ALA C 212 24.86 -17.94 26.19
C ALA C 212 25.51 -18.21 24.83
N GLN C 213 25.06 -17.49 23.80
CA GLN C 213 25.66 -17.47 22.44
C GLN C 213 26.42 -16.15 22.26
N VAL C 214 27.74 -16.17 22.51
CA VAL C 214 28.61 -14.96 22.59
C VAL C 214 29.17 -14.63 21.20
N ALA C 215 29.15 -13.34 20.84
CA ALA C 215 29.88 -12.76 19.69
C ALA C 215 31.24 -12.25 20.18
N ALA C 216 32.30 -13.04 19.98
CA ALA C 216 33.62 -12.86 20.61
C ALA C 216 34.61 -12.16 19.66
N GLY C 217 34.22 -11.93 18.40
CA GLY C 217 35.03 -11.19 17.40
C GLY C 217 35.87 -12.11 16.53
N GLN C 218 37.02 -11.63 16.05
CA GLN C 218 37.87 -12.31 15.04
C GLN C 218 39.36 -12.17 15.37
N LEU C 219 40.16 -13.12 14.89
CA LEU C 219 41.64 -12.99 14.72
C LEU C 219 41.91 -12.39 13.34
N GLY C 220 42.69 -11.31 13.26
CA GLY C 220 43.09 -10.66 12.00
C GLY C 220 41.93 -9.99 11.30
N GLY C 221 40.99 -9.42 12.05
CA GLY C 221 39.82 -8.69 11.52
C GLY C 221 40.19 -7.30 11.07
N THR C 222 39.29 -6.63 10.32
CA THR C 222 39.49 -5.24 9.82
C THR C 222 39.26 -4.24 10.95
N PRO C 223 40.08 -3.17 11.09
CA PRO C 223 41.25 -2.95 10.24
C PRO C 223 42.44 -3.79 10.68
N PRO C 224 43.16 -4.47 9.74
CA PRO C 224 44.26 -5.35 10.09
C PRO C 224 45.62 -4.64 10.20
N VAL C 225 46.62 -5.32 10.77
CA VAL C 225 48.07 -4.98 10.63
C VAL C 225 48.52 -5.55 9.28
N LYS C 226 48.99 -4.69 8.37
CA LYS C 226 49.32 -5.04 6.96
C LYS C 226 50.26 -6.25 6.94
N GLY C 227 49.93 -7.27 6.13
CA GLY C 227 50.73 -8.50 5.97
C GLY C 227 50.30 -9.60 6.92
N GLN C 228 49.04 -9.56 7.38
CA GLN C 228 48.40 -10.65 8.18
C GLN C 228 48.13 -11.83 7.24
N GLN C 229 48.34 -13.06 7.73
CA GLN C 229 48.06 -14.32 6.98
C GLN C 229 46.76 -14.95 7.50
N LEU C 230 46.51 -14.88 8.81
CA LEU C 230 45.37 -15.53 9.50
C LEU C 230 44.17 -14.58 9.58
N ASN C 231 42.99 -15.05 9.17
CA ASN C 231 41.67 -14.41 9.46
C ASN C 231 40.68 -15.50 9.86
N ALA C 232 40.52 -15.72 11.17
CA ALA C 232 39.67 -16.78 11.76
C ALA C 232 38.74 -16.19 12.81
N SER C 233 37.47 -16.61 12.80
CA SER C 233 36.44 -16.25 13.82
C SER C 233 36.83 -16.83 15.17
N ILE C 234 36.73 -16.04 16.25
CA ILE C 234 36.83 -16.52 17.66
C ILE C 234 35.45 -17.06 18.06
N ILE C 235 35.35 -18.38 18.29
CA ILE C 235 34.12 -19.04 18.82
C ILE C 235 34.29 -19.19 20.34
N ALA C 236 33.54 -18.42 21.13
CA ALA C 236 33.47 -18.53 22.60
C ALA C 236 32.29 -19.44 22.96
N GLN C 237 31.48 -19.07 23.96
CA GLN C 237 30.33 -19.88 24.46
C GLN C 237 29.27 -19.99 23.37
N THR C 238 28.51 -21.10 23.39
CA THR C 238 27.36 -21.37 22.48
C THR C 238 26.18 -21.88 23.30
N ARG C 239 24.97 -21.85 22.73
CA ARG C 239 23.73 -22.36 23.36
C ARG C 239 23.91 -23.85 23.66
N LEU C 240 23.44 -24.30 24.84
CA LEU C 240 23.45 -25.73 25.24
C LEU C 240 22.41 -26.49 24.41
N THR C 241 22.64 -27.77 24.14
CA THR C 241 21.86 -28.58 23.15
C THR C 241 21.19 -29.80 23.80
N SER C 242 21.53 -30.15 25.05
CA SER C 242 21.02 -31.36 25.75
C SER C 242 20.64 -31.03 27.19
N THR C 243 19.85 -31.91 27.82
CA THR C 243 19.44 -31.85 29.25
C THR C 243 20.68 -32.03 30.14
N GLU C 244 21.61 -32.89 29.72
CA GLU C 244 22.88 -33.22 30.45
C GLU C 244 23.69 -31.93 30.66
N GLU C 245 23.80 -31.10 29.62
CA GLU C 245 24.59 -29.84 29.61
C GLU C 245 23.97 -28.85 30.60
N PHE C 246 22.65 -28.66 30.55
CA PHE C 246 21.87 -27.81 31.49
C PHE C 246 22.02 -28.34 32.92
N GLY C 247 21.95 -29.67 33.08
CA GLY C 247 22.08 -30.36 34.37
C GLY C 247 23.39 -30.05 35.08
N LYS C 248 24.48 -29.89 34.31
CA LYS C 248 25.85 -29.66 34.85
C LYS C 248 26.20 -28.16 34.83
N ILE C 249 25.19 -27.28 34.78
CA ILE C 249 25.35 -25.81 35.03
C ILE C 249 25.76 -25.63 36.48
N LEU C 250 26.87 -24.93 36.74
CA LEU C 250 27.43 -24.68 38.09
C LEU C 250 26.70 -23.49 38.72
N LEU C 251 25.84 -23.75 39.71
CA LEU C 251 25.10 -22.71 40.48
C LEU C 251 26.05 -22.05 41.48
N LYS C 252 26.85 -22.85 42.19
CA LYS C 252 27.94 -22.35 43.08
C LYS C 252 28.90 -23.48 43.47
N VAL C 253 30.00 -23.12 44.13
CA VAL C 253 30.97 -24.05 44.78
C VAL C 253 31.05 -23.68 46.27
N ASN C 254 30.83 -24.65 47.16
CA ASN C 254 30.90 -24.47 48.63
C ASN C 254 32.37 -24.25 49.04
N GLN C 255 32.58 -23.85 50.31
CA GLN C 255 33.92 -23.46 50.85
C GLN C 255 34.86 -24.68 50.90
N ASP C 256 34.32 -25.90 50.91
CA ASP C 256 35.10 -27.17 50.99
C ASP C 256 35.44 -27.68 49.58
N GLY C 257 35.24 -26.85 48.54
CA GLY C 257 35.52 -27.21 47.14
C GLY C 257 34.48 -28.16 46.55
N SER C 258 33.30 -28.24 47.18
CA SER C 258 32.15 -29.07 46.74
C SER C 258 31.26 -28.25 45.81
N ARG C 259 30.92 -28.80 44.64
CA ARG C 259 30.22 -28.07 43.54
C ARG C 259 28.72 -28.40 43.58
N VAL C 260 27.88 -27.37 43.55
CA VAL C 260 26.39 -27.46 43.48
C VAL C 260 25.97 -27.25 42.02
N LEU C 261 25.64 -28.34 41.31
CA LEU C 261 25.16 -28.30 39.90
C LEU C 261 23.65 -28.06 39.89
N LEU C 262 23.09 -27.70 38.73
CA LEU C 262 21.65 -27.34 38.56
C LEU C 262 20.76 -28.56 38.79
N ARG C 263 21.27 -29.76 38.48
CA ARG C 263 20.51 -31.04 38.60
C ARG C 263 20.41 -31.45 40.09
N ASP C 264 21.19 -30.83 40.97
CA ASP C 264 21.18 -31.09 42.44
C ASP C 264 19.98 -30.41 43.10
N VAL C 265 19.34 -29.43 42.41
CA VAL C 265 18.20 -28.64 42.97
C VAL C 265 16.98 -28.72 42.04
N ALA C 266 17.05 -29.41 40.90
CA ALA C 266 15.97 -29.43 39.89
C ALA C 266 16.05 -30.67 38.99
N LYS C 267 14.90 -31.15 38.52
CA LYS C 267 14.77 -32.17 37.44
C LYS C 267 14.91 -31.48 36.09
N ILE C 268 15.72 -32.04 35.19
CA ILE C 268 16.02 -31.47 33.84
C ILE C 268 15.47 -32.45 32.78
N GLU C 269 14.52 -31.99 31.96
CA GLU C 269 13.92 -32.79 30.86
C GLU C 269 13.39 -31.87 29.75
N LEU C 270 13.26 -32.41 28.54
CA LEU C 270 12.46 -31.80 27.44
C LEU C 270 10.98 -31.90 27.81
N GLY C 271 10.26 -30.78 27.75
CA GLY C 271 8.81 -30.70 28.03
C GLY C 271 8.17 -29.52 27.33
N GLY C 272 6.85 -29.53 27.18
CA GLY C 272 6.07 -28.50 26.45
C GLY C 272 6.23 -27.12 27.06
N GLU C 273 6.19 -26.08 26.24
CA GLU C 273 6.13 -24.65 26.66
C GLU C 273 4.87 -24.44 27.51
N ASN C 274 3.77 -25.09 27.12
CA ASN C 274 2.43 -25.00 27.75
C ASN C 274 1.82 -26.42 27.77
N TYR C 275 1.18 -26.80 28.88
CA TYR C 275 0.64 -28.15 29.14
C TYR C 275 -0.90 -28.14 29.15
N ASP C 276 -1.52 -27.04 28.71
CA ASP C 276 -2.99 -26.82 28.80
C ASP C 276 -3.72 -27.66 27.74
N ILE C 277 -3.24 -27.65 26.50
CA ILE C 277 -3.92 -28.28 25.32
C ILE C 277 -3.52 -29.77 25.23
N ILE C 278 -4.49 -30.67 25.36
CA ILE C 278 -4.34 -32.15 25.17
C ILE C 278 -5.39 -32.61 24.15
N ALA C 279 -4.94 -33.14 23.00
CA ALA C 279 -5.80 -33.65 21.90
C ALA C 279 -5.81 -35.18 21.95
N GLU C 280 -6.94 -35.79 21.54
CA GLU C 280 -7.12 -37.26 21.45
C GLU C 280 -7.99 -37.58 20.23
N PHE C 281 -7.54 -38.51 19.38
CA PHE C 281 -8.22 -38.98 18.15
C PHE C 281 -8.86 -40.34 18.40
N ASN C 282 -10.18 -40.36 18.63
CA ASN C 282 -10.99 -41.58 18.93
C ASN C 282 -10.43 -42.24 20.20
N GLY C 283 -10.06 -41.43 21.20
CA GLY C 283 -9.54 -41.89 22.51
C GLY C 283 -8.03 -42.05 22.52
N GLN C 284 -7.41 -42.24 21.35
CA GLN C 284 -5.95 -42.45 21.17
C GLN C 284 -5.23 -41.11 21.32
N PRO C 285 -4.27 -40.97 22.26
CA PRO C 285 -3.50 -39.73 22.40
C PRO C 285 -2.93 -39.24 21.06
N ALA C 286 -2.98 -37.92 20.82
CA ALA C 286 -2.65 -37.31 19.52
C ALA C 286 -2.26 -35.82 19.67
N SER C 287 -1.74 -35.25 18.58
CA SER C 287 -1.63 -33.79 18.32
C SER C 287 -2.30 -33.49 16.98
N GLY C 288 -2.35 -32.22 16.58
CA GLY C 288 -2.95 -31.82 15.30
C GLY C 288 -2.73 -30.35 14.97
N LEU C 289 -3.18 -29.93 13.78
CA LEU C 289 -3.08 -28.54 13.28
C LEU C 289 -4.47 -28.05 12.85
N GLY C 290 -5.01 -27.06 13.56
CA GLY C 290 -6.24 -26.34 13.17
C GLY C 290 -5.95 -25.27 12.14
N ILE C 291 -6.17 -25.58 10.85
CA ILE C 291 -5.82 -24.70 9.70
C ILE C 291 -7.04 -23.85 9.33
N LYS C 292 -6.87 -22.52 9.38
CA LYS C 292 -7.86 -21.51 8.88
C LYS C 292 -7.49 -21.14 7.45
N LEU C 293 -8.50 -20.89 6.60
CA LEU C 293 -8.32 -20.43 5.20
C LEU C 293 -8.02 -18.92 5.22
N ALA C 294 -7.15 -18.45 4.32
CA ALA C 294 -6.78 -17.03 4.15
C ALA C 294 -7.94 -16.28 3.50
N THR C 295 -8.09 -14.99 3.81
CA THR C 295 -9.16 -14.10 3.28
C THR C 295 -9.11 -14.11 1.75
N GLY C 296 -10.14 -14.67 1.11
CA GLY C 296 -10.34 -14.64 -0.35
C GLY C 296 -9.44 -15.65 -1.08
N ALA C 297 -9.05 -16.73 -0.42
CA ALA C 297 -8.33 -17.88 -1.02
C ALA C 297 -9.36 -18.95 -1.42
N ASN C 298 -9.02 -19.79 -2.40
CA ASN C 298 -9.86 -20.92 -2.86
C ASN C 298 -9.62 -22.11 -1.92
N ALA C 299 -10.69 -22.61 -1.28
CA ALA C 299 -10.65 -23.67 -0.25
C ALA C 299 -10.10 -24.98 -0.84
N LEU C 300 -10.52 -25.32 -2.07
CA LEU C 300 -10.09 -26.56 -2.78
C LEU C 300 -8.60 -26.49 -3.10
N ASP C 301 -8.15 -25.37 -3.68
CA ASP C 301 -6.72 -25.14 -4.08
C ASP C 301 -5.83 -25.15 -2.83
N THR C 302 -6.28 -24.53 -1.74
CA THR C 302 -5.57 -24.46 -0.43
C THR C 302 -5.46 -25.88 0.15
N ALA C 303 -6.56 -26.63 0.16
CA ALA C 303 -6.66 -28.01 0.71
C ALA C 303 -5.77 -28.96 -0.10
N ALA C 304 -5.69 -28.74 -1.42
CA ALA C 304 -4.82 -29.49 -2.35
C ALA C 304 -3.34 -29.18 -2.03
N ALA C 305 -3.04 -27.92 -1.72
CA ALA C 305 -1.69 -27.42 -1.35
C ALA C 305 -1.27 -28.00 0.01
N ILE C 306 -2.20 -28.13 0.95
CA ILE C 306 -1.97 -28.75 2.29
C ILE C 306 -1.68 -30.24 2.09
N ARG C 307 -2.47 -30.91 1.26
CA ARG C 307 -2.32 -32.35 0.92
C ARG C 307 -1.02 -32.57 0.14
N ALA C 308 -0.63 -31.60 -0.69
CA ALA C 308 0.62 -31.62 -1.48
C ALA C 308 1.84 -31.44 -0.56
N GLU C 309 1.75 -30.49 0.38
CA GLU C 309 2.86 -30.14 1.32
C GLU C 309 3.07 -31.28 2.32
N LEU C 310 1.98 -31.92 2.78
CA LEU C 310 2.03 -33.05 3.76
C LEU C 310 2.66 -34.29 3.10
N ALA C 311 2.46 -34.48 1.78
CA ALA C 311 3.00 -35.61 1.00
C ALA C 311 4.53 -35.55 0.98
N LYS C 312 5.10 -34.34 0.90
CA LYS C 312 6.56 -34.09 0.86
C LYS C 312 7.19 -34.36 2.23
N MET C 313 6.42 -34.21 3.32
CA MET C 313 6.89 -34.37 4.72
C MET C 313 6.90 -35.86 5.12
N GLU C 314 6.07 -36.69 4.47
CA GLU C 314 5.81 -38.10 4.86
C GLU C 314 7.10 -38.91 4.85
N PRO C 315 7.88 -38.92 3.74
CA PRO C 315 9.13 -39.70 3.68
C PRO C 315 10.16 -39.51 4.79
N PHE C 316 10.09 -38.41 5.55
CA PHE C 316 11.07 -38.06 6.62
C PHE C 316 10.43 -38.15 8.01
N PHE C 317 9.24 -38.74 8.14
CA PHE C 317 8.56 -38.99 9.43
C PHE C 317 9.34 -40.06 10.21
N PRO C 318 9.34 -40.00 11.57
CA PRO C 318 9.82 -41.12 12.38
C PRO C 318 8.98 -42.39 12.16
N SER C 319 9.41 -43.51 12.73
CA SER C 319 8.73 -44.83 12.63
C SER C 319 7.35 -44.74 13.29
N GLY C 320 6.28 -44.97 12.51
CA GLY C 320 4.91 -45.21 13.01
C GLY C 320 4.09 -43.94 13.14
N LEU C 321 4.65 -42.76 12.84
CA LEU C 321 3.89 -41.48 12.82
C LEU C 321 2.95 -41.49 11.61
N LYS C 322 1.66 -41.20 11.84
CA LYS C 322 0.60 -41.28 10.80
C LYS C 322 -0.27 -40.01 10.84
N ILE C 323 -0.64 -39.50 9.65
CA ILE C 323 -1.57 -38.35 9.47
C ILE C 323 -3.00 -38.91 9.37
N VAL C 324 -3.91 -38.37 10.18
CA VAL C 324 -5.38 -38.64 10.12
C VAL C 324 -6.09 -37.30 9.86
N TYR C 325 -7.27 -37.35 9.24
CA TYR C 325 -8.06 -36.18 8.79
C TYR C 325 -9.41 -36.18 9.50
N PRO C 326 -9.46 -35.80 10.81
CA PRO C 326 -10.67 -35.91 11.62
C PRO C 326 -11.75 -34.84 11.39
N TYR C 327 -11.46 -33.81 10.60
CA TYR C 327 -12.35 -32.65 10.35
C TYR C 327 -11.89 -31.91 9.08
N ASP C 328 -12.73 -31.94 8.04
CA ASP C 328 -12.47 -31.28 6.73
C ASP C 328 -13.81 -30.83 6.14
N THR C 329 -13.90 -29.57 5.72
CA THR C 329 -15.11 -28.95 5.11
C THR C 329 -15.12 -29.21 3.60
N THR C 330 -13.97 -29.57 3.01
CA THR C 330 -13.77 -29.64 1.53
C THR C 330 -14.48 -30.86 0.94
N PRO C 331 -14.59 -32.03 1.63
CA PRO C 331 -15.42 -33.13 1.15
C PRO C 331 -16.87 -32.72 0.83
N PHE C 332 -17.44 -31.81 1.62
CA PHE C 332 -18.80 -31.25 1.41
C PHE C 332 -18.81 -30.31 0.19
N VAL C 333 -17.77 -29.48 0.06
CA VAL C 333 -17.61 -28.50 -1.05
C VAL C 333 -17.59 -29.26 -2.39
N LYS C 334 -16.87 -30.39 -2.44
CA LYS C 334 -16.70 -31.21 -3.67
C LYS C 334 -18.05 -31.82 -4.07
N ILE C 335 -18.72 -32.51 -3.13
CA ILE C 335 -19.99 -33.25 -3.39
C ILE C 335 -21.10 -32.25 -3.77
N SER C 336 -21.19 -31.12 -3.07
CA SER C 336 -22.25 -30.08 -3.28
C SER C 336 -22.18 -29.55 -4.71
N ILE C 337 -20.97 -29.36 -5.26
CA ILE C 337 -20.74 -28.92 -6.67
C ILE C 337 -21.12 -30.05 -7.62
N HIS C 338 -20.74 -31.29 -7.28
CA HIS C 338 -21.05 -32.51 -8.07
C HIS C 338 -22.59 -32.67 -8.21
N GLU C 339 -23.33 -32.33 -7.15
CA GLU C 339 -24.80 -32.51 -7.08
C GLU C 339 -25.53 -31.41 -7.86
N VAL C 340 -24.87 -30.26 -8.11
CA VAL C 340 -25.46 -29.11 -8.87
C VAL C 340 -25.17 -29.29 -10.37
N VAL C 341 -24.00 -29.82 -10.72
CA VAL C 341 -23.65 -30.20 -12.12
C VAL C 341 -24.60 -31.34 -12.55
N LYS C 342 -24.86 -32.28 -11.64
CA LYS C 342 -25.86 -33.37 -11.79
C LYS C 342 -27.23 -32.74 -12.10
N THR C 343 -27.63 -31.73 -11.31
CA THR C 343 -28.90 -30.97 -11.43
C THR C 343 -28.96 -30.25 -12.79
N LEU C 344 -27.87 -29.58 -13.18
CA LEU C 344 -27.79 -28.75 -14.42
C LEU C 344 -27.95 -29.64 -15.66
N VAL C 345 -27.26 -30.79 -15.69
CA VAL C 345 -27.32 -31.78 -16.81
C VAL C 345 -28.74 -32.37 -16.86
N GLU C 346 -29.34 -32.63 -15.68
CA GLU C 346 -30.73 -33.14 -15.54
C GLU C 346 -31.72 -32.12 -16.11
N ALA C 347 -31.49 -30.82 -15.85
CA ALA C 347 -32.31 -29.69 -16.34
C ALA C 347 -32.31 -29.68 -17.88
N ILE C 348 -31.15 -29.89 -18.50
CA ILE C 348 -30.97 -29.89 -19.99
C ILE C 348 -31.75 -31.06 -20.61
N ILE C 349 -31.64 -32.26 -20.02
CA ILE C 349 -32.31 -33.50 -20.52
C ILE C 349 -33.83 -33.29 -20.50
N LEU C 350 -34.36 -32.73 -19.41
CA LEU C 350 -35.82 -32.48 -19.23
C LEU C 350 -36.30 -31.39 -20.21
N VAL C 351 -35.57 -30.28 -20.30
CA VAL C 351 -35.91 -29.12 -21.18
C VAL C 351 -35.90 -29.58 -22.64
N PHE C 352 -34.95 -30.45 -23.03
CA PHE C 352 -34.87 -31.08 -24.37
C PHE C 352 -36.16 -31.88 -24.65
N LEU C 353 -36.62 -32.64 -23.66
CA LEU C 353 -37.81 -33.52 -23.75
C LEU C 353 -39.09 -32.68 -23.84
N VAL C 354 -39.15 -31.57 -23.09
CA VAL C 354 -40.30 -30.61 -23.14
C VAL C 354 -40.40 -30.04 -24.56
N MET C 355 -39.27 -29.75 -25.20
CA MET C 355 -39.20 -29.23 -26.59
C MET C 355 -39.52 -30.37 -27.59
N TYR C 356 -39.05 -31.59 -27.32
CA TYR C 356 -39.31 -32.80 -28.14
C TYR C 356 -40.82 -33.12 -28.12
N LEU C 357 -41.48 -32.90 -26.97
CA LEU C 357 -42.92 -33.18 -26.77
C LEU C 357 -43.77 -32.38 -27.77
N PHE C 358 -43.47 -31.09 -27.92
CA PHE C 358 -44.28 -30.11 -28.69
C PHE C 358 -43.83 -30.02 -30.15
N LEU C 359 -42.51 -29.92 -30.40
CA LEU C 359 -41.93 -29.70 -31.75
C LEU C 359 -41.83 -31.04 -32.50
N GLN C 360 -41.65 -32.15 -31.78
CA GLN C 360 -41.86 -33.55 -32.26
C GLN C 360 -40.76 -33.96 -33.24
N ASN C 361 -40.72 -33.36 -34.45
CA ASN C 361 -39.69 -33.67 -35.48
C ASN C 361 -38.32 -33.22 -34.96
N PHE C 362 -37.27 -34.03 -35.22
CA PHE C 362 -35.90 -33.84 -34.68
C PHE C 362 -35.27 -32.55 -35.24
N ARG C 363 -35.59 -32.20 -36.49
CA ARG C 363 -35.01 -31.01 -37.20
C ARG C 363 -35.53 -29.73 -36.55
N ALA C 364 -36.83 -29.68 -36.21
CA ALA C 364 -37.48 -28.54 -35.52
C ALA C 364 -37.04 -28.49 -34.05
N THR C 365 -36.78 -29.65 -33.44
CA THR C 365 -36.39 -29.81 -32.01
C THR C 365 -34.92 -29.40 -31.82
N LEU C 366 -34.06 -29.69 -32.80
CA LEU C 366 -32.59 -29.43 -32.73
C LEU C 366 -32.32 -27.92 -32.66
N ILE C 367 -33.11 -27.12 -33.40
CA ILE C 367 -32.87 -25.66 -33.63
C ILE C 367 -32.79 -24.93 -32.28
N PRO C 368 -33.82 -24.98 -31.41
CA PRO C 368 -33.74 -24.34 -30.09
C PRO C 368 -32.86 -25.09 -29.08
N THR C 369 -32.49 -26.34 -29.36
CA THR C 369 -31.54 -27.15 -28.54
C THR C 369 -30.11 -26.62 -28.76
N ILE C 370 -29.78 -26.22 -29.99
CA ILE C 370 -28.45 -25.67 -30.38
C ILE C 370 -28.18 -24.36 -29.63
N ALA C 371 -29.24 -23.70 -29.14
CA ALA C 371 -29.15 -22.47 -28.32
C ALA C 371 -28.49 -22.77 -26.96
N VAL C 372 -28.61 -23.99 -26.45
CA VAL C 372 -28.18 -24.37 -25.06
C VAL C 372 -26.66 -24.31 -24.97
N PRO C 373 -25.89 -25.02 -25.82
CA PRO C 373 -24.42 -24.90 -25.81
C PRO C 373 -23.92 -23.47 -26.07
N VAL C 374 -24.51 -22.79 -27.07
CA VAL C 374 -24.08 -21.44 -27.54
C VAL C 374 -24.21 -20.44 -26.38
N VAL C 375 -25.35 -20.44 -25.69
CA VAL C 375 -25.66 -19.47 -24.59
C VAL C 375 -24.83 -19.80 -23.35
N LEU C 376 -24.78 -21.08 -22.94
CA LEU C 376 -24.11 -21.53 -21.70
C LEU C 376 -22.61 -21.25 -21.79
N LEU C 377 -21.95 -21.70 -22.87
CA LEU C 377 -20.51 -21.45 -23.12
C LEU C 377 -20.28 -19.93 -23.21
N GLY C 378 -21.12 -19.23 -23.97
CA GLY C 378 -21.14 -17.75 -24.03
C GLY C 378 -21.17 -17.14 -22.64
N THR C 379 -22.02 -17.65 -21.75
CA THR C 379 -22.19 -17.18 -20.34
C THR C 379 -20.91 -17.44 -19.56
N PHE C 380 -20.32 -18.64 -19.70
CA PHE C 380 -19.04 -19.03 -19.06
C PHE C 380 -17.93 -18.05 -19.45
N ALA C 381 -17.91 -17.62 -20.72
CA ALA C 381 -16.94 -16.65 -21.28
C ALA C 381 -17.13 -15.28 -20.61
N VAL C 382 -18.38 -14.87 -20.35
CA VAL C 382 -18.72 -13.58 -19.70
C VAL C 382 -18.34 -13.66 -18.20
N LEU C 383 -18.67 -14.77 -17.54
CA LEU C 383 -18.27 -15.04 -16.12
C LEU C 383 -16.76 -14.83 -15.98
N ALA C 384 -15.97 -15.45 -16.86
CA ALA C 384 -14.50 -15.43 -16.87
C ALA C 384 -13.99 -14.01 -17.11
N ALA C 385 -14.60 -13.29 -18.06
CA ALA C 385 -14.22 -11.91 -18.48
C ALA C 385 -14.35 -10.95 -17.29
N PHE C 386 -15.46 -11.01 -16.56
CA PHE C 386 -15.81 -10.09 -15.43
C PHE C 386 -15.22 -10.62 -14.12
N GLY C 387 -14.60 -11.81 -14.14
CA GLY C 387 -13.80 -12.36 -13.03
C GLY C 387 -14.66 -13.05 -11.99
N PHE C 388 -15.59 -13.92 -12.42
CA PHE C 388 -16.46 -14.75 -11.56
C PHE C 388 -16.03 -16.22 -11.67
N SER C 389 -16.21 -16.99 -10.60
CA SER C 389 -15.86 -18.43 -10.50
C SER C 389 -17.08 -19.30 -10.85
N ILE C 390 -16.84 -20.56 -11.25
CA ILE C 390 -17.89 -21.61 -11.37
C ILE C 390 -18.19 -22.10 -9.95
N ASN C 391 -19.23 -21.54 -9.32
CA ASN C 391 -19.63 -21.82 -7.92
C ASN C 391 -21.12 -22.15 -7.87
N THR C 392 -21.61 -22.66 -6.73
CA THR C 392 -23.00 -23.16 -6.54
C THR C 392 -24.02 -22.08 -6.90
N LEU C 393 -23.72 -20.82 -6.59
CA LEU C 393 -24.65 -19.66 -6.80
C LEU C 393 -24.73 -19.32 -8.30
N THR C 394 -23.58 -19.25 -8.99
CA THR C 394 -23.50 -19.02 -10.45
C THR C 394 -24.02 -20.26 -11.19
N MET C 395 -23.88 -21.44 -10.58
CA MET C 395 -24.39 -22.73 -11.14
C MET C 395 -25.92 -22.74 -11.05
N PHE C 396 -26.51 -22.31 -9.93
CA PHE C 396 -27.98 -22.17 -9.73
C PHE C 396 -28.54 -21.20 -10.78
N GLY C 397 -27.84 -20.07 -11.00
CA GLY C 397 -28.17 -19.06 -12.02
C GLY C 397 -28.39 -19.69 -13.39
N MET C 398 -27.55 -20.67 -13.75
CA MET C 398 -27.60 -21.38 -15.06
C MET C 398 -28.78 -22.37 -15.07
N VAL C 399 -29.03 -23.07 -13.95
CA VAL C 399 -30.12 -24.08 -13.83
C VAL C 399 -31.47 -23.39 -14.08
N LEU C 400 -31.67 -22.19 -13.53
CA LEU C 400 -32.88 -21.34 -13.76
C LEU C 400 -32.95 -20.96 -15.24
N ALA C 401 -31.80 -20.62 -15.84
CA ALA C 401 -31.68 -20.00 -17.19
C ALA C 401 -32.01 -21.01 -18.30
N ILE C 402 -31.81 -22.32 -18.07
CA ILE C 402 -31.97 -23.38 -19.12
C ILE C 402 -33.39 -23.31 -19.68
N GLY C 403 -34.38 -23.03 -18.84
CA GLY C 403 -35.81 -22.93 -19.22
C GLY C 403 -36.21 -21.52 -19.64
N LEU C 404 -35.23 -20.63 -19.86
CA LEU C 404 -35.43 -19.22 -20.28
C LEU C 404 -34.67 -18.91 -21.58
N LEU C 405 -33.42 -19.38 -21.70
CA LEU C 405 -32.54 -19.10 -22.87
C LEU C 405 -33.08 -19.80 -24.13
N VAL C 406 -33.92 -20.83 -23.97
CA VAL C 406 -34.59 -21.56 -25.09
C VAL C 406 -35.82 -20.78 -25.57
N ASP C 407 -36.41 -19.95 -24.69
CA ASP C 407 -37.75 -19.31 -24.89
C ASP C 407 -37.77 -18.54 -26.21
N ASP C 408 -36.85 -17.59 -26.41
CA ASP C 408 -36.79 -16.72 -27.62
C ASP C 408 -36.61 -17.59 -28.87
N ALA C 409 -35.82 -18.67 -28.78
CA ALA C 409 -35.58 -19.62 -29.88
C ALA C 409 -36.85 -20.42 -30.17
N ILE C 410 -37.53 -20.90 -29.13
CA ILE C 410 -38.80 -21.70 -29.22
C ILE C 410 -39.88 -20.84 -29.90
N VAL C 411 -40.00 -19.56 -29.51
CA VAL C 411 -41.00 -18.61 -30.05
C VAL C 411 -40.84 -18.50 -31.56
N VAL C 412 -39.59 -18.44 -32.05
CA VAL C 412 -39.26 -18.28 -33.50
C VAL C 412 -39.71 -19.52 -34.26
N VAL C 413 -39.33 -20.72 -33.79
CA VAL C 413 -39.58 -22.01 -34.49
C VAL C 413 -41.09 -22.31 -34.49
N GLU C 414 -41.76 -22.15 -33.34
CA GLU C 414 -43.22 -22.37 -33.18
C GLU C 414 -43.99 -21.44 -34.14
N ASN C 415 -43.60 -20.16 -34.20
CA ASN C 415 -44.27 -19.12 -35.02
C ASN C 415 -44.06 -19.40 -36.51
N VAL C 416 -42.93 -20.02 -36.88
CA VAL C 416 -42.61 -20.44 -38.28
C VAL C 416 -43.46 -21.66 -38.64
N GLU C 417 -43.53 -22.65 -37.75
CA GLU C 417 -44.36 -23.88 -37.90
C GLU C 417 -45.82 -23.49 -38.10
N ARG C 418 -46.27 -22.44 -37.40
CA ARG C 418 -47.68 -21.92 -37.44
C ARG C 418 -47.96 -21.29 -38.81
N VAL C 419 -47.03 -20.47 -39.34
CA VAL C 419 -47.16 -19.76 -40.64
C VAL C 419 -47.23 -20.80 -41.77
N MET C 420 -46.37 -21.82 -41.73
CA MET C 420 -46.31 -22.92 -42.73
C MET C 420 -47.60 -23.74 -42.66
N ALA C 421 -48.22 -23.84 -41.48
CA ALA C 421 -49.49 -24.58 -41.24
C ALA C 421 -50.68 -23.76 -41.74
N GLU C 422 -50.73 -22.47 -41.41
CA GLU C 422 -51.88 -21.57 -41.71
C GLU C 422 -51.91 -21.24 -43.21
N GLU C 423 -50.81 -20.69 -43.76
CA GLU C 423 -50.75 -20.09 -45.11
C GLU C 423 -50.15 -21.07 -46.14
N GLY C 424 -49.25 -21.96 -45.70
CA GLY C 424 -48.64 -22.99 -46.56
C GLY C 424 -47.43 -22.48 -47.33
N LEU C 425 -46.74 -21.47 -46.79
CA LEU C 425 -45.51 -20.89 -47.40
C LEU C 425 -44.34 -21.84 -47.19
N PRO C 426 -43.27 -21.76 -48.03
CA PRO C 426 -42.04 -22.53 -47.79
C PRO C 426 -41.28 -21.99 -46.59
N PRO C 427 -40.32 -22.77 -46.02
CA PRO C 427 -39.63 -22.39 -44.78
C PRO C 427 -38.97 -21.01 -44.74
N LYS C 428 -38.40 -20.56 -45.88
CA LYS C 428 -37.60 -19.30 -45.97
C LYS C 428 -38.49 -18.08 -45.76
N GLU C 429 -39.56 -17.96 -46.54
CA GLU C 429 -40.52 -16.82 -46.49
C GLU C 429 -41.30 -16.86 -45.18
N ALA C 430 -41.59 -18.06 -44.67
CA ALA C 430 -42.27 -18.31 -43.37
C ALA C 430 -41.47 -17.65 -42.24
N THR C 431 -40.14 -17.78 -42.26
CA THR C 431 -39.20 -17.18 -41.28
C THR C 431 -39.24 -15.66 -41.42
N ARG C 432 -39.07 -15.14 -42.64
CA ARG C 432 -39.07 -13.68 -42.95
C ARG C 432 -40.34 -13.04 -42.35
N LYS C 433 -41.50 -13.62 -42.64
CA LYS C 433 -42.83 -13.15 -42.13
C LYS C 433 -42.87 -13.31 -40.61
N SER C 434 -42.46 -14.47 -40.10
CA SER C 434 -42.45 -14.83 -38.65
C SER C 434 -41.66 -13.78 -37.87
N MET C 435 -40.42 -13.50 -38.28
CA MET C 435 -39.49 -12.56 -37.60
C MET C 435 -40.09 -11.15 -37.58
N GLY C 436 -40.90 -10.80 -38.59
CA GLY C 436 -41.62 -9.52 -38.67
C GLY C 436 -42.64 -9.35 -37.56
N GLN C 437 -43.31 -10.44 -37.17
CA GLN C 437 -44.43 -10.46 -36.18
C GLN C 437 -43.89 -10.46 -34.75
N ILE C 438 -42.93 -11.34 -34.45
CA ILE C 438 -42.55 -11.77 -33.07
C ILE C 438 -41.49 -10.84 -32.48
N GLN C 439 -40.64 -10.23 -33.30
CA GLN C 439 -39.37 -9.55 -32.88
C GLN C 439 -39.58 -8.77 -31.57
N GLY C 440 -40.68 -8.02 -31.46
CA GLY C 440 -41.02 -7.21 -30.27
C GLY C 440 -41.07 -8.03 -29.00
N ALA C 441 -41.59 -9.26 -29.08
CA ALA C 441 -41.69 -10.22 -27.96
C ALA C 441 -40.31 -10.80 -27.63
N LEU C 442 -39.53 -11.15 -28.65
CA LEU C 442 -38.15 -11.72 -28.51
C LEU C 442 -37.29 -10.76 -27.66
N VAL C 443 -37.40 -9.46 -27.93
CA VAL C 443 -36.63 -8.38 -27.24
C VAL C 443 -37.24 -8.15 -25.85
N GLY C 444 -38.57 -8.06 -25.77
CA GLY C 444 -39.33 -7.82 -24.52
C GLY C 444 -39.05 -8.88 -23.46
N ILE C 445 -39.09 -10.16 -23.86
CA ILE C 445 -38.87 -11.34 -22.96
C ILE C 445 -37.46 -11.25 -22.36
N ALA C 446 -36.45 -11.03 -23.21
CA ALA C 446 -35.02 -10.89 -22.83
C ALA C 446 -34.82 -9.68 -21.92
N MET C 447 -35.54 -8.59 -22.19
CA MET C 447 -35.40 -7.29 -21.48
C MET C 447 -35.85 -7.43 -20.02
N VAL C 448 -37.07 -7.94 -19.79
CA VAL C 448 -37.70 -8.01 -18.43
C VAL C 448 -36.99 -9.07 -17.57
N LEU C 449 -36.57 -10.18 -18.17
CA LEU C 449 -35.82 -11.28 -17.47
C LEU C 449 -34.35 -10.89 -17.28
N SER C 450 -33.92 -9.75 -17.86
CA SER C 450 -32.59 -9.13 -17.63
C SER C 450 -32.73 -7.97 -16.64
N ALA C 451 -33.65 -7.04 -16.92
CA ALA C 451 -33.86 -5.77 -16.18
C ALA C 451 -34.06 -6.03 -14.68
N VAL C 452 -34.81 -7.09 -14.33
CA VAL C 452 -35.24 -7.37 -12.94
C VAL C 452 -34.03 -7.78 -12.07
N PHE C 453 -32.96 -8.31 -12.67
CA PHE C 453 -31.75 -8.82 -11.98
C PHE C 453 -30.63 -7.76 -11.95
N VAL C 454 -30.88 -6.55 -12.50
CA VAL C 454 -29.85 -5.46 -12.56
C VAL C 454 -29.81 -4.72 -11.21
N PRO C 455 -30.94 -4.18 -10.69
CA PRO C 455 -30.93 -3.47 -9.41
C PRO C 455 -30.30 -4.25 -8.24
N MET C 456 -30.52 -5.56 -8.17
CA MET C 456 -30.08 -6.43 -7.03
C MET C 456 -28.56 -6.44 -6.93
N ALA C 457 -27.85 -6.29 -8.06
CA ALA C 457 -26.37 -6.33 -8.16
C ALA C 457 -25.74 -5.18 -7.35
N PHE C 458 -26.43 -4.04 -7.26
CA PHE C 458 -25.91 -2.78 -6.64
C PHE C 458 -26.13 -2.79 -5.12
N PHE C 459 -26.89 -3.75 -4.59
CA PHE C 459 -27.13 -3.90 -3.12
C PHE C 459 -25.86 -4.46 -2.46
N GLY C 460 -25.74 -4.24 -1.13
CA GLY C 460 -24.54 -4.53 -0.34
C GLY C 460 -24.75 -5.66 0.64
N GLY C 461 -23.81 -5.81 1.59
CA GLY C 461 -23.78 -6.91 2.58
C GLY C 461 -23.36 -8.22 1.94
N SER C 462 -23.47 -9.32 2.67
CA SER C 462 -23.20 -10.71 2.20
C SER C 462 -24.28 -11.11 1.18
N THR C 463 -25.50 -10.57 1.34
CA THR C 463 -26.66 -10.80 0.45
C THR C 463 -26.37 -10.26 -0.95
N GLY C 464 -25.84 -9.03 -1.03
CA GLY C 464 -25.42 -8.37 -2.28
C GLY C 464 -24.46 -9.24 -3.08
N ALA C 465 -23.52 -9.90 -2.39
CA ALA C 465 -22.51 -10.81 -2.97
C ALA C 465 -23.19 -12.05 -3.57
N ILE C 466 -24.23 -12.57 -2.90
CA ILE C 466 -25.05 -13.73 -3.38
C ILE C 466 -25.85 -13.28 -4.62
N TYR C 467 -26.57 -12.16 -4.50
CA TYR C 467 -27.44 -11.58 -5.57
C TYR C 467 -26.66 -11.48 -6.89
N ARG C 468 -25.44 -10.93 -6.84
CA ARG C 468 -24.58 -10.62 -8.02
C ARG C 468 -24.26 -11.90 -8.82
N GLN C 469 -24.16 -13.05 -8.15
CA GLN C 469 -23.79 -14.35 -8.78
C GLN C 469 -24.93 -14.81 -9.71
N PHE C 470 -26.18 -14.64 -9.29
CA PHE C 470 -27.40 -14.91 -10.10
C PHE C 470 -27.52 -13.86 -11.22
N SER C 471 -27.29 -12.58 -10.87
CA SER C 471 -27.40 -11.41 -11.77
C SER C 471 -26.54 -11.60 -13.01
N ILE C 472 -25.22 -11.75 -12.83
CA ILE C 472 -24.22 -11.89 -13.94
C ILE C 472 -24.61 -13.06 -14.85
N THR C 473 -25.06 -14.17 -14.28
CA THR C 473 -25.34 -15.45 -15.01
C THR C 473 -26.60 -15.30 -15.87
N ILE C 474 -27.70 -14.85 -15.28
CA ILE C 474 -29.04 -14.78 -15.95
C ILE C 474 -29.04 -13.63 -16.97
N VAL C 475 -28.57 -12.45 -16.59
CA VAL C 475 -28.52 -11.23 -17.47
C VAL C 475 -27.72 -11.57 -18.74
N SER C 476 -26.59 -12.26 -18.58
CA SER C 476 -25.71 -12.72 -19.69
C SER C 476 -26.47 -13.73 -20.56
N ALA C 477 -27.10 -14.73 -19.94
CA ALA C 477 -27.82 -15.83 -20.61
C ALA C 477 -28.99 -15.29 -21.44
N MET C 478 -29.73 -14.32 -20.91
CA MET C 478 -30.92 -13.72 -21.58
C MET C 478 -30.47 -12.86 -22.77
N ALA C 479 -29.43 -12.04 -22.59
CA ALA C 479 -28.88 -11.13 -23.62
C ALA C 479 -28.27 -11.93 -24.77
N LEU C 480 -27.71 -13.10 -24.49
CA LEU C 480 -27.15 -14.03 -25.51
C LEU C 480 -28.28 -14.74 -26.25
N SER C 481 -29.34 -15.15 -25.54
CA SER C 481 -30.49 -15.92 -26.08
C SER C 481 -31.21 -15.12 -27.16
N VAL C 482 -31.41 -13.81 -26.95
CA VAL C 482 -32.10 -12.91 -27.91
C VAL C 482 -31.22 -12.74 -29.17
N LEU C 483 -29.90 -12.63 -29.00
CA LEU C 483 -28.93 -12.53 -30.12
C LEU C 483 -28.96 -13.81 -30.95
N VAL C 484 -28.98 -14.97 -30.28
CA VAL C 484 -29.09 -16.32 -30.92
C VAL C 484 -30.42 -16.41 -31.68
N ALA C 485 -31.50 -15.87 -31.09
CA ALA C 485 -32.88 -15.91 -31.63
C ALA C 485 -33.00 -14.97 -32.84
N LEU C 486 -32.16 -13.93 -32.93
CA LEU C 486 -32.15 -12.94 -34.03
C LEU C 486 -31.20 -13.38 -35.15
N ILE C 487 -30.09 -14.03 -34.79
CA ILE C 487 -28.96 -14.35 -35.73
C ILE C 487 -29.08 -15.80 -36.21
N LEU C 488 -28.87 -16.78 -35.31
CA LEU C 488 -28.71 -18.21 -35.67
C LEU C 488 -30.07 -18.85 -35.97
N THR C 489 -31.00 -18.83 -35.01
CA THR C 489 -32.29 -19.57 -35.03
C THR C 489 -33.04 -19.30 -36.33
N PRO C 490 -33.17 -18.04 -36.79
CA PRO C 490 -33.85 -17.75 -38.07
C PRO C 490 -33.12 -18.38 -39.27
N ALA C 491 -31.78 -18.32 -39.28
CA ALA C 491 -30.91 -18.91 -40.32
C ALA C 491 -31.16 -20.43 -40.41
N LEU C 492 -31.33 -21.09 -39.26
CA LEU C 492 -31.56 -22.56 -39.17
C LEU C 492 -32.96 -22.90 -39.70
N CYS C 493 -33.98 -22.11 -39.33
CA CYS C 493 -35.39 -22.28 -39.76
C CYS C 493 -35.50 -22.19 -41.28
N ALA C 494 -34.78 -21.25 -41.90
CA ALA C 494 -34.78 -20.98 -43.36
C ALA C 494 -34.09 -22.11 -44.12
N THR C 495 -33.11 -22.78 -43.50
CA THR C 495 -32.18 -23.72 -44.16
C THR C 495 -32.55 -25.18 -43.82
N MET C 496 -32.59 -25.54 -42.53
CA MET C 496 -32.69 -26.95 -42.06
C MET C 496 -34.01 -27.19 -41.30
N LEU C 497 -35.14 -26.76 -41.87
CA LEU C 497 -36.50 -27.05 -41.35
C LEU C 497 -37.37 -27.60 -42.49
N LYS C 498 -37.99 -28.77 -42.27
CA LYS C 498 -38.82 -29.48 -43.27
C LYS C 498 -40.10 -28.68 -43.53
N PRO C 499 -40.60 -28.65 -44.78
CA PRO C 499 -41.77 -27.84 -45.12
C PRO C 499 -43.09 -28.50 -44.69
N ILE C 500 -43.97 -27.72 -44.05
CA ILE C 500 -45.31 -28.16 -43.55
C ILE C 500 -46.36 -27.74 -44.59
N ALA C 501 -47.25 -28.66 -44.97
CA ALA C 501 -48.37 -28.43 -45.92
C ALA C 501 -49.47 -27.60 -45.23
N LYS C 502 -50.23 -26.83 -46.00
CA LYS C 502 -51.32 -25.95 -45.52
C LYS C 502 -52.44 -26.81 -44.91
N GLY C 503 -52.82 -26.52 -43.66
CA GLY C 503 -53.90 -27.21 -42.92
C GLY C 503 -53.37 -28.23 -41.93
N ASP C 504 -52.18 -28.81 -42.19
CA ASP C 504 -51.55 -29.85 -41.34
C ASP C 504 -51.07 -29.22 -40.03
N HIS C 505 -51.59 -29.70 -38.89
CA HIS C 505 -51.17 -29.30 -37.52
C HIS C 505 -50.66 -30.53 -36.75
N GLY C 506 -50.15 -31.53 -37.48
CA GLY C 506 -49.58 -32.78 -36.91
C GLY C 506 -50.65 -33.69 -36.32
N GLU C 507 -51.91 -33.51 -36.72
CA GLU C 507 -53.05 -34.33 -36.24
C GLU C 507 -53.07 -35.68 -36.98
N GLY C 508 -52.68 -35.67 -38.26
CA GLY C 508 -52.60 -36.87 -39.12
C GLY C 508 -51.59 -37.89 -38.62
N LYS C 509 -50.55 -37.44 -37.90
CA LYS C 509 -49.51 -38.30 -37.27
C LYS C 509 -50.19 -39.35 -36.38
N LYS C 510 -49.54 -40.52 -36.23
CA LYS C 510 -50.01 -41.66 -35.41
C LYS C 510 -49.09 -41.82 -34.20
N GLY C 511 -49.45 -42.72 -33.28
CA GLY C 511 -48.73 -42.95 -32.01
C GLY C 511 -49.18 -41.97 -30.95
N PHE C 512 -48.25 -41.52 -30.10
CA PHE C 512 -48.52 -40.61 -28.95
C PHE C 512 -48.71 -39.17 -29.44
N PHE C 513 -47.82 -38.70 -30.33
CA PHE C 513 -47.79 -37.29 -30.84
C PHE C 513 -49.11 -36.96 -31.52
N GLY C 514 -49.70 -37.92 -32.25
CA GLY C 514 -51.03 -37.80 -32.88
C GLY C 514 -52.10 -37.46 -31.85
N TRP C 515 -52.10 -38.19 -30.72
CA TRP C 515 -53.04 -37.99 -29.59
C TRP C 515 -52.81 -36.63 -28.93
N PHE C 516 -51.55 -36.25 -28.72
CA PHE C 516 -51.12 -34.99 -28.05
C PHE C 516 -51.62 -33.77 -28.84
N ASN C 517 -51.43 -33.79 -30.17
CA ASN C 517 -51.75 -32.66 -31.08
C ASN C 517 -53.26 -32.42 -31.09
N ARG C 518 -54.08 -33.47 -31.21
CA ARG C 518 -55.56 -33.41 -31.20
C ARG C 518 -56.04 -32.93 -29.82
N MET C 519 -55.44 -33.46 -28.75
CA MET C 519 -55.75 -33.10 -27.33
C MET C 519 -55.44 -31.62 -27.10
N PHE C 520 -54.38 -31.10 -27.73
CA PHE C 520 -53.92 -29.69 -27.58
C PHE C 520 -54.74 -28.78 -28.50
N GLU C 521 -55.00 -29.21 -29.74
CA GLU C 521 -55.83 -28.49 -30.73
C GLU C 521 -57.26 -28.33 -30.16
N LYS C 522 -57.76 -29.36 -29.48
CA LYS C 522 -59.08 -29.35 -28.79
C LYS C 522 -59.00 -28.40 -27.58
N SER C 523 -57.93 -28.50 -26.79
CA SER C 523 -57.66 -27.67 -25.59
C SER C 523 -57.55 -26.19 -25.98
N THR C 524 -57.05 -25.89 -27.19
CA THR C 524 -56.87 -24.52 -27.73
C THR C 524 -58.25 -23.89 -27.99
N HIS C 525 -59.16 -24.65 -28.62
CA HIS C 525 -60.54 -24.21 -28.94
C HIS C 525 -61.33 -23.96 -27.66
N HIS C 526 -61.20 -24.86 -26.67
CA HIS C 526 -61.75 -24.72 -25.29
C HIS C 526 -61.35 -23.36 -24.72
N TYR C 527 -60.04 -23.09 -24.67
CA TYR C 527 -59.39 -21.93 -24.02
C TYR C 527 -59.87 -20.62 -24.65
N THR C 528 -59.82 -20.51 -25.98
CA THR C 528 -60.20 -19.31 -26.76
C THR C 528 -61.68 -18.98 -26.50
N ASP C 529 -62.56 -19.98 -26.57
CA ASP C 529 -64.01 -19.86 -26.27
C ASP C 529 -64.19 -19.47 -24.79
N SER C 530 -63.35 -20.01 -23.90
CA SER C 530 -63.36 -19.72 -22.45
C SER C 530 -62.99 -18.25 -22.20
N VAL C 531 -61.93 -17.75 -22.84
CA VAL C 531 -61.48 -16.33 -22.77
C VAL C 531 -62.59 -15.44 -23.35
N GLY C 532 -63.20 -15.86 -24.46
CA GLY C 532 -64.35 -15.20 -25.09
C GLY C 532 -65.46 -14.89 -24.08
N GLY C 533 -65.75 -15.85 -23.19
CA GLY C 533 -66.74 -15.71 -22.12
C GLY C 533 -66.26 -14.79 -21.00
N ILE C 534 -64.96 -14.82 -20.69
CA ILE C 534 -64.32 -14.00 -19.61
C ILE C 534 -64.40 -12.51 -20.01
N LEU C 535 -64.19 -12.20 -21.30
CA LEU C 535 -64.06 -10.81 -21.81
C LEU C 535 -65.43 -10.09 -21.80
N ARG C 536 -66.54 -10.84 -21.74
CA ARG C 536 -67.92 -10.29 -21.72
C ARG C 536 -68.40 -10.08 -20.28
N SER C 537 -67.62 -10.51 -19.29
CA SER C 537 -67.96 -10.40 -17.84
C SER C 537 -66.67 -10.15 -17.02
N THR C 538 -65.99 -9.03 -17.29
CA THR C 538 -64.68 -8.67 -16.68
C THR C 538 -64.89 -8.15 -15.25
N GLY C 539 -66.09 -7.63 -14.94
CA GLY C 539 -66.47 -7.12 -13.61
C GLY C 539 -66.20 -8.13 -12.50
N ARG C 540 -66.49 -9.41 -12.77
CA ARG C 540 -66.32 -10.53 -11.80
C ARG C 540 -64.83 -10.76 -11.53
N TYR C 541 -63.99 -10.69 -12.57
CA TYR C 541 -62.56 -11.10 -12.56
C TYR C 541 -61.68 -10.02 -11.93
N LEU C 542 -62.13 -8.75 -11.92
CA LEU C 542 -61.41 -7.64 -11.24
C LEU C 542 -61.56 -7.78 -9.72
N VAL C 543 -62.61 -8.47 -9.25
CA VAL C 543 -62.84 -8.78 -7.81
C VAL C 543 -62.00 -10.00 -7.41
N LEU C 544 -61.95 -11.04 -8.25
CA LEU C 544 -61.12 -12.25 -8.06
C LEU C 544 -59.64 -11.84 -7.96
N TYR C 545 -59.19 -10.95 -8.84
CA TYR C 545 -57.81 -10.40 -8.86
C TYR C 545 -57.52 -9.73 -7.51
N LEU C 546 -58.46 -8.89 -7.03
CA LEU C 546 -58.30 -8.11 -5.77
C LEU C 546 -58.30 -9.06 -4.57
N ILE C 547 -58.99 -10.20 -4.66
CA ILE C 547 -58.97 -11.28 -3.63
C ILE C 547 -57.57 -11.92 -3.61
N ILE C 548 -57.05 -12.28 -4.79
CA ILE C 548 -55.71 -12.92 -4.98
C ILE C 548 -54.63 -11.99 -4.42
N VAL C 549 -54.77 -10.67 -4.64
CA VAL C 549 -53.81 -9.63 -4.14
C VAL C 549 -53.80 -9.65 -2.61
N VAL C 550 -54.98 -9.74 -1.98
CA VAL C 550 -55.13 -9.82 -0.49
C VAL C 550 -54.57 -11.16 -0.01
N GLY C 551 -54.91 -12.26 -0.70
CA GLY C 551 -54.37 -13.61 -0.44
C GLY C 551 -52.85 -13.63 -0.54
N MET C 552 -52.30 -12.94 -1.55
CA MET C 552 -50.84 -12.79 -1.78
C MET C 552 -50.22 -12.01 -0.61
N ALA C 553 -50.80 -10.86 -0.26
CA ALA C 553 -50.32 -9.96 0.82
C ALA C 553 -50.38 -10.68 2.18
N TYR C 554 -51.41 -11.52 2.39
CA TYR C 554 -51.63 -12.26 3.66
C TYR C 554 -50.58 -13.37 3.80
N LEU C 555 -50.36 -14.16 2.74
CA LEU C 555 -49.38 -15.27 2.71
C LEU C 555 -47.97 -14.72 2.96
N PHE C 556 -47.68 -13.50 2.49
CA PHE C 556 -46.34 -12.85 2.58
C PHE C 556 -46.02 -12.54 4.06
N VAL C 557 -46.92 -11.85 4.75
CA VAL C 557 -46.69 -11.35 6.15
C VAL C 557 -46.63 -12.52 7.13
N ARG C 558 -47.33 -13.62 6.85
CA ARG C 558 -47.47 -14.79 7.76
C ARG C 558 -46.28 -15.76 7.58
N LEU C 559 -45.66 -15.78 6.39
CA LEU C 559 -44.49 -16.64 6.06
C LEU C 559 -43.30 -16.22 6.92
N PRO C 560 -42.75 -17.12 7.78
CA PRO C 560 -41.55 -16.80 8.57
C PRO C 560 -40.30 -16.55 7.69
N SER C 561 -39.32 -15.85 8.26
CA SER C 561 -38.07 -15.41 7.56
C SER C 561 -36.84 -16.08 8.18
N SER C 562 -35.76 -16.16 7.40
CA SER C 562 -34.41 -16.65 7.80
C SER C 562 -33.36 -16.01 6.87
N PHE C 563 -32.09 -16.43 6.98
CA PHE C 563 -30.97 -15.92 6.13
C PHE C 563 -30.65 -16.93 5.03
N LEU C 564 -30.03 -18.05 5.38
CA LEU C 564 -29.67 -19.16 4.45
C LEU C 564 -29.94 -20.49 5.15
N PRO C 565 -30.40 -21.54 4.42
CA PRO C 565 -30.74 -22.82 5.05
C PRO C 565 -29.49 -23.61 5.43
N ASP C 566 -29.50 -24.22 6.61
CA ASP C 566 -28.39 -25.05 7.16
C ASP C 566 -28.23 -26.30 6.28
N GLU C 567 -27.03 -26.88 6.26
CA GLU C 567 -26.69 -28.06 5.42
C GLU C 567 -26.00 -29.13 6.27
N ASP C 568 -26.10 -30.39 5.84
CA ASP C 568 -25.31 -31.54 6.36
C ASP C 568 -23.95 -31.51 5.64
N GLN C 569 -22.90 -31.05 6.32
CA GLN C 569 -21.55 -30.84 5.74
C GLN C 569 -20.62 -32.01 6.11
N GLY C 570 -21.20 -33.13 6.57
CA GLY C 570 -20.46 -34.36 6.93
C GLY C 570 -19.62 -34.19 8.19
N VAL C 571 -19.80 -33.06 8.90
CA VAL C 571 -19.03 -32.69 10.12
C VAL C 571 -19.92 -31.81 11.01
N PHE C 572 -19.58 -31.73 12.30
CA PHE C 572 -20.13 -30.76 13.28
C PHE C 572 -19.23 -30.74 14.51
N MET C 573 -19.50 -29.83 15.46
CA MET C 573 -18.66 -29.61 16.67
C MET C 573 -19.52 -29.73 17.92
N THR C 574 -18.88 -30.07 19.05
CA THR C 574 -19.49 -30.14 20.41
C THR C 574 -18.62 -29.31 21.36
N MET C 575 -19.21 -28.29 22.00
CA MET C 575 -18.55 -27.48 23.06
C MET C 575 -18.63 -28.25 24.38
N VAL C 576 -17.66 -28.03 25.27
CA VAL C 576 -17.66 -28.53 26.67
C VAL C 576 -17.12 -27.41 27.57
N GLN C 577 -17.89 -27.03 28.60
CA GLN C 577 -17.49 -25.99 29.59
C GLN C 577 -17.92 -26.45 30.98
N LEU C 578 -16.93 -26.65 31.88
CA LEU C 578 -17.15 -27.06 33.29
C LEU C 578 -17.18 -25.82 34.18
N PRO C 579 -17.69 -25.92 35.43
CA PRO C 579 -17.72 -24.79 36.36
C PRO C 579 -16.37 -24.08 36.58
N ALA C 580 -16.41 -22.94 37.28
CA ALA C 580 -15.23 -22.13 37.67
C ALA C 580 -14.35 -22.96 38.63
N GLY C 581 -13.05 -23.06 38.32
CA GLY C 581 -12.04 -23.73 39.18
C GLY C 581 -11.82 -25.18 38.80
N ALA C 582 -12.61 -25.72 37.85
CA ALA C 582 -12.57 -27.13 37.42
C ALA C 582 -11.24 -27.43 36.72
N THR C 583 -10.59 -28.54 37.10
CA THR C 583 -9.23 -28.93 36.65
C THR C 583 -9.30 -29.63 35.28
N GLN C 584 -8.14 -29.87 34.67
CA GLN C 584 -7.95 -30.52 33.35
C GLN C 584 -8.41 -31.99 33.43
N GLU C 585 -8.27 -32.62 34.59
CA GLU C 585 -8.68 -34.03 34.85
C GLU C 585 -10.22 -34.12 34.81
N ARG C 586 -10.90 -33.18 35.48
CA ARG C 586 -12.39 -33.09 35.52
C ARG C 586 -12.94 -32.92 34.10
N THR C 587 -12.31 -32.07 33.29
CA THR C 587 -12.71 -31.76 31.89
C THR C 587 -12.54 -33.01 31.02
N GLN C 588 -11.43 -33.74 31.21
CA GLN C 588 -11.07 -34.94 30.41
C GLN C 588 -12.15 -36.03 30.60
N LYS C 589 -12.72 -36.13 31.81
CA LYS C 589 -13.81 -37.08 32.15
C LYS C 589 -15.05 -36.78 31.30
N VAL C 590 -15.40 -35.49 31.15
CA VAL C 590 -16.61 -35.04 30.41
C VAL C 590 -16.40 -35.28 28.90
N LEU C 591 -15.19 -34.99 28.39
CA LEU C 591 -14.83 -35.21 26.96
C LEU C 591 -14.91 -36.71 26.63
N ASN C 592 -14.57 -37.57 27.58
CA ASN C 592 -14.64 -39.06 27.45
C ASN C 592 -16.11 -39.47 27.27
N GLU C 593 -17.02 -38.90 28.08
CA GLU C 593 -18.48 -39.18 28.01
C GLU C 593 -19.03 -38.70 26.66
N VAL C 594 -18.57 -37.54 26.17
CA VAL C 594 -18.98 -36.95 24.86
C VAL C 594 -18.44 -37.86 23.74
N THR C 595 -17.14 -38.20 23.81
CA THR C 595 -16.44 -39.07 22.83
C THR C 595 -17.09 -40.46 22.82
N HIS C 596 -17.43 -40.99 24.00
CA HIS C 596 -18.10 -42.30 24.19
C HIS C 596 -19.39 -42.36 23.36
N TYR C 597 -20.31 -41.41 23.60
CA TYR C 597 -21.65 -41.33 22.96
C TYR C 597 -21.52 -41.50 21.45
N TYR C 598 -20.61 -40.76 20.82
CA TYR C 598 -20.41 -40.74 19.35
C TYR C 598 -19.86 -42.08 18.86
N LEU C 599 -18.98 -42.72 19.64
CA LEU C 599 -18.27 -43.97 19.26
C LEU C 599 -19.14 -45.20 19.59
N THR C 600 -20.19 -45.06 20.40
CA THR C 600 -21.06 -46.18 20.85
C THR C 600 -22.47 -46.01 20.26
N LYS C 601 -23.22 -45.01 20.70
CA LYS C 601 -24.64 -44.76 20.27
C LYS C 601 -24.68 -44.42 18.78
N GLU C 602 -23.85 -43.46 18.34
CA GLU C 602 -23.87 -42.89 16.96
C GLU C 602 -22.74 -43.49 16.11
N LYS C 603 -22.31 -44.72 16.40
CA LYS C 603 -21.14 -45.36 15.74
C LYS C 603 -21.46 -45.68 14.27
N ASN C 604 -22.75 -45.83 13.93
CA ASN C 604 -23.22 -46.12 12.55
C ASN C 604 -23.09 -44.87 11.67
N ASN C 605 -23.12 -43.68 12.27
CA ASN C 605 -23.10 -42.37 11.54
C ASN C 605 -21.76 -41.65 11.73
N VAL C 606 -21.13 -41.77 12.90
CA VAL C 606 -19.84 -41.08 13.23
C VAL C 606 -18.66 -41.95 12.75
N GLU C 607 -17.64 -41.31 12.18
CA GLU C 607 -16.37 -41.95 11.73
C GLU C 607 -15.25 -41.60 12.72
N SER C 608 -15.11 -40.31 13.07
CA SER C 608 -14.00 -39.78 13.90
C SER C 608 -14.50 -38.80 14.96
N VAL C 609 -13.81 -38.74 16.09
CA VAL C 609 -13.93 -37.67 17.13
C VAL C 609 -12.51 -37.20 17.48
N PHE C 610 -12.24 -35.90 17.28
CA PHE C 610 -10.97 -35.23 17.68
C PHE C 610 -11.26 -34.30 18.86
N ALA C 611 -11.28 -34.86 20.08
CA ALA C 611 -11.55 -34.15 21.35
C ALA C 611 -10.28 -33.42 21.80
N VAL C 612 -10.39 -32.11 22.10
CA VAL C 612 -9.27 -31.24 22.56
C VAL C 612 -9.63 -30.68 23.95
N ASN C 613 -8.76 -30.91 24.93
CA ASN C 613 -8.92 -30.45 26.34
C ASN C 613 -8.08 -29.18 26.54
N GLY C 614 -8.64 -28.19 27.24
CA GLY C 614 -7.97 -26.92 27.59
C GLY C 614 -8.01 -25.91 26.45
N PHE C 615 -9.02 -26.02 25.57
CA PHE C 615 -9.23 -25.13 24.39
C PHE C 615 -10.72 -25.17 24.00
N GLY C 616 -11.28 -24.03 23.59
CA GLY C 616 -12.68 -23.90 23.16
C GLY C 616 -12.92 -22.59 22.43
N PHE C 617 -14.16 -22.36 21.98
CA PHE C 617 -14.59 -21.14 21.25
C PHE C 617 -15.18 -20.11 22.22
N ALA C 618 -15.71 -20.56 23.36
CA ALA C 618 -16.22 -19.71 24.45
C ALA C 618 -15.05 -19.03 25.18
N GLY C 619 -13.93 -19.75 25.35
CA GLY C 619 -12.71 -19.23 26.00
C GLY C 619 -11.61 -20.27 26.06
N ARG C 620 -10.68 -20.11 27.01
CA ARG C 620 -9.53 -21.03 27.25
C ARG C 620 -9.35 -21.24 28.76
N GLY C 621 -8.51 -22.21 29.13
CA GLY C 621 -8.29 -22.64 30.53
C GLY C 621 -8.65 -24.11 30.72
N GLN C 622 -8.29 -24.67 31.88
CA GLN C 622 -8.41 -26.13 32.18
C GLN C 622 -9.87 -26.60 32.09
N ASN C 623 -10.84 -25.73 32.43
CA ASN C 623 -12.28 -26.07 32.51
C ASN C 623 -12.96 -25.82 31.15
N THR C 624 -12.28 -26.10 30.05
CA THR C 624 -12.76 -25.86 28.66
C THR C 624 -12.31 -27.01 27.74
N GLY C 625 -13.19 -27.40 26.82
CA GLY C 625 -12.92 -28.45 25.82
C GLY C 625 -13.78 -28.29 24.58
N ILE C 626 -13.42 -28.96 23.49
CA ILE C 626 -14.17 -28.97 22.20
C ILE C 626 -13.89 -30.31 21.49
N ALA C 627 -14.85 -30.81 20.71
CA ALA C 627 -14.77 -32.10 19.98
C ALA C 627 -15.19 -31.89 18.52
N PHE C 628 -14.25 -32.11 17.59
CA PHE C 628 -14.48 -32.04 16.12
C PHE C 628 -14.96 -33.40 15.63
N VAL C 629 -16.27 -33.52 15.34
CA VAL C 629 -16.92 -34.78 14.88
C VAL C 629 -16.96 -34.79 13.35
N SER C 630 -16.47 -35.88 12.74
CA SER C 630 -16.65 -36.22 11.31
C SER C 630 -17.65 -37.38 11.21
N LEU C 631 -18.58 -37.31 10.26
CA LEU C 631 -19.58 -38.37 9.97
C LEU C 631 -19.05 -39.27 8.84
N LYS C 632 -19.70 -40.43 8.66
CA LYS C 632 -19.43 -41.34 7.52
C LYS C 632 -20.06 -40.73 6.25
N ASP C 633 -19.75 -41.30 5.08
CA ASP C 633 -20.19 -40.77 3.76
C ASP C 633 -21.71 -40.68 3.72
N TRP C 634 -22.25 -39.72 2.95
CA TRP C 634 -23.69 -39.38 2.82
C TRP C 634 -24.48 -40.61 2.35
N ALA C 635 -23.92 -41.42 1.45
CA ALA C 635 -24.53 -42.63 0.86
C ALA C 635 -24.79 -43.68 1.95
N ASP C 636 -24.00 -43.68 3.02
CA ASP C 636 -24.07 -44.66 4.14
C ASP C 636 -24.92 -44.10 5.30
N ARG C 637 -25.51 -42.91 5.14
CA ARG C 637 -26.37 -42.25 6.16
C ARG C 637 -27.71 -41.88 5.54
N PRO C 638 -28.59 -42.86 5.25
CA PRO C 638 -29.91 -42.60 4.67
C PRO C 638 -30.93 -42.14 5.71
N GLY C 639 -31.90 -41.32 5.29
CA GLY C 639 -33.03 -40.88 6.13
C GLY C 639 -32.72 -39.60 6.89
N GLU C 640 -33.77 -38.89 7.33
CA GLU C 640 -33.70 -37.58 8.01
C GLU C 640 -33.07 -37.74 9.41
N GLU C 641 -33.25 -38.92 10.04
CA GLU C 641 -32.84 -39.19 11.44
C GLU C 641 -31.34 -39.48 11.53
N ASN C 642 -30.67 -39.70 10.39
CA ASN C 642 -29.20 -40.00 10.31
C ASN C 642 -28.45 -38.78 9.73
N LYS C 643 -28.94 -37.57 9.97
CA LYS C 643 -28.33 -36.30 9.47
C LYS C 643 -27.96 -35.42 10.67
N VAL C 644 -27.14 -34.39 10.42
CA VAL C 644 -26.47 -33.56 11.48
C VAL C 644 -27.52 -32.91 12.38
N GLU C 645 -28.61 -32.38 11.80
CA GLU C 645 -29.73 -31.75 12.54
C GLU C 645 -30.23 -32.73 13.62
N ALA C 646 -30.51 -33.97 13.22
CA ALA C 646 -31.07 -35.04 14.08
C ALA C 646 -30.02 -35.49 15.11
N ILE C 647 -28.78 -35.73 14.68
CA ILE C 647 -27.68 -36.28 15.52
C ILE C 647 -27.35 -35.29 16.63
N THR C 648 -27.25 -34.00 16.30
CA THR C 648 -26.94 -32.89 17.25
C THR C 648 -28.08 -32.73 18.26
N MET C 649 -29.33 -32.87 17.81
CA MET C 649 -30.54 -32.81 18.68
C MET C 649 -30.45 -33.92 19.73
N ARG C 650 -30.27 -35.17 19.29
CA ARG C 650 -30.15 -36.37 20.17
C ARG C 650 -28.94 -36.22 21.09
N ALA C 651 -27.83 -35.68 20.57
CA ALA C 651 -26.54 -35.48 21.29
C ALA C 651 -26.75 -34.52 22.47
N THR C 652 -27.30 -33.34 22.21
CA THR C 652 -27.52 -32.25 23.23
C THR C 652 -28.44 -32.77 24.34
N ARG C 653 -29.50 -33.51 23.97
CA ARG C 653 -30.47 -34.13 24.91
C ARG C 653 -29.75 -35.16 25.77
N ALA C 654 -28.91 -36.00 25.16
CA ALA C 654 -28.12 -37.07 25.83
C ALA C 654 -27.12 -36.44 26.80
N PHE C 655 -26.44 -35.37 26.37
CA PHE C 655 -25.34 -34.70 27.14
C PHE C 655 -25.90 -33.77 28.21
N SER C 656 -27.21 -33.47 28.17
CA SER C 656 -27.92 -32.69 29.22
C SER C 656 -27.95 -33.49 30.53
N GLN C 657 -27.79 -34.81 30.45
CA GLN C 657 -27.74 -35.74 31.62
C GLN C 657 -26.42 -35.56 32.38
N ILE C 658 -25.36 -35.08 31.71
CA ILE C 658 -24.02 -34.86 32.33
C ILE C 658 -24.17 -33.79 33.43
N LYS C 659 -23.65 -34.08 34.63
CA LYS C 659 -23.75 -33.20 35.82
C LYS C 659 -22.56 -32.25 35.85
N ASP C 660 -22.81 -30.97 36.17
CA ASP C 660 -21.79 -29.90 36.34
C ASP C 660 -20.96 -29.78 35.07
N ALA C 661 -21.60 -29.41 33.96
CA ALA C 661 -20.97 -29.13 32.64
C ALA C 661 -22.03 -28.70 31.62
N MET C 662 -21.81 -27.57 30.95
CA MET C 662 -22.56 -27.16 29.73
C MET C 662 -21.97 -27.92 28.54
N VAL C 663 -22.77 -28.80 27.92
CA VAL C 663 -22.38 -29.59 26.71
C VAL C 663 -23.47 -29.42 25.65
N PHE C 664 -23.13 -28.77 24.53
CA PHE C 664 -24.03 -28.53 23.37
C PHE C 664 -23.34 -29.01 22.08
N ALA C 665 -23.94 -29.99 21.42
CA ALA C 665 -23.57 -30.44 20.04
C ALA C 665 -24.41 -29.64 19.05
N PHE C 666 -23.75 -28.88 18.16
CA PHE C 666 -24.39 -27.90 17.24
C PHE C 666 -23.86 -28.09 15.81
N ASN C 667 -24.75 -27.89 14.83
CA ASN C 667 -24.42 -27.93 13.38
C ASN C 667 -23.71 -26.63 12.98
N LEU C 668 -22.95 -26.66 11.89
CA LEU C 668 -22.34 -25.45 11.26
C LEU C 668 -23.43 -24.71 10.49
N PRO C 669 -23.36 -23.37 10.38
CA PRO C 669 -24.22 -22.63 9.45
C PRO C 669 -23.67 -22.82 8.02
N ALA C 670 -24.53 -22.70 7.01
CA ALA C 670 -24.20 -22.89 5.57
C ALA C 670 -22.93 -22.10 5.22
N ILE C 671 -22.81 -20.88 5.75
CA ILE C 671 -21.65 -19.95 5.55
C ILE C 671 -20.78 -19.98 6.80
N VAL C 672 -19.70 -20.79 6.76
CA VAL C 672 -18.85 -21.14 7.94
C VAL C 672 -18.12 -19.90 8.48
N GLU C 673 -17.75 -18.95 7.61
CA GLU C 673 -16.87 -17.80 7.94
C GLU C 673 -17.60 -16.78 8.82
N LEU C 674 -18.94 -16.75 8.77
CA LEU C 674 -19.77 -15.76 9.53
C LEU C 674 -19.88 -16.18 11.00
N GLY C 675 -20.00 -17.48 11.28
CA GLY C 675 -20.08 -18.03 12.64
C GLY C 675 -19.80 -19.53 12.67
N THR C 676 -19.31 -20.03 13.81
CA THR C 676 -18.93 -21.45 14.04
C THR C 676 -20.22 -22.30 14.18
N ALA C 677 -21.15 -21.85 15.02
CA ALA C 677 -22.42 -22.55 15.34
C ALA C 677 -23.58 -21.95 14.55
N THR C 678 -24.62 -22.74 14.29
CA THR C 678 -25.88 -22.33 13.61
C THR C 678 -26.73 -21.50 14.57
N GLY C 679 -27.85 -20.97 14.09
CA GLY C 679 -28.81 -20.15 14.88
C GLY C 679 -28.44 -18.68 14.85
N PHE C 680 -28.80 -17.94 15.90
CA PHE C 680 -28.60 -16.47 16.03
C PHE C 680 -27.36 -16.18 16.89
N ASP C 681 -26.86 -14.94 16.81
CA ASP C 681 -25.68 -14.43 17.56
C ASP C 681 -26.05 -13.08 18.20
N PHE C 682 -26.47 -13.11 19.46
CA PHE C 682 -27.01 -11.96 20.24
C PHE C 682 -25.88 -11.35 21.08
N GLU C 683 -25.80 -10.02 21.11
CA GLU C 683 -24.84 -9.24 21.95
C GLU C 683 -25.65 -8.40 22.96
N LEU C 684 -25.40 -8.61 24.25
CA LEU C 684 -26.05 -7.88 25.37
C LEU C 684 -25.06 -6.84 25.91
N ILE C 685 -25.37 -5.55 25.73
CA ILE C 685 -24.41 -4.41 25.93
C ILE C 685 -24.79 -3.66 27.21
N ASP C 686 -23.78 -3.11 27.90
CA ASP C 686 -23.90 -2.21 29.07
C ASP C 686 -23.69 -0.77 28.59
N GLN C 687 -24.79 -0.02 28.39
CA GLN C 687 -24.79 1.30 27.71
C GLN C 687 -24.99 2.44 28.73
N ALA C 688 -24.80 2.19 30.02
CA ALA C 688 -25.00 3.19 31.10
C ALA C 688 -24.12 2.88 32.31
N GLY C 689 -22.88 2.42 32.09
CA GLY C 689 -21.87 2.14 33.12
C GLY C 689 -22.47 1.52 34.38
N LEU C 690 -23.21 0.41 34.21
CA LEU C 690 -23.85 -0.35 35.32
C LEU C 690 -22.79 -1.20 36.04
N GLY C 691 -21.93 -1.86 35.27
CA GLY C 691 -20.82 -2.71 35.77
C GLY C 691 -20.89 -4.12 35.22
N HIS C 692 -19.93 -4.98 35.59
CA HIS C 692 -19.89 -6.41 35.21
C HIS C 692 -20.92 -7.20 36.03
N GLU C 693 -21.01 -6.91 37.34
CA GLU C 693 -21.87 -7.63 38.31
C GLU C 693 -23.34 -7.52 37.87
N LYS C 694 -23.78 -6.31 37.49
CA LYS C 694 -25.19 -6.00 37.14
C LYS C 694 -25.49 -6.43 35.70
N LEU C 695 -24.49 -6.45 34.81
CA LEU C 695 -24.63 -6.93 33.41
C LEU C 695 -24.80 -8.46 33.42
N THR C 696 -24.19 -9.15 34.40
CA THR C 696 -24.32 -10.62 34.62
C THR C 696 -25.77 -10.94 35.01
N GLN C 697 -26.35 -10.15 35.91
CA GLN C 697 -27.76 -10.30 36.40
C GLN C 697 -28.73 -10.17 35.23
N ALA C 698 -28.52 -9.18 34.37
CA ALA C 698 -29.36 -8.88 33.18
C ALA C 698 -29.32 -10.04 32.19
N ARG C 699 -28.13 -10.65 32.01
CA ARG C 699 -27.93 -11.84 31.14
C ARG C 699 -28.69 -13.04 31.74
N ASN C 700 -28.53 -13.26 33.05
CA ASN C 700 -29.19 -14.36 33.81
C ASN C 700 -30.71 -14.21 33.71
N GLN C 701 -31.21 -12.97 33.79
CA GLN C 701 -32.67 -12.64 33.68
C GLN C 701 -33.18 -13.02 32.29
N LEU C 702 -32.43 -12.67 31.23
CA LEU C 702 -32.78 -12.96 29.82
C LEU C 702 -32.75 -14.47 29.58
N LEU C 703 -31.75 -15.16 30.15
CA LEU C 703 -31.58 -16.64 30.05
C LEU C 703 -32.73 -17.34 30.77
N ALA C 704 -33.14 -16.82 31.94
CA ALA C 704 -34.27 -17.33 32.74
C ALA C 704 -35.57 -17.23 31.93
N GLU C 705 -35.79 -16.08 31.28
CA GLU C 705 -36.99 -15.79 30.43
C GLU C 705 -36.96 -16.64 29.16
N ALA C 706 -35.78 -16.77 28.54
CA ALA C 706 -35.55 -17.54 27.28
C ALA C 706 -35.91 -19.02 27.50
N ALA C 707 -35.61 -19.55 28.69
CA ALA C 707 -35.84 -20.97 29.08
C ALA C 707 -37.34 -21.27 29.15
N LYS C 708 -38.17 -20.26 29.43
CA LYS C 708 -39.64 -20.39 29.63
C LYS C 708 -40.37 -20.43 28.27
N HIS C 709 -39.64 -20.32 27.15
CA HIS C 709 -40.17 -20.47 25.78
C HIS C 709 -39.38 -21.55 25.03
N PRO C 710 -39.53 -22.84 25.41
CA PRO C 710 -38.88 -23.93 24.68
C PRO C 710 -39.57 -24.24 23.34
N ASP C 711 -40.80 -23.75 23.16
CA ASP C 711 -41.60 -23.87 21.91
C ASP C 711 -40.93 -23.06 20.79
N MET C 712 -40.18 -22.00 21.14
CA MET C 712 -39.54 -21.07 20.17
C MET C 712 -38.01 -21.25 20.19
N LEU C 713 -37.38 -21.22 21.37
CA LEU C 713 -35.90 -21.17 21.55
C LEU C 713 -35.39 -22.50 22.13
N THR C 714 -34.23 -22.97 21.64
CA THR C 714 -33.49 -24.15 22.15
C THR C 714 -31.97 -23.89 22.06
N SER C 715 -31.20 -24.47 22.98
CA SER C 715 -29.73 -24.36 23.08
C SER C 715 -29.31 -22.88 23.21
N VAL C 716 -30.04 -22.11 24.02
CA VAL C 716 -29.71 -20.69 24.35
C VAL C 716 -28.68 -20.71 25.48
N ARG C 717 -27.42 -20.37 25.16
CA ARG C 717 -26.28 -20.42 26.11
C ARG C 717 -25.46 -19.13 26.00
N PRO C 718 -24.80 -18.69 27.10
CA PRO C 718 -23.85 -17.60 27.04
C PRO C 718 -22.54 -18.08 26.41
N ASN C 719 -21.88 -17.25 25.59
CA ASN C 719 -20.61 -17.59 24.91
C ASN C 719 -19.45 -16.88 25.64
N GLY C 720 -19.26 -17.21 26.91
CA GLY C 720 -18.19 -16.68 27.78
C GLY C 720 -18.01 -17.53 29.03
N LEU C 721 -16.98 -17.22 29.82
CA LEU C 721 -16.62 -17.97 31.05
C LEU C 721 -17.23 -17.27 32.26
N GLU C 722 -17.66 -18.04 33.27
CA GLU C 722 -18.23 -17.53 34.54
C GLU C 722 -17.09 -17.02 35.44
N ASP C 723 -17.41 -16.12 36.38
CA ASP C 723 -16.45 -15.51 37.34
C ASP C 723 -15.76 -16.63 38.12
N THR C 724 -14.43 -16.56 38.25
CA THR C 724 -13.57 -17.59 38.89
C THR C 724 -13.05 -17.07 40.22
N PRO C 725 -12.70 -17.97 41.17
CA PRO C 725 -11.96 -17.59 42.37
C PRO C 725 -10.50 -17.25 42.03
N GLN C 726 -9.99 -16.15 42.58
CA GLN C 726 -8.57 -15.72 42.47
C GLN C 726 -7.92 -15.85 43.85
N PHE C 727 -6.69 -16.39 43.91
CA PHE C 727 -5.90 -16.53 45.15
C PHE C 727 -5.03 -15.28 45.34
N LYS C 728 -5.58 -14.26 45.99
CA LYS C 728 -4.89 -12.98 46.32
C LYS C 728 -3.82 -13.26 47.38
N ILE C 729 -2.58 -12.82 47.13
CA ILE C 729 -1.42 -12.94 48.06
C ILE C 729 -0.77 -11.55 48.19
N ASP C 730 -0.63 -11.06 49.42
CA ASP C 730 -0.14 -9.70 49.75
C ASP C 730 1.24 -9.79 50.41
N ILE C 731 2.25 -9.16 49.79
CA ILE C 731 3.63 -9.03 50.34
C ILE C 731 3.63 -7.86 51.33
N ASP C 732 4.08 -8.11 52.57
CA ASP C 732 4.25 -7.06 53.61
C ASP C 732 5.61 -6.37 53.38
N GLN C 733 5.57 -5.13 52.90
CA GLN C 733 6.76 -4.35 52.48
C GLN C 733 7.62 -3.99 53.71
N GLU C 734 6.96 -3.68 54.83
CA GLU C 734 7.62 -3.26 56.11
C GLU C 734 8.43 -4.44 56.68
N LYS C 735 7.86 -5.65 56.65
CA LYS C 735 8.53 -6.90 57.14
C LYS C 735 9.65 -7.28 56.16
N ALA C 736 9.42 -7.12 54.85
CA ALA C 736 10.37 -7.47 53.76
C ALA C 736 11.67 -6.68 53.92
N GLN C 737 11.57 -5.36 54.15
CA GLN C 737 12.74 -4.45 54.28
C GLN C 737 13.41 -4.65 55.64
N ALA C 738 12.64 -5.00 56.68
CA ALA C 738 13.13 -5.23 58.05
C ALA C 738 14.01 -6.48 58.10
N LEU C 739 13.65 -7.52 57.33
CA LEU C 739 14.38 -8.82 57.26
C LEU C 739 15.47 -8.76 56.18
N GLY C 740 15.49 -7.70 55.37
CA GLY C 740 16.52 -7.45 54.34
C GLY C 740 16.39 -8.38 53.16
N VAL C 741 15.16 -8.56 52.64
CA VAL C 741 14.84 -9.34 51.42
C VAL C 741 14.31 -8.38 50.35
N SER C 742 14.90 -8.42 49.15
CA SER C 742 14.53 -7.58 47.98
C SER C 742 13.13 -7.95 47.50
N ILE C 743 12.31 -6.95 47.17
CA ILE C 743 10.94 -7.13 46.61
C ILE C 743 11.06 -7.76 45.23
N ASN C 744 12.14 -7.43 44.50
CA ASN C 744 12.46 -7.97 43.15
C ASN C 744 12.73 -9.47 43.24
N ASP C 745 13.51 -9.90 44.24
CA ASP C 745 13.88 -11.33 44.47
C ASP C 745 12.63 -12.10 44.91
N ILE C 746 11.77 -11.49 45.73
CA ILE C 746 10.47 -12.07 46.18
C ILE C 746 9.57 -12.29 44.96
N ASN C 747 9.41 -11.26 44.11
CA ASN C 747 8.47 -11.27 42.96
C ASN C 747 8.96 -12.23 41.87
N THR C 748 10.28 -12.36 41.67
CA THR C 748 10.90 -13.27 40.67
C THR C 748 10.74 -14.72 41.15
N THR C 749 10.90 -14.97 42.45
CA THR C 749 10.70 -16.30 43.10
C THR C 749 9.25 -16.75 42.88
N LEU C 750 8.29 -15.98 43.40
CA LEU C 750 6.83 -16.26 43.30
C LEU C 750 6.44 -16.50 41.84
N GLY C 751 6.84 -15.59 40.95
CA GLY C 751 6.52 -15.64 39.50
C GLY C 751 7.09 -16.87 38.83
N ALA C 752 8.41 -17.10 39.00
CA ALA C 752 9.16 -18.21 38.37
C ALA C 752 8.64 -19.55 38.89
N ALA C 753 8.45 -19.67 40.20
CA ALA C 753 8.01 -20.91 40.90
C ALA C 753 6.64 -21.36 40.37
N TRP C 754 5.62 -20.50 40.53
CA TRP C 754 4.18 -20.85 40.35
C TRP C 754 3.75 -20.73 38.88
N GLY C 755 4.13 -19.63 38.21
CA GLY C 755 3.69 -19.30 36.84
C GLY C 755 4.67 -19.79 35.79
N GLY C 756 5.95 -19.95 36.14
CA GLY C 756 7.04 -20.24 35.20
C GLY C 756 7.70 -18.96 34.73
N SER C 757 8.86 -19.07 34.06
CA SER C 757 9.67 -17.92 33.60
C SER C 757 10.51 -18.31 32.36
N TYR C 758 10.29 -17.61 31.25
CA TYR C 758 11.08 -17.72 29.99
C TYR C 758 12.43 -17.00 30.20
N VAL C 759 13.49 -17.79 30.43
CA VAL C 759 14.86 -17.28 30.76
C VAL C 759 15.53 -16.81 29.46
N ASN C 760 15.74 -17.73 28.52
CA ASN C 760 16.43 -17.49 27.22
C ASN C 760 16.17 -18.67 26.28
N ASP C 761 16.80 -18.68 25.11
CA ASP C 761 16.63 -19.76 24.08
C ASP C 761 17.75 -20.79 24.23
N PHE C 762 17.55 -21.98 23.68
CA PHE C 762 18.55 -23.06 23.50
C PHE C 762 18.32 -23.72 22.14
N ILE C 763 19.29 -24.50 21.65
CA ILE C 763 19.20 -25.21 20.34
C ILE C 763 18.83 -26.67 20.61
N ASP C 764 17.81 -27.19 19.91
CA ASP C 764 17.38 -28.61 19.96
C ASP C 764 17.40 -29.18 18.55
N ARG C 765 18.48 -29.88 18.19
CA ARG C 765 18.69 -30.53 16.88
C ARG C 765 18.50 -29.49 15.75
N GLY C 766 19.29 -28.42 15.79
CA GLY C 766 19.37 -27.38 14.74
C GLY C 766 18.11 -26.54 14.65
N ARG C 767 17.40 -26.35 15.77
CA ARG C 767 16.21 -25.46 15.87
C ARG C 767 16.21 -24.75 17.22
N VAL C 768 15.79 -23.48 17.24
CA VAL C 768 15.74 -22.61 18.45
C VAL C 768 14.45 -22.92 19.21
N LYS C 769 14.56 -23.18 20.52
CA LYS C 769 13.41 -23.41 21.44
C LYS C 769 13.68 -22.69 22.76
N LYS C 770 12.68 -22.63 23.63
CA LYS C 770 12.68 -21.81 24.87
C LYS C 770 13.23 -22.61 26.06
N VAL C 771 13.65 -21.91 27.11
CA VAL C 771 14.13 -22.49 28.40
C VAL C 771 13.27 -21.90 29.52
N TYR C 772 12.49 -22.73 30.20
CA TYR C 772 11.59 -22.35 31.33
C TYR C 772 12.16 -22.88 32.65
N VAL C 773 12.07 -22.06 33.71
CA VAL C 773 12.29 -22.46 35.12
C VAL C 773 10.94 -22.37 35.84
N MET C 774 10.47 -23.48 36.42
CA MET C 774 9.16 -23.58 37.10
C MET C 774 9.28 -24.57 38.26
N SER C 775 8.38 -24.48 39.23
CA SER C 775 8.28 -25.42 40.38
C SER C 775 7.85 -26.80 39.86
N GLU C 776 8.44 -27.86 40.40
CA GLU C 776 7.97 -29.25 40.23
C GLU C 776 6.54 -29.34 40.75
N ALA C 777 5.63 -29.91 39.94
CA ALA C 777 4.16 -29.88 40.12
C ALA C 777 3.76 -29.73 41.60
N LYS C 778 4.25 -30.62 42.47
CA LYS C 778 3.69 -30.88 43.83
C LYS C 778 3.93 -29.71 44.79
N TYR C 779 4.87 -28.79 44.49
CA TYR C 779 5.21 -27.64 45.37
C TYR C 779 4.47 -26.37 44.93
N ARG C 780 3.44 -26.49 44.07
CA ARG C 780 2.61 -25.36 43.60
C ARG C 780 1.17 -25.83 43.31
N MET C 781 0.63 -26.71 44.17
CA MET C 781 -0.74 -27.28 44.04
C MET C 781 -1.68 -26.63 45.06
N LEU C 782 -1.24 -26.49 46.32
CA LEU C 782 -2.10 -26.05 47.46
C LEU C 782 -1.59 -24.72 48.03
N PRO C 783 -2.50 -23.89 48.60
CA PRO C 783 -2.12 -22.63 49.24
C PRO C 783 -1.00 -22.71 50.29
N ASP C 784 -0.86 -23.84 50.98
CA ASP C 784 0.14 -24.07 52.05
C ASP C 784 1.55 -24.13 51.44
N ASP C 785 1.65 -24.45 50.14
CA ASP C 785 2.94 -24.59 49.41
C ASP C 785 3.58 -23.23 49.13
N ILE C 786 2.88 -22.12 49.45
CA ILE C 786 3.41 -20.72 49.36
C ILE C 786 4.60 -20.59 50.33
N GLY C 787 4.43 -21.01 51.57
CA GLY C 787 5.40 -20.85 52.68
C GLY C 787 6.56 -21.84 52.59
N ASP C 788 6.55 -22.73 51.61
CA ASP C 788 7.65 -23.71 51.35
C ASP C 788 8.84 -23.01 50.68
N TRP C 789 8.60 -21.85 50.04
CA TRP C 789 9.60 -21.12 49.22
C TRP C 789 10.41 -20.15 50.09
N TYR C 790 11.73 -20.25 50.01
CA TYR C 790 12.72 -19.45 50.78
C TYR C 790 13.44 -18.49 49.84
N VAL C 791 13.45 -17.20 50.20
CA VAL C 791 14.25 -16.12 49.52
C VAL C 791 15.42 -15.78 50.44
N ARG C 792 16.61 -15.53 49.86
CA ARG C 792 17.86 -15.21 50.59
C ARG C 792 17.85 -13.71 50.95
N ALA C 793 18.23 -13.39 52.19
CA ALA C 793 18.34 -12.01 52.72
C ALA C 793 19.71 -11.43 52.34
N ALA C 794 19.90 -10.13 52.58
CA ALA C 794 21.18 -9.40 52.37
C ALA C 794 22.25 -9.97 53.30
N ASP C 795 21.88 -10.22 54.56
CA ASP C 795 22.76 -10.80 55.62
C ASP C 795 23.22 -12.21 55.22
N GLY C 796 22.37 -12.95 54.49
CA GLY C 796 22.70 -14.27 53.93
C GLY C 796 21.72 -15.36 54.37
N GLN C 797 20.99 -15.13 55.47
CA GLN C 797 20.00 -16.09 56.03
C GLN C 797 18.80 -16.20 55.10
N MET C 798 18.20 -17.40 55.02
CA MET C 798 16.99 -17.69 54.21
C MET C 798 15.75 -17.29 55.00
N VAL C 799 14.76 -16.67 54.33
CA VAL C 799 13.47 -16.23 54.92
C VAL C 799 12.33 -16.90 54.13
N PRO C 800 11.43 -17.66 54.79
CA PRO C 800 10.28 -18.25 54.10
C PRO C 800 9.21 -17.20 53.77
N PHE C 801 8.37 -17.48 52.76
CA PHE C 801 7.29 -16.58 52.28
C PHE C 801 6.29 -16.30 53.41
N SER C 802 6.04 -17.28 54.28
CA SER C 802 5.14 -17.18 55.46
C SER C 802 5.55 -16.02 56.37
N ALA C 803 6.85 -15.71 56.43
CA ALA C 803 7.45 -14.67 57.30
C ALA C 803 6.95 -13.28 56.92
N PHE C 804 6.74 -13.01 55.62
CA PHE C 804 6.51 -11.65 55.07
C PHE C 804 5.30 -11.62 54.11
N SER C 805 4.40 -12.61 54.15
CA SER C 805 3.24 -12.70 53.23
C SER C 805 1.98 -13.22 53.95
N SER C 806 0.82 -12.76 53.50
CA SER C 806 -0.54 -13.27 53.86
C SER C 806 -1.33 -13.53 52.58
N SER C 807 -2.54 -14.09 52.68
CA SER C 807 -3.38 -14.49 51.53
C SER C 807 -4.87 -14.45 51.88
N ARG C 808 -5.72 -14.24 50.86
CA ARG C 808 -7.21 -14.32 50.94
C ARG C 808 -7.76 -14.68 49.56
N TRP C 809 -9.07 -14.91 49.47
CA TRP C 809 -9.78 -15.36 48.23
C TRP C 809 -10.65 -14.22 47.69
N GLU C 810 -10.30 -13.69 46.52
CA GLU C 810 -11.12 -12.73 45.73
C GLU C 810 -11.95 -13.49 44.71
N TYR C 811 -12.79 -12.78 43.94
CA TYR C 811 -13.53 -13.29 42.75
C TYR C 811 -13.49 -12.22 41.66
N GLY C 812 -13.31 -12.66 40.41
CA GLY C 812 -13.24 -11.77 39.22
C GLY C 812 -13.47 -12.53 37.93
N SER C 813 -13.77 -11.81 36.85
CA SER C 813 -14.05 -12.36 35.50
C SER C 813 -12.76 -12.87 34.87
N PRO C 814 -12.70 -14.15 34.43
CA PRO C 814 -11.56 -14.66 33.67
C PRO C 814 -11.61 -14.36 32.16
N ARG C 815 -12.68 -13.72 31.69
CA ARG C 815 -12.86 -13.33 30.26
C ARG C 815 -13.93 -12.23 30.15
N LEU C 816 -13.49 -10.96 30.14
CA LEU C 816 -14.35 -9.76 29.96
C LEU C 816 -14.51 -9.49 28.46
N GLU C 817 -15.75 -9.49 27.97
CA GLU C 817 -16.10 -9.19 26.55
C GLU C 817 -16.48 -7.71 26.41
N ARG C 818 -16.29 -7.14 25.22
CA ARG C 818 -16.74 -5.77 24.84
C ARG C 818 -17.26 -5.79 23.40
N TYR C 819 -18.28 -4.97 23.11
CA TYR C 819 -18.89 -4.81 21.76
C TYR C 819 -19.11 -3.31 21.48
N ASN C 820 -18.50 -2.80 20.40
CA ASN C 820 -18.54 -1.37 20.00
C ASN C 820 -18.01 -0.50 21.15
N GLY C 821 -16.91 -0.94 21.78
CA GLY C 821 -16.20 -0.21 22.85
C GLY C 821 -17.00 -0.11 24.14
N LEU C 822 -17.93 -1.04 24.37
CA LEU C 822 -18.81 -1.09 25.57
C LEU C 822 -18.84 -2.50 26.14
N PRO C 823 -18.82 -2.67 27.48
CA PRO C 823 -18.95 -4.00 28.10
C PRO C 823 -20.13 -4.79 27.52
N SER C 824 -19.86 -5.98 26.98
CA SER C 824 -20.83 -6.85 26.27
C SER C 824 -20.90 -8.23 26.92
N MET C 825 -21.88 -9.04 26.51
CA MET C 825 -22.00 -10.49 26.85
C MET C 825 -22.71 -11.21 25.70
N GLU C 826 -21.94 -11.93 24.88
CA GLU C 826 -22.43 -12.66 23.68
C GLU C 826 -23.30 -13.84 24.13
N ILE C 827 -24.49 -13.97 23.54
CA ILE C 827 -25.43 -15.12 23.74
C ILE C 827 -25.70 -15.76 22.38
N LEU C 828 -25.43 -17.06 22.25
CA LEU C 828 -25.76 -17.89 21.05
C LEU C 828 -27.04 -18.69 21.35
N GLY C 829 -27.79 -19.04 20.31
CA GLY C 829 -29.04 -19.82 20.42
C GLY C 829 -29.61 -20.20 19.07
N GLN C 830 -30.36 -21.30 19.04
CA GLN C 830 -31.07 -21.83 17.83
C GLN C 830 -32.58 -21.58 17.99
N ALA C 831 -33.32 -21.66 16.89
CA ALA C 831 -34.80 -21.65 16.86
C ALA C 831 -35.30 -23.11 16.92
N ALA C 832 -36.25 -23.38 17.82
CA ALA C 832 -36.82 -24.73 18.08
C ALA C 832 -37.35 -25.33 16.78
N PRO C 833 -37.37 -26.68 16.63
CA PRO C 833 -37.87 -27.32 15.42
C PRO C 833 -39.30 -26.86 15.07
N GLY C 834 -39.52 -26.49 13.81
CA GLY C 834 -40.80 -25.93 13.32
C GLY C 834 -40.72 -24.43 13.11
N LYS C 835 -40.05 -23.72 14.02
CA LYS C 835 -39.85 -22.24 13.96
C LYS C 835 -38.66 -21.91 13.05
N SER C 836 -38.49 -20.62 12.74
CA SER C 836 -37.37 -20.07 11.95
C SER C 836 -36.46 -19.22 12.85
N THR C 837 -35.24 -18.92 12.40
CA THR C 837 -34.26 -18.04 13.09
C THR C 837 -34.84 -16.63 13.20
N GLY C 838 -35.64 -16.20 12.21
CA GLY C 838 -36.31 -14.89 12.18
C GLY C 838 -37.31 -14.73 13.32
N GLU C 839 -38.15 -15.74 13.54
CA GLU C 839 -39.14 -15.79 14.64
C GLU C 839 -38.41 -15.75 15.99
N ALA C 840 -37.33 -16.54 16.11
CA ALA C 840 -36.47 -16.63 17.32
C ALA C 840 -35.87 -15.27 17.64
N MET C 841 -35.38 -14.54 16.63
CA MET C 841 -34.80 -13.17 16.75
C MET C 841 -35.88 -12.20 17.27
N GLU C 842 -37.13 -12.36 16.80
CA GLU C 842 -38.27 -11.48 17.17
C GLU C 842 -38.57 -11.62 18.67
N LEU C 843 -38.59 -12.86 19.19
CA LEU C 843 -38.87 -13.17 20.63
C LEU C 843 -37.70 -12.65 21.48
N MET C 844 -36.46 -12.91 21.07
CA MET C 844 -35.24 -12.46 21.78
C MET C 844 -35.26 -10.93 21.94
N GLU C 845 -35.66 -10.21 20.88
CA GLU C 845 -35.76 -8.72 20.86
C GLU C 845 -36.79 -8.26 21.90
N GLN C 846 -37.93 -8.96 22.00
CA GLN C 846 -39.04 -8.63 22.94
C GLN C 846 -38.59 -8.90 24.38
N LEU C 847 -37.89 -10.02 24.61
CA LEU C 847 -37.36 -10.42 25.94
C LEU C 847 -36.25 -9.45 26.37
N ALA C 848 -35.47 -8.94 25.41
CA ALA C 848 -34.37 -7.97 25.62
C ALA C 848 -34.94 -6.63 26.14
N SER C 849 -36.12 -6.24 25.65
CA SER C 849 -36.78 -4.93 25.94
C SER C 849 -37.27 -4.86 27.39
N LYS C 850 -37.47 -6.01 28.04
CA LYS C 850 -37.99 -6.12 29.43
C LYS C 850 -36.85 -6.08 30.45
N LEU C 851 -35.59 -5.98 30.00
CA LEU C 851 -34.39 -5.92 30.87
C LEU C 851 -34.25 -4.51 31.44
N PRO C 852 -33.54 -4.35 32.58
CA PRO C 852 -33.32 -3.03 33.20
C PRO C 852 -32.84 -1.93 32.24
N THR C 853 -33.23 -0.68 32.50
CA THR C 853 -32.77 0.54 31.79
C THR C 853 -31.24 0.65 31.93
N GLY C 854 -30.54 0.86 30.81
CA GLY C 854 -29.07 0.86 30.74
C GLY C 854 -28.54 -0.32 29.94
N VAL C 855 -29.22 -1.47 30.03
CA VAL C 855 -28.87 -2.72 29.32
C VAL C 855 -29.54 -2.71 27.93
N GLY C 856 -28.79 -2.31 26.90
CA GLY C 856 -29.20 -2.41 25.49
C GLY C 856 -28.72 -3.72 24.88
N TYR C 857 -29.04 -3.96 23.61
CA TYR C 857 -28.68 -5.19 22.86
C TYR C 857 -28.36 -4.84 21.41
N ASP C 858 -27.87 -5.85 20.65
CA ASP C 858 -27.53 -5.73 19.21
C ASP C 858 -27.30 -7.13 18.63
N TRP C 859 -27.55 -7.31 17.34
CA TRP C 859 -27.23 -8.55 16.56
C TRP C 859 -25.86 -8.36 15.90
N THR C 860 -25.13 -9.46 15.69
CA THR C 860 -23.76 -9.48 15.13
C THR C 860 -23.58 -10.69 14.20
N GLY C 861 -22.51 -10.68 13.40
CA GLY C 861 -22.09 -11.79 12.53
C GLY C 861 -23.21 -12.25 11.60
N MET C 862 -23.69 -13.48 11.80
CA MET C 862 -24.72 -14.14 10.96
C MET C 862 -26.07 -13.41 11.10
N SER C 863 -26.44 -13.05 12.34
CA SER C 863 -27.72 -12.38 12.69
C SER C 863 -27.77 -10.98 12.07
N TYR C 864 -26.63 -10.27 12.07
CA TYR C 864 -26.47 -8.90 11.50
C TYR C 864 -26.82 -8.93 10.01
N GLN C 865 -26.36 -9.94 9.28
CA GLN C 865 -26.60 -10.12 7.82
C GLN C 865 -28.06 -10.49 7.56
N GLU C 866 -28.64 -11.35 8.42
CA GLU C 866 -30.05 -11.82 8.33
C GLU C 866 -30.99 -10.61 8.43
N ARG C 867 -30.80 -9.78 9.46
CA ARG C 867 -31.59 -8.54 9.71
C ARG C 867 -31.45 -7.61 8.50
N LEU C 868 -30.22 -7.38 8.05
CA LEU C 868 -29.87 -6.48 6.91
C LEU C 868 -30.54 -6.98 5.63
N SER C 869 -30.52 -8.30 5.39
CA SER C 869 -31.12 -8.98 4.21
C SER C 869 -32.63 -8.73 4.17
N GLY C 870 -33.31 -8.88 5.31
CA GLY C 870 -34.76 -8.70 5.46
C GLY C 870 -35.17 -7.23 5.32
N ASN C 871 -34.38 -6.31 5.88
CA ASN C 871 -34.68 -4.86 5.94
C ASN C 871 -34.52 -4.21 4.55
N GLN C 872 -33.63 -4.75 3.70
CA GLN C 872 -33.30 -4.17 2.37
C GLN C 872 -34.17 -4.79 1.28
N ALA C 873 -34.96 -5.83 1.59
CA ALA C 873 -35.76 -6.62 0.62
C ALA C 873 -36.88 -5.75 0.03
N PRO C 874 -37.66 -4.99 0.83
CA PRO C 874 -38.69 -4.11 0.28
C PRO C 874 -38.17 -3.12 -0.76
N SER C 875 -37.08 -2.41 -0.44
CA SER C 875 -36.41 -1.42 -1.33
C SER C 875 -35.97 -2.10 -2.63
N LEU C 876 -35.51 -3.35 -2.54
CA LEU C 876 -35.04 -4.18 -3.69
C LEU C 876 -36.22 -4.54 -4.60
N TYR C 877 -37.36 -4.93 -4.02
CA TYR C 877 -38.60 -5.29 -4.77
C TYR C 877 -39.16 -4.05 -5.48
N ALA C 878 -39.35 -2.96 -4.73
CA ALA C 878 -39.95 -1.69 -5.19
C ALA C 878 -39.19 -1.15 -6.42
N ILE C 879 -37.86 -1.07 -6.34
CA ILE C 879 -36.99 -0.50 -7.42
C ILE C 879 -36.99 -1.45 -8.62
N SER C 880 -37.00 -2.77 -8.39
CA SER C 880 -37.01 -3.82 -9.45
C SER C 880 -38.27 -3.70 -10.29
N LEU C 881 -39.42 -3.39 -9.67
CA LEU C 881 -40.73 -3.22 -10.35
C LEU C 881 -40.70 -1.97 -11.25
N ILE C 882 -40.18 -0.86 -10.73
CA ILE C 882 -40.11 0.47 -11.43
C ILE C 882 -39.20 0.32 -12.67
N VAL C 883 -38.07 -0.38 -12.54
CA VAL C 883 -37.06 -0.56 -13.63
C VAL C 883 -37.69 -1.38 -14.77
N VAL C 884 -38.44 -2.44 -14.43
CA VAL C 884 -39.12 -3.34 -15.42
C VAL C 884 -40.23 -2.54 -16.11
N PHE C 885 -41.00 -1.74 -15.36
CA PHE C 885 -42.09 -0.88 -15.86
C PHE C 885 -41.55 0.09 -16.91
N LEU C 886 -40.50 0.83 -16.56
CA LEU C 886 -39.87 1.89 -17.41
C LEU C 886 -39.27 1.27 -18.68
N CYS C 887 -38.66 0.08 -18.57
CA CYS C 887 -38.03 -0.66 -19.69
C CYS C 887 -39.08 -1.01 -20.75
N LEU C 888 -40.26 -1.44 -20.33
CA LEU C 888 -41.41 -1.79 -21.21
C LEU C 888 -42.00 -0.51 -21.82
N ALA C 889 -42.03 0.59 -21.05
CA ALA C 889 -42.53 1.92 -21.47
C ALA C 889 -41.63 2.47 -22.59
N ALA C 890 -40.32 2.30 -22.46
CA ALA C 890 -39.29 2.81 -23.41
C ALA C 890 -39.31 1.96 -24.70
N LEU C 891 -39.44 0.64 -24.57
CA LEU C 891 -39.31 -0.33 -25.69
C LEU C 891 -40.53 -0.23 -26.62
N TYR C 892 -41.74 -0.30 -26.05
CA TYR C 892 -43.02 -0.42 -26.81
C TYR C 892 -43.65 0.95 -27.03
N GLU C 893 -43.10 2.01 -26.43
CA GLU C 893 -43.61 3.41 -26.52
C GLU C 893 -45.07 3.42 -26.07
N SER C 894 -45.32 3.16 -24.78
CA SER C 894 -46.67 2.98 -24.19
C SER C 894 -46.63 3.16 -22.67
N TRP C 895 -47.74 3.62 -22.08
CA TRP C 895 -48.01 3.61 -20.61
C TRP C 895 -49.03 2.50 -20.29
N SER C 896 -49.84 2.09 -21.27
CA SER C 896 -50.93 1.09 -21.13
C SER C 896 -50.36 -0.34 -21.14
N ILE C 897 -49.46 -0.64 -22.08
CA ILE C 897 -48.84 -1.98 -22.26
C ILE C 897 -48.06 -2.33 -20.99
N PRO C 898 -47.16 -1.46 -20.47
CA PRO C 898 -46.53 -1.68 -19.17
C PRO C 898 -47.52 -1.99 -18.03
N PHE C 899 -48.53 -1.14 -17.83
CA PHE C 899 -49.52 -1.26 -16.72
C PHE C 899 -50.35 -2.54 -16.92
N SER C 900 -50.68 -2.87 -18.18
CA SER C 900 -51.39 -4.11 -18.58
C SER C 900 -50.57 -5.34 -18.17
N VAL C 901 -49.25 -5.30 -18.41
CA VAL C 901 -48.30 -6.41 -18.08
C VAL C 901 -48.12 -6.48 -16.56
N MET C 902 -47.69 -5.38 -15.92
CA MET C 902 -47.17 -5.36 -14.52
C MET C 902 -48.25 -5.78 -13.51
N LEU C 903 -49.53 -5.76 -13.88
CA LEU C 903 -50.65 -6.25 -13.01
C LEU C 903 -50.57 -7.78 -12.84
N VAL C 904 -49.83 -8.47 -13.71
CA VAL C 904 -49.70 -9.96 -13.71
C VAL C 904 -48.78 -10.41 -12.57
N VAL C 905 -47.97 -9.51 -12.00
CA VAL C 905 -46.90 -9.84 -11.01
C VAL C 905 -47.53 -10.56 -9.81
N PRO C 906 -48.56 -10.02 -9.13
CA PRO C 906 -49.26 -10.75 -8.07
C PRO C 906 -49.64 -12.21 -8.38
N LEU C 907 -50.07 -12.51 -9.61
CA LEU C 907 -50.48 -13.87 -10.05
C LEU C 907 -49.30 -14.83 -9.86
N GLY C 908 -48.08 -14.38 -10.15
CA GLY C 908 -46.84 -15.15 -9.97
C GLY C 908 -46.43 -15.25 -8.52
N VAL C 909 -46.47 -14.12 -7.79
CA VAL C 909 -45.93 -13.99 -6.40
C VAL C 909 -46.70 -14.91 -5.45
N ILE C 910 -48.01 -15.08 -5.64
CA ILE C 910 -48.87 -15.91 -4.76
C ILE C 910 -48.45 -17.39 -4.90
N GLY C 911 -48.21 -17.85 -6.13
CA GLY C 911 -47.77 -19.23 -6.43
C GLY C 911 -46.48 -19.58 -5.72
N ALA C 912 -45.55 -18.62 -5.65
CA ALA C 912 -44.25 -18.74 -4.94
C ALA C 912 -44.50 -18.85 -3.43
N LEU C 913 -45.39 -18.00 -2.90
CA LEU C 913 -45.77 -17.97 -1.45
C LEU C 913 -46.52 -19.25 -1.09
N LEU C 914 -47.34 -19.79 -2.00
CA LEU C 914 -48.09 -21.06 -1.82
C LEU C 914 -47.11 -22.22 -1.67
N ALA C 915 -46.25 -22.42 -2.68
CA ALA C 915 -45.26 -23.52 -2.77
C ALA C 915 -44.34 -23.50 -1.54
N ALA C 916 -43.94 -22.30 -1.08
CA ALA C 916 -43.05 -22.09 0.08
C ALA C 916 -43.77 -22.49 1.38
N THR C 917 -45.00 -22.00 1.58
CA THR C 917 -45.81 -22.19 2.81
C THR C 917 -46.20 -23.67 2.95
N PHE C 918 -46.64 -24.30 1.86
CA PHE C 918 -47.17 -25.70 1.84
C PHE C 918 -46.03 -26.71 1.65
N ARG C 919 -44.77 -26.27 1.60
CA ARG C 919 -43.57 -27.14 1.68
C ARG C 919 -42.73 -26.78 2.91
N GLY C 920 -43.21 -25.83 3.73
CA GLY C 920 -42.62 -25.48 5.03
C GLY C 920 -41.24 -24.84 4.91
N LEU C 921 -40.99 -24.09 3.84
CA LEU C 921 -39.74 -23.30 3.64
C LEU C 921 -39.94 -21.90 4.25
N THR C 922 -38.87 -21.10 4.26
CA THR C 922 -38.82 -19.74 4.88
C THR C 922 -38.58 -18.67 3.81
N ASN C 923 -38.90 -17.41 4.13
CA ASN C 923 -38.55 -16.22 3.32
C ASN C 923 -37.06 -15.92 3.55
N ASP C 924 -36.18 -16.66 2.85
CA ASP C 924 -34.70 -16.55 2.95
C ASP C 924 -34.17 -15.82 1.71
N VAL C 925 -32.85 -15.69 1.59
CA VAL C 925 -32.16 -14.96 0.49
C VAL C 925 -32.50 -15.62 -0.85
N TYR C 926 -32.57 -16.96 -0.88
CA TYR C 926 -32.89 -17.75 -2.10
C TYR C 926 -34.33 -17.48 -2.55
N PHE C 927 -35.24 -17.23 -1.59
CA PHE C 927 -36.66 -16.90 -1.85
C PHE C 927 -36.76 -15.45 -2.36
N GLN C 928 -35.93 -14.55 -1.81
CA GLN C 928 -35.83 -13.13 -2.25
C GLN C 928 -35.39 -13.08 -3.72
N VAL C 929 -34.44 -13.94 -4.11
CA VAL C 929 -33.99 -14.14 -5.52
C VAL C 929 -35.15 -14.78 -6.31
N GLY C 930 -35.88 -15.70 -5.65
CA GLY C 930 -37.04 -16.42 -6.23
C GLY C 930 -38.14 -15.48 -6.69
N LEU C 931 -38.47 -14.45 -5.89
CA LEU C 931 -39.56 -13.48 -6.18
C LEU C 931 -39.16 -12.56 -7.33
N LEU C 932 -37.92 -12.05 -7.33
CA LEU C 932 -37.38 -11.21 -8.43
C LEU C 932 -37.46 -11.98 -9.75
N THR C 933 -37.08 -13.27 -9.73
CA THR C 933 -37.18 -14.20 -10.89
C THR C 933 -38.64 -14.31 -11.33
N THR C 934 -39.57 -14.46 -10.37
CA THR C 934 -41.03 -14.64 -10.62
C THR C 934 -41.59 -13.42 -11.34
N ILE C 935 -41.18 -12.20 -10.94
CA ILE C 935 -41.62 -10.91 -11.55
C ILE C 935 -41.31 -10.95 -13.05
N GLY C 936 -40.12 -11.44 -13.41
CA GLY C 936 -39.67 -11.58 -14.81
C GLY C 936 -40.44 -12.67 -15.56
N LEU C 937 -40.72 -13.78 -14.88
CA LEU C 937 -41.47 -14.94 -15.45
C LEU C 937 -42.92 -14.53 -15.76
N SER C 938 -43.54 -13.78 -14.85
CA SER C 938 -44.94 -13.30 -14.94
C SER C 938 -45.09 -12.34 -16.12
N ALA C 939 -44.20 -11.35 -16.22
CA ALA C 939 -44.15 -10.34 -17.32
C ALA C 939 -43.84 -11.03 -18.65
N LYS C 940 -42.99 -12.06 -18.63
CA LYS C 940 -42.60 -12.87 -19.82
C LYS C 940 -43.86 -13.48 -20.44
N ASN C 941 -44.71 -14.10 -19.62
CA ASN C 941 -46.00 -14.73 -20.06
C ASN C 941 -46.97 -13.65 -20.53
N ALA C 942 -47.01 -12.51 -19.83
CA ALA C 942 -47.92 -11.37 -20.11
C ALA C 942 -47.59 -10.74 -21.47
N ILE C 943 -46.29 -10.49 -21.73
CA ILE C 943 -45.77 -9.86 -22.98
C ILE C 943 -46.21 -10.69 -24.20
N LEU C 944 -46.20 -12.02 -24.08
CA LEU C 944 -46.54 -12.96 -25.19
C LEU C 944 -47.98 -12.74 -25.66
N ILE C 945 -48.88 -12.31 -24.76
CA ILE C 945 -50.31 -12.00 -25.08
C ILE C 945 -50.42 -10.51 -25.45
N VAL C 946 -50.01 -9.62 -24.54
CA VAL C 946 -50.28 -8.15 -24.60
C VAL C 946 -49.60 -7.54 -25.83
N GLU C 947 -48.32 -7.83 -26.06
CA GLU C 947 -47.51 -7.28 -27.19
C GLU C 947 -48.16 -7.66 -28.52
N PHE C 948 -48.42 -8.97 -28.71
CA PHE C 948 -48.92 -9.56 -29.98
C PHE C 948 -50.36 -9.10 -30.26
N ALA C 949 -51.12 -8.78 -29.20
CA ALA C 949 -52.51 -8.26 -29.28
C ALA C 949 -52.49 -6.84 -29.86
N LYS C 950 -51.75 -5.94 -29.22
CA LYS C 950 -51.58 -4.52 -29.64
C LYS C 950 -50.97 -4.48 -31.05
N ASP C 951 -50.09 -5.43 -31.37
CA ASP C 951 -49.39 -5.53 -32.68
C ASP C 951 -50.42 -5.80 -33.79
N LEU C 952 -51.43 -6.63 -33.51
CA LEU C 952 -52.51 -6.98 -34.46
C LEU C 952 -53.44 -5.78 -34.66
N MET C 953 -53.63 -4.95 -33.62
CA MET C 953 -54.50 -3.74 -33.65
C MET C 953 -53.88 -2.68 -34.56
N ASP C 954 -52.54 -2.61 -34.63
CA ASP C 954 -51.78 -1.60 -35.42
C ASP C 954 -51.60 -2.09 -36.85
N LYS C 955 -51.00 -3.27 -37.01
CA LYS C 955 -50.54 -3.83 -38.32
C LYS C 955 -51.75 -4.22 -39.18
N GLU C 956 -52.68 -5.00 -38.63
CA GLU C 956 -53.80 -5.65 -39.38
C GLU C 956 -55.14 -5.02 -38.99
N GLY C 957 -55.14 -3.89 -38.26
CA GLY C 957 -56.32 -3.08 -37.94
C GLY C 957 -57.51 -3.91 -37.49
N LYS C 958 -57.39 -4.58 -36.35
CA LYS C 958 -58.45 -5.44 -35.74
C LYS C 958 -58.99 -4.77 -34.47
N GLY C 959 -60.20 -5.18 -34.05
CA GLY C 959 -60.84 -4.73 -32.80
C GLY C 959 -60.09 -5.24 -31.58
N LEU C 960 -60.19 -4.52 -30.45
CA LEU C 960 -59.55 -4.85 -29.16
C LEU C 960 -59.89 -6.30 -28.76
N ILE C 961 -61.17 -6.66 -28.82
CA ILE C 961 -61.70 -7.99 -28.41
C ILE C 961 -61.26 -9.05 -29.43
N GLU C 962 -61.31 -8.72 -30.73
CA GLU C 962 -60.92 -9.63 -31.84
C GLU C 962 -59.42 -9.96 -31.74
N ALA C 963 -58.59 -8.94 -31.49
CA ALA C 963 -57.10 -9.05 -31.43
C ALA C 963 -56.69 -9.88 -30.20
N THR C 964 -57.31 -9.64 -29.05
CA THR C 964 -57.02 -10.32 -27.75
C THR C 964 -57.33 -11.81 -27.88
N LEU C 965 -58.37 -12.18 -28.65
CA LEU C 965 -58.79 -13.59 -28.87
C LEU C 965 -57.86 -14.26 -29.89
N ASP C 966 -57.49 -13.55 -30.96
CA ASP C 966 -56.55 -14.02 -32.00
C ASP C 966 -55.17 -14.24 -31.38
N ALA C 967 -54.76 -13.34 -30.48
CA ALA C 967 -53.47 -13.38 -29.74
C ALA C 967 -53.36 -14.68 -28.94
N VAL C 968 -54.27 -14.88 -27.98
CA VAL C 968 -54.25 -16.00 -26.99
C VAL C 968 -54.33 -17.34 -27.72
N ARG C 969 -55.04 -17.40 -28.86
CA ARG C 969 -55.16 -18.61 -29.72
C ARG C 969 -53.77 -19.00 -30.24
N MET C 970 -53.05 -18.04 -30.84
CA MET C 970 -51.77 -18.25 -31.55
C MET C 970 -50.60 -18.36 -30.56
N ARG C 971 -50.79 -17.94 -29.30
CA ARG C 971 -49.70 -17.77 -28.30
C ARG C 971 -49.87 -18.72 -27.10
N LEU C 972 -50.85 -19.63 -27.12
CA LEU C 972 -51.04 -20.63 -26.03
C LEU C 972 -49.93 -21.68 -26.10
N ARG C 973 -49.74 -22.29 -27.28
CA ARG C 973 -48.76 -23.39 -27.54
C ARG C 973 -47.36 -22.96 -27.10
N PRO C 974 -46.83 -21.78 -27.54
CA PRO C 974 -45.51 -21.33 -27.10
C PRO C 974 -45.43 -20.99 -25.60
N ILE C 975 -46.48 -20.43 -25.02
CA ILE C 975 -46.55 -20.06 -23.56
C ILE C 975 -46.38 -21.33 -22.72
N LEU C 976 -47.08 -22.41 -23.08
CA LEU C 976 -47.09 -23.69 -22.31
C LEU C 976 -45.80 -24.47 -22.56
N MET C 977 -45.13 -24.26 -23.70
CA MET C 977 -43.77 -24.80 -23.97
C MET C 977 -42.76 -24.14 -23.04
N THR C 978 -42.72 -22.80 -23.06
CA THR C 978 -41.69 -21.94 -22.40
C THR C 978 -41.93 -21.88 -20.88
N SER C 979 -43.12 -22.27 -20.41
CA SER C 979 -43.48 -22.34 -18.97
C SER C 979 -43.09 -23.70 -18.39
N LEU C 980 -43.44 -24.79 -19.09
CA LEU C 980 -43.10 -26.18 -18.68
C LEU C 980 -41.59 -26.39 -18.77
N ALA C 981 -40.95 -25.83 -19.80
CA ALA C 981 -39.47 -25.83 -19.99
C ALA C 981 -38.81 -25.34 -18.70
N PHE C 982 -39.35 -24.29 -18.08
CA PHE C 982 -38.85 -23.71 -16.81
C PHE C 982 -39.23 -24.63 -15.64
N ILE C 983 -40.51 -25.03 -15.54
CA ILE C 983 -41.06 -25.81 -14.40
C ILE C 983 -40.31 -27.15 -14.29
N LEU C 984 -40.24 -27.91 -15.39
CA LEU C 984 -39.47 -29.19 -15.45
C LEU C 984 -37.97 -28.90 -15.42
N GLY C 985 -37.56 -27.71 -15.90
CA GLY C 985 -36.16 -27.23 -15.88
C GLY C 985 -35.63 -27.08 -14.46
N VAL C 986 -36.44 -26.55 -13.54
CA VAL C 986 -36.04 -26.23 -12.14
C VAL C 986 -36.65 -27.26 -11.17
N MET C 987 -37.24 -28.34 -11.68
CA MET C 987 -37.84 -29.42 -10.85
C MET C 987 -36.74 -30.20 -10.13
N PRO C 988 -35.61 -30.55 -10.80
CA PRO C 988 -34.52 -31.27 -10.14
C PRO C 988 -33.98 -30.58 -8.89
N LEU C 989 -34.07 -29.24 -8.84
CA LEU C 989 -33.72 -28.42 -7.64
C LEU C 989 -34.70 -28.72 -6.51
N VAL C 990 -36.00 -28.87 -6.83
CA VAL C 990 -37.11 -29.06 -5.86
C VAL C 990 -37.03 -30.47 -5.26
N ILE C 991 -36.89 -31.51 -6.10
CA ILE C 991 -36.94 -32.95 -5.68
C ILE C 991 -35.59 -33.39 -5.12
N SER C 992 -34.55 -32.54 -5.22
CA SER C 992 -33.17 -32.81 -4.72
C SER C 992 -33.21 -33.19 -3.23
N THR C 993 -32.50 -34.27 -2.87
CA THR C 993 -32.34 -34.75 -1.47
C THR C 993 -30.87 -35.11 -1.18
N GLY C 994 -29.94 -34.74 -2.06
CA GLY C 994 -28.50 -35.02 -1.91
C GLY C 994 -27.84 -34.04 -0.96
N ALA C 995 -26.51 -33.97 -0.97
CA ALA C 995 -25.70 -33.00 -0.18
C ALA C 995 -25.92 -31.60 -0.76
N GLY C 996 -26.22 -30.62 0.09
CA GLY C 996 -26.47 -29.22 -0.30
C GLY C 996 -27.86 -29.04 -0.91
N SER C 997 -28.79 -29.94 -0.62
CA SER C 997 -30.19 -29.91 -1.12
C SER C 997 -30.96 -28.77 -0.46
N GLY C 998 -30.59 -28.41 0.78
CA GLY C 998 -31.19 -27.29 1.54
C GLY C 998 -31.24 -26.02 0.71
N ALA C 999 -30.14 -25.70 0.01
CA ALA C 999 -30.01 -24.54 -0.90
C ALA C 999 -30.79 -24.79 -2.19
N GLN C 1000 -30.61 -25.97 -2.79
CA GLN C 1000 -31.27 -26.36 -4.07
C GLN C 1000 -32.80 -26.29 -3.93
N ASN C 1001 -33.33 -26.91 -2.87
CA ASN C 1001 -34.80 -26.94 -2.56
C ASN C 1001 -35.31 -25.50 -2.41
N ALA C 1002 -34.58 -24.66 -1.69
CA ALA C 1002 -34.93 -23.25 -1.39
C ALA C 1002 -35.05 -22.44 -2.69
N VAL C 1003 -34.14 -22.65 -3.64
CA VAL C 1003 -34.09 -21.91 -4.94
C VAL C 1003 -35.31 -22.30 -5.80
N GLY C 1004 -35.47 -23.61 -6.07
CA GLY C 1004 -36.42 -24.14 -7.06
C GLY C 1004 -37.87 -24.03 -6.63
N THR C 1005 -38.16 -24.24 -5.34
CA THR C 1005 -39.54 -24.40 -4.78
C THR C 1005 -40.36 -23.14 -5.06
N GLY C 1006 -39.82 -21.96 -4.77
CA GLY C 1006 -40.49 -20.66 -4.96
C GLY C 1006 -40.80 -20.38 -6.42
N VAL C 1007 -39.80 -20.52 -7.30
CA VAL C 1007 -39.89 -20.19 -8.75
C VAL C 1007 -40.77 -21.22 -9.47
N MET C 1008 -40.78 -22.48 -9.02
CA MET C 1008 -41.60 -23.56 -9.63
C MET C 1008 -43.09 -23.26 -9.41
N GLY C 1009 -43.48 -22.98 -8.16
CA GLY C 1009 -44.84 -22.54 -7.79
C GLY C 1009 -45.19 -21.21 -8.43
N GLY C 1010 -44.20 -20.31 -8.55
CA GLY C 1010 -44.35 -18.96 -9.13
C GLY C 1010 -44.74 -19.02 -10.60
N MET C 1011 -44.05 -19.84 -11.40
CA MET C 1011 -44.31 -20.03 -12.85
C MET C 1011 -45.67 -20.71 -13.04
N VAL C 1012 -45.97 -21.72 -12.21
CA VAL C 1012 -47.21 -22.56 -12.29
C VAL C 1012 -48.44 -21.64 -12.27
N THR C 1013 -48.57 -20.76 -11.27
CA THR C 1013 -49.69 -19.80 -11.12
C THR C 1013 -49.60 -18.74 -12.22
N ALA C 1014 -48.39 -18.24 -12.52
CA ALA C 1014 -48.11 -17.20 -13.53
C ALA C 1014 -48.37 -17.74 -14.95
N THR C 1015 -48.51 -19.05 -15.10
CA THR C 1015 -48.97 -19.73 -16.36
C THR C 1015 -50.48 -19.91 -16.30
N VAL C 1016 -50.97 -20.62 -15.28
CA VAL C 1016 -52.38 -21.11 -15.16
C VAL C 1016 -53.34 -19.92 -15.02
N LEU C 1017 -53.05 -18.97 -14.12
CA LEU C 1017 -53.93 -17.79 -13.86
C LEU C 1017 -53.83 -16.80 -15.03
N ALA C 1018 -52.61 -16.46 -15.45
CA ALA C 1018 -52.30 -15.35 -16.37
C ALA C 1018 -53.02 -15.51 -17.72
N ILE C 1019 -53.00 -16.72 -18.30
CA ILE C 1019 -53.60 -17.01 -19.64
C ILE C 1019 -55.08 -16.59 -19.65
N PHE C 1020 -55.74 -16.56 -18.48
CA PHE C 1020 -57.14 -16.12 -18.30
C PHE C 1020 -57.21 -14.65 -17.89
N PHE C 1021 -56.31 -14.21 -17.00
CA PHE C 1021 -56.37 -12.88 -16.32
C PHE C 1021 -55.70 -11.77 -17.14
N VAL C 1022 -54.74 -12.10 -18.02
CA VAL C 1022 -53.98 -11.10 -18.82
C VAL C 1022 -54.91 -10.47 -19.87
N PRO C 1023 -55.68 -11.26 -20.65
CA PRO C 1023 -56.73 -10.69 -21.51
C PRO C 1023 -57.68 -9.71 -20.81
N VAL C 1024 -57.99 -9.94 -19.53
CA VAL C 1024 -58.86 -9.04 -18.71
C VAL C 1024 -58.12 -7.71 -18.47
N PHE C 1025 -56.85 -7.77 -18.08
CA PHE C 1025 -56.01 -6.57 -17.77
C PHE C 1025 -55.89 -5.69 -19.02
N PHE C 1026 -55.46 -6.28 -20.15
CA PHE C 1026 -55.22 -5.59 -21.44
C PHE C 1026 -56.48 -4.85 -21.87
N VAL C 1027 -57.62 -5.57 -21.93
CA VAL C 1027 -58.92 -5.06 -22.45
C VAL C 1027 -59.43 -3.92 -21.56
N VAL C 1028 -59.46 -4.12 -20.24
CA VAL C 1028 -59.98 -3.12 -19.25
C VAL C 1028 -59.12 -1.84 -19.31
N VAL C 1029 -57.79 -1.99 -19.36
CA VAL C 1029 -56.83 -0.85 -19.39
C VAL C 1029 -56.92 -0.12 -20.75
N ARG C 1030 -57.12 -0.87 -21.84
CA ARG C 1030 -57.20 -0.32 -23.23
C ARG C 1030 -58.58 0.30 -23.50
N ARG C 1031 -59.54 0.14 -22.58
CA ARG C 1031 -60.91 0.74 -22.69
C ARG C 1031 -61.03 1.95 -21.77
N ARG C 1032 -60.45 1.89 -20.56
CA ARG C 1032 -60.62 2.94 -19.50
C ARG C 1032 -59.58 4.06 -19.69
N PHE C 1033 -58.37 3.73 -20.14
CA PHE C 1033 -57.23 4.68 -20.28
C PHE C 1033 -56.67 4.63 -21.72
N SER C 1034 -57.56 4.70 -22.72
CA SER C 1034 -57.20 4.71 -24.17
C SER C 1034 -58.41 5.13 -25.01
N ARG C 1035 -58.20 5.37 -26.31
CA ARG C 1035 -59.22 5.88 -27.26
C ARG C 1035 -60.29 4.81 -27.49
N GLY D 11 16.10 48.49 33.62
CA GLY D 11 16.20 48.99 32.23
C GLY D 11 15.04 49.91 31.88
N SER D 12 15.30 50.92 31.04
CA SER D 12 14.30 51.89 30.52
C SER D 12 13.68 51.34 29.23
N ASP D 13 12.76 52.11 28.61
CA ASP D 13 12.14 51.79 27.30
C ASP D 13 13.25 51.74 26.22
N LEU D 14 14.15 52.74 26.24
CA LEU D 14 15.32 52.84 25.32
C LEU D 14 16.36 51.77 25.68
N GLY D 15 16.59 51.56 26.99
CA GLY D 15 17.57 50.60 27.53
C GLY D 15 17.40 49.21 26.92
N LYS D 16 16.15 48.78 26.72
CA LYS D 16 15.78 47.48 26.11
C LYS D 16 16.26 47.44 24.66
N LYS D 17 16.04 48.52 23.90
CA LYS D 17 16.40 48.64 22.46
C LYS D 17 17.92 48.70 22.31
N LEU D 18 18.65 49.19 23.31
CA LEU D 18 20.14 49.24 23.33
C LEU D 18 20.69 47.81 23.49
N LEU D 19 20.09 47.01 24.38
CA LEU D 19 20.46 45.59 24.62
C LEU D 19 20.30 44.78 23.33
N GLU D 20 19.14 44.91 22.67
CA GLU D 20 18.82 44.22 21.39
C GLU D 20 19.78 44.69 20.29
N ALA D 21 20.06 45.99 20.23
CA ALA D 21 20.94 46.63 19.22
C ALA D 21 22.41 46.23 19.46
N ALA D 22 22.86 46.29 20.72
CA ALA D 22 24.23 45.92 21.16
C ALA D 22 24.49 44.45 20.84
N ARG D 23 23.51 43.59 21.12
CA ARG D 23 23.55 42.12 20.87
C ARG D 23 23.62 41.87 19.35
N ALA D 24 22.78 42.56 18.57
CA ALA D 24 22.60 42.38 17.11
C ALA D 24 23.91 42.73 16.38
N GLY D 25 24.48 43.90 16.66
CA GLY D 25 25.67 44.44 15.98
C GLY D 25 25.35 45.68 15.15
N ARG D 26 24.10 46.16 15.19
CA ARG D 26 23.66 47.41 14.52
C ARG D 26 24.35 48.60 15.19
N ASP D 27 25.42 49.11 14.59
CA ASP D 27 26.28 50.19 15.13
C ASP D 27 25.52 51.51 15.11
N ASP D 28 24.90 51.83 13.97
CA ASP D 28 24.14 53.09 13.73
C ASP D 28 23.04 53.27 14.78
N GLU D 29 22.29 52.20 15.11
CA GLU D 29 21.16 52.23 16.06
C GLU D 29 21.68 52.56 17.46
N VAL D 30 22.82 51.97 17.85
CA VAL D 30 23.50 52.22 19.16
C VAL D 30 23.88 53.71 19.23
N ARG D 31 24.53 54.22 18.18
CA ARG D 31 25.04 55.62 18.10
C ARG D 31 23.89 56.61 18.34
N ILE D 32 22.70 56.33 17.79
CA ILE D 32 21.49 57.19 17.93
C ILE D 32 20.95 57.05 19.36
N LEU D 33 20.99 55.85 19.94
CA LEU D 33 20.53 55.58 21.32
C LEU D 33 21.50 56.22 22.33
N MET D 34 22.77 56.38 21.96
CA MET D 34 23.78 57.12 22.76
C MET D 34 23.41 58.62 22.77
N ALA D 35 22.93 59.14 21.63
CA ALA D 35 22.50 60.54 21.45
C ALA D 35 21.20 60.80 22.22
N ASN D 36 20.28 59.83 22.24
CA ASN D 36 18.94 59.94 22.88
C ASN D 36 19.02 59.60 24.38
N GLY D 37 20.21 59.27 24.88
CA GLY D 37 20.49 59.11 26.33
C GLY D 37 19.95 57.80 26.87
N ALA D 38 20.02 56.72 26.09
CA ALA D 38 19.64 55.35 26.50
C ALA D 38 20.62 54.85 27.57
N ASP D 39 20.10 54.19 28.61
CA ASP D 39 20.88 53.73 29.80
C ASP D 39 21.95 52.72 29.33
N VAL D 40 23.22 53.12 29.38
CA VAL D 40 24.40 52.28 28.97
C VAL D 40 24.60 51.14 29.98
N ASN D 41 24.03 51.26 31.19
CA ASN D 41 24.15 50.26 32.28
C ASN D 41 22.80 49.57 32.50
N ALA D 42 22.01 49.38 31.42
CA ALA D 42 20.70 48.68 31.44
C ALA D 42 20.94 47.17 31.53
N ALA D 43 20.42 46.53 32.58
CA ALA D 43 20.64 45.09 32.89
C ALA D 43 19.70 44.22 32.06
N ASP D 44 20.16 43.01 31.72
CA ASP D 44 19.33 41.91 31.16
C ASP D 44 18.55 41.27 32.32
N VAL D 45 17.80 40.21 32.04
CA VAL D 45 17.09 39.40 33.07
C VAL D 45 18.14 38.65 33.91
N VAL D 46 19.29 38.31 33.30
CA VAL D 46 20.39 37.51 33.92
C VAL D 46 21.48 38.46 34.46
N GLY D 47 21.45 39.75 34.08
CA GLY D 47 22.35 40.79 34.60
C GLY D 47 23.40 41.23 33.59
N TRP D 48 23.21 40.90 32.31
CA TRP D 48 24.10 41.30 31.18
C TRP D 48 23.80 42.74 30.75
N THR D 49 24.79 43.63 30.85
CA THR D 49 24.76 45.02 30.31
C THR D 49 24.93 44.93 28.79
N PRO D 50 24.68 46.02 28.03
CA PRO D 50 24.98 46.05 26.59
C PRO D 50 26.44 45.69 26.27
N LEU D 51 27.36 46.00 27.19
CA LEU D 51 28.82 45.72 27.06
C LEU D 51 29.06 44.21 27.05
N HIS D 52 28.40 43.46 27.95
CA HIS D 52 28.40 41.98 28.00
C HIS D 52 28.02 41.42 26.62
N LEU D 53 26.84 41.82 26.12
CA LEU D 53 26.22 41.32 24.87
C LEU D 53 27.14 41.60 23.68
N ALA D 54 27.71 42.80 23.60
CA ALA D 54 28.65 43.23 22.54
C ALA D 54 29.93 42.39 22.60
N ALA D 55 30.46 42.18 23.81
CA ALA D 55 31.70 41.41 24.10
C ALA D 55 31.51 39.94 23.72
N TYR D 56 30.36 39.35 24.09
CA TYR D 56 30.01 37.92 23.86
C TYR D 56 29.92 37.64 22.36
N TRP D 57 29.11 38.44 21.64
CA TRP D 57 28.79 38.25 20.20
C TRP D 57 29.90 38.88 19.32
N GLY D 58 30.87 39.57 19.93
CA GLY D 58 32.08 40.08 19.25
C GLY D 58 31.77 41.23 18.32
N HIS D 59 31.42 42.40 18.88
CA HIS D 59 31.11 43.66 18.15
C HIS D 59 32.04 44.77 18.66
N LEU D 60 33.23 44.88 18.06
CA LEU D 60 34.32 45.81 18.48
C LEU D 60 33.81 47.26 18.46
N GLU D 61 33.11 47.65 17.39
CA GLU D 61 32.56 49.01 17.20
C GLU D 61 31.76 49.43 18.43
N ILE D 62 30.82 48.60 18.85
CA ILE D 62 29.83 48.88 19.93
C ILE D 62 30.54 48.87 21.30
N VAL D 63 31.51 47.98 21.49
CA VAL D 63 32.32 47.90 22.74
C VAL D 63 32.99 49.25 22.99
N GLU D 64 33.61 49.83 21.95
CA GLU D 64 34.34 51.13 22.00
C GLU D 64 33.35 52.26 22.24
N VAL D 65 32.22 52.27 21.53
CA VAL D 65 31.17 53.33 21.60
C VAL D 65 30.50 53.32 22.98
N LEU D 66 30.27 52.13 23.55
CA LEU D 66 29.63 51.96 24.88
C LEU D 66 30.57 52.46 25.98
N LEU D 67 31.86 52.08 25.92
CA LEU D 67 32.90 52.52 26.89
C LEU D 67 33.06 54.04 26.82
N LYS D 68 32.98 54.62 25.62
CA LYS D 68 33.04 56.09 25.37
C LYS D 68 31.91 56.79 26.14
N ASN D 69 30.74 56.16 26.23
CA ASN D 69 29.53 56.72 26.88
C ASN D 69 29.43 56.20 28.33
N GLY D 70 30.57 55.99 28.99
CA GLY D 70 30.67 55.71 30.45
C GLY D 70 29.96 54.44 30.87
N ALA D 71 30.05 53.38 30.05
CA ALA D 71 29.55 52.02 30.39
C ALA D 71 30.50 51.36 31.39
N ASP D 72 29.95 50.66 32.39
CA ASP D 72 30.72 49.99 33.47
C ASP D 72 31.48 48.80 32.88
N VAL D 73 32.82 48.88 32.85
CA VAL D 73 33.72 47.86 32.23
C VAL D 73 33.79 46.61 33.14
N ASN D 74 33.58 46.80 34.46
CA ASN D 74 33.66 45.71 35.48
C ASN D 74 32.27 45.44 36.06
N ALA D 75 31.22 45.64 35.27
CA ALA D 75 29.84 45.19 35.58
C ALA D 75 29.82 43.66 35.53
N TYR D 76 29.07 43.01 36.42
CA TYR D 76 29.02 41.53 36.57
C TYR D 76 27.56 41.06 36.60
N ASP D 77 27.29 39.91 35.99
CA ASP D 77 25.95 39.29 35.89
C ASP D 77 25.57 38.67 37.24
N THR D 78 24.47 37.92 37.31
CA THR D 78 23.94 37.29 38.55
C THR D 78 24.89 36.21 39.07
N LEU D 79 25.83 35.74 38.24
CA LEU D 79 26.84 34.69 38.60
C LEU D 79 28.27 35.26 38.60
N GLY D 80 28.43 36.59 38.50
CA GLY D 80 29.68 37.31 38.78
C GLY D 80 30.62 37.40 37.59
N SER D 81 30.16 37.10 36.38
CA SER D 81 30.96 37.12 35.13
C SER D 81 30.99 38.53 34.52
N THR D 82 32.18 39.11 34.37
CA THR D 82 32.42 40.43 33.71
C THR D 82 32.44 40.25 32.20
N PRO D 83 32.32 41.33 31.40
CA PRO D 83 32.49 41.24 29.94
C PRO D 83 33.85 40.69 29.49
N LEU D 84 34.92 40.90 30.27
CA LEU D 84 36.29 40.42 29.96
C LEU D 84 36.30 38.89 29.92
N HIS D 85 35.56 38.23 30.81
CA HIS D 85 35.32 36.76 30.81
C HIS D 85 34.81 36.35 29.43
N LEU D 86 33.70 36.95 29.00
CA LEU D 86 32.97 36.59 27.75
C LEU D 86 33.87 36.84 26.52
N ALA D 87 34.62 37.94 26.52
CA ALA D 87 35.51 38.37 25.42
C ALA D 87 36.71 37.41 25.32
N ALA D 88 37.34 37.08 26.47
CA ALA D 88 38.51 36.18 26.57
C ALA D 88 38.10 34.75 26.22
N HIS D 89 36.96 34.29 26.76
CA HIS D 89 36.43 32.90 26.63
C HIS D 89 36.19 32.55 25.16
N PHE D 90 35.59 33.47 24.39
CA PHE D 90 35.09 33.23 23.01
C PHE D 90 36.03 33.82 21.96
N GLY D 91 37.28 34.11 22.34
CA GLY D 91 38.40 34.38 21.41
C GLY D 91 38.25 35.70 20.67
N HIS D 92 37.79 36.76 21.34
CA HIS D 92 37.63 38.13 20.78
C HIS D 92 38.82 38.99 21.23
N LEU D 93 39.94 38.89 20.52
CA LEU D 93 41.28 39.42 20.90
C LEU D 93 41.22 40.93 21.13
N GLU D 94 40.80 41.69 20.12
CA GLU D 94 40.89 43.18 20.11
C GLU D 94 39.85 43.79 21.08
N ILE D 95 38.82 43.03 21.48
CA ILE D 95 37.84 43.45 22.51
C ILE D 95 38.47 43.26 23.90
N VAL D 96 39.28 42.21 24.10
CA VAL D 96 40.06 41.98 25.34
C VAL D 96 41.05 43.13 25.51
N GLU D 97 41.73 43.54 24.43
CA GLU D 97 42.69 44.67 24.40
C GLU D 97 41.98 45.96 24.84
N VAL D 98 40.87 46.29 24.18
CA VAL D 98 40.06 47.53 24.42
C VAL D 98 39.57 47.54 25.87
N LEU D 99 39.00 46.42 26.34
CA LEU D 99 38.45 46.28 27.71
C LEU D 99 39.55 46.49 28.75
N LEU D 100 40.70 45.82 28.58
CA LEU D 100 41.87 45.91 29.50
C LEU D 100 42.45 47.32 29.49
N LYS D 101 42.44 48.00 28.32
CA LYS D 101 42.92 49.40 28.16
C LYS D 101 42.00 50.36 28.91
N ASN D 102 40.69 50.12 28.89
CA ASN D 102 39.66 50.98 29.52
C ASN D 102 39.42 50.55 30.96
N GLY D 103 40.35 49.80 31.55
CA GLY D 103 40.43 49.55 33.01
C GLY D 103 39.59 48.36 33.46
N ALA D 104 39.63 47.25 32.72
CA ALA D 104 38.97 45.97 33.06
C ALA D 104 39.85 45.22 34.07
N ASP D 105 39.23 44.59 35.07
CA ASP D 105 39.92 43.77 36.11
C ASP D 105 40.33 42.43 35.48
N VAL D 106 41.64 42.23 35.28
CA VAL D 106 42.22 41.05 34.58
C VAL D 106 42.14 39.81 35.49
N ASN D 107 42.04 40.01 36.82
CA ASN D 107 41.93 38.93 37.84
C ASN D 107 40.51 38.92 38.42
N ALA D 108 39.50 39.18 37.59
CA ALA D 108 38.06 39.21 37.97
C ALA D 108 37.59 37.76 38.19
N LYS D 109 37.19 37.42 39.42
CA LYS D 109 36.66 36.08 39.80
C LYS D 109 35.13 36.13 39.75
N ASP D 110 34.51 35.22 38.99
CA ASP D 110 33.05 34.95 39.02
C ASP D 110 32.76 34.13 40.29
N ASP D 111 31.51 33.67 40.46
CA ASP D 111 31.04 32.96 41.69
C ASP D 111 31.74 31.59 41.82
N ASN D 112 32.34 31.08 40.75
CA ASN D 112 33.07 29.78 40.72
C ASN D 112 34.57 29.99 40.92
N GLY D 113 35.03 31.25 41.03
CA GLY D 113 36.45 31.61 41.19
C GLY D 113 37.22 31.50 39.88
N ILE D 114 36.53 31.49 38.75
CA ILE D 114 37.10 31.37 37.38
C ILE D 114 37.49 32.78 36.89
N THR D 115 38.75 32.97 36.50
CA THR D 115 39.28 34.24 35.94
C THR D 115 39.16 34.20 34.42
N PRO D 116 39.32 35.34 33.71
CA PRO D 116 39.43 35.33 32.25
C PRO D 116 40.60 34.49 31.71
N LEU D 117 41.68 34.35 32.49
CA LEU D 117 42.88 33.55 32.14
C LEU D 117 42.51 32.07 32.03
N HIS D 118 41.71 31.58 32.99
CA HIS D 118 41.16 30.18 33.02
C HIS D 118 40.40 29.89 31.72
N LEU D 119 39.45 30.76 31.37
CA LEU D 119 38.53 30.61 30.20
C LEU D 119 39.34 30.63 28.90
N ALA D 120 40.26 31.60 28.77
CA ALA D 120 41.15 31.79 27.59
C ALA D 120 42.04 30.55 27.41
N ALA D 121 42.60 30.04 28.51
CA ALA D 121 43.47 28.84 28.56
C ALA D 121 42.68 27.61 28.11
N ASN D 122 41.43 27.48 28.55
CA ASN D 122 40.57 26.28 28.36
C ASN D 122 40.20 26.12 26.89
N ARG D 123 39.77 27.22 26.24
CA ARG D 123 39.38 27.25 24.80
C ARG D 123 40.64 27.39 23.93
N GLY D 124 41.80 27.67 24.54
CA GLY D 124 43.13 27.58 23.91
C GLY D 124 43.42 28.76 23.00
N HIS D 125 42.91 29.95 23.33
CA HIS D 125 43.18 31.23 22.61
C HIS D 125 44.52 31.79 23.08
N LEU D 126 45.61 31.42 22.40
CA LEU D 126 47.02 31.60 22.84
C LEU D 126 47.37 33.09 22.97
N GLU D 127 46.97 33.90 21.99
CA GLU D 127 47.31 35.34 21.90
C GLU D 127 46.66 36.11 23.05
N ILE D 128 45.39 35.79 23.37
CA ILE D 128 44.61 36.43 24.47
C ILE D 128 45.30 36.15 25.81
N VAL D 129 45.80 34.93 26.00
CA VAL D 129 46.49 34.49 27.26
C VAL D 129 47.73 35.38 27.48
N GLU D 130 48.49 35.64 26.41
CA GLU D 130 49.72 36.49 26.43
C GLU D 130 49.34 37.93 26.80
N VAL D 131 48.28 38.46 26.18
CA VAL D 131 47.78 39.85 26.41
C VAL D 131 47.31 39.97 27.86
N LEU D 132 46.56 38.99 28.36
CA LEU D 132 46.06 38.94 29.77
C LEU D 132 47.26 38.96 30.74
N LEU D 133 48.26 38.11 30.49
CA LEU D 133 49.52 38.02 31.29
C LEU D 133 50.26 39.37 31.25
N LYS D 134 50.31 39.99 30.07
CA LYS D 134 50.99 41.30 29.84
C LYS D 134 50.36 42.38 30.73
N TYR D 135 49.03 42.35 30.87
CA TYR D 135 48.24 43.33 31.67
C TYR D 135 48.18 42.89 33.14
N GLY D 136 48.91 41.82 33.51
CA GLY D 136 49.16 41.41 34.90
C GLY D 136 48.14 40.40 35.40
N ALA D 137 47.86 39.37 34.60
CA ALA D 137 46.97 38.24 34.97
C ALA D 137 47.69 37.34 35.99
N ASP D 138 46.99 36.96 37.06
CA ASP D 138 47.51 36.07 38.13
C ASP D 138 47.47 34.62 37.60
N VAL D 139 48.64 34.10 37.21
CA VAL D 139 48.81 32.73 36.63
C VAL D 139 48.57 31.67 37.72
N ASN D 140 48.83 32.01 39.00
CA ASN D 140 48.71 31.09 40.16
C ASN D 140 47.27 31.04 40.68
N ALA D 141 46.37 31.89 40.16
CA ALA D 141 44.95 31.98 40.57
C ALA D 141 44.26 30.62 40.34
N GLN D 142 43.40 30.21 41.29
CA GLN D 142 42.70 28.90 41.30
C GLN D 142 41.18 29.12 41.24
N ASP D 143 40.45 28.16 40.66
CA ASP D 143 38.97 28.07 40.73
C ASP D 143 38.59 27.43 42.07
N LYS D 144 37.30 27.20 42.31
CA LYS D 144 36.75 26.64 43.58
C LYS D 144 37.31 25.24 43.83
N PHE D 145 37.65 24.50 42.77
CA PHE D 145 38.16 23.10 42.82
C PHE D 145 39.67 23.08 43.13
N GLY D 146 40.36 24.21 42.90
CA GLY D 146 41.80 24.37 43.14
C GLY D 146 42.61 24.01 41.91
N LYS D 147 42.26 24.58 40.76
CA LYS D 147 42.92 24.33 39.44
C LYS D 147 43.41 25.67 38.86
N THR D 148 44.70 25.75 38.53
CA THR D 148 45.35 26.92 37.89
C THR D 148 45.08 26.89 36.37
N ALA D 149 45.45 27.96 35.67
CA ALA D 149 45.39 28.07 34.20
C ALA D 149 46.35 27.05 33.57
N PHE D 150 47.46 26.75 34.26
CA PHE D 150 48.47 25.73 33.87
C PHE D 150 47.84 24.34 33.90
N ASP D 151 47.09 24.03 34.97
CA ASP D 151 46.43 22.72 35.19
C ASP D 151 45.44 22.44 34.05
N ILE D 152 44.74 23.48 33.56
CA ILE D 152 43.77 23.39 32.43
C ILE D 152 44.52 23.04 31.14
N SER D 153 45.73 23.57 30.95
CA SER D 153 46.56 23.41 29.73
C SER D 153 47.08 21.97 29.61
N ILE D 154 47.53 21.37 30.70
CA ILE D 154 48.10 19.98 30.71
C ILE D 154 46.97 18.94 30.60
N ASN D 155 45.78 19.25 31.16
CA ASN D 155 44.59 18.36 31.09
C ASN D 155 44.08 18.30 29.64
N ASN D 156 44.15 19.43 28.91
CA ASN D 156 43.75 19.54 27.48
C ASN D 156 44.90 19.05 26.58
N GLY D 157 46.12 19.00 27.12
CA GLY D 157 47.33 18.55 26.40
C GLY D 157 47.85 19.60 25.44
N ASN D 158 47.75 20.88 25.83
CA ASN D 158 48.20 22.05 25.02
C ASN D 158 49.62 22.43 25.48
N GLU D 159 50.64 21.92 24.79
CA GLU D 159 52.08 22.08 25.13
C GLU D 159 52.51 23.51 24.84
N ASP D 160 51.99 24.12 23.76
CA ASP D 160 52.25 25.52 23.36
C ASP D 160 51.81 26.45 24.49
N LEU D 161 50.62 26.22 25.04
CA LEU D 161 50.01 27.01 26.15
C LEU D 161 50.76 26.74 27.46
N ALA D 162 51.14 25.48 27.70
CA ALA D 162 51.84 25.01 28.92
C ALA D 162 53.19 25.72 29.08
N GLU D 163 53.90 25.95 27.95
CA GLU D 163 55.22 26.63 27.92
C GLU D 163 55.10 28.04 28.48
N ILE D 164 54.03 28.77 28.12
CA ILE D 164 53.80 30.21 28.47
C ILE D 164 53.50 30.32 29.97
N LEU D 165 52.54 29.53 30.47
CA LEU D 165 51.98 29.64 31.84
C LEU D 165 52.99 29.09 32.87
N GLN D 166 53.98 29.92 33.22
CA GLN D 166 55.01 29.61 34.26
C GLN D 166 55.87 30.86 34.49
N ASP E 13 54.14 -25.34 -3.27
CA ASP E 13 53.33 -25.64 -4.49
C ASP E 13 52.49 -26.90 -4.24
N LEU E 14 53.14 -28.06 -4.06
CA LEU E 14 52.50 -29.38 -3.92
C LEU E 14 52.10 -29.62 -2.45
N GLY E 15 52.83 -29.04 -1.51
CA GLY E 15 52.54 -29.12 -0.05
C GLY E 15 51.15 -28.61 0.27
N LYS E 16 50.65 -27.63 -0.51
CA LYS E 16 49.31 -27.02 -0.35
C LYS E 16 48.23 -27.97 -0.87
N LYS E 17 48.47 -28.59 -2.03
CA LYS E 17 47.51 -29.50 -2.73
C LYS E 17 47.37 -30.81 -1.96
N LEU E 18 48.37 -31.19 -1.16
CA LEU E 18 48.33 -32.40 -0.29
C LEU E 18 47.41 -32.14 0.90
N LEU E 19 47.43 -30.92 1.44
CA LEU E 19 46.58 -30.50 2.59
C LEU E 19 45.10 -30.52 2.19
N GLU E 20 44.78 -29.92 1.04
CA GLU E 20 43.40 -29.83 0.48
C GLU E 20 42.91 -31.23 0.08
N ALA E 21 43.81 -32.08 -0.40
CA ALA E 21 43.51 -33.48 -0.83
C ALA E 21 43.28 -34.37 0.40
N ALA E 22 44.14 -34.25 1.42
CA ALA E 22 44.07 -35.00 2.69
C ALA E 22 42.80 -34.62 3.46
N ARG E 23 42.38 -33.34 3.34
CA ARG E 23 41.13 -32.82 3.96
C ARG E 23 39.92 -33.42 3.22
N ALA E 24 39.87 -33.24 1.90
CA ALA E 24 38.74 -33.63 1.02
C ALA E 24 38.50 -35.14 1.11
N GLY E 25 39.57 -35.93 1.19
CA GLY E 25 39.51 -37.40 1.31
C GLY E 25 39.72 -38.10 -0.02
N ARG E 26 40.25 -37.40 -1.02
CA ARG E 26 40.59 -37.96 -2.36
C ARG E 26 41.86 -38.83 -2.22
N ASP E 27 41.70 -40.15 -2.27
CA ASP E 27 42.76 -41.15 -1.98
C ASP E 27 43.85 -41.10 -3.08
N ASP E 28 43.43 -41.05 -4.35
CA ASP E 28 44.34 -41.02 -5.53
C ASP E 28 45.30 -39.84 -5.40
N GLU E 29 44.76 -38.61 -5.33
CA GLU E 29 45.52 -37.34 -5.37
C GLU E 29 46.61 -37.34 -4.29
N VAL E 30 46.35 -37.93 -3.11
CA VAL E 30 47.36 -38.08 -2.02
C VAL E 30 48.48 -38.98 -2.52
N ARG E 31 48.15 -40.20 -2.97
CA ARG E 31 49.12 -41.24 -3.44
C ARG E 31 49.88 -40.75 -4.67
N ILE E 32 49.25 -39.92 -5.52
CA ILE E 32 49.90 -39.31 -6.73
C ILE E 32 50.85 -38.20 -6.28
N LEU E 33 50.48 -37.44 -5.23
CA LEU E 33 51.32 -36.36 -4.63
C LEU E 33 52.46 -36.99 -3.82
N MET E 34 52.29 -38.24 -3.34
CA MET E 34 53.36 -39.03 -2.70
C MET E 34 54.39 -39.45 -3.75
N ALA E 35 53.92 -39.90 -4.92
CA ALA E 35 54.74 -40.33 -6.08
C ALA E 35 55.59 -39.16 -6.59
N ASN E 36 55.00 -37.96 -6.64
CA ASN E 36 55.67 -36.70 -7.08
C ASN E 36 56.53 -36.14 -5.93
N GLY E 37 56.32 -36.62 -4.70
CA GLY E 37 57.20 -36.39 -3.55
C GLY E 37 56.93 -35.07 -2.86
N ALA E 38 55.66 -34.76 -2.58
CA ALA E 38 55.22 -33.57 -1.81
C ALA E 38 55.52 -33.78 -0.33
N ASP E 39 55.78 -32.70 0.41
CA ASP E 39 56.15 -32.72 1.86
C ASP E 39 54.95 -33.23 2.66
N VAL E 40 55.14 -34.34 3.40
CA VAL E 40 54.07 -35.04 4.19
C VAL E 40 53.84 -34.32 5.52
N ASN E 41 54.73 -33.40 5.91
CA ASN E 41 54.61 -32.58 7.15
C ASN E 41 54.37 -31.11 6.77
N ALA E 42 53.65 -30.86 5.68
CA ALA E 42 53.31 -29.51 5.16
C ALA E 42 52.28 -28.87 6.10
N ALA E 43 52.69 -27.85 6.87
CA ALA E 43 51.84 -27.14 7.86
C ALA E 43 51.00 -26.08 7.14
N ASP E 44 49.70 -25.98 7.50
CA ASP E 44 48.79 -24.89 7.07
C ASP E 44 48.98 -23.70 8.03
N VAL E 45 48.09 -22.71 7.99
CA VAL E 45 48.26 -21.41 8.71
C VAL E 45 48.22 -21.65 10.23
N VAL E 46 47.35 -22.55 10.71
CA VAL E 46 47.16 -22.85 12.16
C VAL E 46 48.15 -23.93 12.60
N GLY E 47 48.79 -24.63 11.65
CA GLY E 47 49.84 -25.63 11.91
C GLY E 47 49.33 -27.06 11.83
N TRP E 48 48.39 -27.32 10.91
CA TRP E 48 47.76 -28.66 10.71
C TRP E 48 48.41 -29.35 9.50
N THR E 49 49.13 -30.45 9.74
CA THR E 49 49.72 -31.34 8.70
C THR E 49 48.60 -32.08 7.98
N PRO E 50 48.85 -32.70 6.81
CA PRO E 50 47.86 -33.56 6.16
C PRO E 50 47.30 -34.65 7.09
N LEU E 51 48.11 -35.09 8.07
CA LEU E 51 47.75 -36.12 9.08
C LEU E 51 46.70 -35.55 10.05
N HIS E 52 46.86 -34.30 10.50
CA HIS E 52 45.88 -33.57 11.35
C HIS E 52 44.50 -33.57 10.69
N LEU E 53 44.43 -33.16 9.43
CA LEU E 53 43.17 -32.96 8.65
C LEU E 53 42.49 -34.31 8.43
N ALA E 54 43.25 -35.35 8.05
CA ALA E 54 42.76 -36.72 7.79
C ALA E 54 42.18 -37.32 9.08
N ALA E 55 42.80 -37.03 10.23
CA ALA E 55 42.39 -37.52 11.57
C ALA E 55 41.10 -36.81 12.02
N TYR E 56 40.99 -35.50 11.75
CA TYR E 56 39.83 -34.65 12.12
C TYR E 56 38.59 -35.08 11.33
N TRP E 57 38.67 -35.02 9.99
CA TRP E 57 37.55 -35.28 9.05
C TRP E 57 37.27 -36.78 8.96
N GLY E 58 38.20 -37.63 9.40
CA GLY E 58 38.02 -39.10 9.49
C GLY E 58 38.22 -39.78 8.16
N HIS E 59 39.47 -39.89 7.70
CA HIS E 59 39.87 -40.55 6.43
C HIS E 59 40.96 -41.59 6.73
N LEU E 60 40.54 -42.82 7.06
CA LEU E 60 41.42 -43.93 7.53
C LEU E 60 42.45 -44.28 6.46
N GLU E 61 42.02 -44.40 5.20
CA GLU E 61 42.87 -44.74 4.03
C GLU E 61 44.08 -43.79 3.98
N ILE E 62 43.84 -42.48 4.13
CA ILE E 62 44.86 -41.40 3.97
C ILE E 62 45.77 -41.35 5.21
N VAL E 63 45.24 -41.65 6.40
CA VAL E 63 46.03 -41.67 7.68
C VAL E 63 47.11 -42.76 7.55
N GLU E 64 46.75 -43.94 7.04
CA GLU E 64 47.67 -45.09 6.82
C GLU E 64 48.72 -44.71 5.76
N VAL E 65 48.27 -44.16 4.63
CA VAL E 65 49.11 -43.83 3.43
C VAL E 65 50.08 -42.69 3.80
N LEU E 66 49.65 -41.74 4.63
CA LEU E 66 50.50 -40.61 5.11
C LEU E 66 51.60 -41.17 6.04
N LEU E 67 51.22 -41.98 7.03
CA LEU E 67 52.15 -42.64 7.98
C LEU E 67 53.09 -43.59 7.22
N LYS E 68 52.60 -44.22 6.14
CA LYS E 68 53.36 -45.15 5.27
C LYS E 68 54.53 -44.40 4.60
N ASN E 69 54.35 -43.12 4.29
CA ASN E 69 55.36 -42.25 3.63
C ASN E 69 56.02 -41.31 4.66
N GLY E 70 56.15 -41.78 5.91
CA GLY E 70 56.96 -41.15 6.96
C GLY E 70 56.40 -39.79 7.40
N ALA E 71 55.10 -39.72 7.70
CA ALA E 71 54.43 -38.54 8.27
C ALA E 71 54.67 -38.50 9.78
N ASP E 72 55.08 -37.34 10.32
CA ASP E 72 55.35 -37.14 11.77
C ASP E 72 54.04 -37.35 12.54
N VAL E 73 53.94 -38.47 13.27
CA VAL E 73 52.71 -38.92 13.98
C VAL E 73 52.46 -38.01 15.19
N ASN E 74 53.50 -37.38 15.73
CA ASN E 74 53.42 -36.46 16.90
C ASN E 74 53.83 -35.04 16.48
N ALA E 75 53.46 -34.63 15.27
CA ALA E 75 53.44 -33.21 14.83
C ALA E 75 52.30 -32.52 15.58
N TYR E 76 52.46 -31.22 15.91
CA TYR E 76 51.47 -30.45 16.70
C TYR E 76 51.25 -29.06 16.05
N ASP E 77 50.05 -28.51 16.26
CA ASP E 77 49.60 -27.19 15.73
C ASP E 77 50.17 -26.08 16.63
N THR E 78 49.76 -24.83 16.40
CA THR E 78 50.26 -23.62 17.13
C THR E 78 49.72 -23.60 18.56
N LEU E 79 48.87 -24.56 18.96
CA LEU E 79 48.34 -24.70 20.34
C LEU E 79 48.67 -26.10 20.92
N GLY E 80 49.49 -26.89 20.22
CA GLY E 80 50.11 -28.12 20.76
C GLY E 80 49.24 -29.36 20.67
N SER E 81 48.28 -29.39 19.73
CA SER E 81 47.32 -30.52 19.53
C SER E 81 47.86 -31.47 18.45
N THR E 82 48.08 -32.73 18.79
CA THR E 82 48.52 -33.83 17.87
C THR E 82 47.31 -34.42 17.15
N PRO E 83 47.49 -35.12 16.01
CA PRO E 83 46.40 -35.82 15.34
C PRO E 83 45.64 -36.83 16.21
N LEU E 84 46.28 -37.38 17.26
CA LEU E 84 45.65 -38.33 18.21
C LEU E 84 44.57 -37.63 19.04
N HIS E 85 44.79 -36.35 19.39
CA HIS E 85 43.78 -35.47 20.04
C HIS E 85 42.53 -35.40 19.17
N LEU E 86 42.70 -35.08 17.89
CA LEU E 86 41.61 -34.83 16.90
C LEU E 86 40.82 -36.12 16.66
N ALA E 87 41.51 -37.26 16.56
CA ALA E 87 40.91 -38.60 16.30
C ALA E 87 40.14 -39.07 17.54
N ALA E 88 40.74 -38.92 18.73
CA ALA E 88 40.18 -39.36 20.03
C ALA E 88 38.97 -38.48 20.40
N HIS E 89 39.03 -37.18 20.07
CA HIS E 89 38.00 -36.17 20.44
C HIS E 89 36.70 -36.42 19.65
N PHE E 90 36.80 -36.64 18.34
CA PHE E 90 35.65 -36.71 17.39
C PHE E 90 35.32 -38.16 17.03
N GLY E 91 35.68 -39.11 17.92
CA GLY E 91 35.18 -40.50 17.91
C GLY E 91 35.58 -41.28 16.68
N HIS E 92 36.87 -41.26 16.31
CA HIS E 92 37.45 -42.03 15.17
C HIS E 92 38.32 -43.17 15.70
N LEU E 93 37.67 -44.27 16.12
CA LEU E 93 38.29 -45.43 16.83
C LEU E 93 39.41 -46.03 15.97
N GLU E 94 39.14 -46.31 14.69
CA GLU E 94 40.09 -46.96 13.75
C GLU E 94 41.37 -46.12 13.62
N ILE E 95 41.22 -44.79 13.52
CA ILE E 95 42.35 -43.83 13.34
C ILE E 95 43.15 -43.73 14.64
N VAL E 96 42.49 -43.79 15.80
CA VAL E 96 43.15 -43.77 17.14
C VAL E 96 44.05 -45.01 17.24
N GLU E 97 43.57 -46.18 16.79
CA GLU E 97 44.31 -47.46 16.80
C GLU E 97 45.52 -47.37 15.86
N VAL E 98 45.30 -46.94 14.60
CA VAL E 98 46.33 -46.84 13.53
C VAL E 98 47.42 -45.86 13.97
N LEU E 99 47.04 -44.75 14.63
CA LEU E 99 47.99 -43.72 15.14
C LEU E 99 48.84 -44.32 16.27
N LEU E 100 48.20 -44.98 17.24
CA LEU E 100 48.88 -45.59 18.43
C LEU E 100 49.77 -46.76 18.00
N LYS E 101 49.41 -47.48 16.93
CA LYS E 101 50.21 -48.59 16.36
C LYS E 101 51.48 -48.03 15.72
N ASN E 102 51.43 -46.82 15.17
CA ASN E 102 52.57 -46.13 14.50
C ASN E 102 53.29 -45.21 15.49
N GLY E 103 53.18 -45.51 16.79
CA GLY E 103 53.98 -44.87 17.87
C GLY E 103 53.53 -43.45 18.16
N ALA E 104 52.23 -43.23 18.36
CA ALA E 104 51.64 -41.95 18.79
C ALA E 104 51.82 -41.79 20.31
N ASP E 105 52.07 -40.56 20.77
CA ASP E 105 52.24 -40.23 22.21
C ASP E 105 50.85 -40.18 22.85
N VAL E 106 50.49 -41.20 23.62
CA VAL E 106 49.15 -41.37 24.27
C VAL E 106 48.97 -40.33 25.38
N ASN E 107 50.08 -39.88 25.99
CA ASN E 107 50.09 -38.84 27.06
C ASN E 107 50.57 -37.51 26.46
N ALA E 108 50.21 -37.22 25.21
CA ALA E 108 50.50 -35.94 24.52
C ALA E 108 49.63 -34.84 25.13
N LYS E 109 50.25 -33.75 25.60
CA LYS E 109 49.58 -32.59 26.25
C LYS E 109 49.67 -31.36 25.36
N ASP E 110 48.52 -30.74 25.04
CA ASP E 110 48.45 -29.44 24.32
C ASP E 110 48.79 -28.33 25.32
N ASP E 111 48.68 -27.06 24.90
CA ASP E 111 49.07 -25.87 25.70
C ASP E 111 48.20 -25.77 26.96
N ASN E 112 47.04 -26.45 26.98
CA ASN E 112 46.07 -26.44 28.11
C ASN E 112 46.36 -27.59 29.09
N GLY E 113 47.23 -28.54 28.70
CA GLY E 113 47.51 -29.76 29.47
C GLY E 113 46.49 -30.86 29.20
N ILE E 114 45.71 -30.72 28.13
CA ILE E 114 44.63 -31.67 27.72
C ILE E 114 45.27 -32.81 26.93
N THR E 115 44.91 -34.05 27.26
CA THR E 115 45.42 -35.30 26.64
C THR E 115 44.32 -35.96 25.81
N PRO E 116 44.66 -36.86 24.85
CA PRO E 116 43.65 -37.64 24.14
C PRO E 116 42.63 -38.36 25.03
N LEU E 117 43.01 -38.72 26.26
CA LEU E 117 42.12 -39.36 27.26
C LEU E 117 41.04 -38.37 27.70
N HIS E 118 41.43 -37.14 28.05
CA HIS E 118 40.53 -36.03 28.47
C HIS E 118 39.43 -35.82 27.42
N LEU E 119 39.82 -35.68 26.15
CA LEU E 119 38.90 -35.37 25.01
C LEU E 119 37.96 -36.55 24.76
N ALA E 120 38.48 -37.78 24.78
CA ALA E 120 37.72 -39.04 24.58
C ALA E 120 36.70 -39.21 25.73
N ALA E 121 37.11 -38.88 26.96
CA ALA E 121 36.28 -38.95 28.18
C ALA E 121 35.16 -37.90 28.14
N ASN E 122 35.45 -36.71 27.58
CA ASN E 122 34.54 -35.54 27.58
C ASN E 122 33.34 -35.82 26.66
N ARG E 123 33.59 -36.20 25.41
CA ARG E 123 32.55 -36.50 24.39
C ARG E 123 31.98 -37.91 24.61
N GLY E 124 32.65 -38.72 25.43
CA GLY E 124 32.13 -40.01 25.95
C GLY E 124 32.21 -41.12 24.91
N HIS E 125 33.37 -41.29 24.28
CA HIS E 125 33.68 -42.41 23.34
C HIS E 125 34.37 -43.53 24.13
N LEU E 126 33.59 -44.49 24.63
CA LEU E 126 34.01 -45.47 25.67
C LEU E 126 35.07 -46.43 25.12
N GLU E 127 34.94 -46.87 23.86
CA GLU E 127 35.91 -47.80 23.21
C GLU E 127 37.28 -47.12 23.09
N ILE E 128 37.29 -45.86 22.66
CA ILE E 128 38.53 -45.04 22.47
C ILE E 128 39.21 -44.82 23.82
N VAL E 129 38.43 -44.58 24.87
CA VAL E 129 38.93 -44.42 26.28
C VAL E 129 39.70 -45.68 26.66
N GLU E 130 39.18 -46.86 26.31
CA GLU E 130 39.75 -48.19 26.68
C GLU E 130 41.00 -48.48 25.84
N VAL E 131 41.00 -48.13 24.55
CA VAL E 131 42.15 -48.33 23.63
C VAL E 131 43.30 -47.44 24.08
N LEU E 132 43.03 -46.19 24.45
CA LEU E 132 44.03 -45.23 25.01
C LEU E 132 44.60 -45.81 26.31
N LEU E 133 43.73 -46.26 27.22
CA LEU E 133 44.11 -46.91 28.51
C LEU E 133 44.97 -48.14 28.24
N LYS E 134 44.61 -48.94 27.22
CA LYS E 134 45.31 -50.19 26.84
C LYS E 134 46.72 -49.88 26.30
N TYR E 135 46.89 -48.72 25.66
CA TYR E 135 48.19 -48.26 25.08
C TYR E 135 48.95 -47.39 26.09
N GLY E 136 48.52 -47.38 27.35
CA GLY E 136 49.27 -46.84 28.50
C GLY E 136 49.00 -45.36 28.72
N ALA E 137 47.72 -44.96 28.78
CA ALA E 137 47.26 -43.58 29.06
C ALA E 137 47.31 -43.32 30.56
N ASP E 138 47.89 -42.18 30.97
CA ASP E 138 47.95 -41.72 32.38
C ASP E 138 46.56 -41.23 32.80
N VAL E 139 45.88 -41.97 33.68
CA VAL E 139 44.49 -41.67 34.15
C VAL E 139 44.54 -40.48 35.10
N ASN E 140 45.64 -40.33 35.86
CA ASN E 140 45.81 -39.30 36.92
C ASN E 140 46.27 -37.97 36.31
N ALA E 141 46.61 -37.95 35.01
CA ALA E 141 47.06 -36.75 34.26
C ALA E 141 46.01 -35.64 34.41
N GLN E 142 46.45 -34.43 34.76
CA GLN E 142 45.59 -33.24 35.00
C GLN E 142 45.84 -32.18 33.92
N ASP E 143 44.79 -31.46 33.51
CA ASP E 143 44.87 -30.26 32.65
C ASP E 143 45.24 -29.07 33.54
N LYS E 144 45.31 -27.86 32.96
CA LYS E 144 45.79 -26.62 33.65
C LYS E 144 44.93 -26.29 34.87
N PHE E 145 43.66 -26.72 34.89
CA PHE E 145 42.68 -26.45 35.99
C PHE E 145 42.71 -27.55 37.04
N GLY E 146 43.57 -28.56 36.88
CA GLY E 146 43.74 -29.67 37.84
C GLY E 146 42.58 -30.65 37.77
N LYS E 147 42.18 -31.04 36.56
CA LYS E 147 41.03 -31.93 36.28
C LYS E 147 41.52 -33.21 35.59
N THR E 148 41.24 -34.38 36.19
CA THR E 148 41.54 -35.72 35.61
C THR E 148 40.42 -36.12 34.65
N ALA E 149 40.60 -37.21 33.91
CA ALA E 149 39.58 -37.83 33.03
C ALA E 149 38.41 -38.35 33.89
N PHE E 150 38.70 -38.73 35.14
CA PHE E 150 37.70 -39.19 36.14
C PHE E 150 36.80 -38.02 36.57
N ASP E 151 37.39 -36.83 36.74
CA ASP E 151 36.67 -35.58 37.13
C ASP E 151 35.67 -35.19 36.03
N ILE E 152 36.03 -35.43 34.76
CA ILE E 152 35.18 -35.16 33.56
C ILE E 152 33.98 -36.11 33.56
N SER E 153 34.18 -37.38 33.90
CA SER E 153 33.17 -38.46 33.88
C SER E 153 32.08 -38.21 34.93
N ILE E 154 32.47 -37.76 36.14
CA ILE E 154 31.53 -37.47 37.27
C ILE E 154 30.72 -36.21 36.92
N ASN E 155 31.38 -35.17 36.41
CA ASN E 155 30.78 -33.85 36.08
C ASN E 155 29.74 -34.04 34.98
N ASN E 156 30.10 -34.77 33.90
CA ASN E 156 29.19 -35.11 32.77
C ASN E 156 28.10 -36.07 33.27
N GLY E 157 28.37 -36.83 34.34
CA GLY E 157 27.44 -37.79 34.95
C GLY E 157 27.42 -39.11 34.20
N ASN E 158 28.54 -39.47 33.56
CA ASN E 158 28.70 -40.71 32.75
C ASN E 158 28.99 -41.87 33.72
N GLU E 159 28.01 -42.77 33.87
CA GLU E 159 28.05 -43.92 34.82
C GLU E 159 28.99 -44.99 34.27
N ASP E 160 28.90 -45.28 32.97
CA ASP E 160 29.65 -46.35 32.26
C ASP E 160 31.15 -45.99 32.20
N LEU E 161 31.46 -44.71 31.99
CA LEU E 161 32.85 -44.19 31.85
C LEU E 161 33.55 -44.13 33.21
N ALA E 162 32.85 -43.62 34.23
CA ALA E 162 33.37 -43.36 35.60
C ALA E 162 33.97 -44.63 36.21
N GLU E 163 33.29 -45.78 36.03
CA GLU E 163 33.69 -47.08 36.65
C GLU E 163 34.93 -47.65 35.94
N ILE E 164 35.12 -47.34 34.64
CA ILE E 164 36.30 -47.81 33.84
C ILE E 164 37.55 -47.06 34.33
N LEU E 165 37.46 -45.74 34.49
CA LEU E 165 38.60 -44.85 34.84
C LEU E 165 38.95 -45.02 36.33
N GLN E 166 37.98 -45.33 37.18
CA GLN E 166 38.15 -45.60 38.63
C GLN E 166 38.80 -44.39 39.31
C1B LMT F . 22.21 -15.47 -8.17
C2B LMT F . 22.98 -15.50 -6.86
C3B LMT F . 24.03 -14.39 -6.81
C4B LMT F . 24.90 -14.40 -8.07
C5B LMT F . 24.03 -14.42 -9.33
C6B LMT F . 24.89 -14.55 -10.59
O1B LMT F . 21.43 -14.27 -8.25
O2B LMT F . 22.09 -15.38 -5.75
O3B LMT F . 24.85 -14.55 -5.66
O4' LMT F . 25.73 -13.24 -8.07
O5B LMT F . 23.11 -15.52 -9.27
O6B LMT F . 25.65 -13.35 -10.79
C1' LMT F . 17.56 -12.93 -8.50
C2' LMT F . 18.04 -13.20 -7.09
C3' LMT F . 19.55 -13.37 -7.08
C4' LMT F . 20.02 -14.40 -8.11
C5' LMT F . 19.34 -14.16 -9.47
C6' LMT F . 19.65 -15.25 -10.51
O1' LMT F . 16.15 -12.74 -8.51
O2' LMT F . 17.67 -12.11 -6.23
O3' LMT F . 19.97 -13.78 -5.77
O5' LMT F . 17.93 -14.06 -9.31
O6' LMT F . 19.69 -16.56 -9.93
C1 LMT F . 15.69 -11.83 -9.53
C2 LMT F . 15.50 -12.59 -10.84
C3 LMT F . 14.08 -12.51 -11.37
C4 LMT F . 13.95 -11.69 -12.65
C5 LMT F . 13.52 -12.57 -13.82
C6 LMT F . 13.08 -11.73 -15.03
C7 LMT F . 13.25 -12.49 -16.36
C8 LMT F . 12.73 -13.93 -16.31
C9 LMT F . 12.22 -14.40 -17.66
C10 LMT F . 12.81 -15.76 -18.07
C11 LMT F . 12.48 -16.05 -19.52
C12 LMT F . 12.43 -17.54 -19.80
C1B LMT G . 9.94 16.43 -20.99
C2B LMT G . 9.13 16.98 -19.81
C3B LMT G . 9.20 18.51 -19.71
C4B LMT G . 8.80 19.19 -21.02
C5B LMT G . 9.13 18.31 -22.23
C6B LMT G . 9.45 19.16 -23.47
O1B LMT G . 9.19 15.40 -21.64
O2B LMT G . 7.76 16.59 -19.89
O3B LMT G . 10.53 18.90 -19.36
O4' LMT G . 7.40 19.47 -21.01
O5B LMT G . 10.24 17.47 -21.93
O6B LMT G . 10.76 19.70 -23.37
C1' LMT G . 10.14 11.84 -23.61
C2' LMT G . 10.45 11.89 -22.12
C3' LMT G . 9.77 13.09 -21.43
C4' LMT G . 9.98 14.37 -22.23
C5' LMT G . 9.59 14.15 -23.69
C6' LMT G . 9.76 15.40 -24.54
O1' LMT G . 11.01 10.86 -24.21
O2' LMT G . 9.99 10.68 -21.50
O3' LMT G . 10.31 13.24 -20.12
O5' LMT G . 10.40 13.10 -24.23
O6' LMT G . 11.11 15.86 -24.50
C1 LMT G . 10.36 9.69 -24.70
C2 LMT G . 10.11 9.83 -26.20
C3 LMT G . 9.27 8.67 -26.72
C4 LMT G . 9.65 8.27 -28.14
C5 LMT G . 8.41 8.09 -29.02
C6 LMT G . 7.85 9.43 -29.48
C7 LMT G . 7.97 9.61 -30.99
C8 LMT G . 6.94 8.78 -31.75
C9 LMT G . 6.55 9.46 -33.05
C10 LMT G . 5.87 8.50 -34.01
C11 LMT G . 5.04 9.24 -35.05
C12 LMT G . 5.92 10.02 -36.00
C1B LMT H . -20.51 -7.64 -47.42
C2B LMT H . -21.13 -6.27 -47.74
C3B LMT H . -22.63 -6.37 -48.02
C4B LMT H . -23.02 -7.76 -48.51
C5B LMT H . -22.64 -8.83 -47.48
C6B LMT H . -22.44 -10.20 -48.15
O1B LMT H . -19.29 -7.47 -46.67
O2B LMT H . -20.92 -5.36 -46.66
O3B LMT H . -23.00 -5.40 -49.00
O4' LMT H . -24.43 -7.81 -48.74
O5B LMT H . -21.46 -8.46 -46.73
O6B LMT H . -21.26 -10.22 -48.96
C1' LMT H . -17.60 -8.92 -43.15
C2' LMT H . -18.81 -9.67 -43.67
C3' LMT H . -19.01 -9.35 -45.13
C4' LMT H . -19.27 -7.86 -45.29
C5' LMT H . -18.20 -7.04 -44.56
C6' LMT H . -18.60 -5.58 -44.42
O1' LMT H . -17.34 -9.26 -41.79
O2' LMT H . -18.67 -11.08 -43.46
O3' LMT H . -20.10 -10.13 -45.65
O5' LMT H . -17.90 -7.52 -43.24
O6' LMT H . -19.81 -5.46 -43.66
C1 LMT H . -16.26 -10.17 -41.58
C2 LMT H . -16.05 -10.39 -40.08
C3 LMT H . -16.39 -11.82 -39.65
C4 LMT H . -16.00 -12.09 -38.21
C5 LMT H . -17.03 -11.56 -37.20
C6 LMT H . -17.24 -12.52 -36.02
C7 LMT H . -16.63 -12.00 -34.73
C8 LMT H . -15.11 -11.92 -34.81
C9 LMT H . -14.48 -11.89 -33.42
C10 LMT H . -13.01 -11.48 -33.45
C11 LMT H . -12.06 -12.65 -33.21
C12 LMT H . -11.66 -12.75 -31.76
C1B LMT I . 3.06 -23.77 -71.46
C2B LMT I . 1.75 -24.14 -72.18
C3B LMT I . 1.10 -25.41 -71.63
C4B LMT I . 2.12 -26.53 -71.54
C5B LMT I . 3.29 -26.07 -70.69
C6B LMT I . 4.35 -27.15 -70.52
O1B LMT I . 2.78 -23.16 -70.20
O2B LMT I . 0.82 -23.06 -72.07
O3B LMT I . 0.01 -25.80 -72.47
O4' LMT I . 1.52 -27.70 -70.98
O5B LMT I . 3.90 -24.91 -71.28
O6B LMT I . 4.86 -27.56 -71.80
C1' LMT I . 4.68 -20.29 -67.82
C2' LMT I . 4.60 -19.95 -69.31
C3' LMT I . 3.59 -20.87 -70.03
C4' LMT I . 3.84 -22.34 -69.69
C5' LMT I . 3.96 -22.52 -68.18
C6' LMT I . 4.27 -23.97 -67.82
O1' LMT I . 5.71 -19.49 -67.21
O2' LMT I . 4.19 -18.60 -69.47
O3' LMT I . 3.70 -20.65 -71.43
O5' LMT I . 4.99 -21.68 -67.66
O6' LMT I . 4.78 -24.07 -66.48
C1 LMT I . 5.92 -19.81 -65.83
C2 LMT I . 6.56 -18.63 -65.13
C3 LMT I . 6.71 -18.90 -63.64
C4 LMT I . 7.12 -17.64 -62.87
C5 LMT I . 8.23 -17.93 -61.87
C6 LMT I . 8.68 -16.66 -61.16
C7 LMT I . 9.49 -15.74 -62.07
C8 LMT I . 10.73 -15.17 -61.37
C9 LMT I . 11.88 -16.17 -61.41
C10 LMT I . 12.98 -15.79 -60.42
C11 LMT I . 14.05 -16.88 -60.34
C12 LMT I . 15.34 -16.33 -59.78
C01 C14 J . -7.25 -7.76 -24.22
C02 C14 J . -6.35 -8.83 -23.68
C03 C14 J . -6.61 -9.19 -22.24
C04 C14 J . -5.45 -9.83 -21.52
C05 C14 J . -5.83 -10.55 -20.25
C06 C14 J . -4.67 -11.09 -19.45
C07 C14 J . -4.80 -12.54 -19.05
C08 C14 J . -3.76 -13.02 -18.06
C09 C14 J . -3.49 -14.50 -18.12
C10 C14 J . -2.65 -15.04 -16.98
C11 C14 J . -2.68 -16.53 -16.86
C12 C14 J . -1.55 -17.12 -16.06
C13 C14 J . -1.54 -18.63 -16.04
C14 C14 J . -0.31 -19.24 -15.40
N1 DDQ K . 12.68 -6.62 -15.99
O1 DDQ K . 11.50 -6.60 -16.39
CM1 DDQ K . 12.67 -6.83 -14.54
CM2 DDQ K . 13.34 -5.34 -16.28
C1 DDQ K . 13.40 -7.75 -16.61
C2 DDQ K . 13.41 -7.67 -18.14
C3 DDQ K . 13.29 -9.04 -18.81
C4 DDQ K . 14.64 -9.73 -18.89
C5 DDQ K . 14.57 -11.04 -19.67
C6 DDQ K . 15.97 -11.55 -20.00
C7 DDQ K . 15.96 -12.99 -20.48
C8 DDQ K . 16.79 -13.89 -19.57
C9 DDQ K . 16.70 -15.35 -20.01
C10 DDQ K . 17.37 -16.27 -19.00
N1 DDQ L . 12.02 4.77 -74.62
O1 DDQ L . 12.98 3.98 -74.69
CM1 DDQ L . 11.06 4.28 -73.61
CM2 DDQ L . 11.34 4.80 -75.93
C1 DDQ L . 12.47 6.14 -74.29
C2 DDQ L . 13.62 6.13 -73.28
C3 DDQ L . 13.74 7.49 -72.59
C4 DDQ L . 15.01 7.57 -71.75
C5 DDQ L . 14.95 6.63 -70.56
C6 DDQ L . 16.00 6.98 -69.49
C7 DDQ L . 15.34 7.58 -68.25
C8 DDQ L . 16.38 7.99 -67.22
C9 DDQ L . 16.97 6.78 -66.50
C10 DDQ L . 17.69 7.18 -65.24
C1 HEX M . -16.49 5.79 -32.65
C2 HEX M . -17.03 5.26 -33.95
C3 HEX M . -18.28 5.97 -34.42
C4 HEX M . -18.93 5.38 -35.64
C5 HEX M . -20.02 6.21 -36.25
C6 HEX M . -20.76 5.53 -37.38
C1 HEX N . -9.07 -15.43 -29.52
C2 HEX N . -8.41 -16.43 -28.59
C3 HEX N . -8.69 -16.20 -27.13
C4 HEX N . -7.88 -17.05 -26.19
C5 HEX N . -8.45 -17.16 -24.80
C6 HEX N . -7.72 -18.15 -23.92
C1 D10 O . -14.89 -25.17 -36.41
C2 D10 O . -15.92 -26.09 -37.01
C3 D10 O . -16.23 -25.79 -38.47
C4 D10 O . -17.29 -26.68 -39.06
C5 D10 O . -17.67 -26.34 -40.48
C6 D10 O . -18.31 -27.47 -41.24
C7 D10 O . -19.13 -27.04 -42.44
C8 D10 O . -19.65 -28.17 -43.29
C9 D10 O . -20.89 -27.84 -44.08
C10 D10 O . -21.01 -28.59 -45.39
CL CL P . 49.73 -13.08 -2.52
C1 LNK Q . -18.69 11.44 -36.84
C2 LNK Q . -19.27 10.39 -37.74
C3 LNK Q . -20.56 10.80 -38.42
C4 LNK Q . -21.11 9.79 -39.40
C5 LNK Q . -22.36 10.25 -40.10
C1 GOL R . 13.75 30.85 27.29
O1 GOL R . 12.96 31.89 26.74
C2 GOL R . 13.34 29.49 26.76
O2 GOL R . 14.46 28.59 26.84
C3 GOL R . 12.15 28.89 27.47
O3 GOL R . 11.52 27.89 26.68
C1 GOL S . 2.27 8.83 -15.82
O1 GOL S . 1.24 9.29 -16.69
C2 GOL S . 1.82 7.66 -14.98
O2 GOL S . 1.22 6.67 -15.82
C3 GOL S . 2.93 7.03 -14.17
O3 GOL S . 3.52 7.97 -13.27
C1B LMT T . -25.06 55.75 -39.18
C2B LMT T . -25.41 55.92 -40.65
C3B LMT T . -24.33 55.30 -41.53
C4B LMT T . -22.93 55.79 -41.20
C5B LMT T . -22.86 56.65 -39.92
C6B LMT T . -23.13 58.13 -40.24
O1B LMT T . -25.23 54.36 -38.86
O2B LMT T . -26.66 55.29 -40.92
O3B LMT T . -24.63 55.59 -42.91
O4' LMT T . -22.07 54.65 -41.01
O5B LMT T . -23.71 56.16 -38.88
O6B LMT T . -23.88 58.74 -39.17
C1' LMT T . -25.79 53.80 -34.65
C2' LMT T . -24.39 53.58 -35.26
C3' LMT T . -24.20 54.20 -36.63
C4' LMT T . -25.43 53.95 -37.50
C5' LMT T . -26.62 54.58 -36.81
C6' LMT T . -27.87 54.58 -37.68
O1' LMT T . -26.10 52.73 -33.75
O2' LMT T . -23.40 54.16 -34.40
O3' LMT T . -23.03 53.65 -37.26
O5' LMT T . -26.85 53.82 -35.61
O6' LMT T . -29.07 54.58 -36.90
C1 LMT T . -25.21 52.54 -32.66
C2 LMT T . -25.94 51.94 -31.46
C3 LMT T . -25.14 50.83 -30.77
C4 LMT T . -23.74 51.28 -30.36
C5 LMT T . -23.29 50.68 -29.03
C6 LMT T . -21.83 50.25 -29.04
C7 LMT T . -20.87 51.45 -29.15
C8 LMT T . -20.61 52.10 -27.78
C9 LMT T . -19.46 51.45 -27.01
C10 LMT T . -18.48 52.52 -26.50
C11 LMT T . -17.44 51.92 -25.57
C12 LMT T . -16.66 52.99 -24.86
C01 C14 U . -18.20 7.46 0.86
C02 C14 U . -18.38 7.37 -0.64
C03 C14 U . -19.76 6.91 -1.05
C04 C14 U . -20.00 6.93 -2.54
C05 C14 U . -21.43 7.24 -2.92
C06 C14 U . -21.74 7.02 -4.38
C07 C14 U . -23.21 6.95 -4.70
C08 C14 U . -23.52 6.74 -6.16
C09 C14 U . -24.99 6.70 -6.49
C10 C14 U . -25.36 7.38 -7.78
C11 C14 U . -24.87 6.67 -9.03
C12 C14 U . -25.12 7.42 -10.31
C13 C14 U . -24.34 6.92 -11.50
C14 C14 U . -24.42 7.81 -12.72
C01 C14 V . -3.82 35.47 -12.08
C02 C14 V . -3.70 34.08 -12.65
C03 C14 V . -4.86 33.68 -13.53
C04 C14 V . -4.88 32.22 -13.91
C05 C14 V . -6.27 31.64 -14.08
C06 C14 V . -6.31 30.28 -14.72
C07 C14 V . -7.68 29.67 -14.82
C08 C14 V . -8.16 29.43 -16.23
C09 C14 V . -7.46 28.30 -16.94
C10 C14 V . -8.13 27.84 -18.21
C11 C14 V . -7.91 28.77 -19.39
C12 C14 V . -9.11 28.96 -20.28
C13 C14 V . -9.01 30.13 -21.22
C14 C14 V . -9.90 30.03 -22.44
C01 C14 W . -14.99 17.52 -32.53
C02 C14 W . -16.50 17.47 -32.69
C03 C14 W . -17.09 18.68 -33.37
C04 C14 W . -18.49 19.01 -32.95
C05 C14 W . -19.31 19.75 -33.99
C06 C14 W . -20.24 18.87 -34.80
C07 C14 W . -21.24 19.64 -35.64
C08 C14 W . -21.44 19.07 -37.02
C09 C14 W . -22.65 19.64 -37.74
C10 C14 W . -22.96 18.95 -39.04
C11 C14 W . -24.35 19.22 -39.58
C12 C14 W . -25.05 18.00 -40.13
C13 C14 W . -25.70 17.13 -39.09
C14 C14 W . -25.97 15.71 -39.54
N1 DDQ X . -29.27 0.80 -0.48
O1 DDQ X . -29.50 -0.22 0.21
CM1 DDQ X . -28.06 1.45 0.04
CM2 DDQ X . -30.44 1.70 -0.36
C1 DDQ X . -29.09 0.34 -1.88
C2 DDQ X . -28.88 1.46 -2.90
C3 DDQ X . -28.54 0.91 -4.28
C4 DDQ X . -29.76 0.82 -5.20
C5 DDQ X . -29.36 1.11 -6.64
C6 DDQ X . -30.41 0.66 -7.65
C7 DDQ X . -29.78 0.47 -9.02
C8 DDQ X . -30.78 0.71 -10.14
C9 DDQ X . -30.19 0.32 -11.49
C10 DDQ X . -31.21 0.45 -12.60
N1 DDQ Y . -54.57 50.03 -25.48
O1 DDQ Y . -54.88 49.04 -24.79
CM1 DDQ Y . -55.45 51.17 -25.15
CM2 DDQ Y . -54.76 49.69 -26.90
C1 DDQ Y . -53.15 50.37 -25.27
C2 DDQ Y . -52.76 50.49 -23.80
C3 DDQ Y . -51.34 51.01 -23.66
C4 DDQ Y . -50.94 51.19 -22.20
C5 DDQ Y . -50.08 50.03 -21.72
C6 DDQ Y . -49.72 50.18 -20.24
C7 DDQ Y . -48.67 51.27 -20.02
C8 DDQ Y . -49.21 52.42 -19.17
C9 DDQ Y . -48.22 53.56 -19.10
C10 DDQ Y . -48.51 54.47 -17.91
C1 HEX Z . -30.41 7.67 -33.89
C2 HEX Z . -30.76 6.78 -32.72
C3 HEX Z . -30.85 7.52 -31.40
C4 HEX Z . -30.80 6.64 -30.18
C5 HEX Z . -30.66 7.39 -28.88
C6 HEX Z . -30.43 6.52 -27.68
C1 OCT AA . -5.65 27.21 -45.95
C2 OCT AA . -5.48 26.08 -44.97
C3 OCT AA . -5.24 26.53 -43.55
C4 OCT AA . -4.65 25.48 -42.65
C5 OCT AA . -4.91 25.70 -41.17
C6 OCT AA . -4.50 24.53 -40.31
C7 OCT AA . -4.65 24.77 -38.82
C8 OCT AA . -4.14 23.64 -37.96
C1 GOL BA . -39.89 40.03 -40.27
O1 GOL BA . -40.29 41.17 -39.51
C2 GOL BA . -40.96 38.96 -40.28
O2 GOL BA . -40.93 38.24 -39.05
C3 GOL BA . -40.83 37.99 -41.44
O3 GOL BA . -39.51 37.47 -41.54
C1 EDO CA . -52.46 28.37 -23.54
O1 EDO CA . -52.70 27.08 -24.07
C2 EDO CA . -52.17 28.35 -22.09
O2 EDO CA . -52.59 29.54 -21.43
C1B LMT DA . -69.94 -18.29 -20.05
C2B LMT DA . -70.47 -18.26 -21.48
C3B LMT DA . -70.51 -16.85 -22.05
C4B LMT DA . -71.16 -15.85 -21.09
C5B LMT DA . -70.63 -16.00 -19.67
C6B LMT DA . -71.43 -15.15 -18.69
O1B LMT DA . -68.54 -17.96 -20.03
O2B LMT DA . -69.65 -19.08 -22.32
O3B LMT DA . -71.23 -16.86 -23.28
O4' LMT DA . -70.92 -14.52 -21.55
O5B LMT DA . -70.68 -17.37 -19.23
O6B LMT DA . -71.02 -13.78 -18.80
C1' LMT DA . -65.15 -19.68 -18.26
C2' LMT DA . -66.03 -20.61 -19.10
C3' LMT DA . -66.99 -19.82 -19.98
C4' LMT DA . -67.75 -18.78 -19.17
C5' LMT DA . -66.78 -17.92 -18.38
C6' LMT DA . -67.51 -16.90 -17.51
O1' LMT DA . -64.39 -20.46 -17.34
O2' LMT DA . -65.20 -21.43 -19.93
O3' LMT DA . -67.92 -20.72 -20.60
O5' LMT DA . -65.97 -18.76 -17.53
O6' LMT DA . -66.65 -16.39 -16.49
C1 LMT DA . -62.99 -20.16 -17.27
C2 LMT DA . -62.58 -19.89 -15.82
C3 LMT DA . -61.08 -20.12 -15.61
C4 LMT DA . -60.47 -19.14 -14.62
C5 LMT DA . -59.87 -19.86 -13.41
C6 LMT DA . -59.23 -18.87 -12.44
C7 LMT DA . -60.26 -18.27 -11.48
C8 LMT DA . -60.29 -19.00 -10.14
C9 LMT DA . -59.36 -18.37 -9.11
C10 LMT DA . -59.71 -18.81 -7.70
C11 LMT DA . -59.39 -20.29 -7.48
C12 LMT DA . -59.38 -20.64 -6.00
C1 PTY EA . -38.41 -1.35 -32.34
C2 PTY EA . -45.59 -3.22 -30.25
C3 PTY EA . -45.18 -1.78 -30.39
O4 PTY EA . -39.09 -0.06 -32.34
C5 PTY EA . -40.26 -1.92 -30.69
C6 PTY EA . -39.36 -2.41 -31.81
O7 PTY EA . -38.58 -3.52 -31.30
C8 PTY EA . -37.80 -4.20 -32.15
O10 PTY EA . -38.24 -5.05 -32.88
C11 PTY EA . -36.34 -3.80 -32.12
C12 PTY EA . -35.86 -3.35 -30.76
C13 PTY EA . -34.62 -2.45 -30.84
C14 PTY EA . -33.44 -2.95 -30.05
C15 PTY EA . -33.50 -2.62 -28.58
C16 PTY EA . -32.58 -3.46 -27.72
C17 PTY EA . -32.01 -2.73 -26.52
C18 PTY EA . -30.95 -3.51 -25.78
C19 PTY EA . -30.18 -2.70 -24.76
C20 PTY EA . -31.00 -2.27 -23.57
C21 PTY EA . -30.36 -2.54 -22.24
C22 PTY EA . -31.04 -1.88 -21.07
C23 PTY EA . -32.17 -2.67 -20.46
C24 PTY EA . -31.78 -3.50 -19.24
C25 PTY EA . -31.17 -2.74 -18.08
C26 PTY EA . -31.88 -1.46 -17.73
C27 PTY EA . -31.32 -0.75 -16.53
C28 PTY EA . -32.03 0.53 -16.14
C29 PTY EA . -31.11 1.70 -15.89
C30 PTY EA . -38.38 0.96 -32.79
C31 PTY EA . -37.48 1.55 -31.74
O30 PTY EA . -38.45 1.36 -33.93
C32 PTY EA . -37.96 1.31 -30.33
C33 PTY EA . -37.15 2.09 -29.30
C34 PTY EA . -35.81 1.48 -28.98
C35 PTY EA . -35.83 0.45 -27.87
C36 PTY EA . -35.29 0.94 -26.55
C37 PTY EA . -35.01 -0.15 -25.53
C38 PTY EA . -34.07 0.24 -24.42
C39 PTY EA . -34.73 0.89 -23.23
C40 PTY EA . -33.82 1.03 -22.02
C41 PTY EA . -34.28 2.05 -21.02
C42 PTY EA . -33.17 2.61 -20.17
C43 PTY EA . -32.55 3.89 -20.70
C44 PTY EA . -31.27 4.29 -19.99
P1 PTY EA . -42.79 -2.13 -31.47
O11 PTY EA . -43.73 -1.65 -30.26
O12 PTY EA . -43.39 -1.66 -32.76
O13 PTY EA . -42.50 -3.60 -31.27
O14 PTY EA . -41.45 -1.28 -31.24
N1 PTY EA . -47.04 -3.39 -30.11
C1 PTY FA . -51.02 7.76 -23.57
C2 PTY FA . -52.11 4.46 -28.64
C3 PTY FA . -51.09 4.10 -27.58
O4 PTY FA . -50.33 8.95 -23.13
C5 PTY FA . -51.95 5.57 -22.70
C6 PTY FA . -51.21 6.84 -22.38
O7 PTY FA . -51.94 7.57 -21.36
C8 PTY FA . -51.84 7.16 -20.07
O10 PTY FA . -52.10 6.04 -19.73
C11 PTY FA . -51.38 8.26 -19.14
C12 PTY FA . -50.73 7.75 -17.88
C13 PTY FA . -49.31 8.25 -17.70
C14 PTY FA . -48.45 7.38 -16.81
C15 PTY FA . -47.33 8.10 -16.10
C16 PTY FA . -46.12 7.25 -15.81
C17 PTY FA . -45.71 7.23 -14.35
C18 PTY FA . -44.48 6.41 -14.06
C19 PTY FA . -43.61 6.96 -12.95
C20 PTY FA . -42.63 5.96 -12.39
C21 PTY FA . -41.65 6.56 -11.40
C22 PTY FA . -42.24 6.88 -10.05
C23 PTY FA . -41.25 7.37 -9.02
C24 PTY FA . -40.34 6.28 -8.48
C25 PTY FA . -39.88 6.52 -7.05
C26 PTY FA . -38.67 5.71 -6.64
C27 PTY FA . -38.87 4.87 -5.40
C28 PTY FA . -37.75 3.90 -5.13
C29 PTY FA . -37.88 3.16 -3.81
C30 PTY FA . -49.68 9.64 -24.07
C31 PTY FA . -48.56 10.44 -23.47
O30 PTY FA . -49.98 9.63 -25.24
C32 PTY FA . -48.08 11.57 -24.35
C33 PTY FA . -46.83 12.25 -23.81
C34 PTY FA . -47.00 12.85 -22.43
C35 PTY FA . -46.47 12.00 -21.30
C36 PTY FA . -46.50 12.66 -19.96
C37 PTY FA . -45.97 11.79 -18.83
C38 PTY FA . -45.63 12.54 -17.57
C39 PTY FA . -44.81 11.73 -16.58
C40 PTY FA . -44.34 12.51 -15.38
C41 PTY FA . -43.22 11.84 -14.62
C42 PTY FA . -43.07 12.31 -13.19
C43 PTY FA . -42.03 11.54 -12.40
C44 PTY FA . -41.68 12.19 -11.08
P1 PTY FA . -51.14 4.42 -24.94
O11 PTY FA . -51.23 4.99 -26.44
O12 PTY FA . -51.74 3.04 -24.90
O13 PTY FA . -49.75 4.65 -24.44
O14 PTY FA . -52.13 5.40 -24.13
N1 PTY FA . -51.90 3.77 -29.90
N1 DDQ GA . -28.73 -3.81 -43.70
O1 DDQ GA . -29.80 -4.17 -43.17
CM1 DDQ GA . -28.46 -2.41 -43.38
CM2 DDQ GA . -28.87 -3.94 -45.16
C1 DDQ GA . -27.61 -4.67 -43.25
C2 DDQ GA . -27.71 -5.06 -41.78
C3 DDQ GA . -26.37 -5.57 -41.25
C4 DDQ GA . -26.56 -6.47 -40.03
C5 DDQ GA . -25.23 -6.86 -39.42
C6 DDQ GA . -25.43 -7.61 -38.10
C7 DDQ GA . -24.11 -7.88 -37.39
C8 DDQ GA . -24.32 -8.05 -35.89
C9 DDQ GA . -23.23 -8.90 -35.26
C10 DDQ GA . -23.47 -9.07 -33.77
N1 DDQ HA . -21.58 -1.20 0.34
O1 DDQ HA . -20.87 -2.15 -0.05
CM1 DDQ HA . -20.72 -0.06 0.73
CM2 DDQ HA . -22.35 -1.62 1.53
C1 DDQ HA . -22.54 -0.80 -0.72
C2 DDQ HA . -21.87 -0.58 -2.09
C3 DDQ HA . -21.87 -1.84 -2.96
C4 DDQ HA . -21.68 -1.45 -4.43
C5 DDQ HA . -21.41 -2.67 -5.29
C6 DDQ HA . -20.79 -2.24 -6.63
C7 DDQ HA . -21.02 -3.28 -7.71
C8 DDQ HA . -22.11 -2.86 -8.69
C9 DDQ HA . -22.16 -3.79 -9.89
C10 DDQ HA . -23.35 -3.48 -10.78
N1 DDQ IA . -17.74 -8.26 -8.07
O1 DDQ IA . -18.52 -8.99 -7.44
CM1 DDQ IA . -16.82 -9.13 -8.84
CM2 DDQ IA . -16.98 -7.46 -7.09
C1 DDQ IA . -18.55 -7.40 -8.96
C2 DDQ IA . -17.74 -6.47 -9.87
C3 DDQ IA . -17.86 -6.86 -11.35
C4 DDQ IA . -18.78 -5.91 -12.12
C5 DDQ IA . -20.25 -6.04 -11.71
C6 DDQ IA . -20.88 -7.35 -12.21
C7 DDQ IA . -22.39 -7.34 -12.03
C8 DDQ IA . -23.09 -6.94 -13.32
C9 DDQ IA . -24.60 -6.82 -13.12
C10 DDQ IA . -25.33 -6.76 -14.44
C1 HEX JA . -23.34 -7.65 -18.76
C2 HEX JA . -22.82 -8.62 -19.80
C3 HEX JA . -23.62 -8.65 -21.07
C4 HEX JA . -23.20 -9.72 -22.04
C5 HEX JA . -23.87 -9.63 -23.40
C6 HEX JA . -23.28 -10.56 -24.43
C1 OCT KA . -42.99 -8.74 -4.72
C2 OCT KA . -43.45 -9.05 -3.32
C3 OCT KA . -44.66 -8.25 -2.89
C4 OCT KA . -45.10 -8.50 -1.47
C5 OCT KA . -46.11 -7.50 -0.95
C6 OCT KA . -46.43 -7.63 0.52
C7 OCT KA . -47.25 -6.50 1.07
C8 OCT KA . -47.44 -6.55 2.57
C1 D12 LA . -20.19 -26.61 -35.07
C2 D12 LA . -20.64 -27.36 -36.31
C3 D12 LA . -21.73 -26.60 -37.06
C4 D12 LA . -21.77 -27.03 -38.52
C5 D12 LA . -22.98 -26.43 -39.24
C6 D12 LA . -22.93 -26.76 -40.73
C7 D12 LA . -24.25 -26.42 -41.42
C8 D12 LA . -24.97 -27.66 -41.90
C9 D12 LA . -26.27 -27.31 -42.62
C10 D12 LA . -26.87 -28.54 -43.30
C11 D12 LA . -28.03 -28.16 -44.22
C12 D12 LA . -28.51 -29.35 -45.02
#